data_1N4R
#
_entry.id   1N4R
#
_cell.length_a   272.068
_cell.length_b   268.801
_cell.length_c   185.310
_cell.angle_alpha   90.00
_cell.angle_beta   131.55
_cell.angle_gamma   90.00
#
_symmetry.space_group_name_H-M   'C 1 2 1'
#
loop_
_entity.id
_entity.type
_entity.pdbx_description
1 polymer 'Protein farnesyltransferase/geranylgeranyltransferase type-1 subunit alpha'
2 polymer 'Geranylgeranyl transferase type-1 subunit beta'
3 polymer 'Fusion protein consisting of transforming protein p21b and Ras related protein Rap-2b'
4 non-polymer '2-(N-MORPHOLINO)-ETHANESULFONIC ACID'
5 non-polymer 'ZINC ION'
6 non-polymer 'SULFATE ION'
7 non-polymer 'CHLORIDE ION'
8 non-polymer 'GERAN-8-YL GERAN'
9 water water
#
loop_
_entity_poly.entity_id
_entity_poly.type
_entity_poly.pdbx_seq_one_letter_code
_entity_poly.pdbx_strand_id
1 'polypeptide(L)'
;MAATEGVGESAPGGEPGQPEQPPPPPPPPPAQQPQEEEMAAEAGEAAASPMDDGFLSLDSPTYVLYRDRAEWADIDPVPQ
NDGPSPVVQIIYSEKFRDVYDYFRAVLQRDERSERAFKLTRDAIELNAANYTVWHFRRVLLRSLQKDLQEEMNYIIAIIE
EQPKNYQVWHHRRVLVEWLKDPSQELEFIADILNQDAKNYHAWQHRQWVIQEFRLWDNELQYVDQLLKEDVRNNSVWNQR
HFVISNTTGYSDRAVLEREVQYTLEMIKLVPHNESAWNYLKGILQDRGLSRYPNLLNQLLDLQPSHSSPYLIAFLVDIYE
DMLENQCDNKEDILNKALELCEILAKEKDTIRKEYWRYIGRSLQSKHSRESDIPASV
;
A,C,E,G,I,K
2 'polypeptide(L)'
;MAATEDDRLAGSGEGERLDFLRDRHVRFFQRCLQVLPERYSSLETSRLTIAFFALSGLDMLDSLDVVNKDDIIEWIYSLQ
VLPTEDRSNLDRCGFRGSSYLGIPFNPSKNPGTAHPYDSGHIAMTYTGLSCLIILGDDLSRVDKEACLAGLRALQLEDGS
FCAVPEGSENDMRFVYCASCICYMLNNWSGMDMKKAISYIRRSMSYDNGLAQGAGLESHGGSTFCGIASLCLMGKLEEVF
SEKELNRIKRWCIMRQQNGYHGRPNKPVDTCYSFWVGATLKLLKIFQYTNFEKNRNYILSTQDRLVGGFAKWPDSHPDAL
HAYFGICGLSLMEESGICKVHPALNVSTRTSERLRDLHQSWKTKDSKQCSDNVHISS
;
B,D,F,H,J,L
3 'polypeptide(L)' KKKSKTKCVIL M,N,O,P,Q,R
#
loop_
_chem_comp.id
_chem_comp.type
_chem_comp.name
_chem_comp.formula
CL non-polymer 'CHLORIDE ION' 'Cl -1'
GER non-polymer 'GERAN-8-YL GERAN' 'C20 H34'
MES non-polymer '2-(N-MORPHOLINO)-ETHANESULFONIC ACID' 'C6 H13 N O4 S'
SO4 non-polymer 'SULFATE ION' 'O4 S -2'
ZN non-polymer 'ZINC ION' 'Zn 2'
#
# COMPACT_ATOMS: atom_id res chain seq x y z
N PHE A 55 -3.17 37.01 8.84
CA PHE A 55 -4.23 36.80 9.88
C PHE A 55 -4.48 35.33 10.24
N LEU A 56 -5.40 34.69 9.53
CA LEU A 56 -5.75 33.29 9.80
C LEU A 56 -4.77 32.30 9.17
N SER A 57 -3.91 31.74 10.02
CA SER A 57 -2.89 30.80 9.58
C SER A 57 -3.45 29.56 8.88
N LEU A 58 -2.65 28.96 8.00
CA LEU A 58 -3.08 27.78 7.26
C LEU A 58 -3.11 26.53 8.11
N ASP A 59 -2.48 26.59 9.27
CA ASP A 59 -2.50 25.43 10.14
C ASP A 59 -3.21 25.72 11.48
N SER A 60 -3.90 26.85 11.55
CA SER A 60 -4.65 27.21 12.74
C SER A 60 -5.81 26.23 12.92
N PRO A 61 -6.10 25.82 14.16
CA PRO A 61 -7.20 24.89 14.42
C PRO A 61 -8.49 25.46 13.88
N THR A 62 -8.59 26.78 13.85
CA THR A 62 -9.81 27.43 13.37
C THR A 62 -9.75 27.92 11.94
N TYR A 63 -8.82 27.39 11.16
CA TYR A 63 -8.68 27.79 9.76
C TYR A 63 -9.96 27.41 9.01
N VAL A 64 -10.38 28.26 8.09
CA VAL A 64 -11.59 27.99 7.33
C VAL A 64 -11.31 28.13 5.84
N LEU A 65 -11.78 27.17 5.05
CA LEU A 65 -11.58 27.27 3.60
C LEU A 65 -12.22 28.56 3.14
N TYR A 66 -11.68 29.14 2.07
CA TYR A 66 -12.21 30.37 1.52
C TYR A 66 -13.64 30.18 1.03
N ARG A 67 -13.96 28.96 0.58
CA ARG A 67 -15.29 28.66 0.07
C ARG A 67 -16.33 28.78 1.20
N ASP A 68 -15.87 28.72 2.44
CA ASP A 68 -16.74 28.81 3.59
C ASP A 68 -16.62 30.13 4.34
N ARG A 69 -15.98 31.12 3.73
CA ARG A 69 -15.84 32.41 4.39
C ARG A 69 -16.84 33.39 3.82
N ALA A 70 -17.56 34.05 4.72
CA ALA A 70 -18.57 35.02 4.35
C ALA A 70 -18.04 36.17 3.51
N GLU A 71 -16.87 36.70 3.87
CA GLU A 71 -16.26 37.80 3.14
C GLU A 71 -15.94 37.45 1.69
N TRP A 72 -15.97 36.16 1.34
CA TRP A 72 -15.66 35.74 -0.01
C TRP A 72 -16.86 35.17 -0.77
N ALA A 73 -18.05 35.27 -0.19
CA ALA A 73 -19.24 34.73 -0.81
C ALA A 73 -19.60 35.31 -2.17
N ASP A 74 -19.16 36.55 -2.44
CA ASP A 74 -19.47 37.19 -3.70
C ASP A 74 -18.55 36.80 -4.85
N ILE A 75 -17.52 36.02 -4.56
CA ILE A 75 -16.56 35.61 -5.59
C ILE A 75 -16.74 34.19 -6.04
N ASP A 76 -16.70 33.97 -7.34
CA ASP A 76 -16.83 32.63 -7.91
C ASP A 76 -15.43 32.10 -8.19
N PRO A 77 -15.01 31.06 -7.46
CA PRO A 77 -13.68 30.48 -7.65
C PRO A 77 -13.45 29.95 -9.06
N VAL A 78 -12.24 30.16 -9.57
CA VAL A 78 -11.86 29.73 -10.91
C VAL A 78 -10.92 28.54 -10.84
N PRO A 79 -11.37 27.37 -11.32
CA PRO A 79 -10.56 26.15 -11.29
C PRO A 79 -9.58 26.03 -12.46
N GLN A 80 -8.54 25.24 -12.24
CA GLN A 80 -7.52 25.00 -13.25
C GLN A 80 -7.90 23.74 -14.03
N ASN A 81 -7.77 23.80 -15.35
CA ASN A 81 -8.09 22.63 -16.16
C ASN A 81 -7.00 22.33 -17.19
N ASP A 82 -6.49 21.10 -17.15
CA ASP A 82 -5.44 20.67 -18.08
C ASP A 82 -5.99 19.85 -19.24
N GLY A 83 -7.26 20.03 -19.53
CA GLY A 83 -7.87 19.30 -20.63
C GLY A 83 -8.07 17.81 -20.43
N PRO A 84 -8.56 17.11 -21.46
CA PRO A 84 -8.82 15.67 -21.46
C PRO A 84 -7.73 14.76 -20.90
N SER A 85 -6.49 14.96 -21.37
CA SER A 85 -5.37 14.13 -20.91
C SER A 85 -4.25 15.02 -20.36
N PRO A 86 -4.22 15.22 -19.04
CA PRO A 86 -3.22 16.05 -18.38
C PRO A 86 -1.81 15.44 -18.31
N VAL A 87 -0.81 16.31 -18.50
CA VAL A 87 0.60 15.90 -18.45
C VAL A 87 1.27 16.48 -17.20
N VAL A 88 2.21 15.74 -16.63
CA VAL A 88 2.92 16.16 -15.42
C VAL A 88 1.99 16.93 -14.48
N GLN A 89 0.84 16.33 -14.20
CA GLN A 89 -0.15 16.91 -13.32
C GLN A 89 0.13 16.66 -11.85
N ILE A 90 0.15 17.74 -11.08
CA ILE A 90 0.41 17.68 -9.64
C ILE A 90 -0.90 17.59 -8.88
N ILE A 91 -0.98 16.66 -7.92
CA ILE A 91 -2.21 16.50 -7.15
C ILE A 91 -2.20 17.46 -5.95
N TYR A 92 -3.30 18.19 -5.78
CA TYR A 92 -3.40 19.15 -4.70
C TYR A 92 -4.43 18.82 -3.64
N SER A 93 -4.10 19.12 -2.39
CA SER A 93 -5.00 18.88 -1.27
C SER A 93 -6.18 19.84 -1.35
N GLU A 94 -7.24 19.52 -0.62
CA GLU A 94 -8.43 20.35 -0.59
C GLU A 94 -8.07 21.78 -0.29
N LYS A 95 -7.28 21.94 0.77
CA LYS A 95 -6.85 23.25 1.24
C LYS A 95 -6.06 24.04 0.20
N PHE A 96 -5.09 23.36 -0.42
CA PHE A 96 -4.24 23.97 -1.43
C PHE A 96 -5.06 24.43 -2.62
N ARG A 97 -5.86 23.54 -3.18
CA ARG A 97 -6.68 23.90 -4.33
C ARG A 97 -7.64 25.02 -3.99
N ASP A 98 -8.12 25.05 -2.75
CA ASP A 98 -9.06 26.07 -2.32
C ASP A 98 -8.42 27.45 -2.40
N VAL A 99 -7.23 27.60 -1.81
CA VAL A 99 -6.54 28.89 -1.84
C VAL A 99 -6.32 29.38 -3.27
N TYR A 100 -5.81 28.50 -4.12
CA TYR A 100 -5.55 28.88 -5.50
C TYR A 100 -6.76 29.07 -6.37
N ASP A 101 -7.87 28.43 -6.04
CA ASP A 101 -9.07 28.61 -6.86
C ASP A 101 -9.57 30.03 -6.66
N TYR A 102 -9.35 30.57 -5.47
CA TYR A 102 -9.77 31.94 -5.20
C TYR A 102 -8.72 32.93 -5.69
N PHE A 103 -7.46 32.51 -5.68
CA PHE A 103 -6.41 33.37 -6.20
C PHE A 103 -6.69 33.62 -7.68
N ARG A 104 -7.00 32.56 -8.43
CA ARG A 104 -7.28 32.71 -9.86
C ARG A 104 -8.42 33.68 -10.05
N ALA A 105 -9.45 33.56 -9.23
CA ALA A 105 -10.62 34.42 -9.31
C ALA A 105 -10.23 35.88 -9.14
N VAL A 106 -9.49 36.18 -8.08
CA VAL A 106 -9.06 37.55 -7.82
C VAL A 106 -8.15 38.09 -8.93
N LEU A 107 -7.25 37.25 -9.45
CA LEU A 107 -6.34 37.66 -10.51
C LEU A 107 -7.09 38.02 -11.77
N GLN A 108 -7.94 37.09 -12.19
CA GLN A 108 -8.73 37.26 -13.39
C GLN A 108 -9.50 38.58 -13.41
N ARG A 109 -9.85 39.07 -12.23
CA ARG A 109 -10.60 40.31 -12.12
C ARG A 109 -9.73 41.48 -11.69
N ASP A 110 -8.43 41.23 -11.59
CA ASP A 110 -7.49 42.27 -11.19
C ASP A 110 -8.03 43.07 -10.00
N GLU A 111 -8.59 42.36 -9.02
CA GLU A 111 -9.14 43.01 -7.84
C GLU A 111 -8.05 43.53 -6.91
N ARG A 112 -7.90 44.84 -6.83
CA ARG A 112 -6.88 45.43 -5.96
C ARG A 112 -7.45 45.64 -4.54
N SER A 113 -7.86 44.55 -3.90
CA SER A 113 -8.44 44.65 -2.56
C SER A 113 -7.53 44.21 -1.44
N GLU A 114 -7.95 44.52 -0.22
CA GLU A 114 -7.19 44.15 0.97
C GLU A 114 -7.31 42.65 1.17
N ARG A 115 -8.49 42.09 0.88
CA ARG A 115 -8.68 40.65 1.06
C ARG A 115 -7.79 39.89 0.08
N ALA A 116 -7.59 40.47 -1.11
CA ALA A 116 -6.74 39.85 -2.13
C ALA A 116 -5.30 39.85 -1.63
N PHE A 117 -4.89 40.96 -1.03
CA PHE A 117 -3.54 41.07 -0.50
C PHE A 117 -3.28 39.98 0.52
N LYS A 118 -4.25 39.75 1.41
CA LYS A 118 -4.09 38.72 2.43
C LYS A 118 -4.07 37.33 1.80
N LEU A 119 -4.82 37.18 0.71
CA LEU A 119 -4.88 35.90 0.03
C LEU A 119 -3.53 35.52 -0.55
N THR A 120 -2.76 36.52 -1.02
CA THR A 120 -1.45 36.21 -1.58
C THR A 120 -0.50 35.63 -0.55
N ARG A 121 -0.63 36.06 0.70
CA ARG A 121 0.23 35.54 1.76
C ARG A 121 0.06 34.02 1.85
N ASP A 122 -1.18 33.56 1.71
CA ASP A 122 -1.48 32.14 1.79
C ASP A 122 -0.98 31.41 0.54
N ALA A 123 -1.16 32.04 -0.62
CA ALA A 123 -0.71 31.45 -1.88
C ALA A 123 0.80 31.30 -1.82
N ILE A 124 1.48 32.33 -1.30
CA ILE A 124 2.93 32.28 -1.19
C ILE A 124 3.38 31.22 -0.20
N GLU A 125 2.61 31.01 0.87
CA GLU A 125 3.00 29.99 1.84
C GLU A 125 2.91 28.61 1.18
N LEU A 126 1.87 28.40 0.39
CA LEU A 126 1.68 27.14 -0.29
C LEU A 126 2.74 26.93 -1.38
N ASN A 127 3.14 27.99 -2.05
CA ASN A 127 4.14 27.90 -3.11
C ASN A 127 4.83 29.22 -3.44
N ALA A 128 5.98 29.47 -2.83
CA ALA A 128 6.72 30.70 -3.03
C ALA A 128 7.42 30.80 -4.39
N ALA A 129 7.31 29.79 -5.23
CA ALA A 129 7.96 29.82 -6.53
C ALA A 129 7.02 30.30 -7.63
N ASN A 130 5.78 30.62 -7.28
CA ASN A 130 4.82 31.11 -8.26
C ASN A 130 5.08 32.60 -8.50
N TYR A 131 5.85 32.89 -9.54
CA TYR A 131 6.22 34.28 -9.84
C TYR A 131 5.04 35.21 -10.08
N THR A 132 3.94 34.69 -10.60
CA THR A 132 2.77 35.52 -10.84
C THR A 132 2.19 36.04 -9.52
N VAL A 133 2.16 35.19 -8.51
CA VAL A 133 1.64 35.60 -7.22
C VAL A 133 2.48 36.77 -6.70
N TRP A 134 3.79 36.65 -6.76
CA TRP A 134 4.65 37.74 -6.27
C TRP A 134 4.43 39.03 -7.04
N HIS A 135 4.24 38.93 -8.35
CA HIS A 135 4.00 40.12 -9.15
C HIS A 135 2.72 40.81 -8.69
N PHE A 136 1.64 40.05 -8.62
CA PHE A 136 0.35 40.58 -8.20
C PHE A 136 0.47 41.21 -6.81
N ARG A 137 1.22 40.56 -5.92
CA ARG A 137 1.40 41.09 -4.58
C ARG A 137 2.08 42.47 -4.66
N ARG A 138 3.00 42.62 -5.60
CA ARG A 138 3.68 43.92 -5.76
C ARG A 138 2.68 44.95 -6.28
N VAL A 139 1.84 44.54 -7.23
CA VAL A 139 0.82 45.43 -7.76
C VAL A 139 -0.02 45.93 -6.58
N LEU A 140 -0.44 44.99 -5.71
CA LEU A 140 -1.25 45.35 -4.55
C LEU A 140 -0.49 46.25 -3.58
N LEU A 141 0.79 45.96 -3.36
CA LEU A 141 1.58 46.77 -2.43
C LEU A 141 1.51 48.24 -2.84
N ARG A 142 1.54 48.50 -4.15
CA ARG A 142 1.46 49.85 -4.67
C ARG A 142 0.03 50.39 -4.54
N SER A 143 -0.94 49.67 -5.12
CA SER A 143 -2.34 50.10 -5.06
C SER A 143 -2.79 50.45 -3.65
N LEU A 144 -2.65 49.52 -2.72
CA LEU A 144 -3.07 49.78 -1.34
C LEU A 144 -2.06 50.61 -0.57
N GLN A 145 -1.00 51.06 -1.23
CA GLN A 145 0.03 51.85 -0.56
C GLN A 145 0.39 51.26 0.79
N LYS A 146 0.78 49.98 0.80
CA LYS A 146 1.13 49.30 2.04
C LYS A 146 2.49 49.74 2.58
N ASP A 147 2.70 49.56 3.87
CA ASP A 147 3.95 49.94 4.50
C ASP A 147 5.07 49.04 4.00
N LEU A 148 5.96 49.59 3.19
CA LEU A 148 7.06 48.79 2.64
C LEU A 148 8.08 48.33 3.67
N GLN A 149 8.21 49.06 4.77
CA GLN A 149 9.17 48.66 5.78
C GLN A 149 8.70 47.34 6.40
N GLU A 150 7.39 47.13 6.40
CA GLU A 150 6.84 45.91 6.97
C GLU A 150 7.06 44.77 5.98
N GLU A 151 6.88 45.05 4.69
CA GLU A 151 7.08 44.05 3.66
C GLU A 151 8.53 43.58 3.70
N MET A 152 9.44 44.47 4.07
CA MET A 152 10.86 44.09 4.16
C MET A 152 11.02 43.02 5.24
N ASN A 153 10.28 43.14 6.34
CA ASN A 153 10.36 42.15 7.39
C ASN A 153 9.84 40.82 6.89
N TYR A 154 8.74 40.90 6.15
CA TYR A 154 8.12 39.71 5.58
C TYR A 154 9.10 38.95 4.69
N ILE A 155 9.56 39.60 3.63
CA ILE A 155 10.49 38.99 2.71
C ILE A 155 11.76 38.54 3.40
N ILE A 156 12.18 39.23 4.45
CA ILE A 156 13.39 38.83 5.14
C ILE A 156 13.21 37.44 5.76
N ALA A 157 12.02 37.17 6.25
CA ALA A 157 11.74 35.89 6.86
C ALA A 157 11.61 34.81 5.76
N ILE A 158 10.84 35.12 4.72
CA ILE A 158 10.63 34.19 3.61
C ILE A 158 11.95 33.71 3.00
N ILE A 159 12.87 34.64 2.78
CA ILE A 159 14.15 34.28 2.18
C ILE A 159 14.97 33.38 3.11
N GLU A 160 14.90 33.60 4.41
CA GLU A 160 15.66 32.77 5.34
C GLU A 160 15.24 31.32 5.23
N GLU A 161 13.96 31.07 4.97
CA GLU A 161 13.49 29.70 4.85
C GLU A 161 13.60 29.14 3.44
N GLN A 162 13.85 30.00 2.45
CA GLN A 162 13.97 29.55 1.06
C GLN A 162 15.03 30.37 0.32
N PRO A 163 16.26 30.32 0.80
CA PRO A 163 17.41 31.05 0.24
C PRO A 163 17.83 30.74 -1.19
N LYS A 164 17.27 29.70 -1.80
CA LYS A 164 17.65 29.36 -3.17
C LYS A 164 16.52 29.62 -4.16
N ASN A 165 15.50 30.33 -3.73
CA ASN A 165 14.35 30.66 -4.56
C ASN A 165 14.59 31.97 -5.35
N TYR A 166 14.44 31.93 -6.67
CA TYR A 166 14.65 33.12 -7.49
C TYR A 166 13.65 34.24 -7.23
N GLN A 167 12.36 33.90 -7.12
CA GLN A 167 11.33 34.91 -6.92
C GLN A 167 11.47 35.75 -5.64
N VAL A 168 11.89 35.12 -4.54
CA VAL A 168 12.03 35.87 -3.29
C VAL A 168 13.16 36.88 -3.33
N TRP A 169 14.26 36.54 -3.99
CA TRP A 169 15.38 37.49 -4.08
C TRP A 169 15.02 38.65 -5.01
N HIS A 170 14.30 38.34 -6.08
CA HIS A 170 13.89 39.37 -7.02
C HIS A 170 12.97 40.34 -6.30
N HIS A 171 12.03 39.80 -5.51
CA HIS A 171 11.08 40.64 -4.77
C HIS A 171 11.81 41.59 -3.83
N ARG A 172 12.78 41.08 -3.07
CA ARG A 172 13.52 41.93 -2.15
C ARG A 172 14.26 43.04 -2.88
N ARG A 173 14.82 42.74 -4.05
CA ARG A 173 15.53 43.75 -4.81
C ARG A 173 14.60 44.87 -5.26
N VAL A 174 13.40 44.51 -5.69
CA VAL A 174 12.44 45.52 -6.12
C VAL A 174 12.10 46.42 -4.94
N LEU A 175 11.96 45.84 -3.75
CA LEU A 175 11.64 46.62 -2.57
C LEU A 175 12.74 47.63 -2.26
N VAL A 176 13.97 47.16 -2.23
CA VAL A 176 15.09 48.04 -1.94
C VAL A 176 15.16 49.17 -2.96
N GLU A 177 14.83 48.89 -4.21
CA GLU A 177 14.84 49.93 -5.24
C GLU A 177 13.76 50.94 -4.91
N TRP A 178 12.57 50.47 -4.54
CA TRP A 178 11.48 51.37 -4.19
C TRP A 178 11.86 52.26 -3.01
N LEU A 179 12.34 51.65 -1.93
CA LEU A 179 12.72 52.40 -0.75
C LEU A 179 14.00 53.21 -0.89
N LYS A 180 14.80 52.88 -1.90
CA LYS A 180 16.08 53.56 -2.09
C LYS A 180 16.82 53.49 -0.75
N ASP A 181 16.60 52.41 -0.02
CA ASP A 181 17.21 52.22 1.30
C ASP A 181 18.00 50.92 1.39
N PRO A 182 19.33 50.99 1.37
CA PRO A 182 20.10 49.75 1.47
C PRO A 182 20.66 49.51 2.87
N SER A 183 20.23 50.34 3.81
CA SER A 183 20.73 50.26 5.19
C SER A 183 20.81 48.89 5.86
N GLN A 184 19.89 47.98 5.54
CA GLN A 184 19.94 46.67 6.17
C GLN A 184 20.41 45.50 5.28
N GLU A 185 20.74 45.79 4.03
CA GLU A 185 21.16 44.76 3.08
C GLU A 185 22.44 44.00 3.42
N LEU A 186 23.55 44.69 3.61
CA LEU A 186 24.80 44.00 3.90
C LEU A 186 24.73 43.07 5.10
N GLU A 187 24.02 43.48 6.15
CA GLU A 187 23.90 42.64 7.33
C GLU A 187 23.01 41.42 7.04
N PHE A 188 21.91 41.64 6.33
CA PHE A 188 21.00 40.56 5.98
C PHE A 188 21.72 39.49 5.18
N ILE A 189 22.39 39.92 4.12
CA ILE A 189 23.12 39.03 3.26
C ILE A 189 24.19 38.27 4.04
N ALA A 190 24.88 38.96 4.94
CA ALA A 190 25.92 38.31 5.74
C ALA A 190 25.32 37.18 6.56
N ASP A 191 24.08 37.34 7.02
CA ASP A 191 23.41 36.30 7.79
C ASP A 191 23.13 35.09 6.91
N ILE A 192 22.65 35.33 5.70
CA ILE A 192 22.35 34.25 4.77
C ILE A 192 23.65 33.56 4.41
N LEU A 193 24.69 34.33 4.11
CA LEU A 193 25.97 33.77 3.75
C LEU A 193 26.56 33.00 4.93
N ASN A 194 25.92 33.14 6.08
CA ASN A 194 26.41 32.46 7.25
C ASN A 194 25.89 31.03 7.30
N GLN A 195 24.74 30.79 6.68
CA GLN A 195 24.19 29.43 6.64
C GLN A 195 24.71 28.73 5.38
N ASP A 196 25.11 29.53 4.37
CA ASP A 196 25.64 29.01 3.11
C ASP A 196 26.56 30.05 2.47
N ALA A 197 27.85 29.95 2.77
CA ALA A 197 28.83 30.90 2.27
C ALA A 197 29.02 30.92 0.75
N LYS A 198 28.33 30.04 0.03
CA LYS A 198 28.51 30.02 -1.42
C LYS A 198 27.20 30.22 -2.17
N ASN A 199 26.17 30.67 -1.47
CA ASN A 199 24.87 30.91 -2.06
C ASN A 199 24.98 31.95 -3.17
N TYR A 200 24.87 31.51 -4.42
CA TYR A 200 24.98 32.40 -5.56
C TYR A 200 24.00 33.57 -5.52
N HIS A 201 22.76 33.30 -5.11
CA HIS A 201 21.74 34.36 -5.03
C HIS A 201 22.17 35.47 -4.06
N ALA A 202 22.72 35.08 -2.92
CA ALA A 202 23.17 36.02 -1.91
C ALA A 202 24.31 36.89 -2.44
N TRP A 203 25.32 36.27 -3.02
CA TRP A 203 26.44 37.03 -3.55
C TRP A 203 25.99 37.97 -4.67
N GLN A 204 25.07 37.50 -5.50
CA GLN A 204 24.57 38.32 -6.60
C GLN A 204 23.90 39.57 -6.05
N HIS A 205 23.02 39.38 -5.07
CA HIS A 205 22.30 40.49 -4.47
C HIS A 205 23.29 41.42 -3.80
N ARG A 206 24.27 40.85 -3.10
CA ARG A 206 25.27 41.66 -2.41
C ARG A 206 26.03 42.56 -3.39
N GLN A 207 26.41 42.04 -4.56
CA GLN A 207 27.12 42.87 -5.53
C GLN A 207 26.21 43.95 -6.08
N TRP A 208 24.93 43.63 -6.27
CA TRP A 208 23.98 44.62 -6.79
C TRP A 208 23.87 45.78 -5.82
N VAL A 209 23.68 45.48 -4.54
CA VAL A 209 23.55 46.52 -3.52
C VAL A 209 24.80 47.38 -3.46
N ILE A 210 25.95 46.74 -3.30
CA ILE A 210 27.20 47.48 -3.22
C ILE A 210 27.43 48.42 -4.41
N GLN A 211 27.11 47.97 -5.61
CA GLN A 211 27.30 48.79 -6.79
C GLN A 211 26.26 49.91 -6.88
N GLU A 212 24.99 49.55 -6.78
CA GLU A 212 23.87 50.49 -6.88
C GLU A 212 23.91 51.64 -5.88
N PHE A 213 24.35 51.37 -4.65
CA PHE A 213 24.40 52.40 -3.63
C PHE A 213 25.83 52.73 -3.21
N ARG A 214 26.79 52.35 -4.03
CA ARG A 214 28.21 52.56 -3.77
C ARG A 214 28.62 52.35 -2.30
N LEU A 215 28.59 51.09 -1.88
CA LEU A 215 28.95 50.75 -0.50
C LEU A 215 30.21 49.90 -0.48
N TRP A 216 31.29 50.41 -1.07
CA TRP A 216 32.54 49.65 -1.13
C TRP A 216 33.43 49.74 0.11
N ASP A 217 33.26 50.80 0.88
CA ASP A 217 34.07 51.04 2.08
C ASP A 217 34.50 49.87 2.96
N ASN A 218 33.63 48.90 3.20
CA ASN A 218 34.02 47.79 4.07
C ASN A 218 34.04 46.41 3.45
N GLU A 219 33.77 46.29 2.16
CA GLU A 219 33.73 44.98 1.55
C GLU A 219 35.08 44.25 1.55
N LEU A 220 36.16 44.94 1.20
CA LEU A 220 37.45 44.27 1.18
C LEU A 220 37.80 43.67 2.54
N GLN A 221 37.27 44.29 3.60
CA GLN A 221 37.53 43.81 4.94
C GLN A 221 36.66 42.57 5.19
N TYR A 222 35.43 42.60 4.68
CA TYR A 222 34.50 41.49 4.81
C TYR A 222 35.12 40.28 4.11
N VAL A 223 35.64 40.51 2.92
CA VAL A 223 36.28 39.49 2.13
C VAL A 223 37.45 38.87 2.91
N ASP A 224 38.32 39.70 3.47
CA ASP A 224 39.46 39.22 4.24
C ASP A 224 39.03 38.33 5.39
N GLN A 225 37.89 38.68 5.99
CA GLN A 225 37.37 37.91 7.10
C GLN A 225 36.89 36.52 6.67
N LEU A 226 36.15 36.47 5.55
CA LEU A 226 35.65 35.20 5.07
C LEU A 226 36.76 34.30 4.52
N LEU A 227 37.79 34.89 3.94
CA LEU A 227 38.88 34.08 3.42
C LEU A 227 39.64 33.43 4.57
N LYS A 228 39.50 34.00 5.77
CA LYS A 228 40.16 33.45 6.94
C LYS A 228 39.33 32.26 7.41
N GLU A 229 38.01 32.40 7.32
CA GLU A 229 37.10 31.32 7.72
C GLU A 229 37.18 30.10 6.80
N ASP A 230 37.52 30.32 5.53
CA ASP A 230 37.62 29.26 4.56
C ASP A 230 38.30 29.78 3.29
N VAL A 231 39.62 29.68 3.25
CA VAL A 231 40.39 30.17 2.12
C VAL A 231 40.06 29.45 0.81
N ARG A 232 39.26 28.39 0.88
CA ARG A 232 38.89 27.67 -0.33
C ARG A 232 37.58 28.12 -0.96
N ASN A 233 36.88 29.06 -0.33
CA ASN A 233 35.62 29.55 -0.85
C ASN A 233 35.80 30.38 -2.13
N ASN A 234 35.57 29.75 -3.27
CA ASN A 234 35.73 30.41 -4.57
C ASN A 234 34.89 31.66 -4.72
N SER A 235 33.75 31.72 -4.04
CA SER A 235 32.86 32.87 -4.11
C SER A 235 33.51 34.12 -3.50
N VAL A 236 34.24 33.92 -2.41
CA VAL A 236 34.91 35.02 -1.73
C VAL A 236 36.06 35.58 -2.56
N TRP A 237 36.82 34.70 -3.22
CA TRP A 237 37.91 35.18 -4.06
C TRP A 237 37.32 36.02 -5.20
N ASN A 238 36.15 35.63 -5.69
CA ASN A 238 35.52 36.38 -6.76
C ASN A 238 35.11 37.75 -6.22
N GLN A 239 34.59 37.78 -5.00
CA GLN A 239 34.16 39.03 -4.39
C GLN A 239 35.36 39.95 -4.23
N ARG A 240 36.50 39.39 -3.85
CA ARG A 240 37.72 40.17 -3.68
C ARG A 240 38.06 40.90 -4.96
N HIS A 241 38.07 40.19 -6.08
CA HIS A 241 38.40 40.80 -7.36
C HIS A 241 37.36 41.86 -7.76
N PHE A 242 36.12 41.60 -7.37
CA PHE A 242 35.01 42.52 -7.64
C PHE A 242 35.25 43.85 -6.94
N VAL A 243 35.57 43.79 -5.65
CA VAL A 243 35.81 45.00 -4.87
C VAL A 243 36.98 45.80 -5.43
N ILE A 244 38.13 45.15 -5.52
CA ILE A 244 39.32 45.82 -6.01
C ILE A 244 39.18 46.41 -7.40
N SER A 245 38.75 45.61 -8.37
CA SER A 245 38.67 46.15 -9.71
C SER A 245 37.63 47.26 -9.88
N ASN A 246 36.78 47.43 -8.87
CA ASN A 246 35.76 48.47 -8.94
C ASN A 246 36.09 49.67 -8.07
N THR A 247 37.23 49.62 -7.39
CA THR A 247 37.65 50.74 -6.58
C THR A 247 39.02 51.20 -7.09
N THR A 248 40.09 50.74 -6.45
CA THR A 248 41.42 51.14 -6.86
C THR A 248 41.82 50.64 -8.25
N GLY A 249 41.44 49.41 -8.58
CA GLY A 249 41.83 48.87 -9.87
C GLY A 249 43.16 48.15 -9.64
N TYR A 250 43.70 47.49 -10.66
CA TYR A 250 44.97 46.78 -10.47
C TYR A 250 46.17 47.43 -11.17
N SER A 251 45.94 48.58 -11.81
CA SER A 251 47.00 49.28 -12.50
C SER A 251 48.01 49.96 -11.56
N ASP A 252 47.63 50.17 -10.30
CA ASP A 252 48.55 50.78 -9.33
C ASP A 252 49.53 49.70 -8.87
N ARG A 253 50.74 49.76 -9.40
CA ARG A 253 51.77 48.78 -9.06
C ARG A 253 51.82 48.43 -7.57
N ALA A 254 51.44 49.38 -6.73
CA ALA A 254 51.45 49.15 -5.29
C ALA A 254 50.35 48.18 -4.90
N VAL A 255 49.19 48.33 -5.55
CA VAL A 255 48.05 47.46 -5.28
C VAL A 255 48.33 46.08 -5.82
N LEU A 256 48.78 46.01 -7.07
CA LEU A 256 49.11 44.73 -7.69
C LEU A 256 50.06 43.95 -6.79
N GLU A 257 51.10 44.63 -6.31
CA GLU A 257 52.08 43.99 -5.45
C GLU A 257 51.45 43.51 -4.15
N ARG A 258 50.55 44.32 -3.58
CA ARG A 258 49.90 43.94 -2.33
C ARG A 258 49.10 42.65 -2.53
N GLU A 259 48.38 42.60 -3.65
CA GLU A 259 47.54 41.46 -3.99
C GLU A 259 48.34 40.20 -4.34
N VAL A 260 49.33 40.33 -5.21
CA VAL A 260 50.14 39.17 -5.57
C VAL A 260 50.80 38.61 -4.32
N GLN A 261 51.22 39.49 -3.42
CA GLN A 261 51.87 39.07 -2.20
C GLN A 261 50.89 38.38 -1.27
N TYR A 262 49.69 38.93 -1.17
CA TYR A 262 48.63 38.39 -0.32
C TYR A 262 48.25 36.97 -0.75
N THR A 263 48.13 36.79 -2.05
CA THR A 263 47.74 35.51 -2.62
C THR A 263 48.83 34.47 -2.38
N LEU A 264 50.09 34.82 -2.64
CA LEU A 264 51.18 33.88 -2.41
C LEU A 264 51.17 33.46 -0.95
N GLU A 265 50.78 34.36 -0.06
CA GLU A 265 50.73 34.03 1.36
C GLU A 265 49.68 32.97 1.60
N MET A 266 48.52 33.14 0.95
CA MET A 266 47.42 32.20 1.10
C MET A 266 47.77 30.86 0.47
N ILE A 267 48.47 30.91 -0.66
CA ILE A 267 48.88 29.70 -1.35
C ILE A 267 49.83 28.91 -0.46
N LYS A 268 50.71 29.61 0.27
CA LYS A 268 51.65 28.93 1.16
C LYS A 268 50.90 28.23 2.29
N LEU A 269 49.77 28.79 2.72
CA LEU A 269 48.98 28.19 3.79
C LEU A 269 48.26 26.93 3.35
N VAL A 270 47.73 26.96 2.13
CA VAL A 270 47.00 25.83 1.57
C VAL A 270 47.36 25.81 0.08
N PRO A 271 48.50 25.21 -0.26
CA PRO A 271 49.01 25.11 -1.63
C PRO A 271 48.08 24.47 -2.66
N HIS A 272 47.20 23.58 -2.22
CA HIS A 272 46.27 22.94 -3.13
C HIS A 272 44.93 23.65 -3.07
N ASN A 273 44.84 24.82 -3.70
CA ASN A 273 43.63 25.63 -3.71
C ASN A 273 43.49 26.30 -5.07
N GLU A 274 42.67 25.72 -5.94
CA GLU A 274 42.49 26.27 -7.28
C GLU A 274 42.10 27.74 -7.29
N SER A 275 41.21 28.13 -6.38
CA SER A 275 40.74 29.51 -6.30
C SER A 275 41.87 30.52 -6.14
N ALA A 276 42.77 30.29 -5.19
CA ALA A 276 43.88 31.20 -4.97
C ALA A 276 44.74 31.31 -6.22
N TRP A 277 45.06 30.17 -6.83
CA TRP A 277 45.87 30.18 -8.04
C TRP A 277 45.18 30.89 -9.19
N ASN A 278 43.87 30.70 -9.31
CA ASN A 278 43.12 31.35 -10.38
C ASN A 278 43.12 32.86 -10.23
N TYR A 279 43.09 33.33 -8.99
CA TYR A 279 43.12 34.76 -8.71
C TYR A 279 44.49 35.29 -9.10
N LEU A 280 45.53 34.63 -8.61
CA LEU A 280 46.89 35.05 -8.92
C LEU A 280 47.11 35.16 -10.43
N LYS A 281 46.74 34.12 -11.17
CA LYS A 281 46.90 34.16 -12.62
C LYS A 281 45.96 35.18 -13.25
N GLY A 282 44.77 35.32 -12.67
CA GLY A 282 43.80 36.25 -13.22
C GLY A 282 44.26 37.69 -13.25
N ILE A 283 44.84 38.18 -12.16
CA ILE A 283 45.29 39.56 -12.09
C ILE A 283 46.58 39.85 -12.83
N LEU A 284 47.25 38.81 -13.32
CA LEU A 284 48.52 39.00 -14.03
C LEU A 284 48.49 38.59 -15.49
N GLN A 285 47.64 37.65 -15.84
CA GLN A 285 47.59 37.16 -17.23
C GLN A 285 47.49 38.18 -18.34
N ASP A 286 46.74 39.25 -18.10
CA ASP A 286 46.61 40.25 -19.16
C ASP A 286 47.77 41.23 -19.23
N ARG A 287 48.51 41.36 -18.14
CA ARG A 287 49.67 42.25 -18.11
C ARG A 287 50.81 41.54 -18.83
N GLY A 288 50.80 40.20 -18.74
CA GLY A 288 51.84 39.39 -19.36
C GLY A 288 52.65 38.66 -18.29
N LEU A 289 52.36 37.38 -18.10
CA LEU A 289 53.05 36.60 -17.08
C LEU A 289 54.58 36.61 -17.22
N SER A 290 55.06 36.69 -18.46
CA SER A 290 56.50 36.68 -18.69
C SER A 290 57.19 37.98 -18.26
N ARG A 291 56.42 39.03 -18.06
CA ARG A 291 56.95 40.32 -17.65
C ARG A 291 57.27 40.42 -16.16
N TYR A 292 57.13 39.32 -15.42
CA TYR A 292 57.41 39.31 -13.99
C TYR A 292 58.47 38.28 -13.62
N PRO A 293 59.74 38.53 -14.00
CA PRO A 293 60.87 37.63 -13.72
C PRO A 293 61.02 37.10 -12.31
N ASN A 294 60.72 37.89 -11.29
CA ASN A 294 60.87 37.37 -9.94
C ASN A 294 59.82 36.34 -9.57
N LEU A 295 58.66 36.42 -10.21
CA LEU A 295 57.56 35.49 -9.96
C LEU A 295 57.97 34.09 -10.38
N LEU A 296 58.49 33.99 -11.60
CA LEU A 296 58.93 32.71 -12.12
C LEU A 296 59.85 31.99 -11.14
N ASN A 297 60.82 32.69 -10.58
CA ASN A 297 61.74 32.06 -9.65
C ASN A 297 61.14 31.80 -8.30
N GLN A 298 60.28 32.70 -7.82
CA GLN A 298 59.65 32.50 -6.53
C GLN A 298 58.78 31.25 -6.57
N LEU A 299 58.22 30.98 -7.76
CA LEU A 299 57.37 29.80 -7.91
C LEU A 299 58.24 28.55 -7.97
N LEU A 300 59.32 28.60 -8.76
CA LEU A 300 60.24 27.48 -8.88
C LEU A 300 60.80 27.07 -7.51
N ASP A 301 60.84 28.02 -6.56
CA ASP A 301 61.35 27.74 -5.22
C ASP A 301 60.32 27.03 -4.37
N LEU A 302 59.05 27.21 -4.72
CA LEU A 302 57.96 26.57 -3.99
C LEU A 302 57.85 25.11 -4.40
N GLN A 303 58.08 24.84 -5.68
CA GLN A 303 58.00 23.50 -6.26
C GLN A 303 58.51 22.39 -5.35
N PRO A 304 59.65 22.61 -4.67
CA PRO A 304 60.20 21.59 -3.78
C PRO A 304 59.19 20.99 -2.80
N SER A 305 58.62 21.83 -1.95
CA SER A 305 57.65 21.35 -0.97
C SER A 305 56.20 21.66 -1.33
N HIS A 306 55.90 22.95 -1.51
CA HIS A 306 54.55 23.41 -1.84
C HIS A 306 54.06 23.09 -3.26
N SER A 307 54.53 22.00 -3.85
CA SER A 307 54.12 21.63 -5.20
C SER A 307 52.65 21.23 -5.28
N SER A 308 52.07 21.38 -6.46
CA SER A 308 50.67 21.03 -6.71
C SER A 308 50.48 21.17 -8.23
N PRO A 309 49.43 20.54 -8.76
CA PRO A 309 49.20 20.66 -10.21
C PRO A 309 48.96 22.10 -10.65
N TYR A 310 48.42 22.91 -9.74
CA TYR A 310 48.12 24.32 -10.04
C TYR A 310 49.41 25.11 -10.28
N LEU A 311 50.42 24.83 -9.46
CA LEU A 311 51.72 25.49 -9.59
C LEU A 311 52.37 25.09 -10.91
N ILE A 312 52.42 23.77 -11.15
CA ILE A 312 53.03 23.24 -12.37
C ILE A 312 52.36 23.87 -13.59
N ALA A 313 51.04 23.97 -13.54
CA ALA A 313 50.27 24.54 -14.64
C ALA A 313 50.63 26.01 -14.84
N PHE A 314 50.76 26.75 -13.74
CA PHE A 314 51.10 28.15 -13.80
C PHE A 314 52.43 28.30 -14.55
N LEU A 315 53.41 27.50 -14.16
CA LEU A 315 54.72 27.53 -14.78
C LEU A 315 54.58 27.33 -16.29
N VAL A 316 53.81 26.31 -16.69
CA VAL A 316 53.62 26.04 -18.10
C VAL A 316 53.07 27.28 -18.79
N ASP A 317 52.17 27.99 -18.11
CA ASP A 317 51.59 29.19 -18.70
C ASP A 317 52.60 30.33 -18.80
N ILE A 318 53.52 30.41 -17.84
CA ILE A 318 54.55 31.42 -17.86
C ILE A 318 55.45 31.13 -19.07
N TYR A 319 55.94 29.90 -19.15
CA TYR A 319 56.80 29.52 -20.25
C TYR A 319 56.12 29.77 -21.59
N GLU A 320 54.80 29.58 -21.64
CA GLU A 320 54.12 29.79 -22.90
C GLU A 320 54.05 31.27 -23.25
N ASP A 321 53.93 32.13 -22.23
CA ASP A 321 53.88 33.57 -22.50
C ASP A 321 55.23 33.96 -23.09
N MET A 322 56.30 33.40 -22.53
CA MET A 322 57.65 33.68 -23.00
C MET A 322 57.74 33.32 -24.48
N LEU A 323 57.41 32.07 -24.82
CA LEU A 323 57.46 31.63 -26.20
C LEU A 323 56.64 32.54 -27.11
N GLU A 324 55.50 33.02 -26.62
CA GLU A 324 54.64 33.89 -27.39
C GLU A 324 55.28 35.26 -27.61
N ASN A 325 56.24 35.59 -26.75
CA ASN A 325 56.93 36.87 -26.86
C ASN A 325 58.41 36.77 -27.25
N GLN A 326 58.66 36.07 -28.35
CA GLN A 326 60.01 35.88 -28.89
C GLN A 326 61.11 36.00 -27.83
N CYS A 327 61.06 35.12 -26.83
CA CYS A 327 62.05 35.16 -25.76
C CYS A 327 63.37 34.54 -26.21
N ASP A 328 64.39 34.68 -25.37
CA ASP A 328 65.73 34.16 -25.65
C ASP A 328 65.82 32.68 -25.21
N ASN A 329 66.46 31.87 -26.06
CA ASN A 329 66.62 30.44 -25.80
C ASN A 329 65.27 29.76 -25.97
N LYS A 330 64.56 30.17 -27.03
CA LYS A 330 63.24 29.66 -27.36
C LYS A 330 63.14 28.14 -27.26
N GLU A 331 63.92 27.43 -28.07
CA GLU A 331 63.90 25.95 -28.08
C GLU A 331 64.15 25.33 -26.70
N ASP A 332 64.82 26.07 -25.82
CA ASP A 332 65.09 25.55 -24.48
C ASP A 332 63.87 25.71 -23.59
N ILE A 333 63.19 26.85 -23.73
CA ILE A 333 61.99 27.13 -22.96
C ILE A 333 60.92 26.10 -23.30
N LEU A 334 60.66 25.96 -24.60
CA LEU A 334 59.67 25.00 -25.09
C LEU A 334 59.89 23.62 -24.46
N ASN A 335 61.15 23.24 -24.31
CA ASN A 335 61.48 21.95 -23.73
C ASN A 335 61.15 21.93 -22.24
N LYS A 336 61.29 23.07 -21.57
CA LYS A 336 60.98 23.18 -20.15
C LYS A 336 59.48 23.02 -19.96
N ALA A 337 58.73 23.57 -20.91
CA ALA A 337 57.28 23.51 -20.88
C ALA A 337 56.82 22.07 -21.08
N LEU A 338 57.19 21.50 -22.23
CA LEU A 338 56.84 20.13 -22.57
C LEU A 338 57.16 19.18 -21.42
N GLU A 339 58.29 19.40 -20.77
CA GLU A 339 58.70 18.54 -19.67
C GLU A 339 57.66 18.59 -18.56
N LEU A 340 57.10 19.77 -18.33
CA LEU A 340 56.09 19.96 -17.28
C LEU A 340 54.73 19.38 -17.69
N CYS A 341 54.35 19.58 -18.95
CA CYS A 341 53.09 19.04 -19.44
C CYS A 341 53.10 17.53 -19.16
N GLU A 342 54.20 16.87 -19.51
CA GLU A 342 54.31 15.43 -19.29
C GLU A 342 54.30 15.07 -17.81
N ILE A 343 54.85 15.93 -16.97
CA ILE A 343 54.86 15.66 -15.54
C ILE A 343 53.42 15.71 -15.03
N LEU A 344 52.64 16.63 -15.61
CA LEU A 344 51.24 16.77 -15.22
C LEU A 344 50.45 15.55 -15.68
N ALA A 345 50.60 15.20 -16.96
CA ALA A 345 49.90 14.06 -17.55
C ALA A 345 50.25 12.71 -16.92
N LYS A 346 51.55 12.44 -16.76
CA LYS A 346 52.00 11.19 -16.20
C LYS A 346 51.89 11.03 -14.69
N GLU A 347 52.02 12.11 -13.91
CA GLU A 347 51.97 11.94 -12.46
C GLU A 347 51.29 12.99 -11.59
N LYS A 348 51.21 14.23 -12.04
CA LYS A 348 50.60 15.27 -11.20
C LYS A 348 49.11 15.58 -11.34
N ASP A 349 48.59 15.50 -12.56
CA ASP A 349 47.17 15.76 -12.80
C ASP A 349 46.69 14.71 -13.80
N THR A 350 46.96 13.45 -13.46
CA THR A 350 46.63 12.31 -14.30
C THR A 350 45.24 12.29 -14.93
N ILE A 351 44.23 12.70 -14.18
CA ILE A 351 42.88 12.69 -14.71
C ILE A 351 42.75 13.50 -16.00
N ARG A 352 43.64 14.47 -16.19
CA ARG A 352 43.63 15.30 -17.38
C ARG A 352 44.78 14.91 -18.31
N LYS A 353 45.26 13.68 -18.13
CA LYS A 353 46.35 13.11 -18.92
C LYS A 353 46.27 13.44 -20.40
N GLU A 354 45.16 13.08 -21.04
CA GLU A 354 45.02 13.35 -22.47
C GLU A 354 44.99 14.84 -22.80
N TYR A 355 44.54 15.65 -21.85
CA TYR A 355 44.47 17.10 -22.06
C TYR A 355 45.87 17.71 -22.07
N TRP A 356 46.64 17.42 -21.04
CA TRP A 356 47.99 17.96 -20.95
C TRP A 356 48.84 17.55 -22.14
N ARG A 357 48.74 16.29 -22.56
CA ARG A 357 49.51 15.84 -23.71
C ARG A 357 49.02 16.56 -24.94
N TYR A 358 47.75 16.94 -24.94
CA TYR A 358 47.16 17.68 -26.05
C TYR A 358 47.76 19.08 -26.05
N ILE A 359 47.97 19.63 -24.86
CA ILE A 359 48.56 20.95 -24.71
C ILE A 359 50.01 20.88 -25.19
N GLY A 360 50.72 19.84 -24.77
CA GLY A 360 52.09 19.64 -25.19
C GLY A 360 52.22 19.65 -26.71
N ARG A 361 51.47 18.77 -27.39
CA ARG A 361 51.51 18.70 -28.84
C ARG A 361 51.26 20.07 -29.45
N SER A 362 50.40 20.84 -28.80
CA SER A 362 50.04 22.19 -29.25
C SER A 362 51.23 23.13 -29.20
N LEU A 363 51.99 23.07 -28.11
CA LEU A 363 53.15 23.92 -27.97
C LEU A 363 54.21 23.56 -29.00
N GLN A 364 54.47 22.27 -29.18
CA GLN A 364 55.47 21.85 -30.16
C GLN A 364 55.16 22.32 -31.57
N SER A 365 53.94 22.06 -32.05
CA SER A 365 53.57 22.45 -33.39
C SER A 365 53.43 23.96 -33.59
N LYS A 366 53.63 24.74 -32.53
CA LYS A 366 53.50 26.19 -32.63
C LYS A 366 54.84 26.91 -32.46
N HIS A 367 55.80 26.26 -31.79
CA HIS A 367 57.12 26.85 -31.56
C HIS A 367 58.27 25.92 -31.91
N SER A 368 58.54 25.74 -33.20
CA SER A 368 59.63 24.86 -33.64
C SER A 368 60.25 25.27 -34.98
N LEU B 18 26.37 0.53 -11.33
CA LEU B 18 27.08 -0.62 -11.97
C LEU B 18 26.88 -0.58 -13.49
N ASP B 19 25.68 -0.94 -13.94
CA ASP B 19 25.36 -0.94 -15.35
C ASP B 19 24.22 0.06 -15.52
N PHE B 20 23.94 0.42 -16.77
CA PHE B 20 22.89 1.38 -17.05
C PHE B 20 21.53 0.69 -17.08
N LEU B 21 20.67 1.03 -16.12
CA LEU B 21 19.34 0.44 -16.00
C LEU B 21 18.31 1.09 -16.92
N ARG B 22 18.60 1.07 -18.22
CA ARG B 22 17.72 1.67 -19.22
C ARG B 22 16.21 1.57 -19.04
N ASP B 23 15.69 0.35 -18.88
CA ASP B 23 14.24 0.19 -18.76
C ASP B 23 13.67 0.90 -17.55
N ARG B 24 14.41 0.86 -16.45
CA ARG B 24 14.00 1.49 -15.22
C ARG B 24 13.82 2.99 -15.45
N HIS B 25 14.78 3.59 -16.14
CA HIS B 25 14.71 5.02 -16.42
C HIS B 25 13.57 5.34 -17.36
N VAL B 26 13.21 4.40 -18.24
CA VAL B 26 12.11 4.68 -19.16
C VAL B 26 10.82 4.76 -18.36
N ARG B 27 10.63 3.86 -17.41
CA ARG B 27 9.42 3.88 -16.60
C ARG B 27 9.39 5.19 -15.79
N PHE B 28 10.54 5.56 -15.25
CA PHE B 28 10.69 6.78 -14.46
C PHE B 28 10.13 7.99 -15.22
N PHE B 29 10.59 8.18 -16.46
CA PHE B 29 10.11 9.29 -17.28
C PHE B 29 8.62 9.14 -17.60
N GLN B 30 8.14 7.91 -17.72
CA GLN B 30 6.73 7.69 -18.02
C GLN B 30 5.92 8.23 -16.87
N ARG B 31 6.35 7.87 -15.66
CA ARG B 31 5.69 8.29 -14.44
C ARG B 31 5.67 9.81 -14.31
N CYS B 32 6.77 10.45 -14.67
CA CYS B 32 6.86 11.91 -14.61
C CYS B 32 5.77 12.54 -15.44
N LEU B 33 5.48 11.95 -16.60
CA LEU B 33 4.44 12.50 -17.48
C LEU B 33 3.03 12.23 -16.97
N GLN B 34 2.92 11.31 -16.03
CA GLN B 34 1.62 10.95 -15.50
C GLN B 34 1.10 11.82 -14.37
N VAL B 35 1.50 11.53 -13.15
CA VAL B 35 1.03 12.32 -12.02
C VAL B 35 2.15 12.54 -11.03
N LEU B 36 2.18 13.71 -10.40
CA LEU B 36 3.20 14.04 -9.41
C LEU B 36 2.56 14.32 -8.05
N PRO B 37 3.25 13.95 -6.96
CA PRO B 37 2.80 14.14 -5.58
C PRO B 37 2.74 15.62 -5.17
N GLU B 38 1.80 15.97 -4.31
CA GLU B 38 1.65 17.36 -3.88
C GLU B 38 2.97 17.98 -3.45
N ARG B 39 3.97 17.16 -3.21
CA ARG B 39 5.26 17.67 -2.78
C ARG B 39 6.13 18.25 -3.89
N TYR B 40 5.58 18.36 -5.09
CA TYR B 40 6.31 18.93 -6.21
C TYR B 40 5.54 20.12 -6.74
N SER B 41 4.67 20.65 -5.89
CA SER B 41 3.84 21.80 -6.21
C SER B 41 4.65 23.00 -6.65
N SER B 42 5.88 23.12 -6.13
CA SER B 42 6.72 24.25 -6.47
C SER B 42 7.15 24.26 -7.94
N LEU B 43 6.78 23.22 -8.68
CA LEU B 43 7.12 23.13 -10.09
C LEU B 43 5.91 23.46 -10.94
N GLU B 44 4.78 23.73 -10.31
CA GLU B 44 3.54 24.03 -11.02
C GLU B 44 3.72 24.97 -12.20
N THR B 45 4.31 26.13 -11.98
CA THR B 45 4.48 27.11 -13.06
C THR B 45 5.58 26.79 -14.06
N SER B 46 6.19 25.63 -13.94
CA SER B 46 7.23 25.24 -14.87
C SER B 46 7.10 23.75 -15.16
N ARG B 47 5.85 23.28 -15.23
CA ARG B 47 5.56 21.88 -15.51
C ARG B 47 6.02 21.54 -16.92
N LEU B 48 5.95 22.52 -17.81
CA LEU B 48 6.36 22.30 -19.17
C LEU B 48 7.82 21.89 -19.26
N THR B 49 8.67 22.36 -18.35
CA THR B 49 10.08 21.99 -18.40
C THR B 49 10.26 20.58 -17.86
N ILE B 50 9.35 20.16 -16.97
CA ILE B 50 9.43 18.80 -16.43
C ILE B 50 8.99 17.86 -17.56
N ALA B 51 8.03 18.31 -18.36
CA ALA B 51 7.55 17.53 -19.50
C ALA B 51 8.75 17.34 -20.43
N PHE B 52 9.46 18.43 -20.71
CA PHE B 52 10.64 18.41 -21.57
C PHE B 52 11.65 17.38 -21.07
N PHE B 53 12.01 17.46 -19.80
CA PHE B 53 12.97 16.52 -19.21
C PHE B 53 12.56 15.08 -19.49
N ALA B 54 11.27 14.81 -19.36
CA ALA B 54 10.74 13.47 -19.54
C ALA B 54 10.64 13.05 -21.01
N LEU B 55 10.04 13.89 -21.84
CA LEU B 55 9.92 13.59 -23.26
C LEU B 55 11.29 13.50 -23.93
N SER B 56 12.11 14.54 -23.77
CA SER B 56 13.43 14.54 -24.35
C SER B 56 14.24 13.37 -23.79
N GLY B 57 13.96 13.00 -22.55
CA GLY B 57 14.67 11.88 -21.95
C GLY B 57 14.27 10.57 -22.59
N LEU B 58 12.99 10.43 -22.93
CA LEU B 58 12.51 9.20 -23.55
C LEU B 58 13.07 9.15 -24.98
N ASP B 59 13.04 10.30 -25.65
CA ASP B 59 13.56 10.42 -26.99
C ASP B 59 15.02 9.94 -26.97
N MET B 60 15.78 10.44 -26.00
CA MET B 60 17.19 10.07 -25.85
C MET B 60 17.36 8.57 -25.65
N LEU B 61 16.33 7.90 -25.14
CA LEU B 61 16.38 6.46 -24.89
C LEU B 61 15.59 5.70 -25.96
N ASP B 62 15.20 6.42 -27.00
CA ASP B 62 14.45 5.84 -28.11
C ASP B 62 13.23 5.08 -27.58
N SER B 63 12.38 5.78 -26.82
CA SER B 63 11.17 5.20 -26.25
C SER B 63 9.96 6.11 -26.35
N LEU B 64 9.98 7.05 -27.29
CA LEU B 64 8.86 7.96 -27.43
C LEU B 64 7.57 7.25 -27.81
N ASP B 65 7.67 5.97 -28.09
CA ASP B 65 6.49 5.22 -28.48
C ASP B 65 5.58 4.93 -27.28
N VAL B 66 6.14 4.92 -26.08
CA VAL B 66 5.33 4.63 -24.89
C VAL B 66 4.43 5.78 -24.45
N VAL B 67 4.31 6.82 -25.27
CA VAL B 67 3.47 7.96 -24.92
C VAL B 67 2.58 8.31 -26.10
N ASN B 68 1.49 9.03 -25.84
CA ASN B 68 0.58 9.42 -26.92
C ASN B 68 0.96 10.80 -27.46
N LYS B 69 1.90 10.82 -28.39
CA LYS B 69 2.37 12.07 -28.97
C LYS B 69 1.27 13.07 -29.30
N ASP B 70 0.09 12.58 -29.68
CA ASP B 70 -1.01 13.46 -30.04
C ASP B 70 -1.67 14.18 -28.87
N ASP B 71 -1.88 13.48 -27.77
CA ASP B 71 -2.50 14.10 -26.60
C ASP B 71 -1.57 15.19 -26.08
N ILE B 72 -0.31 14.81 -25.87
CA ILE B 72 0.68 15.74 -25.36
C ILE B 72 0.85 16.97 -26.24
N ILE B 73 0.74 16.80 -27.56
CA ILE B 73 0.88 17.95 -28.44
C ILE B 73 -0.27 18.93 -28.22
N GLU B 74 -1.46 18.41 -27.98
CA GLU B 74 -2.62 19.26 -27.73
C GLU B 74 -2.45 20.01 -26.41
N TRP B 75 -1.95 19.31 -25.40
CA TRP B 75 -1.73 19.90 -24.10
C TRP B 75 -0.76 21.07 -24.26
N ILE B 76 0.34 20.84 -24.96
CA ILE B 76 1.33 21.88 -25.16
C ILE B 76 0.75 23.09 -25.87
N TYR B 77 -0.04 22.85 -26.91
CA TYR B 77 -0.63 23.96 -27.65
C TYR B 77 -1.64 24.75 -26.83
N SER B 78 -2.18 24.14 -25.78
CA SER B 78 -3.15 24.82 -24.92
C SER B 78 -2.41 25.83 -24.04
N LEU B 79 -1.09 25.69 -24.01
CA LEU B 79 -0.24 26.58 -23.22
C LEU B 79 0.27 27.78 -23.99
N GLN B 80 -0.04 27.87 -25.28
CA GLN B 80 0.44 29.00 -26.07
C GLN B 80 -0.41 30.25 -25.87
N VAL B 81 0.26 31.36 -25.62
CA VAL B 81 -0.41 32.64 -25.43
C VAL B 81 -0.46 33.27 -26.82
N LEU B 82 -1.62 33.14 -27.46
CA LEU B 82 -1.83 33.69 -28.79
C LEU B 82 -2.26 35.16 -28.73
N PRO B 83 -1.99 35.91 -29.79
CA PRO B 83 -2.40 37.31 -29.76
C PRO B 83 -3.91 37.44 -29.85
N THR B 84 -4.44 38.52 -29.30
CA THR B 84 -5.88 38.77 -29.29
C THR B 84 -6.33 39.38 -30.61
N GLU B 85 -7.63 39.46 -30.81
CA GLU B 85 -8.21 40.02 -32.02
C GLU B 85 -7.51 41.32 -32.39
N ASP B 86 -7.47 42.25 -31.43
CA ASP B 86 -6.83 43.56 -31.62
C ASP B 86 -5.31 43.55 -31.56
N ARG B 87 -4.71 42.36 -31.57
CA ARG B 87 -3.26 42.22 -31.52
C ARG B 87 -2.58 43.20 -30.57
N SER B 88 -3.24 43.48 -29.44
CA SER B 88 -2.71 44.43 -28.47
C SER B 88 -1.81 43.80 -27.39
N ASN B 89 -1.65 42.49 -27.45
CA ASN B 89 -0.84 41.78 -26.46
C ASN B 89 0.32 41.03 -27.10
N LEU B 90 0.86 41.56 -28.19
CA LEU B 90 1.97 40.89 -28.85
C LEU B 90 3.21 40.73 -27.97
N ASP B 91 3.51 41.75 -27.17
CA ASP B 91 4.68 41.70 -26.30
C ASP B 91 4.56 40.67 -25.20
N ARG B 92 3.44 39.97 -25.14
CA ARG B 92 3.24 38.99 -24.10
C ARG B 92 2.99 37.57 -24.60
N CYS B 93 3.24 37.36 -25.89
CA CYS B 93 3.02 36.03 -26.46
C CYS B 93 4.20 35.08 -26.28
N GLY B 94 3.88 33.80 -26.32
CA GLY B 94 4.88 32.77 -26.14
C GLY B 94 4.14 31.60 -25.51
N PHE B 95 4.78 30.89 -24.58
CA PHE B 95 4.11 29.77 -23.92
C PHE B 95 4.07 29.90 -22.39
N ARG B 96 3.07 29.27 -21.77
CA ARG B 96 2.90 29.27 -20.32
C ARG B 96 3.55 28.01 -19.79
N GLY B 97 3.91 28.01 -18.51
CA GLY B 97 4.52 26.83 -17.91
C GLY B 97 3.47 25.78 -17.63
N SER B 98 2.24 26.23 -17.41
CA SER B 98 1.10 25.34 -17.13
C SER B 98 -0.18 26.16 -17.19
N SER B 99 -1.27 25.53 -16.79
CA SER B 99 -2.58 26.19 -16.81
C SER B 99 -2.95 26.78 -15.45
N TYR B 100 -1.96 27.06 -14.62
CA TYR B 100 -2.24 27.60 -13.29
C TYR B 100 -3.09 28.87 -13.24
N LEU B 101 -3.18 29.63 -14.32
CA LEU B 101 -3.99 30.85 -14.29
C LEU B 101 -5.49 30.61 -14.40
N GLY B 102 -5.85 29.39 -14.79
CA GLY B 102 -7.26 29.08 -14.90
C GLY B 102 -7.91 29.51 -16.20
N ILE B 103 -7.15 29.51 -17.29
CA ILE B 103 -7.69 29.87 -18.58
C ILE B 103 -8.26 28.61 -19.21
N PRO B 104 -9.48 28.68 -19.75
CA PRO B 104 -10.13 27.55 -20.38
C PRO B 104 -9.28 26.84 -21.43
N PHE B 105 -9.14 25.52 -21.29
CA PHE B 105 -8.35 24.69 -22.20
C PHE B 105 -8.68 24.96 -23.67
N ASN B 106 -7.72 25.54 -24.39
CA ASN B 106 -7.90 25.84 -25.81
C ASN B 106 -6.60 25.57 -26.56
N PRO B 107 -6.47 24.36 -27.15
CA PRO B 107 -5.28 23.97 -27.91
C PRO B 107 -5.03 24.79 -29.18
N SER B 108 -4.60 26.03 -28.98
CA SER B 108 -4.30 26.96 -30.07
C SER B 108 -5.33 26.91 -31.20
N LYS B 109 -6.60 26.94 -30.82
CA LYS B 109 -7.70 26.92 -31.77
C LYS B 109 -8.18 28.36 -31.95
N ASN B 110 -9.21 28.74 -31.18
CA ASN B 110 -9.77 30.09 -31.24
C ASN B 110 -8.70 31.16 -30.99
N PRO B 111 -9.07 32.45 -31.09
CA PRO B 111 -8.11 33.54 -30.87
C PRO B 111 -7.64 33.56 -29.42
N GLY B 112 -7.28 34.73 -28.92
CA GLY B 112 -6.81 34.82 -27.54
C GLY B 112 -7.82 35.42 -26.57
N THR B 113 -8.06 34.73 -25.45
CA THR B 113 -8.98 35.20 -24.41
C THR B 113 -8.23 36.14 -23.46
N ALA B 114 -8.36 37.45 -23.70
CA ALA B 114 -7.69 38.48 -22.89
C ALA B 114 -7.72 38.20 -21.38
N HIS B 115 -6.59 38.42 -20.73
CA HIS B 115 -6.45 38.21 -19.29
C HIS B 115 -5.36 39.14 -18.77
N PRO B 116 -5.67 39.92 -17.74
CA PRO B 116 -4.77 40.89 -17.11
C PRO B 116 -3.34 40.43 -16.82
N TYR B 117 -3.17 39.17 -16.42
CA TYR B 117 -1.84 38.69 -16.06
C TYR B 117 -1.33 37.48 -16.82
N ASP B 118 -1.96 37.14 -17.93
CA ASP B 118 -1.55 35.98 -18.71
C ASP B 118 -0.55 36.36 -19.78
N SER B 119 0.61 35.71 -19.74
CA SER B 119 1.65 35.96 -20.74
C SER B 119 2.66 34.83 -20.71
N GLY B 120 3.52 34.76 -21.73
CA GLY B 120 4.50 33.71 -21.79
C GLY B 120 5.68 33.86 -20.88
N HIS B 121 6.47 32.78 -20.80
CA HIS B 121 7.68 32.74 -19.99
C HIS B 121 8.74 32.18 -20.93
N ILE B 122 9.82 32.94 -21.10
CA ILE B 122 10.89 32.55 -22.02
C ILE B 122 11.38 31.11 -21.91
N ALA B 123 11.49 30.57 -20.70
CA ALA B 123 11.96 29.20 -20.55
C ALA B 123 10.88 28.21 -20.97
N MET B 124 9.63 28.66 -20.96
CA MET B 124 8.52 27.80 -21.35
C MET B 124 8.34 27.83 -22.86
N THR B 125 8.58 28.99 -23.46
CA THR B 125 8.48 29.12 -24.90
C THR B 125 9.58 28.20 -25.49
N TYR B 126 10.74 28.21 -24.86
CA TYR B 126 11.85 27.38 -25.29
C TYR B 126 11.51 25.89 -25.15
N THR B 127 11.24 25.42 -23.94
CA THR B 127 10.92 24.01 -23.74
C THR B 127 9.65 23.58 -24.46
N GLY B 128 8.74 24.53 -24.69
CA GLY B 128 7.51 24.22 -25.40
C GLY B 128 7.81 23.87 -26.84
N LEU B 129 8.45 24.79 -27.56
CA LEU B 129 8.80 24.57 -28.96
C LEU B 129 9.65 23.31 -29.04
N SER B 130 10.60 23.22 -28.12
CA SER B 130 11.49 22.09 -28.08
C SER B 130 10.69 20.78 -27.96
N CYS B 131 9.67 20.75 -27.11
CA CYS B 131 8.87 19.54 -26.93
C CYS B 131 8.07 19.21 -28.18
N LEU B 132 7.49 20.24 -28.81
CA LEU B 132 6.70 20.04 -30.01
C LEU B 132 7.55 19.35 -31.06
N ILE B 133 8.76 19.84 -31.28
CA ILE B 133 9.66 19.25 -32.27
C ILE B 133 9.98 17.80 -31.93
N ILE B 134 10.23 17.53 -30.66
CA ILE B 134 10.53 16.16 -30.23
C ILE B 134 9.37 15.23 -30.50
N LEU B 135 8.15 15.74 -30.32
CA LEU B 135 6.97 14.92 -30.54
C LEU B 135 6.58 14.77 -32.02
N GLY B 136 7.32 15.44 -32.90
CA GLY B 136 7.03 15.34 -34.32
C GLY B 136 6.18 16.44 -34.93
N ASP B 137 5.58 17.29 -34.10
CA ASP B 137 4.76 18.39 -34.61
C ASP B 137 5.59 19.23 -35.58
N ASP B 138 4.92 19.96 -36.47
CA ASP B 138 5.64 20.78 -37.45
C ASP B 138 5.60 22.28 -37.16
N LEU B 139 5.13 22.63 -35.97
CA LEU B 139 5.06 24.04 -35.55
C LEU B 139 4.17 24.93 -36.40
N SER B 140 3.26 24.33 -37.15
CA SER B 140 2.36 25.12 -37.99
C SER B 140 1.40 25.94 -37.15
N ARG B 141 1.04 25.43 -35.98
CA ARG B 141 0.10 26.13 -35.12
C ARG B 141 0.79 27.15 -34.19
N VAL B 142 2.09 27.29 -34.34
CA VAL B 142 2.86 28.24 -33.53
C VAL B 142 2.85 29.60 -34.23
N ASP B 143 2.34 30.62 -33.56
CA ASP B 143 2.33 31.96 -34.16
C ASP B 143 3.76 32.49 -34.03
N LYS B 144 4.61 32.04 -34.95
CA LYS B 144 6.01 32.41 -34.94
C LYS B 144 6.29 33.90 -34.78
N GLU B 145 5.56 34.75 -35.49
CA GLU B 145 5.80 36.19 -35.38
C GLU B 145 5.47 36.74 -34.01
N ALA B 146 4.41 36.20 -33.39
CA ALA B 146 4.00 36.64 -32.06
C ALA B 146 5.08 36.27 -31.05
N CYS B 147 5.57 35.04 -31.13
CA CYS B 147 6.61 34.60 -30.22
C CYS B 147 7.83 35.47 -30.33
N LEU B 148 8.27 35.72 -31.56
CA LEU B 148 9.45 36.55 -31.79
C LEU B 148 9.23 37.95 -31.25
N ALA B 149 8.01 38.46 -31.42
CA ALA B 149 7.67 39.79 -30.92
C ALA B 149 7.81 39.78 -29.39
N GLY B 150 7.32 38.72 -28.77
CA GLY B 150 7.40 38.60 -27.33
C GLY B 150 8.85 38.52 -26.88
N LEU B 151 9.65 37.75 -27.62
CA LEU B 151 11.05 37.60 -27.29
C LEU B 151 11.75 38.94 -27.26
N ARG B 152 11.62 39.71 -28.34
CA ARG B 152 12.24 41.03 -28.43
C ARG B 152 11.91 41.86 -27.21
N ALA B 153 10.66 41.82 -26.78
CA ALA B 153 10.21 42.58 -25.63
C ALA B 153 10.95 42.23 -24.34
N LEU B 154 11.53 41.05 -24.28
CA LEU B 154 12.23 40.59 -23.09
C LEU B 154 13.68 41.04 -22.96
N GLN B 155 14.30 41.44 -24.07
CA GLN B 155 15.69 41.85 -24.01
C GLN B 155 15.92 43.20 -23.37
N LEU B 156 16.92 43.28 -22.50
CA LEU B 156 17.25 44.53 -21.81
C LEU B 156 18.33 45.32 -22.55
N GLU B 157 18.62 46.52 -22.03
CA GLU B 157 19.63 47.37 -22.65
C GLU B 157 20.99 46.69 -22.69
N ASP B 158 21.35 45.98 -21.61
CA ASP B 158 22.65 45.32 -21.57
C ASP B 158 22.75 44.05 -22.44
N GLY B 159 21.67 43.74 -23.18
CA GLY B 159 21.69 42.59 -24.04
C GLY B 159 21.14 41.30 -23.48
N SER B 160 21.00 41.20 -22.15
CA SER B 160 20.45 40.00 -21.53
C SER B 160 18.94 40.00 -21.64
N PHE B 161 18.30 38.96 -21.10
CA PHE B 161 16.84 38.84 -21.14
C PHE B 161 16.18 38.58 -19.81
N CYS B 162 14.88 38.87 -19.76
CA CYS B 162 14.04 38.61 -18.61
C CYS B 162 13.23 37.39 -19.01
N ALA B 163 12.50 36.80 -18.07
CA ALA B 163 11.69 35.63 -18.39
C ALA B 163 10.28 36.00 -18.80
N VAL B 164 9.74 37.05 -18.19
CA VAL B 164 8.38 37.49 -18.47
C VAL B 164 8.29 39.01 -18.61
N PRO B 165 7.35 39.48 -19.44
CA PRO B 165 7.19 40.92 -19.64
C PRO B 165 6.87 41.71 -18.37
N GLU B 166 6.21 41.08 -17.40
CA GLU B 166 5.88 41.77 -16.16
C GLU B 166 7.12 42.10 -15.34
N GLY B 167 8.25 41.49 -15.70
CA GLY B 167 9.48 41.76 -14.99
C GLY B 167 9.99 40.54 -14.24
N SER B 168 11.30 40.43 -14.12
CA SER B 168 11.94 39.32 -13.43
C SER B 168 13.42 39.58 -13.42
N GLU B 169 14.18 38.66 -12.84
CA GLU B 169 15.63 38.79 -12.81
C GLU B 169 16.08 38.56 -14.26
N ASN B 170 17.29 38.99 -14.58
CA ASN B 170 17.82 38.78 -15.93
C ASN B 170 19.23 38.24 -15.86
N ASP B 171 19.50 37.20 -16.62
CA ASP B 171 20.83 36.61 -16.63
C ASP B 171 21.08 35.68 -17.82
N MET B 172 22.25 35.04 -17.82
CA MET B 172 22.66 34.15 -18.90
C MET B 172 21.66 33.03 -19.22
N ARG B 173 20.95 32.53 -18.22
CA ARG B 173 19.99 31.44 -18.44
C ARG B 173 19.02 31.83 -19.54
N PHE B 174 18.51 33.05 -19.47
CA PHE B 174 17.52 33.51 -20.43
C PHE B 174 18.11 33.89 -21.77
N VAL B 175 19.41 34.18 -21.80
CA VAL B 175 20.08 34.52 -23.05
C VAL B 175 20.10 33.22 -23.86
N TYR B 176 20.35 32.11 -23.17
CA TYR B 176 20.38 30.81 -23.82
C TYR B 176 19.00 30.44 -24.34
N CYS B 177 17.97 30.77 -23.57
CA CYS B 177 16.60 30.45 -23.98
C CYS B 177 16.26 31.21 -25.24
N ALA B 178 16.62 32.50 -25.26
CA ALA B 178 16.36 33.35 -26.42
C ALA B 178 17.05 32.76 -27.63
N SER B 179 18.32 32.39 -27.47
CA SER B 179 19.09 31.81 -28.55
C SER B 179 18.44 30.55 -29.10
N CYS B 180 17.99 29.66 -28.23
CA CYS B 180 17.34 28.41 -28.67
C CYS B 180 16.04 28.70 -29.43
N ILE B 181 15.27 29.66 -28.95
CA ILE B 181 14.01 29.99 -29.61
C ILE B 181 14.27 30.51 -31.02
N CYS B 182 15.18 31.46 -31.14
CA CYS B 182 15.51 32.02 -32.45
C CYS B 182 16.02 30.93 -33.38
N TYR B 183 16.84 30.03 -32.84
CA TYR B 183 17.39 28.95 -33.62
C TYR B 183 16.29 28.02 -34.14
N MET B 184 15.41 27.59 -33.26
CA MET B 184 14.34 26.66 -33.65
C MET B 184 13.35 27.29 -34.62
N LEU B 185 13.01 28.55 -34.41
CA LEU B 185 12.08 29.21 -35.32
C LEU B 185 12.89 29.69 -36.53
N ASN B 186 14.17 29.35 -36.53
CA ASN B 186 15.07 29.72 -37.60
C ASN B 186 14.89 31.18 -38.05
N ASN B 187 14.88 32.08 -37.08
CA ASN B 187 14.71 33.50 -37.35
C ASN B 187 15.30 34.27 -36.18
N TRP B 188 16.36 35.03 -36.40
CA TRP B 188 16.97 35.76 -35.29
C TRP B 188 16.46 37.17 -35.08
N SER B 189 15.29 37.48 -35.63
CA SER B 189 14.74 38.82 -35.45
C SER B 189 14.25 38.93 -34.02
N GLY B 190 14.27 37.80 -33.30
CA GLY B 190 13.82 37.79 -31.93
C GLY B 190 14.76 38.47 -30.96
N MET B 191 15.98 38.78 -31.40
CA MET B 191 16.94 39.45 -30.52
C MET B 191 17.91 40.34 -31.25
N ASP B 192 18.53 41.23 -30.49
CA ASP B 192 19.55 42.15 -30.99
C ASP B 192 20.83 41.38 -30.68
N MET B 193 21.21 40.53 -31.61
CA MET B 193 22.38 39.68 -31.46
C MET B 193 23.66 40.39 -31.03
N LYS B 194 23.86 41.60 -31.52
CA LYS B 194 25.06 42.34 -31.18
C LYS B 194 25.10 42.61 -29.68
N LYS B 195 23.97 43.04 -29.12
CA LYS B 195 23.92 43.31 -27.70
C LYS B 195 23.98 42.04 -26.84
N ALA B 196 23.41 40.96 -27.34
CA ALA B 196 23.46 39.70 -26.62
C ALA B 196 24.92 39.24 -26.51
N ILE B 197 25.64 39.29 -27.63
CA ILE B 197 27.04 38.88 -27.66
C ILE B 197 27.85 39.73 -26.69
N SER B 198 27.54 41.02 -26.65
CA SER B 198 28.23 41.92 -25.74
C SER B 198 28.04 41.42 -24.30
N TYR B 199 26.80 41.04 -23.96
CA TYR B 199 26.51 40.57 -22.62
C TYR B 199 27.34 39.33 -22.30
N ILE B 200 27.38 38.39 -23.24
CA ILE B 200 28.13 37.16 -23.06
C ILE B 200 29.61 37.44 -22.84
N ARG B 201 30.17 38.36 -23.61
CA ARG B 201 31.58 38.70 -23.43
C ARG B 201 31.81 39.28 -22.04
N ARG B 202 30.97 40.25 -21.68
CA ARG B 202 31.10 40.92 -20.40
C ARG B 202 30.96 40.01 -19.18
N SER B 203 30.50 38.78 -19.40
CA SER B 203 30.32 37.88 -18.28
C SER B 203 31.55 37.02 -17.99
N MET B 204 32.57 37.10 -18.84
CA MET B 204 33.77 36.32 -18.63
C MET B 204 34.51 36.84 -17.40
N SER B 205 34.88 35.91 -16.52
CA SER B 205 35.57 36.25 -15.27
C SER B 205 37.09 36.29 -15.40
N TYR B 206 37.74 36.75 -14.34
CA TYR B 206 39.19 36.84 -14.32
C TYR B 206 39.77 35.44 -14.34
N ASP B 207 38.97 34.45 -13.91
CA ASP B 207 39.46 33.07 -13.92
C ASP B 207 39.14 32.38 -15.24
N ASN B 208 38.56 33.15 -16.16
CA ASN B 208 38.22 32.70 -17.50
C ASN B 208 36.96 31.90 -17.77
N GLY B 209 36.16 31.64 -16.75
CA GLY B 209 34.91 30.94 -16.97
C GLY B 209 33.88 32.03 -17.24
N LEU B 210 32.65 31.64 -17.53
CA LEU B 210 31.58 32.63 -17.77
C LEU B 210 30.64 32.61 -16.56
N ALA B 211 30.19 33.78 -16.12
CA ALA B 211 29.29 33.87 -14.97
C ALA B 211 27.88 34.22 -15.45
N GLN B 212 26.94 34.32 -14.52
CA GLN B 212 25.57 34.65 -14.87
C GLN B 212 25.46 36.07 -15.41
N GLY B 213 26.42 36.90 -14.99
CA GLY B 213 26.47 38.28 -15.41
C GLY B 213 27.80 38.87 -15.01
N ALA B 214 28.12 40.05 -15.54
CA ALA B 214 29.39 40.71 -15.25
C ALA B 214 29.70 40.81 -13.76
N GLY B 215 30.93 40.46 -13.40
CA GLY B 215 31.36 40.55 -12.01
C GLY B 215 31.07 39.37 -11.12
N LEU B 216 30.06 38.58 -11.49
CA LEU B 216 29.68 37.40 -10.73
C LEU B 216 30.68 36.24 -10.88
N GLU B 217 30.59 35.27 -9.98
CA GLU B 217 31.45 34.09 -9.98
C GLU B 217 31.16 33.23 -11.21
N SER B 218 32.19 32.89 -11.99
CA SER B 218 31.98 32.07 -13.18
C SER B 218 31.43 30.73 -12.71
N HIS B 219 30.57 30.14 -13.52
CA HIS B 219 29.89 28.91 -13.14
C HIS B 219 29.66 27.99 -14.34
N GLY B 220 29.63 26.69 -14.08
CA GLY B 220 29.42 25.73 -15.16
C GLY B 220 28.14 25.91 -15.95
N GLY B 221 27.05 26.25 -15.27
CA GLY B 221 25.79 26.44 -15.94
C GLY B 221 25.78 27.63 -16.87
N SER B 222 26.26 28.78 -16.39
CA SER B 222 26.29 29.98 -17.22
C SER B 222 27.33 29.87 -18.34
N THR B 223 28.41 29.14 -18.08
CA THR B 223 29.42 28.98 -19.12
C THR B 223 28.79 28.18 -20.26
N PHE B 224 28.01 27.16 -19.91
CA PHE B 224 27.33 26.38 -20.94
C PHE B 224 26.37 27.30 -21.71
N CYS B 225 25.54 28.04 -20.99
CA CYS B 225 24.58 28.91 -21.64
C CYS B 225 25.25 29.90 -22.57
N GLY B 226 26.37 30.46 -22.13
CA GLY B 226 27.08 31.43 -22.95
C GLY B 226 27.67 30.81 -24.21
N ILE B 227 28.50 29.78 -24.03
CA ILE B 227 29.12 29.11 -25.15
C ILE B 227 28.11 28.51 -26.12
N ALA B 228 27.10 27.82 -25.61
CA ALA B 228 26.08 27.23 -26.46
C ALA B 228 25.33 28.30 -27.24
N SER B 229 25.09 29.45 -26.61
CA SER B 229 24.38 30.52 -27.30
C SER B 229 25.20 30.97 -28.50
N LEU B 230 26.48 31.23 -28.28
CA LEU B 230 27.35 31.66 -29.36
C LEU B 230 27.38 30.60 -30.47
N CYS B 231 27.47 29.33 -30.10
CA CYS B 231 27.49 28.27 -31.10
C CYS B 231 26.18 28.28 -31.90
N LEU B 232 25.06 28.44 -31.22
CA LEU B 232 23.78 28.48 -31.91
C LEU B 232 23.72 29.65 -32.90
N MET B 233 24.40 30.74 -32.57
CA MET B 233 24.42 31.92 -33.45
C MET B 233 25.52 31.72 -34.50
N GLY B 234 26.37 30.72 -34.28
CA GLY B 234 27.46 30.45 -35.19
C GLY B 234 28.49 31.56 -35.14
N LYS B 235 28.85 31.98 -33.94
CA LYS B 235 29.83 33.05 -33.80
C LYS B 235 30.85 32.85 -32.71
N LEU B 236 31.06 31.59 -32.31
CA LEU B 236 32.02 31.30 -31.26
C LEU B 236 33.38 31.90 -31.63
N GLU B 237 33.91 31.45 -32.76
CA GLU B 237 35.20 31.88 -33.30
C GLU B 237 35.32 33.38 -33.44
N GLU B 238 34.26 34.01 -33.93
CA GLU B 238 34.23 35.44 -34.14
C GLU B 238 34.25 36.24 -32.83
N VAL B 239 33.59 35.73 -31.80
CA VAL B 239 33.52 36.44 -30.53
C VAL B 239 34.72 36.26 -29.61
N PHE B 240 35.26 35.05 -29.55
CA PHE B 240 36.42 34.81 -28.69
C PHE B 240 37.68 34.49 -29.49
N SER B 241 38.78 35.08 -29.08
CA SER B 241 40.06 34.87 -29.75
C SER B 241 40.54 33.48 -29.40
N GLU B 242 41.53 32.99 -30.14
CA GLU B 242 42.07 31.67 -29.87
C GLU B 242 42.62 31.60 -28.46
N LYS B 243 43.29 32.67 -28.02
CA LYS B 243 43.86 32.70 -26.69
C LYS B 243 42.72 32.63 -25.68
N GLU B 244 41.65 33.37 -25.95
CA GLU B 244 40.49 33.40 -25.07
C GLU B 244 39.86 32.01 -24.96
N LEU B 245 39.61 31.38 -26.10
CA LEU B 245 39.04 30.04 -26.11
C LEU B 245 39.91 29.03 -25.38
N ASN B 246 41.23 29.21 -25.44
CA ASN B 246 42.11 28.30 -24.74
C ASN B 246 41.95 28.44 -23.25
N ARG B 247 41.79 29.69 -22.80
CA ARG B 247 41.60 29.96 -21.38
C ARG B 247 40.29 29.37 -20.88
N ILE B 248 39.24 29.51 -21.68
CA ILE B 248 37.93 28.98 -21.33
C ILE B 248 38.01 27.45 -21.27
N LYS B 249 38.61 26.84 -22.28
CA LYS B 249 38.78 25.39 -22.30
C LYS B 249 39.46 24.93 -21.02
N ARG B 250 40.51 25.64 -20.61
CA ARG B 250 41.23 25.29 -19.40
C ARG B 250 40.32 25.35 -18.18
N TRP B 251 39.51 26.40 -18.10
CA TRP B 251 38.61 26.56 -16.95
C TRP B 251 37.62 25.41 -16.89
N CYS B 252 37.07 25.07 -18.06
CA CYS B 252 36.09 23.98 -18.15
C CYS B 252 36.66 22.62 -17.81
N ILE B 253 37.76 22.24 -18.45
CA ILE B 253 38.32 20.92 -18.20
C ILE B 253 38.83 20.76 -16.76
N MET B 254 39.04 21.87 -16.06
CA MET B 254 39.50 21.79 -14.67
C MET B 254 38.35 21.41 -13.74
N ARG B 255 37.13 21.37 -14.29
CA ARG B 255 35.94 21.05 -13.51
C ARG B 255 35.81 19.56 -13.21
N GLN B 256 36.51 18.71 -13.95
CA GLN B 256 36.38 17.27 -13.71
C GLN B 256 37.21 16.82 -12.50
N GLN B 257 36.53 16.13 -11.58
CA GLN B 257 37.16 15.61 -10.36
C GLN B 257 37.13 14.09 -10.49
N ASN B 258 36.05 13.62 -11.09
CA ASN B 258 35.73 12.22 -11.40
C ASN B 258 34.48 12.52 -12.21
N GLY B 259 33.50 13.08 -11.53
CA GLY B 259 32.29 13.53 -12.19
C GLY B 259 32.64 15.01 -12.39
N TYR B 260 31.66 15.89 -12.47
CA TYR B 260 31.98 17.30 -12.64
C TYR B 260 31.28 18.19 -11.62
N HIS B 261 31.97 19.24 -11.19
CA HIS B 261 31.35 20.20 -10.27
C HIS B 261 31.11 21.47 -11.10
N GLY B 262 30.29 22.38 -10.58
CA GLY B 262 30.00 23.59 -11.33
C GLY B 262 30.88 24.80 -11.03
N ARG B 263 31.67 24.71 -9.95
CA ARG B 263 32.56 25.79 -9.55
C ARG B 263 33.74 25.23 -8.80
N PRO B 264 34.90 25.91 -8.87
CA PRO B 264 36.07 25.41 -8.15
C PRO B 264 35.72 25.20 -6.68
N ASN B 265 36.31 24.17 -6.08
CA ASN B 265 36.08 23.86 -4.67
C ASN B 265 34.65 23.55 -4.24
N LYS B 266 33.87 22.98 -5.15
CA LYS B 266 32.48 22.57 -4.84
C LYS B 266 32.36 21.09 -5.17
N PRO B 267 31.54 20.36 -4.41
CA PRO B 267 31.37 18.92 -4.68
C PRO B 267 30.73 18.67 -6.05
N VAL B 268 31.08 17.53 -6.67
CA VAL B 268 30.53 17.23 -7.99
C VAL B 268 29.04 16.98 -7.94
N ASP B 269 28.41 17.11 -9.11
CA ASP B 269 26.99 16.92 -9.25
C ASP B 269 26.73 16.37 -10.64
N THR B 270 26.01 15.25 -10.70
CA THR B 270 25.71 14.59 -11.97
C THR B 270 25.35 15.51 -13.14
N CYS B 271 24.44 16.45 -12.93
CA CYS B 271 24.04 17.31 -14.04
C CYS B 271 25.16 18.10 -14.69
N TYR B 272 26.27 18.31 -13.98
CA TYR B 272 27.37 19.06 -14.59
C TYR B 272 28.08 18.26 -15.66
N SER B 273 27.86 16.94 -15.64
CA SER B 273 28.44 16.07 -16.66
C SER B 273 27.89 16.52 -18.00
N PHE B 274 26.73 17.15 -18.00
CA PHE B 274 26.21 17.66 -19.26
C PHE B 274 26.57 19.13 -19.41
N TRP B 275 26.20 19.94 -18.42
CA TRP B 275 26.51 21.37 -18.46
C TRP B 275 27.96 21.63 -18.89
N VAL B 276 28.92 21.06 -18.17
CA VAL B 276 30.32 21.26 -18.50
C VAL B 276 30.76 20.38 -19.66
N GLY B 277 30.34 19.10 -19.62
CA GLY B 277 30.71 18.18 -20.68
C GLY B 277 30.29 18.67 -22.07
N ALA B 278 29.07 19.17 -22.15
CA ALA B 278 28.56 19.67 -23.43
C ALA B 278 29.40 20.87 -23.89
N THR B 279 29.84 21.69 -22.93
CA THR B 279 30.65 22.86 -23.26
C THR B 279 31.96 22.37 -23.84
N LEU B 280 32.57 21.41 -23.16
CA LEU B 280 33.83 20.85 -23.63
C LEU B 280 33.66 20.27 -25.03
N LYS B 281 32.51 19.64 -25.27
CA LYS B 281 32.23 19.06 -26.57
C LYS B 281 32.18 20.18 -27.62
N LEU B 282 31.46 21.26 -27.31
CA LEU B 282 31.37 22.36 -28.26
C LEU B 282 32.75 22.99 -28.52
N LEU B 283 33.63 22.93 -27.51
CA LEU B 283 34.97 23.48 -27.67
C LEU B 283 35.93 22.45 -28.26
N LYS B 284 35.37 21.30 -28.66
CA LYS B 284 36.15 20.23 -29.27
C LYS B 284 37.25 19.57 -28.44
N ILE B 285 37.12 19.56 -27.11
CA ILE B 285 38.15 18.89 -26.31
C ILE B 285 37.56 17.95 -25.28
N PHE B 286 36.29 17.59 -25.44
CA PHE B 286 35.67 16.68 -24.48
C PHE B 286 36.39 15.34 -24.61
N GLN B 287 36.85 15.06 -25.83
CA GLN B 287 37.56 13.83 -26.14
C GLN B 287 38.80 13.63 -25.28
N TYR B 288 39.33 14.70 -24.71
CA TYR B 288 40.53 14.60 -23.89
C TYR B 288 40.24 14.46 -22.41
N THR B 289 38.97 14.35 -22.04
CA THR B 289 38.60 14.19 -20.64
C THR B 289 38.67 12.71 -20.29
N ASN B 290 38.57 12.39 -19.01
CA ASN B 290 38.60 10.99 -18.59
C ASN B 290 37.17 10.45 -18.61
N PHE B 291 36.88 9.55 -19.54
CA PHE B 291 35.53 8.98 -19.67
C PHE B 291 35.11 8.05 -18.55
N GLU B 292 35.98 7.12 -18.21
CA GLU B 292 35.66 6.14 -17.19
C GLU B 292 35.22 6.69 -15.85
N LYS B 293 36.03 7.57 -15.27
CA LYS B 293 35.69 8.15 -13.97
C LYS B 293 34.37 8.93 -14.02
N ASN B 294 34.13 9.60 -15.14
CA ASN B 294 32.91 10.36 -15.31
C ASN B 294 31.73 9.41 -15.37
N ARG B 295 31.81 8.42 -16.27
CA ARG B 295 30.75 7.42 -16.41
C ARG B 295 30.48 6.72 -15.09
N ASN B 296 31.54 6.37 -14.38
CA ASN B 296 31.36 5.70 -13.10
C ASN B 296 30.61 6.57 -12.10
N TYR B 297 30.97 7.85 -12.03
CA TYR B 297 30.28 8.73 -11.08
C TYR B 297 28.79 8.84 -11.43
N ILE B 298 28.49 9.18 -12.68
CA ILE B 298 27.11 9.32 -13.11
C ILE B 298 26.29 8.10 -12.71
N LEU B 299 26.80 6.92 -13.03
CA LEU B 299 26.08 5.69 -12.70
C LEU B 299 25.94 5.50 -11.19
N SER B 300 26.92 5.93 -10.42
CA SER B 300 26.83 5.77 -8.98
C SER B 300 25.67 6.56 -8.37
N THR B 301 25.10 7.48 -9.12
CA THR B 301 23.99 8.31 -8.61
C THR B 301 22.66 7.80 -9.14
N GLN B 302 22.70 6.66 -9.80
CA GLN B 302 21.53 6.02 -10.40
C GLN B 302 20.67 5.40 -9.31
N ASP B 303 19.35 5.62 -9.33
CA ASP B 303 18.49 5.02 -8.32
C ASP B 303 18.02 3.68 -8.88
N ARG B 304 18.64 2.60 -8.41
CA ARG B 304 18.34 1.24 -8.88
C ARG B 304 16.94 0.73 -8.59
N LEU B 305 16.25 1.38 -7.66
CA LEU B 305 14.91 0.98 -7.27
C LEU B 305 13.82 1.68 -8.10
N VAL B 306 13.79 3.01 -8.06
CA VAL B 306 12.78 3.77 -8.78
C VAL B 306 13.23 4.28 -10.16
N GLY B 307 14.53 4.28 -10.42
CA GLY B 307 15.01 4.76 -11.69
C GLY B 307 15.42 6.22 -11.60
N GLY B 308 15.91 6.79 -12.70
CA GLY B 308 16.34 8.17 -12.67
C GLY B 308 17.69 8.33 -11.97
N PHE B 309 18.23 9.55 -11.99
CA PHE B 309 19.51 9.83 -11.33
C PHE B 309 19.35 10.94 -10.30
N ALA B 310 20.28 11.01 -9.37
CA ALA B 310 20.27 12.04 -8.33
C ALA B 310 21.54 12.86 -8.51
N LYS B 311 21.70 13.92 -7.72
CA LYS B 311 22.90 14.74 -7.86
C LYS B 311 24.11 14.01 -7.27
N TRP B 312 23.89 13.30 -6.17
CA TRP B 312 24.95 12.54 -5.53
C TRP B 312 24.47 11.13 -5.29
N PRO B 313 25.40 10.19 -5.06
CA PRO B 313 24.97 8.81 -4.83
C PRO B 313 24.14 8.71 -3.55
N ASP B 314 23.18 7.78 -3.55
CA ASP B 314 22.31 7.56 -2.41
C ASP B 314 21.55 8.84 -2.05
N SER B 315 21.07 9.53 -3.08
CA SER B 315 20.33 10.77 -2.91
C SER B 315 19.01 10.60 -3.70
N HIS B 316 17.98 11.38 -3.40
CA HIS B 316 16.72 11.20 -4.14
C HIS B 316 16.78 11.73 -5.57
N PRO B 317 16.34 10.92 -6.54
CA PRO B 317 16.32 11.27 -7.96
C PRO B 317 15.21 12.22 -8.36
N ASP B 318 15.44 12.95 -9.44
CA ASP B 318 14.45 13.87 -9.96
C ASP B 318 14.56 13.96 -11.48
N ALA B 319 13.55 14.53 -12.12
CA ALA B 319 13.54 14.64 -13.58
C ALA B 319 14.79 15.33 -14.14
N LEU B 320 15.19 16.44 -13.51
CA LEU B 320 16.34 17.19 -13.97
C LEU B 320 17.63 16.37 -14.00
N HIS B 321 17.97 15.70 -12.91
CA HIS B 321 19.19 14.92 -12.90
C HIS B 321 19.10 13.66 -13.75
N ALA B 322 17.90 13.11 -13.85
CA ALA B 322 17.69 11.92 -14.66
C ALA B 322 17.99 12.29 -16.11
N TYR B 323 17.43 13.40 -16.57
CA TYR B 323 17.66 13.83 -17.94
C TYR B 323 19.10 14.21 -18.23
N PHE B 324 19.68 15.06 -17.38
CA PHE B 324 21.06 15.48 -17.61
C PHE B 324 22.08 14.38 -17.36
N GLY B 325 21.77 13.44 -16.49
CA GLY B 325 22.69 12.34 -16.25
C GLY B 325 22.74 11.50 -17.52
N ILE B 326 21.58 11.32 -18.13
CA ILE B 326 21.50 10.55 -19.36
C ILE B 326 22.19 11.30 -20.50
N CYS B 327 21.97 12.61 -20.58
CA CYS B 327 22.64 13.38 -21.63
C CYS B 327 24.15 13.37 -21.39
N GLY B 328 24.55 13.29 -20.12
CA GLY B 328 25.96 13.25 -19.78
C GLY B 328 26.54 11.96 -20.31
N LEU B 329 25.81 10.87 -20.10
CA LEU B 329 26.23 9.56 -20.58
C LEU B 329 26.29 9.56 -22.12
N SER B 330 25.31 10.19 -22.73
CA SER B 330 25.24 10.29 -24.19
C SER B 330 26.49 10.92 -24.79
N LEU B 331 27.03 11.92 -24.11
CA LEU B 331 28.22 12.60 -24.59
C LEU B 331 29.34 11.59 -24.86
N MET B 332 29.34 10.49 -24.11
CA MET B 332 30.36 9.46 -24.27
C MET B 332 29.86 8.23 -25.05
N GLU B 333 28.70 8.36 -25.68
CA GLU B 333 28.11 7.29 -26.48
C GLU B 333 27.78 6.01 -25.71
N GLU B 334 27.02 6.16 -24.64
CA GLU B 334 26.58 5.05 -23.81
C GLU B 334 25.82 4.08 -24.71
N SER B 335 26.05 2.78 -24.51
CA SER B 335 25.35 1.78 -25.30
C SER B 335 23.87 1.82 -24.98
N GLY B 336 23.07 2.29 -25.93
CA GLY B 336 21.64 2.37 -25.69
C GLY B 336 21.09 3.78 -25.56
N ILE B 337 21.92 4.80 -25.81
CA ILE B 337 21.50 6.20 -25.70
C ILE B 337 21.89 7.01 -26.93
N CYS B 338 20.92 7.68 -27.55
CA CYS B 338 21.21 8.48 -28.73
C CYS B 338 22.26 9.55 -28.48
N LYS B 339 22.89 10.02 -29.55
CA LYS B 339 23.88 11.08 -29.45
C LYS B 339 23.07 12.36 -29.21
N VAL B 340 23.55 13.20 -28.31
CA VAL B 340 22.83 14.44 -28.02
C VAL B 340 23.47 15.63 -28.73
N HIS B 341 22.64 16.56 -29.18
CA HIS B 341 23.11 17.78 -29.82
C HIS B 341 23.49 18.64 -28.62
N PRO B 342 24.81 18.78 -28.34
CA PRO B 342 25.34 19.56 -27.22
C PRO B 342 24.94 21.02 -27.08
N ALA B 343 24.54 21.67 -28.16
CA ALA B 343 24.17 23.07 -28.03
C ALA B 343 22.67 23.30 -27.95
N LEU B 344 21.90 22.44 -28.59
CA LEU B 344 20.45 22.61 -28.62
C LEU B 344 19.73 21.83 -27.52
N ASN B 345 20.45 20.87 -26.93
CA ASN B 345 19.92 20.05 -25.85
C ASN B 345 18.71 19.22 -26.25
N VAL B 346 18.84 18.53 -27.39
CA VAL B 346 17.82 17.62 -27.93
C VAL B 346 18.63 16.51 -28.59
N SER B 347 18.00 15.40 -28.94
CA SER B 347 18.73 14.31 -29.59
C SER B 347 19.12 14.77 -31.00
N THR B 348 20.22 14.23 -31.53
CA THR B 348 20.67 14.61 -32.89
C THR B 348 19.54 14.26 -33.86
N ARG B 349 18.84 13.17 -33.59
CA ARG B 349 17.71 12.78 -34.42
C ARG B 349 16.74 13.96 -34.49
N THR B 350 16.45 14.55 -33.34
CA THR B 350 15.55 15.69 -33.27
C THR B 350 16.14 16.91 -33.97
N SER B 351 17.43 17.15 -33.76
CA SER B 351 18.08 18.29 -34.38
C SER B 351 18.00 18.11 -35.90
N GLU B 352 18.21 16.88 -36.36
CA GLU B 352 18.14 16.57 -37.78
C GLU B 352 16.72 16.84 -38.29
N ARG B 353 15.72 16.33 -37.57
CA ARG B 353 14.34 16.54 -37.98
C ARG B 353 14.01 18.03 -38.07
N LEU B 354 14.66 18.81 -37.21
CA LEU B 354 14.47 20.27 -37.21
C LEU B 354 15.06 20.85 -38.50
N ARG B 355 16.14 20.26 -39.01
CA ARG B 355 16.77 20.73 -40.23
C ARG B 355 15.78 20.53 -41.38
N ASP B 356 15.20 19.33 -41.45
CA ASP B 356 14.23 19.00 -42.50
C ASP B 356 13.10 20.02 -42.49
N LEU B 357 12.66 20.32 -41.29
CA LEU B 357 11.57 21.27 -41.07
C LEU B 357 11.93 22.64 -41.62
N HIS B 358 13.11 23.13 -41.28
CA HIS B 358 13.54 24.44 -41.76
C HIS B 358 13.59 24.46 -43.28
N GLN B 359 14.10 23.38 -43.87
CA GLN B 359 14.19 23.28 -45.33
C GLN B 359 12.80 23.44 -45.93
N SER B 360 11.86 22.61 -45.50
CA SER B 360 10.50 22.66 -46.01
C SER B 360 9.91 24.07 -45.99
N TRP B 361 10.17 24.83 -44.92
CA TRP B 361 9.64 26.19 -44.84
C TRP B 361 10.17 27.07 -45.97
N LYS B 362 11.48 26.98 -46.22
CA LYS B 362 12.12 27.78 -47.28
C LYS B 362 11.66 27.30 -48.65
N THR B 363 10.46 27.73 -49.04
CA THR B 363 9.86 27.39 -50.32
C THR B 363 8.87 28.48 -50.72
N PHE C 55 -52.74 -51.28 4.40
CA PHE C 55 -54.13 -51.63 4.02
C PHE C 55 -55.12 -50.45 4.03
N LEU C 56 -55.80 -50.25 5.17
CA LEU C 56 -56.78 -49.18 5.29
C LEU C 56 -56.18 -47.81 5.58
N SER C 57 -56.08 -46.97 4.56
CA SER C 57 -55.51 -45.64 4.69
C SER C 57 -56.19 -44.74 5.71
N LEU C 58 -55.46 -43.72 6.19
CA LEU C 58 -56.01 -42.80 7.19
C LEU C 58 -57.00 -41.77 6.64
N ASP C 59 -57.14 -41.72 5.31
CA ASP C 59 -58.05 -40.78 4.68
C ASP C 59 -59.13 -41.52 3.89
N SER C 60 -59.03 -42.84 3.85
CA SER C 60 -60.03 -43.62 3.14
C SER C 60 -61.39 -43.28 3.70
N PRO C 61 -62.40 -43.13 2.83
CA PRO C 61 -63.75 -42.81 3.27
C PRO C 61 -64.19 -43.86 4.29
N THR C 62 -63.73 -45.10 4.07
CA THR C 62 -64.07 -46.22 4.92
C THR C 62 -63.11 -46.51 6.07
N TYR C 63 -62.35 -45.50 6.50
CA TYR C 63 -61.41 -45.69 7.60
C TYR C 63 -62.17 -45.86 8.91
N VAL C 64 -61.71 -46.78 9.76
CA VAL C 64 -62.38 -47.02 11.04
C VAL C 64 -61.40 -46.90 12.20
N LEU C 65 -61.82 -46.23 13.25
CA LEU C 65 -61.00 -46.08 14.44
C LEU C 65 -60.65 -47.47 14.97
N TYR C 66 -59.49 -47.60 15.61
CA TYR C 66 -59.06 -48.88 16.15
C TYR C 66 -59.99 -49.32 17.26
N ARG C 67 -60.62 -48.36 17.93
CA ARG C 67 -61.55 -48.68 19.01
C ARG C 67 -62.78 -49.41 18.46
N ASP C 68 -63.08 -49.17 17.19
CA ASP C 68 -64.24 -49.80 16.54
C ASP C 68 -63.86 -50.97 15.64
N ARG C 69 -62.65 -51.49 15.80
CA ARG C 69 -62.23 -52.61 14.98
C ARG C 69 -62.30 -53.90 15.80
N ALA C 70 -62.95 -54.91 15.22
CA ALA C 70 -63.11 -56.20 15.88
C ALA C 70 -61.76 -56.86 16.19
N GLU C 71 -60.82 -56.81 15.24
CA GLU C 71 -59.50 -57.42 15.44
C GLU C 71 -58.73 -56.82 16.60
N TRP C 72 -59.22 -55.70 17.14
CA TRP C 72 -58.52 -55.04 18.25
C TRP C 72 -59.36 -54.96 19.52
N ALA C 73 -60.43 -55.74 19.57
CA ALA C 73 -61.30 -55.70 20.74
C ALA C 73 -60.64 -56.33 21.98
N ASP C 74 -59.68 -57.22 21.77
CA ASP C 74 -59.01 -57.88 22.89
C ASP C 74 -57.97 -56.99 23.56
N ILE C 75 -57.70 -55.84 22.95
CA ILE C 75 -56.69 -54.92 23.48
C ILE C 75 -57.26 -53.70 24.19
N ASP C 76 -56.69 -53.40 25.36
CA ASP C 76 -57.10 -52.22 26.13
C ASP C 76 -56.17 -51.06 25.80
N PRO C 77 -56.69 -50.04 25.11
CA PRO C 77 -55.86 -48.89 24.75
C PRO C 77 -55.21 -48.24 25.97
N VAL C 78 -53.98 -47.74 25.79
CA VAL C 78 -53.25 -47.07 26.86
C VAL C 78 -53.14 -45.58 26.54
N PRO C 79 -53.72 -44.74 27.41
CA PRO C 79 -53.69 -43.29 27.20
C PRO C 79 -52.41 -42.66 27.72
N GLN C 80 -52.14 -41.45 27.24
CA GLN C 80 -50.97 -40.69 27.65
C GLN C 80 -51.42 -39.67 28.69
N ASN C 81 -50.69 -39.54 29.79
CA ASN C 81 -51.06 -38.57 30.82
C ASN C 81 -49.89 -37.76 31.32
N ASP C 82 -50.02 -36.44 31.24
CA ASP C 82 -48.97 -35.53 31.66
C ASP C 82 -49.25 -34.95 33.05
N GLY C 83 -49.88 -35.74 33.91
CA GLY C 83 -50.18 -35.27 35.25
C GLY C 83 -51.13 -34.09 35.33
N PRO C 84 -51.36 -33.56 36.55
CA PRO C 84 -52.25 -32.44 36.84
C PRO C 84 -52.09 -31.17 36.00
N SER C 85 -50.86 -30.70 35.85
CA SER C 85 -50.58 -29.49 35.07
C SER C 85 -49.60 -29.79 33.93
N PRO C 86 -50.13 -30.10 32.74
CA PRO C 86 -49.26 -30.41 31.59
C PRO C 86 -48.51 -29.20 30.98
N VAL C 87 -47.27 -29.46 30.55
CA VAL C 87 -46.42 -28.44 29.94
C VAL C 87 -46.26 -28.76 28.44
N VAL C 88 -46.20 -27.73 27.61
CA VAL C 88 -46.08 -27.87 26.15
C VAL C 88 -46.86 -29.08 25.67
N GLN C 89 -48.15 -29.08 26.00
CA GLN C 89 -49.07 -30.15 25.64
C GLN C 89 -49.70 -29.93 24.28
N ILE C 90 -49.47 -30.88 23.37
CA ILE C 90 -50.01 -30.82 22.02
C ILE C 90 -51.41 -31.42 21.99
N ILE C 91 -52.36 -30.73 21.34
CA ILE C 91 -53.72 -31.24 21.25
C ILE C 91 -53.84 -32.18 20.06
N TYR C 92 -54.43 -33.34 20.28
CA TYR C 92 -54.57 -34.33 19.23
C TYR C 92 -56.02 -34.60 18.83
N SER C 93 -56.24 -34.86 17.55
CA SER C 93 -57.56 -35.16 17.04
C SER C 93 -57.97 -36.55 17.52
N GLU C 94 -59.27 -36.83 17.41
CA GLU C 94 -59.82 -38.12 17.83
C GLU C 94 -59.04 -39.25 17.16
N LYS C 95 -58.89 -39.13 15.84
CA LYS C 95 -58.20 -40.10 15.01
C LYS C 95 -56.75 -40.33 15.44
N PHE C 96 -56.02 -39.24 15.65
CA PHE C 96 -54.61 -39.27 16.04
C PHE C 96 -54.45 -39.96 17.39
N ARG C 97 -55.20 -39.50 18.38
CA ARG C 97 -55.12 -40.07 19.71
C ARG C 97 -55.50 -41.55 19.69
N ASP C 98 -56.43 -41.91 18.82
CA ASP C 98 -56.87 -43.30 18.71
C ASP C 98 -55.71 -44.19 18.28
N VAL C 99 -55.04 -43.83 17.19
CA VAL C 99 -53.91 -44.62 16.69
C VAL C 99 -52.83 -44.80 17.75
N TYR C 100 -52.46 -43.72 18.41
CA TYR C 100 -51.42 -43.81 19.42
C TYR C 100 -51.84 -44.47 20.73
N ASP C 101 -53.12 -44.45 21.07
CA ASP C 101 -53.54 -45.10 22.29
C ASP C 101 -53.37 -46.62 22.12
N TYR C 102 -53.53 -47.09 20.89
CA TYR C 102 -53.37 -48.51 20.65
C TYR C 102 -51.90 -48.83 20.45
N PHE C 103 -51.14 -47.88 19.92
CA PHE C 103 -49.72 -48.11 19.75
C PHE C 103 -49.10 -48.31 21.13
N ARG C 104 -49.47 -47.47 22.09
CA ARG C 104 -48.95 -47.59 23.44
C ARG C 104 -49.26 -48.96 24.01
N ALA C 105 -50.47 -49.43 23.77
CA ALA C 105 -50.93 -50.72 24.25
C ALA C 105 -50.06 -51.84 23.69
N VAL C 106 -49.88 -51.85 22.38
CA VAL C 106 -49.07 -52.87 21.74
C VAL C 106 -47.59 -52.82 22.19
N LEU C 107 -47.05 -51.62 22.35
CA LEU C 107 -45.66 -51.45 22.80
C LEU C 107 -45.48 -52.00 24.19
N GLN C 108 -46.33 -51.54 25.09
CA GLN C 108 -46.28 -51.96 26.48
C GLN C 108 -46.26 -53.46 26.64
N ARG C 109 -46.86 -54.17 25.69
CA ARG C 109 -46.93 -55.62 25.76
C ARG C 109 -45.94 -56.29 24.82
N ASP C 110 -45.13 -55.47 24.17
CA ASP C 110 -44.14 -55.98 23.23
C ASP C 110 -44.75 -57.04 22.31
N GLU C 111 -45.97 -56.78 21.85
CA GLU C 111 -46.65 -57.71 20.96
C GLU C 111 -46.05 -57.75 19.55
N ARG C 112 -45.36 -58.84 19.22
CA ARG C 112 -44.75 -58.96 17.89
C ARG C 112 -45.75 -59.52 16.87
N SER C 113 -46.88 -58.84 16.70
CA SER C 113 -47.91 -59.31 15.78
C SER C 113 -47.96 -58.61 14.43
N GLU C 114 -48.72 -59.17 13.51
CA GLU C 114 -48.87 -58.58 12.18
C GLU C 114 -49.75 -57.36 12.29
N ARG C 115 -50.73 -57.40 13.19
CA ARG C 115 -51.61 -56.24 13.34
C ARG C 115 -50.82 -55.05 13.89
N ALA C 116 -49.84 -55.35 14.74
CA ALA C 116 -49.00 -54.32 15.33
C ALA C 116 -48.16 -53.70 14.22
N PHE C 117 -47.62 -54.54 13.36
CA PHE C 117 -46.81 -54.06 12.25
C PHE C 117 -47.59 -53.06 11.40
N LYS C 118 -48.85 -53.40 11.11
CA LYS C 118 -49.69 -52.52 10.30
C LYS C 118 -49.99 -51.24 11.07
N LEU C 119 -50.12 -51.36 12.38
CA LEU C 119 -50.42 -50.20 13.21
C LEU C 119 -49.29 -49.18 13.13
N THR C 120 -48.04 -49.64 13.03
CA THR C 120 -46.92 -48.72 12.97
C THR C 120 -46.97 -47.86 11.72
N ARG C 121 -47.48 -48.42 10.62
CA ARG C 121 -47.56 -47.67 9.39
C ARG C 121 -48.42 -46.43 9.59
N ASP C 122 -49.48 -46.57 10.38
CA ASP C 122 -50.38 -45.45 10.66
C ASP C 122 -49.73 -44.48 11.63
N ALA C 123 -49.05 -45.00 12.63
CA ALA C 123 -48.37 -44.16 13.63
C ALA C 123 -47.32 -43.32 12.91
N ILE C 124 -46.62 -43.95 11.97
CA ILE C 124 -45.60 -43.24 11.23
C ILE C 124 -46.22 -42.18 10.32
N GLU C 125 -47.39 -42.43 9.77
CA GLU C 125 -48.00 -41.44 8.89
C GLU C 125 -48.40 -40.23 9.72
N LEU C 126 -48.85 -40.47 10.94
CA LEU C 126 -49.25 -39.38 11.82
C LEU C 126 -48.06 -38.58 12.34
N ASN C 127 -46.92 -39.25 12.52
CA ASN C 127 -45.71 -38.61 13.02
C ASN C 127 -44.45 -39.45 12.79
N ALA C 128 -43.78 -39.18 11.68
CA ALA C 128 -42.56 -39.90 11.32
C ALA C 128 -41.33 -39.54 12.15
N ALA C 129 -41.49 -38.64 13.11
CA ALA C 129 -40.38 -38.23 13.94
C ALA C 129 -40.32 -38.99 15.25
N ASN C 130 -41.28 -39.88 15.46
CA ASN C 130 -41.29 -40.68 16.69
C ASN C 130 -40.30 -41.83 16.53
N TYR C 131 -39.09 -41.64 17.03
CA TYR C 131 -38.04 -42.65 16.93
C TYR C 131 -38.39 -44.00 17.54
N THR C 132 -39.21 -44.01 18.58
CA THR C 132 -39.60 -45.27 19.22
C THR C 132 -40.43 -46.12 18.26
N VAL C 133 -41.34 -45.49 17.52
CA VAL C 133 -42.15 -46.20 16.56
C VAL C 133 -41.27 -46.90 15.52
N TRP C 134 -40.29 -46.18 14.99
CA TRP C 134 -39.39 -46.78 14.01
C TRP C 134 -38.59 -47.93 14.58
N HIS C 135 -38.20 -47.83 15.85
CA HIS C 135 -37.44 -48.90 16.47
C HIS C 135 -38.30 -50.14 16.55
N PHE C 136 -39.50 -49.98 17.09
CA PHE C 136 -40.42 -51.09 17.24
C PHE C 136 -40.70 -51.70 15.87
N ARG C 137 -40.87 -50.86 14.86
CA ARG C 137 -41.13 -51.39 13.53
C ARG C 137 -39.97 -52.28 13.08
N ARG C 138 -38.75 -51.89 13.44
CA ARG C 138 -37.58 -52.69 13.05
C ARG C 138 -37.61 -54.00 13.82
N VAL C 139 -38.01 -53.95 15.09
CA VAL C 139 -38.10 -55.17 15.89
C VAL C 139 -39.08 -56.11 15.17
N LEU C 140 -40.22 -55.58 14.75
CA LEU C 140 -41.24 -56.37 14.06
C LEU C 140 -40.72 -56.89 12.71
N LEU C 141 -40.01 -56.05 11.96
CA LEU C 141 -39.48 -56.49 10.67
C LEU C 141 -38.67 -57.77 10.85
N ARG C 142 -37.91 -57.87 11.94
CA ARG C 142 -37.10 -59.05 12.21
C ARG C 142 -37.99 -60.20 12.69
N SER C 143 -38.75 -59.97 13.76
CA SER C 143 -39.65 -60.99 14.28
C SER C 143 -40.48 -61.66 13.20
N LEU C 144 -41.26 -60.87 12.47
CA LEU C 144 -42.11 -61.39 11.41
C LEU C 144 -41.36 -61.72 10.14
N GLN C 145 -40.04 -61.58 10.16
CA GLN C 145 -39.24 -61.85 8.98
C GLN C 145 -39.87 -61.29 7.71
N LYS C 146 -40.18 -60.00 7.72
CA LYS C 146 -40.81 -59.35 6.57
C LYS C 146 -39.83 -59.15 5.42
N ASP C 147 -40.38 -59.00 4.22
CA ASP C 147 -39.57 -58.79 3.03
C ASP C 147 -38.89 -57.43 3.10
N LEU C 148 -37.59 -57.42 3.30
CA LEU C 148 -36.85 -56.17 3.41
C LEU C 148 -36.79 -55.36 2.12
N GLN C 149 -36.87 -56.03 0.98
CA GLN C 149 -36.80 -55.32 -0.29
C GLN C 149 -38.04 -54.45 -0.41
N GLU C 150 -39.13 -54.89 0.21
CA GLU C 150 -40.37 -54.14 0.19
C GLU C 150 -40.25 -52.94 1.11
N GLU C 151 -39.64 -53.15 2.28
CA GLU C 151 -39.45 -52.07 3.24
C GLU C 151 -38.59 -50.97 2.62
N MET C 152 -37.68 -51.35 1.72
CA MET C 152 -36.85 -50.36 1.05
C MET C 152 -37.72 -49.45 0.21
N ASN C 153 -38.74 -50.00 -0.43
CA ASN C 153 -39.63 -49.18 -1.25
C ASN C 153 -40.39 -48.22 -0.35
N TYR C 154 -40.83 -48.72 0.79
CA TYR C 154 -41.57 -47.93 1.76
C TYR C 154 -40.76 -46.74 2.21
N ILE C 155 -39.58 -47.02 2.79
CA ILE C 155 -38.73 -45.94 3.28
C ILE C 155 -38.30 -45.01 2.16
N ILE C 156 -38.16 -45.53 0.94
CA ILE C 156 -37.77 -44.65 -0.16
C ILE C 156 -38.83 -43.58 -0.41
N ALA C 157 -40.10 -43.95 -0.25
CA ALA C 157 -41.20 -43.00 -0.44
C ALA C 157 -41.24 -42.03 0.75
N ILE C 158 -41.20 -42.57 1.96
CA ILE C 158 -41.23 -41.75 3.17
C ILE C 158 -40.17 -40.66 3.16
N ILE C 159 -38.93 -41.02 2.81
CA ILE C 159 -37.86 -40.05 2.78
C ILE C 159 -38.08 -38.96 1.75
N GLU C 160 -38.66 -39.31 0.60
CA GLU C 160 -38.89 -38.29 -0.42
C GLU C 160 -39.83 -37.20 0.10
N GLU C 161 -40.78 -37.58 0.93
CA GLU C 161 -41.73 -36.62 1.48
C GLU C 161 -41.20 -35.91 2.72
N GLN C 162 -40.15 -36.46 3.34
CA GLN C 162 -39.58 -35.85 4.55
C GLN C 162 -38.06 -36.02 4.58
N PRO C 163 -37.38 -35.43 3.60
CA PRO C 163 -35.92 -35.49 3.46
C PRO C 163 -35.06 -34.88 4.55
N LYS C 164 -35.67 -34.22 5.53
CA LYS C 164 -34.88 -33.59 6.60
C LYS C 164 -35.14 -34.25 7.94
N ASN C 165 -35.77 -35.42 7.92
CA ASN C 165 -36.10 -36.17 9.13
C ASN C 165 -34.96 -37.13 9.50
N TYR C 166 -34.47 -37.04 10.73
CA TYR C 166 -33.38 -37.91 11.17
C TYR C 166 -33.74 -39.39 11.24
N GLN C 167 -34.91 -39.70 11.80
CA GLN C 167 -35.33 -41.09 11.93
C GLN C 167 -35.45 -41.87 10.61
N VAL C 168 -35.95 -41.21 9.56
CA VAL C 168 -36.10 -41.91 8.29
C VAL C 168 -34.77 -42.26 7.64
N TRP C 169 -33.76 -41.41 7.77
CA TRP C 169 -32.48 -41.72 7.17
C TRP C 169 -31.77 -42.80 7.97
N HIS C 170 -31.98 -42.79 9.28
CA HIS C 170 -31.36 -43.80 10.12
C HIS C 170 -31.95 -45.17 9.77
N HIS C 171 -33.27 -45.21 9.64
CA HIS C 171 -33.97 -46.44 9.28
C HIS C 171 -33.43 -47.00 7.97
N ARG C 172 -33.31 -46.16 6.94
CA ARG C 172 -32.80 -46.64 5.67
C ARG C 172 -31.40 -47.21 5.79
N ARG C 173 -30.57 -46.59 6.62
CA ARG C 173 -29.20 -47.07 6.79
C ARG C 173 -29.17 -48.44 7.44
N VAL C 174 -30.03 -48.66 8.42
CA VAL C 174 -30.09 -49.95 9.07
C VAL C 174 -30.50 -51.01 8.05
N LEU C 175 -31.43 -50.68 7.18
CA LEU C 175 -31.89 -51.63 6.15
C LEU C 175 -30.76 -52.01 5.23
N VAL C 176 -30.05 -51.01 4.71
CA VAL C 176 -28.95 -51.30 3.80
C VAL C 176 -27.90 -52.17 4.48
N GLU C 177 -27.69 -51.98 5.78
CA GLU C 177 -26.72 -52.78 6.51
C GLU C 177 -27.22 -54.23 6.55
N TRP C 178 -28.51 -54.40 6.87
CA TRP C 178 -29.10 -55.73 6.91
C TRP C 178 -28.99 -56.44 5.57
N LEU C 179 -29.39 -55.77 4.50
CA LEU C 179 -29.34 -56.38 3.18
C LEU C 179 -27.96 -56.46 2.59
N LYS C 180 -27.00 -55.73 3.17
CA LYS C 180 -25.64 -55.69 2.61
C LYS C 180 -25.76 -55.39 1.12
N ASP C 181 -26.79 -54.63 0.76
CA ASP C 181 -27.02 -54.29 -0.64
C ASP C 181 -27.07 -52.78 -0.88
N PRO C 182 -26.03 -52.22 -1.51
CA PRO C 182 -26.04 -50.78 -1.76
C PRO C 182 -26.41 -50.43 -3.20
N SER C 183 -26.79 -51.45 -3.97
CA SER C 183 -27.10 -51.28 -5.38
C SER C 183 -27.99 -50.10 -5.80
N GLN C 184 -28.93 -49.69 -4.95
CA GLN C 184 -29.79 -48.58 -5.33
C GLN C 184 -29.56 -47.27 -4.58
N GLU C 185 -28.56 -47.25 -3.69
CA GLU C 185 -28.27 -46.06 -2.90
C GLU C 185 -27.81 -44.82 -3.66
N LEU C 186 -26.75 -44.93 -4.46
CA LEU C 186 -26.26 -43.76 -5.17
C LEU C 186 -27.31 -43.06 -6.03
N GLU C 187 -28.15 -43.84 -6.70
CA GLU C 187 -29.19 -43.25 -7.53
C GLU C 187 -30.27 -42.58 -6.68
N PHE C 188 -30.67 -43.24 -5.60
CA PHE C 188 -31.68 -42.68 -4.70
C PHE C 188 -31.23 -41.33 -4.17
N ILE C 189 -30.02 -41.31 -3.62
CA ILE C 189 -29.46 -40.10 -3.06
C ILE C 189 -29.40 -39.00 -4.12
N ALA C 190 -28.95 -39.36 -5.33
CA ALA C 190 -28.87 -38.38 -6.40
C ALA C 190 -30.24 -37.73 -6.67
N ASP C 191 -31.31 -38.50 -6.51
CA ASP C 191 -32.65 -37.97 -6.73
C ASP C 191 -33.00 -36.97 -5.63
N ILE C 192 -32.66 -37.30 -4.39
CA ILE C 192 -32.93 -36.40 -3.27
C ILE C 192 -32.10 -35.14 -3.43
N LEU C 193 -30.83 -35.31 -3.78
CA LEU C 193 -29.94 -34.18 -3.98
C LEU C 193 -30.41 -33.35 -5.14
N ASN C 194 -31.37 -33.87 -5.89
CA ASN C 194 -31.87 -33.13 -7.03
C ASN C 194 -32.93 -32.13 -6.60
N GLN C 195 -33.61 -32.42 -5.49
CA GLN C 195 -34.62 -31.48 -5.00
C GLN C 195 -33.92 -30.51 -4.04
N ASP C 196 -32.78 -30.92 -3.48
CA ASP C 196 -32.01 -30.08 -2.56
C ASP C 196 -30.55 -30.52 -2.59
N ALA C 197 -29.76 -29.85 -3.42
CA ALA C 197 -28.36 -30.18 -3.58
C ALA C 197 -27.48 -29.96 -2.35
N LYS C 198 -28.06 -29.46 -1.27
CA LYS C 198 -27.28 -29.22 -0.05
C LYS C 198 -27.82 -29.93 1.18
N ASN C 199 -28.70 -30.90 0.97
CA ASN C 199 -29.29 -31.65 2.06
C ASN C 199 -28.18 -32.43 2.81
N TYR C 200 -27.89 -31.99 4.02
CA TYR C 200 -26.84 -32.60 4.83
C TYR C 200 -27.06 -34.09 5.05
N HIS C 201 -28.31 -34.49 5.31
CA HIS C 201 -28.64 -35.89 5.55
C HIS C 201 -28.28 -36.75 4.33
N ALA C 202 -28.59 -36.25 3.14
CA ALA C 202 -28.31 -36.98 1.90
C ALA C 202 -26.81 -37.17 1.71
N TRP C 203 -26.05 -36.08 1.83
CA TRP C 203 -24.60 -36.18 1.66
C TRP C 203 -23.98 -37.09 2.72
N GLN C 204 -24.51 -37.07 3.92
CA GLN C 204 -23.97 -37.90 4.98
C GLN C 204 -24.17 -39.36 4.62
N HIS C 205 -25.40 -39.70 4.23
CA HIS C 205 -25.72 -41.06 3.85
C HIS C 205 -24.88 -41.46 2.65
N ARG C 206 -24.73 -40.56 1.69
CA ARG C 206 -23.95 -40.87 0.51
C ARG C 206 -22.50 -41.23 0.86
N GLN C 207 -21.90 -40.50 1.81
CA GLN C 207 -20.53 -40.80 2.19
C GLN C 207 -20.46 -42.13 2.90
N TRP C 208 -21.46 -42.43 3.74
CA TRP C 208 -21.48 -43.70 4.46
C TRP C 208 -21.50 -44.86 3.49
N VAL C 209 -22.41 -44.81 2.51
CA VAL C 209 -22.52 -45.88 1.52
C VAL C 209 -21.21 -46.04 0.77
N ILE C 210 -20.71 -44.97 0.18
CA ILE C 210 -19.48 -45.04 -0.59
C ILE C 210 -18.32 -45.65 0.19
N GLN C 211 -18.19 -45.29 1.47
CA GLN C 211 -17.11 -45.80 2.29
C GLN C 211 -17.35 -47.27 2.67
N GLU C 212 -18.53 -47.55 3.21
CA GLU C 212 -18.89 -48.89 3.65
C GLU C 212 -18.82 -49.96 2.57
N PHE C 213 -19.19 -49.63 1.35
CA PHE C 213 -19.19 -50.60 0.27
C PHE C 213 -18.17 -50.28 -0.81
N ARG C 214 -17.22 -49.40 -0.48
CA ARG C 214 -16.16 -49.00 -1.40
C ARG C 214 -16.67 -48.74 -2.82
N LEU C 215 -17.46 -47.69 -3.00
CA LEU C 215 -18.00 -47.33 -4.30
C LEU C 215 -17.46 -45.98 -4.77
N TRP C 216 -16.13 -45.87 -4.83
CA TRP C 216 -15.49 -44.62 -5.24
C TRP C 216 -15.38 -44.39 -6.74
N ASP C 217 -15.38 -45.48 -7.51
CA ASP C 217 -15.25 -45.43 -8.96
C ASP C 217 -15.85 -44.27 -9.72
N ASN C 218 -17.06 -43.85 -9.37
CA ASN C 218 -17.68 -42.76 -10.14
C ASN C 218 -18.01 -41.49 -9.42
N GLU C 219 -17.64 -41.38 -8.15
CA GLU C 219 -17.99 -40.18 -7.40
C GLU C 219 -17.30 -38.91 -7.89
N LEU C 220 -16.02 -38.99 -8.22
CA LEU C 220 -15.32 -37.79 -8.69
C LEU C 220 -15.99 -37.25 -9.94
N GLN C 221 -16.61 -38.13 -10.71
CA GLN C 221 -17.29 -37.72 -11.93
C GLN C 221 -18.61 -37.06 -11.55
N TYR C 222 -19.28 -37.61 -10.54
CA TYR C 222 -20.54 -37.07 -10.06
C TYR C 222 -20.29 -35.66 -9.54
N VAL C 223 -19.20 -35.51 -8.78
CA VAL C 223 -18.81 -34.23 -8.22
C VAL C 223 -18.59 -33.22 -9.35
N ASP C 224 -17.82 -33.59 -10.37
CA ASP C 224 -17.55 -32.69 -11.49
C ASP C 224 -18.83 -32.23 -12.16
N GLN C 225 -19.82 -33.11 -12.21
CA GLN C 225 -21.09 -32.79 -12.82
C GLN C 225 -21.87 -31.76 -12.01
N LEU C 226 -21.91 -31.94 -10.68
CA LEU C 226 -22.64 -31.02 -9.82
C LEU C 226 -21.95 -29.67 -9.71
N LEU C 227 -20.63 -29.65 -9.79
CA LEU C 227 -19.91 -28.38 -9.71
C LEU C 227 -20.19 -27.57 -10.96
N LYS C 228 -20.61 -28.24 -12.03
CA LYS C 228 -20.94 -27.53 -13.26
C LYS C 228 -22.33 -26.94 -13.11
N GLU C 229 -23.22 -27.66 -12.43
CA GLU C 229 -24.58 -27.19 -12.22
C GLU C 229 -24.60 -25.98 -11.27
N ASP C 230 -23.65 -25.93 -10.34
CA ASP C 230 -23.58 -24.83 -9.38
C ASP C 230 -22.23 -24.87 -8.67
N VAL C 231 -21.26 -24.14 -9.21
CA VAL C 231 -19.92 -24.12 -8.66
C VAL C 231 -19.84 -23.53 -7.25
N ARG C 232 -20.96 -23.00 -6.76
CA ARG C 232 -20.99 -22.42 -5.43
C ARG C 232 -21.48 -23.39 -4.35
N ASN C 233 -21.89 -24.59 -4.73
CA ASN C 233 -22.39 -25.56 -3.76
C ASN C 233 -21.25 -26.07 -2.87
N ASN C 234 -21.16 -25.52 -1.66
CA ASN C 234 -20.12 -25.90 -0.72
C ASN C 234 -20.11 -27.40 -0.41
N SER C 235 -21.27 -28.03 -0.45
CA SER C 235 -21.38 -29.46 -0.18
C SER C 235 -20.62 -30.30 -1.20
N VAL C 236 -20.68 -29.88 -2.46
CA VAL C 236 -20.02 -30.61 -3.52
C VAL C 236 -18.50 -30.47 -3.42
N TRP C 237 -18.01 -29.29 -3.04
CA TRP C 237 -16.57 -29.12 -2.90
C TRP C 237 -16.09 -30.02 -1.77
N ASN C 238 -16.92 -30.18 -0.74
CA ASN C 238 -16.54 -31.04 0.36
C ASN C 238 -16.48 -32.48 -0.14
N GLN C 239 -17.46 -32.87 -0.94
CA GLN C 239 -17.48 -34.22 -1.47
C GLN C 239 -16.25 -34.48 -2.34
N ARG C 240 -15.81 -33.47 -3.07
CA ARG C 240 -14.64 -33.64 -3.91
C ARG C 240 -13.43 -34.00 -3.07
N HIS C 241 -13.22 -33.26 -1.98
CA HIS C 241 -12.08 -33.53 -1.12
C HIS C 241 -12.20 -34.92 -0.46
N PHE C 242 -13.43 -35.31 -0.19
CA PHE C 242 -13.73 -36.61 0.43
C PHE C 242 -13.29 -37.74 -0.50
N VAL C 243 -13.70 -37.66 -1.77
CA VAL C 243 -13.34 -38.67 -2.75
C VAL C 243 -11.83 -38.74 -2.93
N ILE C 244 -11.20 -37.63 -3.28
CA ILE C 244 -9.78 -37.63 -3.50
C ILE C 244 -8.92 -38.08 -2.33
N SER C 245 -9.15 -37.51 -1.15
CA SER C 245 -8.32 -37.89 -0.01
C SER C 245 -8.54 -39.34 0.42
N ASN C 246 -9.60 -39.96 -0.07
CA ASN C 246 -9.87 -41.36 0.30
C ASN C 246 -9.50 -42.33 -0.81
N THR C 247 -8.96 -41.81 -1.91
CA THR C 247 -8.54 -42.67 -3.00
C THR C 247 -7.05 -42.41 -3.26
N THR C 248 -6.75 -41.54 -4.23
CA THR C 248 -5.37 -41.25 -4.55
C THR C 248 -4.62 -40.51 -3.45
N GLY C 249 -5.29 -39.57 -2.77
CA GLY C 249 -4.62 -38.79 -1.75
C GLY C 249 -4.08 -37.55 -2.46
N TYR C 250 -3.47 -36.63 -1.73
CA TYR C 250 -2.94 -35.42 -2.37
C TYR C 250 -1.41 -35.37 -2.40
N SER C 251 -0.77 -36.44 -1.94
CA SER C 251 0.68 -36.49 -1.93
C SER C 251 1.28 -36.71 -3.31
N ASP C 252 0.48 -37.16 -4.26
CA ASP C 252 0.98 -37.37 -5.62
C ASP C 252 1.03 -36.00 -6.31
N ARG C 253 2.22 -35.44 -6.44
CA ARG C 253 2.39 -34.13 -7.07
C ARG C 253 1.56 -33.94 -8.33
N ALA C 254 1.29 -35.04 -9.03
CA ALA C 254 0.51 -34.97 -10.25
C ALA C 254 -0.93 -34.66 -9.93
N VAL C 255 -1.43 -35.30 -8.87
CA VAL C 255 -2.81 -35.08 -8.44
C VAL C 255 -2.96 -33.67 -7.88
N LEU C 256 -2.05 -33.29 -6.99
CA LEU C 256 -2.08 -31.96 -6.39
C LEU C 256 -2.14 -30.90 -7.48
N GLU C 257 -1.30 -31.05 -8.49
CA GLU C 257 -1.26 -30.10 -9.59
C GLU C 257 -2.58 -30.09 -10.36
N ARG C 258 -3.15 -31.27 -10.60
CA ARG C 258 -4.40 -31.36 -11.32
C ARG C 258 -5.49 -30.59 -10.57
N GLU C 259 -5.53 -30.80 -9.26
CA GLU C 259 -6.51 -30.15 -8.39
C GLU C 259 -6.31 -28.64 -8.25
N VAL C 260 -5.09 -28.20 -8.00
CA VAL C 260 -4.83 -26.78 -7.87
C VAL C 260 -5.20 -26.09 -9.18
N GLN C 261 -4.90 -26.75 -10.28
CA GLN C 261 -5.18 -26.21 -11.60
C GLN C 261 -6.68 -26.13 -11.83
N TYR C 262 -7.39 -27.20 -11.47
CA TYR C 262 -8.84 -27.28 -11.62
C TYR C 262 -9.56 -26.19 -10.85
N THR C 263 -9.10 -25.95 -9.63
CA THR C 263 -9.70 -24.95 -8.77
C THR C 263 -9.47 -23.54 -9.32
N LEU C 264 -8.24 -23.24 -9.73
CA LEU C 264 -7.95 -21.93 -10.29
C LEU C 264 -8.85 -21.68 -11.49
N GLU C 265 -9.16 -22.75 -12.23
CA GLU C 265 -10.03 -22.63 -13.39
C GLU C 265 -11.42 -22.20 -12.95
N MET C 266 -11.92 -22.84 -11.88
CA MET C 266 -13.24 -22.52 -11.34
C MET C 266 -13.26 -21.12 -10.74
N ILE C 267 -12.17 -20.74 -10.09
CA ILE C 267 -12.08 -19.42 -9.50
C ILE C 267 -12.15 -18.36 -10.60
N LYS C 268 -11.51 -18.63 -11.74
CA LYS C 268 -11.53 -17.71 -12.86
C LYS C 268 -12.95 -17.54 -13.39
N LEU C 269 -13.76 -18.58 -13.32
CA LEU C 269 -15.14 -18.51 -13.80
C LEU C 269 -16.03 -17.69 -12.88
N VAL C 270 -15.85 -17.88 -11.57
CA VAL C 270 -16.62 -17.17 -10.57
C VAL C 270 -15.65 -16.86 -9.44
N PRO C 271 -14.91 -15.75 -9.58
CA PRO C 271 -13.92 -15.30 -8.59
C PRO C 271 -14.41 -15.09 -7.16
N HIS C 272 -15.69 -14.75 -7.00
CA HIS C 272 -16.24 -14.53 -5.66
C HIS C 272 -16.97 -15.80 -5.22
N ASN C 273 -16.19 -16.80 -4.80
CA ASN C 273 -16.73 -18.07 -4.37
C ASN C 273 -15.87 -18.62 -3.24
N GLU C 274 -16.32 -18.41 -2.00
CA GLU C 274 -15.57 -18.86 -0.84
C GLU C 274 -15.22 -20.35 -0.88
N SER C 275 -16.17 -21.17 -1.33
CA SER C 275 -15.94 -22.61 -1.38
C SER C 275 -14.71 -22.99 -2.20
N ALA C 276 -14.59 -22.42 -3.40
CA ALA C 276 -13.45 -22.72 -4.26
C ALA C 276 -12.16 -22.30 -3.58
N TRP C 277 -12.14 -21.10 -3.02
CA TRP C 277 -10.94 -20.64 -2.35
C TRP C 277 -10.59 -21.47 -1.13
N ASN C 278 -11.60 -21.93 -0.38
CA ASN C 278 -11.34 -22.73 0.80
C ASN C 278 -10.72 -24.07 0.44
N TYR C 279 -11.12 -24.62 -0.71
CA TYR C 279 -10.60 -25.90 -1.18
C TYR C 279 -9.14 -25.69 -1.57
N LEU C 280 -8.89 -24.65 -2.37
CA LEU C 280 -7.54 -24.35 -2.80
C LEU C 280 -6.61 -24.21 -1.60
N LYS C 281 -7.00 -23.41 -0.62
CA LYS C 281 -6.17 -23.23 0.56
C LYS C 281 -6.11 -24.51 1.37
N GLY C 282 -7.23 -25.24 1.40
CA GLY C 282 -7.28 -26.47 2.17
C GLY C 282 -6.26 -27.51 1.78
N ILE C 283 -6.12 -27.77 0.47
CA ILE C 283 -5.20 -28.78 0.01
C ILE C 283 -3.74 -28.35 0.01
N LEU C 284 -3.47 -27.07 0.29
CA LEU C 284 -2.10 -26.59 0.31
C LEU C 284 -1.59 -26.11 1.66
N GLN C 285 -2.48 -25.64 2.53
CA GLN C 285 -2.07 -25.09 3.81
C GLN C 285 -1.15 -25.96 4.67
N ASP C 286 -1.35 -27.27 4.66
CA ASP C 286 -0.48 -28.12 5.47
C ASP C 286 0.86 -28.42 4.83
N ARG C 287 0.94 -28.28 3.52
CA ARG C 287 2.19 -28.54 2.82
C ARG C 287 3.07 -27.30 3.00
N GLY C 288 2.43 -26.14 3.16
CA GLY C 288 3.15 -24.89 3.33
C GLY C 288 2.92 -23.96 2.16
N LEU C 289 2.01 -23.00 2.31
CA LEU C 289 1.71 -22.07 1.23
C LEU C 289 2.92 -21.35 0.66
N SER C 290 3.92 -21.07 1.48
CA SER C 290 5.10 -20.37 1.01
C SER C 290 5.99 -21.22 0.08
N ARG C 291 5.77 -22.52 0.05
CA ARG C 291 6.58 -23.40 -0.79
C ARG C 291 6.18 -23.44 -2.26
N TYR C 292 5.22 -22.62 -2.67
CA TYR C 292 4.75 -22.62 -4.05
C TYR C 292 4.93 -21.28 -4.76
N PRO C 293 6.18 -20.93 -5.11
CA PRO C 293 6.50 -19.67 -5.78
C PRO C 293 5.63 -19.26 -6.96
N ASN C 294 5.32 -20.19 -7.85
CA ASN C 294 4.50 -19.84 -9.01
C ASN C 294 3.08 -19.45 -8.62
N LEU C 295 2.57 -20.08 -7.57
CA LEU C 295 1.21 -19.78 -7.13
C LEU C 295 1.12 -18.33 -6.70
N LEU C 296 2.08 -17.87 -5.91
CA LEU C 296 2.07 -16.49 -5.45
C LEU C 296 1.98 -15.51 -6.61
N ASN C 297 2.81 -15.73 -7.63
CA ASN C 297 2.80 -14.85 -8.79
C ASN C 297 1.52 -14.92 -9.60
N GLN C 298 1.03 -16.13 -9.79
CA GLN C 298 -0.19 -16.33 -10.56
C GLN C 298 -1.38 -15.63 -9.90
N LEU C 299 -1.37 -15.57 -8.56
CA LEU C 299 -2.45 -14.89 -7.85
C LEU C 299 -2.25 -13.39 -7.95
N LEU C 300 -1.02 -12.93 -7.74
CA LEU C 300 -0.74 -11.50 -7.85
C LEU C 300 -1.17 -10.95 -9.20
N ASP C 301 -1.19 -11.82 -10.21
CA ASP C 301 -1.59 -11.41 -11.56
C ASP C 301 -3.10 -11.39 -11.74
N LEU C 302 -3.81 -12.11 -10.88
CA LEU C 302 -5.26 -12.13 -10.95
C LEU C 302 -5.80 -10.88 -10.27
N GLN C 303 -5.07 -10.39 -9.26
CA GLN C 303 -5.45 -9.22 -8.49
C GLN C 303 -6.06 -8.08 -9.32
N PRO C 304 -5.40 -7.71 -10.43
CA PRO C 304 -5.91 -6.64 -11.30
C PRO C 304 -7.40 -6.72 -11.63
N SER C 305 -7.83 -7.82 -12.22
CA SER C 305 -9.25 -7.97 -12.59
C SER C 305 -10.05 -8.88 -11.67
N HIS C 306 -9.60 -10.13 -11.54
CA HIS C 306 -10.27 -11.15 -10.72
C HIS C 306 -10.11 -10.99 -9.20
N SER C 307 -9.96 -9.75 -8.73
CA SER C 307 -9.80 -9.50 -7.30
C SER C 307 -11.08 -9.82 -6.52
N SER C 308 -10.89 -10.19 -5.25
CA SER C 308 -11.97 -10.53 -4.35
C SER C 308 -11.37 -10.60 -2.96
N PRO C 309 -12.18 -10.45 -1.92
CA PRO C 309 -11.62 -10.52 -0.58
C PRO C 309 -10.93 -11.86 -0.34
N TYR C 310 -11.45 -12.91 -0.98
CA TYR C 310 -10.91 -14.25 -0.83
C TYR C 310 -9.46 -14.32 -1.31
N LEU C 311 -9.21 -13.69 -2.46
CA LEU C 311 -7.87 -13.66 -3.03
C LEU C 311 -6.91 -12.90 -2.11
N ILE C 312 -7.32 -11.70 -1.69
CA ILE C 312 -6.49 -10.88 -0.81
C ILE C 312 -6.11 -11.64 0.45
N ALA C 313 -7.09 -12.32 1.04
CA ALA C 313 -6.86 -13.08 2.25
C ALA C 313 -5.86 -14.21 2.01
N PHE C 314 -5.96 -14.85 0.84
CA PHE C 314 -5.05 -15.93 0.49
C PHE C 314 -3.63 -15.38 0.47
N LEU C 315 -3.45 -14.23 -0.19
CA LEU C 315 -2.16 -13.59 -0.25
C LEU C 315 -1.62 -13.36 1.16
N VAL C 316 -2.46 -12.76 2.02
CA VAL C 316 -2.05 -12.52 3.41
C VAL C 316 -1.53 -13.80 4.04
N ASP C 317 -2.27 -14.90 3.86
CA ASP C 317 -1.88 -16.18 4.43
C ASP C 317 -0.55 -16.67 3.88
N ILE C 318 -0.30 -16.41 2.59
CA ILE C 318 0.96 -16.82 1.99
C ILE C 318 2.09 -16.06 2.70
N TYR C 319 1.95 -14.75 2.74
CA TYR C 319 2.95 -13.91 3.38
C TYR C 319 3.20 -14.36 4.81
N GLU C 320 2.14 -14.74 5.50
CA GLU C 320 2.32 -15.17 6.89
C GLU C 320 3.11 -16.46 6.98
N ASP C 321 2.89 -17.36 6.03
CA ASP C 321 3.62 -18.62 6.04
C ASP C 321 5.10 -18.32 5.81
N MET C 322 5.36 -17.28 5.02
CA MET C 322 6.72 -16.88 4.75
C MET C 322 7.35 -16.41 6.06
N LEU C 323 6.72 -15.42 6.69
CA LEU C 323 7.19 -14.89 7.95
C LEU C 323 7.41 -15.99 8.97
N GLU C 324 6.59 -17.02 8.89
CA GLU C 324 6.65 -18.16 9.80
C GLU C 324 7.85 -19.05 9.53
N ASN C 325 8.39 -18.98 8.31
CA ASN C 325 9.53 -19.81 7.95
C ASN C 325 10.77 -18.99 7.64
N GLN C 326 11.15 -18.14 8.59
CA GLN C 326 12.33 -17.28 8.48
C GLN C 326 12.72 -16.93 7.03
N CYS C 327 11.85 -16.20 6.35
CA CYS C 327 12.11 -15.82 4.96
C CYS C 327 13.09 -14.65 4.87
N ASP C 328 13.53 -14.36 3.64
CA ASP C 328 14.47 -13.26 3.39
C ASP C 328 13.64 -11.99 3.19
N ASN C 329 14.12 -10.86 3.72
CA ASN C 329 13.41 -9.58 3.62
C ASN C 329 12.20 -9.60 4.53
N LYS C 330 12.34 -10.24 5.68
CA LYS C 330 11.26 -10.36 6.65
C LYS C 330 10.44 -9.09 6.86
N GLU C 331 11.11 -8.00 7.22
CA GLU C 331 10.39 -6.76 7.45
C GLU C 331 9.61 -6.30 6.23
N ASP C 332 10.13 -6.59 5.03
CA ASP C 332 9.45 -6.19 3.81
C ASP C 332 8.18 -6.98 3.56
N ILE C 333 8.23 -8.27 3.87
CA ILE C 333 7.08 -9.16 3.70
C ILE C 333 5.96 -8.73 4.65
N LEU C 334 6.31 -8.59 5.93
CA LEU C 334 5.36 -8.17 6.95
C LEU C 334 4.58 -6.94 6.52
N ASN C 335 5.23 -6.02 5.85
CA ASN C 335 4.54 -4.81 5.41
C ASN C 335 3.58 -5.10 4.27
N LYS C 336 3.93 -6.06 3.42
CA LYS C 336 3.07 -6.41 2.28
C LYS C 336 1.78 -7.00 2.84
N ALA C 337 1.91 -7.74 3.93
CA ALA C 337 0.78 -8.36 4.60
C ALA C 337 -0.10 -7.29 5.25
N LEU C 338 0.52 -6.47 6.10
CA LEU C 338 -0.20 -5.40 6.78
C LEU C 338 -0.93 -4.53 5.78
N GLU C 339 -0.27 -4.27 4.65
CA GLU C 339 -0.88 -3.44 3.61
C GLU C 339 -2.17 -4.09 3.12
N LEU C 340 -2.16 -5.42 3.00
CA LEU C 340 -3.34 -6.14 2.54
C LEU C 340 -4.41 -6.22 3.62
N CYS C 341 -4.00 -6.44 4.87
CA CYS C 341 -4.98 -6.49 5.94
C CYS C 341 -5.78 -5.19 5.97
N GLU C 342 -5.09 -4.07 5.86
CA GLU C 342 -5.75 -2.76 5.87
C GLU C 342 -6.66 -2.58 4.65
N ILE C 343 -6.23 -3.10 3.50
CA ILE C 343 -7.05 -3.00 2.30
C ILE C 343 -8.35 -3.74 2.51
N LEU C 344 -8.25 -4.88 3.19
CA LEU C 344 -9.41 -5.72 3.50
C LEU C 344 -10.35 -4.98 4.46
N ALA C 345 -9.79 -4.48 5.55
CA ALA C 345 -10.56 -3.75 6.56
C ALA C 345 -11.15 -2.45 6.03
N LYS C 346 -10.34 -1.67 5.33
CA LYS C 346 -10.76 -0.39 4.81
C LYS C 346 -11.74 -0.42 3.63
N GLU C 347 -11.62 -1.41 2.74
CA GLU C 347 -12.55 -1.41 1.61
C GLU C 347 -12.95 -2.72 0.92
N LYS C 348 -12.16 -3.78 1.06
CA LYS C 348 -12.50 -5.03 0.40
C LYS C 348 -13.41 -6.00 1.18
N ASP C 349 -13.24 -6.06 2.49
CA ASP C 349 -14.04 -6.94 3.34
C ASP C 349 -14.38 -6.13 4.60
N THR C 350 -14.98 -4.96 4.41
CA THR C 350 -15.30 -4.04 5.51
C THR C 350 -16.09 -4.57 6.71
N ILE C 351 -17.00 -5.50 6.48
CA ILE C 351 -17.81 -6.03 7.58
C ILE C 351 -16.92 -6.70 8.64
N ARG C 352 -15.72 -7.12 8.24
CA ARG C 352 -14.80 -7.77 9.16
C ARG C 352 -13.65 -6.82 9.49
N LYS C 353 -13.93 -5.54 9.27
CA LYS C 353 -13.00 -4.44 9.52
C LYS C 353 -12.16 -4.64 10.79
N GLU C 354 -12.84 -4.77 11.91
CA GLU C 354 -12.16 -4.95 13.19
C GLU C 354 -11.35 -6.25 13.25
N TYR C 355 -11.79 -7.27 12.52
CA TYR C 355 -11.10 -8.56 12.53
C TYR C 355 -9.75 -8.45 11.81
N TRP C 356 -9.79 -7.88 10.60
CA TRP C 356 -8.58 -7.73 9.81
C TRP C 356 -7.55 -6.85 10.53
N ARG C 357 -8.02 -5.81 11.20
CA ARG C 357 -7.12 -4.94 11.93
C ARG C 357 -6.52 -5.71 13.09
N TYR C 358 -7.31 -6.62 13.64
CA TYR C 358 -6.87 -7.47 14.75
C TYR C 358 -5.79 -8.40 14.23
N ILE C 359 -6.00 -8.93 13.02
CA ILE C 359 -5.03 -9.83 12.40
C ILE C 359 -3.74 -9.06 12.16
N GLY C 360 -3.89 -7.86 11.63
CA GLY C 360 -2.74 -7.01 11.37
C GLY C 360 -1.89 -6.85 12.62
N ARG C 361 -2.50 -6.34 13.69
CA ARG C 361 -1.79 -6.14 14.94
C ARG C 361 -1.07 -7.40 15.39
N SER C 362 -1.73 -8.54 15.19
CA SER C 362 -1.17 -9.84 15.59
C SER C 362 0.11 -10.15 14.82
N LEU C 363 0.11 -9.80 13.53
CA LEU C 363 1.28 -10.04 12.69
C LEU C 363 2.41 -9.12 13.15
N GLN C 364 2.07 -7.86 13.40
CA GLN C 364 3.01 -6.85 13.87
C GLN C 364 3.77 -7.33 15.10
N SER C 365 3.00 -7.60 16.15
CA SER C 365 3.58 -8.03 17.41
C SER C 365 4.20 -9.41 17.38
N LYS C 366 4.17 -10.09 16.24
CA LYS C 366 4.77 -11.42 16.19
C LYS C 366 6.04 -11.44 15.35
N HIS C 367 6.16 -10.52 14.39
CA HIS C 367 7.35 -10.46 13.54
C HIS C 367 7.90 -9.03 13.44
N SER C 368 8.71 -8.60 14.41
CA SER C 368 9.29 -7.24 14.38
C SER C 368 10.64 -7.13 15.08
N LEU D 18 -35.47 -1.78 14.01
CA LEU D 18 -36.72 -1.74 14.84
C LEU D 18 -36.41 -1.99 16.32
N ASP D 19 -37.46 -2.14 17.12
CA ASP D 19 -37.32 -2.33 18.56
C ASP D 19 -37.65 -3.72 19.08
N PHE D 20 -36.98 -4.09 20.17
CA PHE D 20 -37.18 -5.39 20.80
C PHE D 20 -38.45 -5.45 21.64
N LEU D 21 -39.48 -6.13 21.11
CA LEU D 21 -40.76 -6.28 21.80
C LEU D 21 -40.73 -7.29 22.96
N ARG D 22 -39.91 -7.05 23.97
CA ARG D 22 -39.78 -7.95 25.10
C ARG D 22 -41.06 -8.55 25.66
N ASP D 23 -42.05 -7.72 25.93
CA ASP D 23 -43.29 -8.25 26.48
C ASP D 23 -43.94 -9.27 25.56
N ARG D 24 -44.01 -8.93 24.28
CA ARG D 24 -44.61 -9.83 23.30
C ARG D 24 -43.90 -11.19 23.28
N HIS D 25 -42.60 -11.19 23.52
CA HIS D 25 -41.85 -12.43 23.54
C HIS D 25 -42.11 -13.19 24.82
N VAL D 26 -42.40 -12.48 25.91
CA VAL D 26 -42.67 -13.16 27.16
C VAL D 26 -43.96 -13.94 26.98
N ARG D 27 -44.97 -13.31 26.37
CA ARG D 27 -46.24 -13.97 26.14
C ARG D 27 -46.04 -15.18 25.24
N PHE D 28 -45.28 -15.00 24.17
CA PHE D 28 -44.99 -16.10 23.23
C PHE D 28 -44.47 -17.32 23.99
N PHE D 29 -43.48 -17.13 24.85
CA PHE D 29 -42.93 -18.24 25.61
C PHE D 29 -43.97 -18.84 26.57
N GLN D 30 -44.81 -17.99 27.15
CA GLN D 30 -45.84 -18.46 28.08
C GLN D 30 -46.80 -19.40 27.35
N ARG D 31 -47.19 -19.00 26.13
CA ARG D 31 -48.08 -19.79 25.32
C ARG D 31 -47.46 -21.13 24.93
N CYS D 32 -46.14 -21.17 24.79
CA CYS D 32 -45.46 -22.40 24.44
C CYS D 32 -45.62 -23.43 25.54
N LEU D 33 -45.48 -23.01 26.79
CA LEU D 33 -45.60 -23.92 27.92
C LEU D 33 -47.03 -24.38 28.14
N GLN D 34 -47.97 -23.72 27.47
CA GLN D 34 -49.36 -24.09 27.68
C GLN D 34 -49.91 -25.17 26.76
N VAL D 35 -50.34 -24.80 25.56
CA VAL D 35 -50.89 -25.79 24.65
C VAL D 35 -50.45 -25.53 23.21
N LEU D 36 -50.13 -26.60 22.48
CA LEU D 36 -49.71 -26.48 21.08
C LEU D 36 -50.72 -27.16 20.16
N PRO D 37 -50.89 -26.63 18.93
CA PRO D 37 -51.81 -27.17 17.93
C PRO D 37 -51.34 -28.52 17.37
N GLU D 38 -52.29 -29.37 17.02
CA GLU D 38 -51.98 -30.69 16.48
C GLU D 38 -50.90 -30.62 15.40
N ARG D 39 -50.66 -29.43 14.86
CA ARG D 39 -49.66 -29.31 13.82
C ARG D 39 -48.22 -29.31 14.30
N TYR D 40 -48.01 -29.50 15.59
CA TYR D 40 -46.65 -29.57 16.13
C TYR D 40 -46.41 -30.96 16.73
N SER D 41 -47.26 -31.89 16.32
CA SER D 41 -47.22 -33.28 16.77
C SER D 41 -45.86 -33.93 16.58
N SER D 42 -45.08 -33.43 15.63
CA SER D 42 -43.75 -33.98 15.35
C SER D 42 -42.73 -33.68 16.43
N LEU D 43 -43.13 -32.88 17.42
CA LEU D 43 -42.24 -32.51 18.52
C LEU D 43 -42.60 -33.26 19.79
N GLU D 44 -43.65 -34.08 19.71
CA GLU D 44 -44.10 -34.87 20.84
C GLU D 44 -42.98 -35.55 21.61
N THR D 45 -42.11 -36.27 20.92
CA THR D 45 -41.03 -36.98 21.60
C THR D 45 -39.89 -36.09 22.04
N SER D 46 -40.03 -34.79 21.82
CA SER D 46 -38.98 -33.87 22.24
C SER D 46 -39.59 -32.60 22.82
N ARG D 47 -40.73 -32.76 23.49
CA ARG D 47 -41.43 -31.64 24.11
C ARG D 47 -40.57 -31.02 25.19
N LEU D 48 -39.72 -31.81 25.83
CA LEU D 48 -38.88 -31.30 26.88
C LEU D 48 -37.91 -30.23 26.36
N THR D 49 -37.49 -30.33 25.10
CA THR D 49 -36.59 -29.33 24.55
C THR D 49 -37.37 -28.06 24.22
N ILE D 50 -38.65 -28.20 23.92
CA ILE D 50 -39.48 -27.04 23.64
C ILE D 50 -39.70 -26.32 24.97
N ALA D 51 -39.81 -27.11 26.03
CA ALA D 51 -39.98 -26.56 27.37
C ALA D 51 -38.73 -25.74 27.68
N PHE D 52 -37.56 -26.33 27.40
CA PHE D 52 -36.28 -25.67 27.64
C PHE D 52 -36.20 -24.32 26.91
N PHE D 53 -36.55 -24.30 25.62
CA PHE D 53 -36.53 -23.05 24.87
C PHE D 53 -37.37 -21.99 25.57
N ALA D 54 -38.57 -22.36 25.99
CA ALA D 54 -39.49 -21.44 26.64
C ALA D 54 -39.05 -21.02 28.04
N LEU D 55 -38.62 -21.98 28.85
CA LEU D 55 -38.18 -21.69 30.21
C LEU D 55 -36.88 -20.91 30.23
N SER D 56 -35.89 -21.37 29.47
CA SER D 56 -34.61 -20.69 29.42
C SER D 56 -34.82 -19.33 28.74
N GLY D 57 -35.81 -19.26 27.86
CA GLY D 57 -36.10 -18.01 27.18
C GLY D 57 -36.69 -17.03 28.17
N LEU D 58 -37.57 -17.49 29.04
CA LEU D 58 -38.20 -16.60 30.03
C LEU D 58 -37.16 -16.16 31.06
N ASP D 59 -36.25 -17.06 31.40
CA ASP D 59 -35.18 -16.77 32.35
C ASP D 59 -34.33 -15.63 31.75
N MET D 60 -33.99 -15.77 30.48
CA MET D 60 -33.19 -14.80 29.75
C MET D 60 -33.90 -13.45 29.71
N LEU D 61 -35.22 -13.44 29.78
CA LEU D 61 -35.96 -12.18 29.76
C LEU D 61 -36.38 -11.79 31.18
N ASP D 62 -35.88 -12.56 32.14
CA ASP D 62 -36.17 -12.34 33.55
C ASP D 62 -37.68 -12.30 33.84
N SER D 63 -38.39 -13.35 33.43
CA SER D 63 -39.83 -13.47 33.63
C SER D 63 -40.22 -14.85 34.12
N LEU D 64 -39.30 -15.56 34.76
CA LEU D 64 -39.63 -16.88 35.25
C LEU D 64 -40.73 -16.86 36.29
N ASP D 65 -41.15 -15.67 36.72
CA ASP D 65 -42.18 -15.59 37.73
C ASP D 65 -43.58 -15.82 37.16
N VAL D 66 -43.74 -15.72 35.84
CA VAL D 66 -45.06 -15.92 35.23
C VAL D 66 -45.43 -17.39 35.05
N VAL D 67 -44.67 -18.29 35.67
CA VAL D 67 -44.92 -19.72 35.59
C VAL D 67 -44.79 -20.35 36.96
N ASN D 68 -45.45 -21.49 37.17
CA ASN D 68 -45.38 -22.18 38.46
C ASN D 68 -44.18 -23.11 38.48
N LYS D 69 -43.04 -22.58 38.90
CA LYS D 69 -41.81 -23.36 38.95
C LYS D 69 -42.03 -24.72 39.60
N ASP D 70 -42.96 -24.79 40.53
CA ASP D 70 -43.23 -26.03 41.22
C ASP D 70 -43.92 -27.09 40.38
N ASP D 71 -44.95 -26.68 39.64
CA ASP D 71 -45.67 -27.62 38.79
C ASP D 71 -44.74 -28.17 37.72
N ILE D 72 -44.07 -27.27 37.01
CA ILE D 72 -43.15 -27.67 35.96
C ILE D 72 -42.04 -28.60 36.46
N ILE D 73 -41.56 -28.37 37.67
CA ILE D 73 -40.52 -29.24 38.20
C ILE D 73 -41.05 -30.65 38.40
N GLU D 74 -42.30 -30.78 38.81
CA GLU D 74 -42.89 -32.11 39.01
C GLU D 74 -43.07 -32.80 37.66
N TRP D 75 -43.48 -32.03 36.66
CA TRP D 75 -43.67 -32.57 35.32
C TRP D 75 -42.35 -33.12 34.80
N ILE D 76 -41.29 -32.34 34.95
CA ILE D 76 -39.96 -32.76 34.50
C ILE D 76 -39.52 -34.04 35.20
N TYR D 77 -39.70 -34.09 36.51
CA TYR D 77 -39.28 -35.28 37.25
C TYR D 77 -40.09 -36.51 36.86
N SER D 78 -41.29 -36.31 36.32
CA SER D 78 -42.11 -37.44 35.91
C SER D 78 -41.53 -38.04 34.64
N LEU D 79 -40.58 -37.33 34.03
CA LEU D 79 -39.94 -37.78 32.80
C LEU D 79 -38.65 -38.54 33.04
N GLN D 80 -38.22 -38.63 34.30
CA GLN D 80 -36.98 -39.34 34.59
C GLN D 80 -37.15 -40.84 34.60
N VAL D 81 -36.25 -41.53 33.89
CA VAL D 81 -36.26 -42.97 33.84
C VAL D 81 -35.37 -43.45 34.98
N LEU D 82 -35.99 -43.81 36.10
CA LEU D 82 -35.27 -44.27 37.28
C LEU D 82 -34.94 -45.74 37.19
N PRO D 83 -33.89 -46.17 37.89
CA PRO D 83 -33.55 -47.59 37.83
C PRO D 83 -34.60 -48.42 38.58
N THR D 84 -34.77 -49.67 38.15
CA THR D 84 -35.72 -50.58 38.76
C THR D 84 -35.15 -51.22 40.03
N GLU D 85 -36.01 -51.88 40.80
CA GLU D 85 -35.59 -52.54 42.04
C GLU D 85 -34.29 -53.32 41.81
N ASP D 86 -34.30 -54.19 40.81
CA ASP D 86 -33.14 -55.02 40.48
C ASP D 86 -32.02 -54.29 39.73
N ARG D 87 -32.13 -52.96 39.64
CA ARG D 87 -31.12 -52.15 38.95
C ARG D 87 -30.62 -52.79 37.65
N SER D 88 -31.51 -53.44 36.92
CA SER D 88 -31.16 -54.11 35.67
C SER D 88 -31.28 -53.23 34.44
N ASN D 89 -31.76 -52.01 34.61
CA ASN D 89 -31.93 -51.10 33.49
C ASN D 89 -31.10 -49.81 33.62
N LEU D 90 -29.93 -49.92 34.23
CA LEU D 90 -29.08 -48.76 34.42
C LEU D 90 -28.63 -48.13 33.10
N ASP D 91 -28.34 -48.96 32.12
CA ASP D 91 -27.90 -48.45 30.82
C ASP D 91 -28.99 -47.70 30.07
N ARG D 92 -30.18 -47.62 30.65
CA ARG D 92 -31.29 -46.95 29.98
C ARG D 92 -31.85 -45.77 30.76
N CYS D 93 -31.16 -45.36 31.82
CA CYS D 93 -31.65 -44.25 32.62
C CYS D 93 -31.29 -42.88 32.05
N GLY D 94 -32.08 -41.89 32.46
CA GLY D 94 -31.89 -40.52 31.99
C GLY D 94 -33.29 -39.91 31.96
N PHE D 95 -33.59 -39.09 30.96
CA PHE D 95 -34.91 -38.49 30.88
C PHE D 95 -35.60 -38.75 29.55
N ARG D 96 -36.93 -38.70 29.57
CA ARG D 96 -37.76 -38.93 28.38
C ARG D 96 -38.11 -37.57 27.81
N GLY D 97 -38.45 -37.52 26.53
CA GLY D 97 -38.81 -36.26 25.91
C GLY D 97 -40.20 -35.86 26.34
N SER D 98 -41.03 -36.85 26.64
CA SER D 98 -42.41 -36.63 27.06
C SER D 98 -42.98 -37.94 27.58
N SER D 99 -44.29 -37.95 27.83
CA SER D 99 -44.96 -39.14 28.34
C SER D 99 -45.61 -39.97 27.25
N TYR D 100 -45.15 -39.81 26.01
CA TYR D 100 -45.75 -40.54 24.90
C TYR D 100 -45.83 -42.07 25.05
N LEU D 101 -45.03 -42.67 25.92
CA LEU D 101 -45.10 -44.12 26.08
C LEU D 101 -46.28 -44.59 26.91
N GLY D 102 -46.93 -43.66 27.60
CA GLY D 102 -48.07 -44.03 28.40
C GLY D 102 -47.73 -44.60 29.77
N ILE D 103 -46.62 -44.16 30.36
CA ILE D 103 -46.26 -44.63 31.68
C ILE D 103 -46.96 -43.74 32.70
N PRO D 104 -47.58 -44.34 33.72
CA PRO D 104 -48.29 -43.58 34.76
C PRO D 104 -47.47 -42.46 35.39
N PHE D 105 -48.05 -41.25 35.40
CA PHE D 105 -47.40 -40.08 35.97
C PHE D 105 -46.81 -40.31 37.36
N ASN D 106 -45.48 -40.32 37.45
CA ASN D 106 -44.79 -40.54 38.72
C ASN D 106 -43.58 -39.60 38.82
N PRO D 107 -43.74 -38.43 39.48
CA PRO D 107 -42.67 -37.45 39.64
C PRO D 107 -41.50 -37.93 40.49
N SER D 108 -40.70 -38.84 39.93
CA SER D 108 -39.54 -39.42 40.60
C SER D 108 -39.80 -39.76 42.06
N LYS D 109 -40.93 -40.40 42.32
CA LYS D 109 -41.29 -40.82 43.66
C LYS D 109 -40.91 -42.30 43.80
N ASN D 110 -41.88 -43.19 43.55
CA ASN D 110 -41.65 -44.63 43.65
C ASN D 110 -40.47 -45.08 42.76
N PRO D 111 -40.12 -46.38 42.81
CA PRO D 111 -39.00 -46.90 42.00
C PRO D 111 -39.34 -46.82 40.51
N GLY D 112 -38.78 -47.73 39.72
CA GLY D 112 -39.07 -47.72 38.30
C GLY D 112 -40.01 -48.80 37.82
N THR D 113 -41.04 -48.41 37.07
CA THR D 113 -42.01 -49.37 36.52
C THR D 113 -41.48 -49.92 35.18
N ALA D 114 -40.85 -51.10 35.23
CA ALA D 114 -40.28 -51.75 34.05
C ALA D 114 -41.15 -51.67 32.80
N HIS D 115 -40.51 -51.38 31.67
CA HIS D 115 -41.22 -51.28 30.39
C HIS D 115 -40.20 -51.62 29.31
N PRO D 116 -40.58 -52.54 28.40
CA PRO D 116 -39.75 -53.02 27.29
C PRO D 116 -39.04 -51.98 26.45
N TYR D 117 -39.68 -50.84 26.23
CA TYR D 117 -39.10 -49.81 25.38
C TYR D 117 -38.90 -48.43 26.00
N ASP D 118 -39.01 -48.33 27.31
CA ASP D 118 -38.83 -47.05 27.96
C ASP D 118 -37.38 -46.82 28.39
N SER D 119 -36.81 -45.70 27.94
CA SER D 119 -35.44 -45.36 28.29
C SER D 119 -35.20 -43.90 27.96
N GLY D 120 -34.13 -43.34 28.48
CA GLY D 120 -33.83 -41.93 28.25
C GLY D 120 -33.32 -41.58 26.87
N HIS D 121 -33.26 -40.27 26.61
CA HIS D 121 -32.76 -39.73 25.36
C HIS D 121 -31.76 -38.65 25.77
N ILE D 122 -30.52 -38.81 25.31
CA ILE D 122 -29.46 -37.88 25.67
C ILE D 122 -29.80 -36.39 25.58
N ALA D 123 -30.54 -35.98 24.55
CA ALA D 123 -30.90 -34.57 24.42
C ALA D 123 -31.95 -34.17 25.44
N MET D 124 -32.69 -35.16 25.95
CA MET D 124 -33.73 -34.89 26.93
C MET D 124 -33.12 -34.87 28.33
N THR D 125 -32.12 -35.72 28.56
CA THR D 125 -31.44 -35.74 29.84
C THR D 125 -30.76 -34.37 29.98
N TYR D 126 -30.17 -33.89 28.89
CA TYR D 126 -29.51 -32.59 28.90
C TYR D 126 -30.51 -31.47 29.16
N THR D 127 -31.53 -31.31 28.31
CA THR D 127 -32.50 -30.24 28.51
C THR D 127 -33.30 -30.39 29.80
N GLY D 128 -33.44 -31.62 30.26
CA GLY D 128 -34.17 -31.87 31.49
C GLY D 128 -33.42 -31.29 32.69
N LEU D 129 -32.17 -31.73 32.87
CA LEU D 129 -31.33 -31.25 33.96
C LEU D 129 -31.22 -29.73 33.83
N SER D 130 -30.97 -29.28 32.61
CA SER D 130 -30.86 -27.86 32.34
C SER D 130 -32.11 -27.10 32.82
N CYS D 131 -33.29 -27.63 32.53
CA CYS D 131 -34.53 -26.99 32.95
C CYS D 131 -34.69 -26.97 34.47
N LEU D 132 -34.34 -28.07 35.11
CA LEU D 132 -34.45 -28.16 36.56
C LEU D 132 -33.62 -27.05 37.20
N ILE D 133 -32.38 -26.89 36.76
CA ILE D 133 -31.51 -25.86 37.30
C ILE D 133 -32.10 -24.47 37.07
N ILE D 134 -32.63 -24.23 35.88
CA ILE D 134 -33.24 -22.94 35.58
C ILE D 134 -34.42 -22.64 36.52
N LEU D 135 -35.18 -23.68 36.85
CA LEU D 135 -36.34 -23.52 37.71
C LEU D 135 -35.98 -23.42 39.20
N GLY D 136 -34.71 -23.61 39.52
CA GLY D 136 -34.30 -23.51 40.90
C GLY D 136 -34.13 -24.81 41.65
N ASP D 137 -34.57 -25.91 41.07
CA ASP D 137 -34.45 -27.20 41.74
C ASP D 137 -32.99 -27.46 42.09
N ASP D 138 -32.73 -28.36 43.02
CA ASP D 138 -31.35 -28.65 43.42
C ASP D 138 -30.85 -30.01 42.95
N LEU D 139 -31.60 -30.64 42.06
CA LEU D 139 -31.22 -31.93 41.50
C LEU D 139 -31.07 -33.07 42.51
N SER D 140 -31.65 -32.90 43.70
CA SER D 140 -31.56 -33.94 44.73
C SER D 140 -32.31 -35.21 44.30
N ARG D 141 -33.40 -35.04 43.54
CA ARG D 141 -34.20 -36.16 43.07
C ARG D 141 -33.67 -36.79 41.80
N VAL D 142 -32.53 -36.30 41.32
CA VAL D 142 -31.92 -36.84 40.12
C VAL D 142 -30.97 -37.96 40.52
N ASP D 143 -31.20 -39.17 39.99
CA ASP D 143 -30.32 -40.29 40.31
C ASP D 143 -29.08 -40.07 39.45
N LYS D 144 -28.19 -39.20 39.93
CA LYS D 144 -26.97 -38.87 39.20
C LYS D 144 -26.17 -40.06 38.71
N GLU D 145 -26.00 -41.09 39.53
CA GLU D 145 -25.22 -42.25 39.10
C GLU D 145 -25.88 -43.03 37.97
N ALA D 146 -27.21 -43.09 38.00
CA ALA D 146 -27.95 -43.79 36.98
C ALA D 146 -27.79 -43.06 35.65
N CYS D 147 -27.95 -41.73 35.69
CA CYS D 147 -27.81 -40.94 34.48
C CYS D 147 -26.43 -41.11 33.85
N LEU D 148 -25.40 -41.03 34.70
CA LEU D 148 -24.03 -41.17 34.21
C LEU D 148 -23.81 -42.56 33.64
N ALA D 149 -24.44 -43.56 34.26
CA ALA D 149 -24.32 -44.93 33.77
C ALA D 149 -24.96 -45.02 32.39
N GLY D 150 -26.12 -44.36 32.23
CA GLY D 150 -26.80 -44.34 30.95
C GLY D 150 -25.97 -43.62 29.91
N LEU D 151 -25.34 -42.52 30.30
CA LEU D 151 -24.51 -41.75 29.38
C LEU D 151 -23.38 -42.61 28.83
N ARG D 152 -22.62 -43.23 29.72
CA ARG D 152 -21.51 -44.08 29.29
C ARG D 152 -21.95 -45.08 28.23
N ALA D 153 -23.13 -45.65 28.43
CA ALA D 153 -23.68 -46.66 27.52
C ALA D 153 -23.90 -46.13 26.11
N LEU D 154 -24.06 -44.82 25.97
CA LEU D 154 -24.31 -44.23 24.68
C LEU D 154 -23.07 -43.94 23.84
N GLN D 155 -21.90 -43.87 24.46
CA GLN D 155 -20.69 -43.56 23.70
C GLN D 155 -20.22 -44.72 22.83
N LEU D 156 -19.82 -44.40 21.60
CA LEU D 156 -19.35 -45.41 20.65
C LEU D 156 -17.83 -45.51 20.67
N GLU D 157 -17.30 -46.47 19.91
CA GLU D 157 -15.87 -46.67 19.84
C GLU D 157 -15.13 -45.41 19.37
N ASP D 158 -15.69 -44.73 18.37
CA ASP D 158 -15.04 -43.53 17.84
C ASP D 158 -15.13 -42.28 18.73
N GLY D 159 -15.72 -42.45 19.91
CA GLY D 159 -15.82 -41.33 20.82
C GLY D 159 -17.10 -40.53 20.80
N SER D 160 -17.88 -40.65 19.74
CA SER D 160 -19.14 -39.91 19.63
C SER D 160 -20.23 -40.61 20.43
N PHE D 161 -21.44 -40.06 20.41
CA PHE D 161 -22.56 -40.63 21.16
C PHE D 161 -23.83 -40.84 20.33
N CYS D 162 -24.68 -41.73 20.84
CA CYS D 162 -25.99 -42.02 20.25
C CYS D 162 -26.96 -41.29 21.18
N ALA D 163 -28.23 -41.20 20.78
CA ALA D 163 -29.20 -40.52 21.63
C ALA D 163 -29.89 -41.47 22.59
N VAL D 164 -30.09 -42.70 22.14
CA VAL D 164 -30.78 -43.71 22.95
C VAL D 164 -30.09 -45.07 22.87
N PRO D 165 -30.20 -45.87 23.95
CA PRO D 165 -29.57 -47.19 23.97
C PRO D 165 -30.06 -48.12 22.89
N GLU D 166 -31.32 -47.97 22.45
CA GLU D 166 -31.86 -48.83 21.41
C GLU D 166 -31.16 -48.61 20.08
N GLY D 167 -30.41 -47.52 19.97
CA GLY D 167 -29.70 -47.23 18.72
C GLY D 167 -30.24 -46.00 18.02
N SER D 168 -29.35 -45.29 17.32
CA SER D 168 -29.72 -44.10 16.59
C SER D 168 -28.49 -43.62 15.85
N GLU D 169 -28.61 -42.50 15.15
CA GLU D 169 -27.49 -41.93 14.43
C GLU D 169 -26.56 -41.37 15.52
N ASN D 170 -25.28 -41.16 15.19
CA ASN D 170 -24.34 -40.62 16.15
C ASN D 170 -23.55 -39.49 15.51
N ASP D 171 -23.45 -38.37 16.23
CA ASP D 171 -22.73 -37.22 15.71
C ASP D 171 -22.41 -36.19 16.80
N MET D 172 -21.82 -35.07 16.36
CA MET D 172 -21.41 -34.01 17.25
C MET D 172 -22.50 -33.46 18.17
N ARG D 173 -23.75 -33.44 17.69
CA ARG D 173 -24.85 -32.93 18.51
C ARG D 173 -24.89 -33.63 19.85
N PHE D 174 -24.76 -34.94 19.83
CA PHE D 174 -24.83 -35.72 21.05
C PHE D 174 -23.55 -35.66 21.89
N VAL D 175 -22.43 -35.31 21.26
CA VAL D 175 -21.18 -35.17 21.99
C VAL D 175 -21.37 -33.94 22.91
N TYR D 176 -21.99 -32.90 22.36
CA TYR D 176 -22.26 -31.69 23.12
C TYR D 176 -23.22 -31.97 24.26
N CYS D 177 -24.22 -32.81 24.02
CA CYS D 177 -25.19 -33.17 25.06
C CYS D 177 -24.49 -33.88 26.19
N ALA D 178 -23.64 -34.83 25.84
CA ALA D 178 -22.89 -35.59 26.83
C ALA D 178 -22.05 -34.63 27.67
N SER D 179 -21.35 -33.73 26.99
CA SER D 179 -20.51 -32.75 27.67
C SER D 179 -21.29 -31.91 28.67
N CYS D 180 -22.46 -31.41 28.25
CA CYS D 180 -23.29 -30.60 29.14
C CYS D 180 -23.79 -31.39 30.35
N ILE D 181 -24.14 -32.65 30.13
CA ILE D 181 -24.63 -33.48 31.21
C ILE D 181 -23.52 -33.67 32.25
N CYS D 182 -22.34 -34.07 31.79
CA CYS D 182 -21.22 -34.27 32.70
C CYS D 182 -20.90 -32.99 33.45
N TYR D 183 -20.96 -31.87 32.75
CA TYR D 183 -20.67 -30.58 33.36
C TYR D 183 -21.65 -30.23 34.46
N MET D 184 -22.94 -30.36 34.18
CA MET D 184 -23.97 -30.03 35.14
C MET D 184 -23.95 -30.96 36.35
N LEU D 185 -23.73 -32.24 36.13
CA LEU D 185 -23.69 -33.18 37.25
C LEU D 185 -22.29 -33.11 37.84
N ASN D 186 -21.49 -32.17 37.31
CA ASN D 186 -20.12 -31.97 37.76
C ASN D 186 -19.37 -33.29 38.01
N ASN D 187 -19.43 -34.18 37.02
CA ASN D 187 -18.79 -35.50 37.12
C ASN D 187 -18.57 -35.99 35.69
N TRP D 188 -17.32 -36.16 35.26
CA TRP D 188 -17.07 -36.61 33.90
C TRP D 188 -16.91 -38.11 33.72
N SER D 189 -17.36 -38.89 34.69
CA SER D 189 -17.26 -40.33 34.58
C SER D 189 -18.26 -40.79 33.54
N GLY D 190 -19.12 -39.86 33.11
CA GLY D 190 -20.12 -40.17 32.11
C GLY D 190 -19.56 -40.40 30.73
N MET D 191 -18.29 -40.09 30.51
CA MET D 191 -17.72 -40.29 29.19
C MET D 191 -16.22 -40.58 29.23
N ASP D 192 -15.72 -41.13 28.13
CA ASP D 192 -14.30 -41.39 27.98
C ASP D 192 -13.83 -40.14 27.23
N MET D 193 -13.49 -39.12 28.00
CA MET D 193 -13.07 -37.84 27.46
C MET D 193 -11.99 -37.90 26.38
N LYS D 194 -11.04 -38.80 26.53
CA LYS D 194 -9.97 -38.92 25.55
C LYS D 194 -10.54 -39.26 24.18
N LYS D 195 -11.47 -40.21 24.13
CA LYS D 195 -12.08 -40.62 22.87
C LYS D 195 -12.99 -39.54 22.30
N ALA D 196 -13.70 -38.82 23.16
CA ALA D 196 -14.58 -37.76 22.71
C ALA D 196 -13.75 -36.67 22.04
N ILE D 197 -12.64 -36.31 22.66
CA ILE D 197 -11.74 -35.29 22.12
C ILE D 197 -11.21 -35.74 20.76
N SER D 198 -10.89 -37.02 20.66
CA SER D 198 -10.40 -37.57 19.41
C SER D 198 -11.47 -37.35 18.31
N TYR D 199 -12.72 -37.65 18.65
CA TYR D 199 -13.81 -37.48 17.69
C TYR D 199 -13.91 -36.03 17.24
N ILE D 200 -13.83 -35.11 18.19
CA ILE D 200 -13.92 -33.69 17.87
C ILE D 200 -12.80 -33.26 16.94
N ARG D 201 -11.58 -33.73 17.19
CA ARG D 201 -10.47 -33.36 16.33
C ARG D 201 -10.68 -33.88 14.93
N ARG D 202 -11.04 -35.16 14.83
CA ARG D 202 -11.25 -35.78 13.53
C ARG D 202 -12.37 -35.18 12.69
N SER D 203 -13.18 -34.32 13.30
CA SER D 203 -14.26 -33.71 12.55
C SER D 203 -13.86 -32.40 11.88
N MET D 204 -12.64 -31.94 12.14
CA MET D 204 -12.18 -30.70 11.52
C MET D 204 -12.00 -30.92 10.02
N SER D 205 -12.58 -30.03 9.22
CA SER D 205 -12.51 -30.10 7.77
C SER D 205 -11.28 -29.40 7.18
N TYR D 206 -11.09 -29.59 5.89
CA TYR D 206 -9.98 -28.98 5.17
C TYR D 206 -10.17 -27.46 5.14
N ASP D 207 -11.42 -27.01 5.28
CA ASP D 207 -11.70 -25.57 5.28
C ASP D 207 -11.64 -25.01 6.69
N ASN D 208 -11.25 -25.88 7.63
CA ASN D 208 -11.05 -25.53 9.04
C ASN D 208 -12.23 -25.40 10.00
N GLY D 209 -13.45 -25.60 9.51
CA GLY D 209 -14.58 -25.57 10.41
C GLY D 209 -14.74 -26.99 10.94
N LEU D 210 -15.69 -27.21 11.83
CA LEU D 210 -15.93 -28.56 12.37
C LEU D 210 -17.22 -29.11 11.76
N ALA D 211 -17.22 -30.38 11.38
CA ALA D 211 -18.42 -30.99 10.79
C ALA D 211 -19.09 -31.90 11.80
N GLN D 212 -20.20 -32.52 11.41
CA GLN D 212 -20.93 -33.43 12.31
C GLN D 212 -20.11 -34.68 12.59
N GLY D 213 -19.20 -35.00 11.67
CA GLY D 213 -18.34 -36.16 11.80
C GLY D 213 -17.25 -36.07 10.75
N ALA D 214 -16.23 -36.91 10.87
CA ALA D 214 -15.12 -36.91 9.92
C ALA D 214 -15.55 -36.98 8.45
N GLY D 215 -14.95 -36.14 7.63
CA GLY D 215 -15.25 -36.13 6.21
C GLY D 215 -16.45 -35.32 5.76
N LEU D 216 -17.38 -35.06 6.68
CA LEU D 216 -18.57 -34.29 6.34
C LEU D 216 -18.28 -32.79 6.20
N GLU D 217 -19.23 -32.06 5.62
CA GLU D 217 -19.11 -30.61 5.41
C GLU D 217 -19.12 -29.89 6.75
N SER D 218 -18.13 -29.03 7.00
CA SER D 218 -18.09 -28.29 8.26
C SER D 218 -19.34 -27.43 8.32
N HIS D 219 -19.87 -27.24 9.53
CA HIS D 219 -21.12 -26.52 9.71
C HIS D 219 -21.13 -25.70 11.00
N GLY D 220 -21.88 -24.60 11.00
CA GLY D 220 -21.95 -23.76 12.18
C GLY D 220 -22.44 -24.45 13.44
N GLY D 221 -23.42 -25.33 13.29
CA GLY D 221 -23.98 -26.04 14.43
C GLY D 221 -22.98 -27.00 15.06
N SER D 222 -22.34 -27.81 14.22
CA SER D 222 -21.37 -28.78 14.73
C SER D 222 -20.11 -28.10 15.25
N THR D 223 -19.75 -26.97 14.67
CA THR D 223 -18.56 -26.25 15.12
C THR D 223 -18.86 -25.75 16.55
N PHE D 224 -20.08 -25.26 16.76
CA PHE D 224 -20.44 -24.81 18.08
C PHE D 224 -20.38 -25.98 19.06
N CYS D 225 -21.00 -27.10 18.70
CA CYS D 225 -21.01 -28.26 19.56
C CYS D 225 -19.61 -28.73 19.92
N GLY D 226 -18.74 -28.76 18.93
CA GLY D 226 -17.36 -29.17 19.18
C GLY D 226 -16.61 -28.21 20.07
N ILE D 227 -16.57 -26.93 19.68
CA ILE D 227 -15.85 -25.95 20.48
C ILE D 227 -16.42 -25.83 21.89
N ALA D 228 -17.74 -25.73 22.02
CA ALA D 228 -18.35 -25.61 23.34
C ALA D 228 -18.03 -26.84 24.19
N SER D 229 -18.03 -28.01 23.59
CA SER D 229 -17.73 -29.23 24.35
C SER D 229 -16.35 -29.12 24.95
N LEU D 230 -15.37 -28.76 24.13
CA LEU D 230 -13.99 -28.63 24.60
C LEU D 230 -13.89 -27.60 25.70
N CYS D 231 -14.60 -26.48 25.55
CA CYS D 231 -14.59 -25.45 26.58
C CYS D 231 -15.16 -26.00 27.88
N LEU D 232 -16.29 -26.70 27.80
CA LEU D 232 -16.91 -27.30 28.98
C LEU D 232 -15.94 -28.26 29.66
N MET D 233 -15.10 -28.94 28.89
CA MET D 233 -14.11 -29.87 29.47
C MET D 233 -12.89 -29.08 29.93
N GLY D 234 -12.81 -27.83 29.50
CA GLY D 234 -11.68 -26.99 29.83
C GLY D 234 -10.42 -27.48 29.14
N LYS D 235 -10.53 -27.80 27.84
CA LYS D 235 -9.37 -28.30 27.11
C LYS D 235 -9.22 -27.73 25.70
N LEU D 236 -9.82 -26.58 25.45
CA LEU D 236 -9.73 -25.94 24.14
C LEU D 236 -8.28 -25.79 23.73
N GLU D 237 -7.53 -25.05 24.55
CA GLU D 237 -6.10 -24.76 24.35
C GLU D 237 -5.25 -26.01 24.20
N GLU D 238 -5.56 -27.03 24.99
CA GLU D 238 -4.83 -28.28 24.97
C GLU D 238 -5.06 -29.08 23.70
N VAL D 239 -6.29 -29.04 23.18
CA VAL D 239 -6.65 -29.80 22.00
C VAL D 239 -6.26 -29.17 20.67
N PHE D 240 -6.43 -27.86 20.55
CA PHE D 240 -6.10 -27.17 19.31
C PHE D 240 -4.90 -26.23 19.48
N SER D 241 -3.99 -26.27 18.53
CA SER D 241 -2.81 -25.40 18.56
C SER D 241 -3.26 -23.98 18.28
N GLU D 242 -2.36 -23.03 18.50
CA GLU D 242 -2.69 -21.63 18.24
C GLU D 242 -3.01 -21.44 16.75
N LYS D 243 -2.22 -22.09 15.89
CA LYS D 243 -2.43 -21.99 14.45
C LYS D 243 -3.80 -22.57 14.11
N GLU D 244 -4.12 -23.71 14.72
CA GLU D 244 -5.41 -24.35 14.49
C GLU D 244 -6.57 -23.44 14.91
N LEU D 245 -6.49 -22.89 16.11
CA LEU D 245 -7.52 -22.00 16.61
C LEU D 245 -7.67 -20.78 15.72
N ASN D 246 -6.56 -20.33 15.14
CA ASN D 246 -6.61 -19.17 14.26
C ASN D 246 -7.42 -19.49 13.02
N ARG D 247 -7.20 -20.70 12.49
CA ARG D 247 -7.91 -21.15 11.30
C ARG D 247 -9.41 -21.29 11.57
N ILE D 248 -9.73 -21.86 12.74
CA ILE D 248 -11.12 -22.02 13.12
C ILE D 248 -11.78 -20.66 13.28
N LYS D 249 -11.09 -19.73 13.93
CA LYS D 249 -11.65 -18.39 14.11
C LYS D 249 -11.99 -17.79 12.76
N ARG D 250 -11.07 -17.95 11.81
CA ARG D 250 -11.26 -17.42 10.46
C ARG D 250 -12.49 -18.01 9.81
N TRP D 251 -12.65 -19.32 9.94
CA TRP D 251 -13.80 -19.99 9.34
C TRP D 251 -15.10 -19.46 9.96
N CYS D 252 -15.11 -19.32 11.28
CA CYS D 252 -16.28 -18.81 11.98
C CYS D 252 -16.64 -17.37 11.63
N ILE D 253 -15.68 -16.46 11.74
CA ILE D 253 -15.99 -15.07 11.45
C ILE D 253 -16.36 -14.81 10.01
N MET D 254 -16.05 -15.75 9.11
CA MET D 254 -16.40 -15.59 7.70
C MET D 254 -17.89 -15.88 7.50
N ARG D 255 -18.54 -16.39 8.55
CA ARG D 255 -19.96 -16.72 8.48
C ARG D 255 -20.88 -15.50 8.53
N GLN D 256 -20.38 -14.35 8.96
CA GLN D 256 -21.25 -13.18 9.02
C GLN D 256 -21.42 -12.51 7.68
N GLN D 257 -22.67 -12.31 7.28
CA GLN D 257 -23.04 -11.67 6.02
C GLN D 257 -23.69 -10.34 6.38
N ASN D 258 -24.46 -10.39 7.47
CA ASN D 258 -25.17 -9.28 8.10
C ASN D 258 -25.58 -10.04 9.36
N GLY D 259 -26.40 -11.07 9.14
CA GLY D 259 -26.78 -11.98 10.21
C GLY D 259 -25.75 -13.08 9.96
N TYR D 260 -26.04 -14.32 10.35
CA TYR D 260 -25.07 -15.40 10.12
C TYR D 260 -25.66 -16.60 9.41
N HIS D 261 -24.88 -17.24 8.56
CA HIS D 261 -25.34 -18.45 7.89
C HIS D 261 -24.57 -19.60 8.53
N GLY D 262 -25.00 -20.84 8.31
CA GLY D 262 -24.33 -21.98 8.90
C GLY D 262 -23.26 -22.64 8.06
N ARG D 263 -23.21 -22.28 6.78
CA ARG D 263 -22.25 -22.85 5.84
C ARG D 263 -21.97 -21.86 4.72
N PRO D 264 -20.76 -21.91 4.15
CA PRO D 264 -20.45 -20.98 3.05
C PRO D 264 -21.51 -21.08 1.96
N ASN D 265 -21.84 -19.96 1.32
CA ASN D 265 -22.83 -19.94 0.25
C ASN D 265 -24.26 -20.38 0.59
N LYS D 266 -24.68 -20.16 1.82
CA LYS D 266 -26.05 -20.49 2.24
C LYS D 266 -26.65 -19.22 2.84
N PRO D 267 -27.96 -19.02 2.68
CA PRO D 267 -28.62 -17.83 3.23
C PRO D 267 -28.54 -17.78 4.76
N VAL D 268 -28.50 -16.57 5.32
CA VAL D 268 -28.41 -16.43 6.77
C VAL D 268 -29.67 -16.93 7.46
N ASP D 269 -29.52 -17.23 8.74
CA ASP D 269 -30.62 -17.72 9.55
C ASP D 269 -30.39 -17.23 10.98
N THR D 270 -31.41 -16.57 11.53
CA THR D 270 -31.33 -16.04 12.88
C THR D 270 -30.62 -16.91 13.93
N CYS D 271 -30.97 -18.18 14.01
CA CYS D 271 -30.36 -19.03 15.02
C CYS D 271 -28.83 -19.14 14.95
N TYR D 272 -28.25 -18.86 13.79
CA TYR D 272 -26.79 -18.95 13.69
C TYR D 272 -26.11 -17.80 14.41
N SER D 273 -26.88 -16.75 14.71
CA SER D 273 -26.35 -15.62 15.45
C SER D 273 -25.91 -16.14 16.82
N PHE D 274 -26.50 -17.25 17.27
CA PHE D 274 -26.06 -17.83 18.52
C PHE D 274 -25.05 -18.93 18.24
N TRP D 275 -25.41 -19.90 17.41
CA TRP D 275 -24.53 -21.01 17.10
C TRP D 275 -23.11 -20.52 16.77
N VAL D 276 -23.00 -19.62 15.78
CA VAL D 276 -21.70 -19.10 15.39
C VAL D 276 -21.22 -18.00 16.34
N GLY D 277 -22.12 -17.09 16.70
CA GLY D 277 -21.77 -16.02 17.61
C GLY D 277 -21.18 -16.53 18.91
N ALA D 278 -21.84 -17.53 19.50
CA ALA D 278 -21.37 -18.09 20.76
C ALA D 278 -19.99 -18.70 20.59
N THR D 279 -19.74 -19.31 19.42
CA THR D 279 -18.45 -19.92 19.17
C THR D 279 -17.40 -18.81 19.12
N LEU D 280 -17.70 -17.74 18.40
CA LEU D 280 -16.78 -16.62 18.29
C LEU D 280 -16.50 -16.08 19.69
N LYS D 281 -17.54 -16.03 20.53
CA LYS D 281 -17.38 -15.54 21.89
C LYS D 281 -16.44 -16.47 22.66
N LEU D 282 -16.63 -17.77 22.56
CA LEU D 282 -15.74 -18.70 23.24
C LEU D 282 -14.31 -18.56 22.72
N LEU D 283 -14.15 -18.18 21.47
CA LEU D 283 -12.83 -18.02 20.87
C LEU D 283 -12.29 -16.61 21.10
N LYS D 284 -13.05 -15.83 21.86
CA LYS D 284 -12.69 -14.47 22.21
C LYS D 284 -12.52 -13.45 21.09
N ILE D 285 -13.26 -13.61 20.00
CA ILE D 285 -13.15 -12.61 18.93
C ILE D 285 -14.52 -12.16 18.47
N PHE D 286 -15.56 -12.46 19.23
CA PHE D 286 -16.90 -12.03 18.85
C PHE D 286 -16.91 -10.50 18.85
N GLN D 287 -16.12 -9.93 19.75
CA GLN D 287 -15.98 -8.48 19.89
C GLN D 287 -15.59 -7.80 18.59
N TYR D 288 -14.91 -8.53 17.71
CA TYR D 288 -14.47 -7.96 16.44
C TYR D 288 -15.47 -8.06 15.31
N THR D 289 -16.65 -8.63 15.58
CA THR D 289 -17.68 -8.76 14.54
C THR D 289 -18.47 -7.46 14.44
N ASN D 290 -19.32 -7.35 13.43
CA ASN D 290 -20.13 -6.15 13.27
C ASN D 290 -21.45 -6.36 14.04
N PHE D 291 -21.63 -5.64 15.13
CA PHE D 291 -22.84 -5.78 15.95
C PHE D 291 -24.13 -5.26 15.31
N GLU D 292 -24.07 -4.05 14.77
CA GLU D 292 -25.25 -3.42 14.18
C GLU D 292 -25.96 -4.23 13.11
N LYS D 293 -25.22 -4.71 12.12
CA LYS D 293 -25.81 -5.50 11.04
C LYS D 293 -26.42 -6.80 11.55
N ASN D 294 -25.78 -7.41 12.54
CA ASN D 294 -26.25 -8.64 13.13
C ASN D 294 -27.56 -8.34 13.88
N ARG D 295 -27.51 -7.37 14.78
CA ARG D 295 -28.70 -6.98 15.54
C ARG D 295 -29.84 -6.62 14.59
N ASN D 296 -29.54 -5.83 13.57
CA ASN D 296 -30.55 -5.43 12.62
C ASN D 296 -31.21 -6.66 11.97
N TYR D 297 -30.41 -7.63 11.56
CA TYR D 297 -30.98 -8.83 10.93
C TYR D 297 -31.88 -9.59 11.88
N ILE D 298 -31.37 -9.91 13.07
CA ILE D 298 -32.13 -10.64 14.06
C ILE D 298 -33.50 -10.00 14.27
N LEU D 299 -33.51 -8.68 14.51
CA LEU D 299 -34.77 -7.99 14.73
C LEU D 299 -35.68 -8.02 13.51
N SER D 300 -35.09 -8.06 12.32
CA SER D 300 -35.92 -8.08 11.13
C SER D 300 -36.73 -9.38 11.02
N THR D 301 -36.39 -10.39 11.81
CA THR D 301 -37.09 -11.67 11.75
C THR D 301 -38.06 -11.80 12.92
N GLN D 302 -38.22 -10.71 13.66
CA GLN D 302 -39.10 -10.66 14.82
C GLN D 302 -40.55 -10.62 14.35
N ASP D 303 -41.44 -11.40 14.95
CA ASP D 303 -42.84 -11.39 14.56
C ASP D 303 -43.53 -10.39 15.48
N ARG D 304 -43.79 -9.19 14.97
CA ARG D 304 -44.39 -8.12 15.75
C ARG D 304 -45.83 -8.37 16.20
N LEU D 305 -46.49 -9.33 15.59
CA LEU D 305 -47.87 -9.66 15.92
C LEU D 305 -47.98 -10.70 17.04
N VAL D 306 -47.41 -11.88 16.83
CA VAL D 306 -47.48 -12.95 17.81
C VAL D 306 -46.26 -13.08 18.72
N GLY D 307 -45.16 -12.45 18.34
CA GLY D 307 -43.96 -12.54 19.17
C GLY D 307 -43.03 -13.62 18.65
N GLY D 308 -41.88 -13.78 19.30
CA GLY D 308 -40.92 -14.78 18.87
C GLY D 308 -40.18 -14.35 17.61
N PHE D 309 -39.23 -15.16 17.16
CA PHE D 309 -38.46 -14.85 15.95
C PHE D 309 -38.56 -16.00 14.97
N ALA D 310 -38.27 -15.72 13.70
CA ALA D 310 -38.31 -16.73 12.65
C ALA D 310 -36.90 -16.83 12.08
N LYS D 311 -36.68 -17.75 11.15
CA LYS D 311 -35.33 -17.89 10.58
C LYS D 311 -35.05 -16.74 9.63
N TRP D 312 -36.07 -16.32 8.88
CA TRP D 312 -35.93 -15.21 7.95
C TRP D 312 -37.04 -14.22 8.18
N PRO D 313 -36.88 -12.98 7.69
CA PRO D 313 -37.94 -12.00 7.89
C PRO D 313 -39.23 -12.40 7.19
N ASP D 314 -40.36 -12.05 7.79
CA ASP D 314 -41.67 -12.38 7.23
C ASP D 314 -41.82 -13.89 7.07
N SER D 315 -41.39 -14.62 8.08
CA SER D 315 -41.46 -16.08 8.08
C SER D 315 -42.12 -16.47 9.40
N HIS D 316 -42.70 -17.66 9.50
CA HIS D 316 -43.37 -18.03 10.74
C HIS D 316 -42.40 -18.34 11.89
N PRO D 317 -42.65 -17.73 13.07
CA PRO D 317 -41.82 -17.91 14.26
C PRO D 317 -42.01 -19.25 14.96
N ASP D 318 -41.00 -19.69 15.70
CA ASP D 318 -41.07 -20.93 16.46
C ASP D 318 -40.21 -20.80 17.71
N ALA D 319 -40.39 -21.73 18.65
CA ALA D 319 -39.64 -21.67 19.90
C ALA D 319 -38.14 -21.65 19.70
N LEU D 320 -37.63 -22.49 18.81
CA LEU D 320 -36.19 -22.56 18.57
C LEU D 320 -35.58 -21.23 18.13
N HIS D 321 -36.16 -20.60 17.11
CA HIS D 321 -35.61 -19.33 16.66
C HIS D 321 -35.85 -18.19 17.64
N ALA D 322 -36.95 -18.26 18.38
CA ALA D 322 -37.25 -17.25 19.36
C ALA D 322 -36.16 -17.30 20.44
N TYR D 323 -35.85 -18.49 20.92
CA TYR D 323 -34.84 -18.63 21.95
C TYR D 323 -33.45 -18.26 21.47
N PHE D 324 -33.04 -18.79 20.32
CA PHE D 324 -31.70 -18.50 19.83
C PHE D 324 -31.55 -17.07 19.31
N GLY D 325 -32.64 -16.49 18.84
CA GLY D 325 -32.56 -15.11 18.38
C GLY D 325 -32.29 -14.23 19.60
N ILE D 326 -32.95 -14.55 20.70
CA ILE D 326 -32.78 -13.80 21.93
C ILE D 326 -31.37 -14.02 22.47
N CYS D 327 -30.88 -15.25 22.42
CA CYS D 327 -29.54 -15.52 22.92
C CYS D 327 -28.54 -14.82 22.01
N GLY D 328 -28.89 -14.70 20.74
CA GLY D 328 -28.01 -14.03 19.79
C GLY D 328 -27.88 -12.57 20.21
N LEU D 329 -29.03 -11.96 20.52
CA LEU D 329 -29.09 -10.57 20.95
C LEU D 329 -28.29 -10.42 22.26
N SER D 330 -28.43 -11.40 23.14
CA SER D 330 -27.74 -11.37 24.41
C SER D 330 -26.23 -11.31 24.27
N LEU D 331 -25.71 -12.02 23.27
CA LEU D 331 -24.26 -12.06 23.02
C LEU D 331 -23.67 -10.67 22.78
N MET D 332 -24.49 -9.75 22.29
CA MET D 332 -24.07 -8.37 22.02
C MET D 332 -24.59 -7.43 23.11
N GLU D 333 -25.39 -7.98 24.02
CA GLU D 333 -26.03 -7.25 25.12
C GLU D 333 -27.18 -6.42 24.59
N GLU D 334 -28.35 -6.60 25.18
CA GLU D 334 -29.55 -5.89 24.74
C GLU D 334 -30.36 -5.60 25.99
N SER D 335 -30.81 -4.36 26.15
CA SER D 335 -31.60 -4.01 27.32
C SER D 335 -32.78 -4.95 27.44
N GLY D 336 -32.96 -5.50 28.64
CA GLY D 336 -34.08 -6.39 28.88
C GLY D 336 -33.77 -7.87 28.73
N ILE D 337 -32.55 -8.18 28.27
CA ILE D 337 -32.12 -9.55 28.07
C ILE D 337 -30.92 -9.79 28.95
N CYS D 338 -30.85 -10.97 29.56
CA CYS D 338 -29.74 -11.30 30.44
C CYS D 338 -28.55 -11.80 29.65
N LYS D 339 -27.41 -11.86 30.33
CA LYS D 339 -26.18 -12.33 29.74
C LYS D 339 -26.23 -13.85 29.68
N VAL D 340 -26.12 -14.40 28.47
CA VAL D 340 -26.13 -15.83 28.29
C VAL D 340 -24.72 -16.40 28.38
N HIS D 341 -24.59 -17.54 29.05
CA HIS D 341 -23.32 -18.24 29.19
C HIS D 341 -23.18 -18.98 27.87
N PRO D 342 -22.25 -18.56 26.99
CA PRO D 342 -21.99 -19.14 25.67
C PRO D 342 -21.85 -20.66 25.52
N ALA D 343 -21.03 -21.28 26.33
CA ALA D 343 -20.85 -22.72 26.19
C ALA D 343 -21.97 -23.58 26.74
N LEU D 344 -22.48 -23.24 27.92
CA LEU D 344 -23.54 -24.03 28.54
C LEU D 344 -24.94 -23.76 27.99
N ASN D 345 -25.09 -22.61 27.35
CA ASN D 345 -26.35 -22.22 26.72
C ASN D 345 -27.50 -22.00 27.70
N VAL D 346 -27.19 -21.34 28.82
CA VAL D 346 -28.18 -21.00 29.84
C VAL D 346 -27.76 -19.60 30.27
N SER D 347 -28.60 -18.90 31.02
CA SER D 347 -28.25 -17.54 31.47
C SER D 347 -27.16 -17.64 32.54
N THR D 348 -26.37 -16.58 32.68
CA THR D 348 -25.30 -16.55 33.68
C THR D 348 -25.89 -16.70 35.10
N ARG D 349 -27.09 -16.16 35.28
CA ARG D 349 -27.77 -16.27 36.56
C ARG D 349 -27.82 -17.75 36.91
N THR D 350 -28.25 -18.56 35.93
CA THR D 350 -28.36 -20.00 36.10
C THR D 350 -26.98 -20.67 36.23
N SER D 351 -26.02 -20.28 35.41
CA SER D 351 -24.70 -20.90 35.47
C SER D 351 -24.06 -20.70 36.85
N GLU D 352 -24.39 -19.59 37.50
CA GLU D 352 -23.86 -19.31 38.83
C GLU D 352 -24.67 -20.06 39.89
N ARG D 353 -25.97 -20.17 39.66
CA ARG D 353 -26.86 -20.91 40.55
C ARG D 353 -26.27 -22.32 40.59
N LEU D 354 -25.85 -22.79 39.42
CA LEU D 354 -25.24 -24.13 39.27
C LEU D 354 -23.90 -24.20 39.98
N ARG D 355 -23.17 -23.09 39.96
CA ARG D 355 -21.86 -23.03 40.61
C ARG D 355 -22.02 -23.24 42.12
N ASP D 356 -23.01 -22.55 42.69
CA ASP D 356 -23.30 -22.67 44.12
C ASP D 356 -23.64 -24.13 44.41
N LEU D 357 -24.53 -24.67 43.57
CA LEU D 357 -24.97 -26.06 43.68
C LEU D 357 -23.79 -27.01 43.75
N HIS D 358 -22.81 -26.80 42.88
CA HIS D 358 -21.63 -27.66 42.87
C HIS D 358 -20.82 -27.46 44.15
N GLN D 359 -20.78 -26.23 44.63
CA GLN D 359 -20.04 -25.92 45.86
C GLN D 359 -20.57 -26.74 47.02
N SER D 360 -21.87 -26.65 47.27
CA SER D 360 -22.46 -27.40 48.37
C SER D 360 -22.18 -28.90 48.25
N TRP D 361 -22.49 -29.51 47.11
CA TRP D 361 -22.25 -30.94 46.94
C TRP D 361 -20.85 -31.36 47.41
N LYS D 362 -19.85 -30.51 47.17
CA LYS D 362 -18.48 -30.81 47.56
C LYS D 362 -18.21 -30.55 49.04
N THR D 363 -18.99 -31.19 49.92
CA THR D 363 -18.82 -31.06 51.37
C THR D 363 -19.12 -32.39 52.05
N PHE E 55 11.12 -61.09 -7.13
CA PHE E 55 12.18 -61.10 -8.19
C PHE E 55 13.25 -62.19 -8.05
N LEU E 56 14.34 -61.89 -7.36
CA LEU E 56 15.45 -62.83 -7.17
C LEU E 56 15.16 -63.92 -6.12
N SER E 57 14.82 -65.12 -6.60
CA SER E 57 14.49 -66.25 -5.73
C SER E 57 15.54 -66.60 -4.68
N LEU E 58 15.07 -66.96 -3.49
CA LEU E 58 15.95 -67.33 -2.39
C LEU E 58 16.77 -68.57 -2.68
N ASP E 59 16.35 -69.34 -3.68
CA ASP E 59 17.07 -70.55 -4.04
C ASP E 59 17.67 -70.48 -5.45
N SER E 60 17.64 -69.31 -6.06
CA SER E 60 18.23 -69.13 -7.38
C SER E 60 19.76 -69.30 -7.29
N PRO E 61 20.37 -69.89 -8.34
CA PRO E 61 21.82 -70.11 -8.36
C PRO E 61 22.57 -68.81 -8.20
N THR E 62 21.97 -67.73 -8.70
CA THR E 62 22.58 -66.42 -8.64
C THR E 62 22.09 -65.51 -7.51
N TYR E 63 21.41 -66.07 -6.53
CA TYR E 63 20.91 -65.28 -5.41
C TYR E 63 22.10 -64.58 -4.75
N VAL E 64 21.88 -63.37 -4.26
CA VAL E 64 22.94 -62.62 -3.60
C VAL E 64 22.47 -62.07 -2.27
N LEU E 65 23.30 -62.18 -1.24
CA LEU E 65 22.96 -61.66 0.07
C LEU E 65 22.69 -60.17 -0.07
N TYR E 66 21.81 -59.64 0.77
CA TYR E 66 21.47 -58.23 0.73
C TYR E 66 22.68 -57.35 1.01
N ARG E 67 23.60 -57.84 1.83
CA ARG E 67 24.78 -57.05 2.13
C ARG E 67 25.67 -56.90 0.90
N ASP E 68 25.49 -57.76 -0.09
CA ASP E 68 26.31 -57.69 -1.29
C ASP E 68 25.56 -57.11 -2.46
N ARG E 69 24.38 -56.53 -2.21
CA ARG E 69 23.61 -55.93 -3.29
C ARG E 69 23.83 -54.44 -3.28
N ALA E 70 24.09 -53.89 -4.46
CA ALA E 70 24.34 -52.46 -4.59
C ALA E 70 23.15 -51.61 -4.15
N GLU E 71 21.95 -52.02 -4.56
CA GLU E 71 20.73 -51.31 -4.22
C GLU E 71 20.52 -51.15 -2.72
N TRP E 72 21.31 -51.87 -1.92
CA TRP E 72 21.16 -51.80 -0.48
C TRP E 72 22.39 -51.27 0.26
N ALA E 73 23.36 -50.77 -0.50
CA ALA E 73 24.58 -50.28 0.11
C ALA E 73 24.38 -49.11 1.08
N ASP E 74 23.32 -48.32 0.86
CA ASP E 74 23.05 -47.17 1.70
C ASP E 74 22.44 -47.51 3.06
N ILE E 75 22.05 -48.77 3.24
CA ILE E 75 21.41 -49.22 4.48
C ILE E 75 22.35 -49.98 5.42
N ASP E 76 22.33 -49.64 6.70
CA ASP E 76 23.14 -50.32 7.69
C ASP E 76 22.24 -51.36 8.37
N PRO E 77 22.49 -52.65 8.13
CA PRO E 77 21.69 -53.72 8.74
C PRO E 77 21.64 -53.67 10.26
N VAL E 78 20.51 -54.09 10.82
CA VAL E 78 20.33 -54.08 12.27
C VAL E 78 20.26 -55.50 12.80
N PRO E 79 21.26 -55.90 13.60
CA PRO E 79 21.29 -57.25 14.17
C PRO E 79 20.38 -57.42 15.39
N GLN E 80 20.05 -58.66 15.68
CA GLN E 80 19.21 -58.98 16.82
C GLN E 80 20.11 -59.40 17.96
N ASN E 81 19.88 -58.87 19.16
CA ASN E 81 20.71 -59.24 20.30
C ASN E 81 19.92 -59.63 21.54
N ASP E 82 20.17 -60.84 22.03
CA ASP E 82 19.51 -61.37 23.21
C ASP E 82 20.36 -61.21 24.46
N GLY E 83 21.24 -60.21 24.46
CA GLY E 83 22.10 -59.98 25.61
C GLY E 83 23.08 -61.09 25.96
N PRO E 84 23.86 -60.90 27.02
CA PRO E 84 24.88 -61.83 27.53
C PRO E 84 24.51 -63.31 27.57
N SER E 85 23.36 -63.66 28.16
CA SER E 85 22.93 -65.06 28.24
C SER E 85 21.57 -65.22 27.57
N PRO E 86 21.54 -65.64 26.30
CA PRO E 86 20.27 -65.81 25.59
C PRO E 86 19.48 -67.06 25.99
N VAL E 87 18.16 -66.93 25.92
CA VAL E 87 17.26 -68.01 26.26
C VAL E 87 16.52 -68.44 25.01
N VAL E 88 16.20 -69.73 24.91
CA VAL E 88 15.50 -70.31 23.77
C VAL E 88 15.91 -69.60 22.48
N GLN E 89 17.21 -69.64 22.20
CA GLN E 89 17.78 -69.01 21.02
C GLN E 89 17.80 -69.92 19.78
N ILE E 90 17.28 -69.42 18.68
CA ILE E 90 17.23 -70.17 17.43
C ILE E 90 18.43 -69.81 16.57
N ILE E 91 19.12 -70.81 16.02
CA ILE E 91 20.27 -70.56 15.17
C ILE E 91 19.82 -70.33 13.74
N TYR E 92 20.33 -69.26 13.13
CA TYR E 92 19.95 -68.92 11.77
C TYR E 92 21.10 -69.01 10.77
N SER E 93 20.77 -69.43 9.55
CA SER E 93 21.76 -69.55 8.49
C SER E 93 22.18 -68.17 8.03
N GLU E 94 23.28 -68.11 7.29
CA GLU E 94 23.79 -66.85 6.77
C GLU E 94 22.69 -66.10 6.02
N LYS E 95 22.04 -66.83 5.11
CA LYS E 95 20.98 -66.30 4.27
C LYS E 95 19.80 -65.74 5.05
N PHE E 96 19.33 -66.52 6.02
CA PHE E 96 18.20 -66.16 6.86
C PHE E 96 18.50 -64.89 7.66
N ARG E 97 19.61 -64.91 8.38
CA ARG E 97 20.00 -63.76 9.17
C ARG E 97 20.19 -62.51 8.31
N ASP E 98 20.65 -62.72 7.08
CA ASP E 98 20.88 -61.60 6.16
C ASP E 98 19.56 -60.91 5.82
N VAL E 99 18.56 -61.68 5.40
CA VAL E 99 17.26 -61.10 5.06
C VAL E 99 16.68 -60.31 6.23
N TYR E 100 16.68 -60.90 7.42
CA TYR E 100 16.12 -60.23 8.58
C TYR E 100 16.93 -59.08 9.13
N ASP E 101 18.24 -59.08 8.92
CA ASP E 101 19.05 -57.97 9.41
C ASP E 101 18.70 -56.71 8.62
N TYR E 102 18.29 -56.90 7.36
CA TYR E 102 17.90 -55.77 6.53
C TYR E 102 16.45 -55.43 6.78
N PHE E 103 15.65 -56.44 7.15
CA PHE E 103 14.25 -56.18 7.46
C PHE E 103 14.20 -55.26 8.69
N ARG E 104 14.99 -55.60 9.71
CA ARG E 104 15.02 -54.79 10.92
C ARG E 104 15.38 -53.35 10.57
N ALA E 105 16.36 -53.21 9.69
CA ALA E 105 16.83 -51.89 9.27
C ALA E 105 15.69 -51.09 8.62
N VAL E 106 14.99 -51.71 7.67
CA VAL E 106 13.91 -51.02 6.99
C VAL E 106 12.75 -50.68 7.95
N LEU E 107 12.44 -51.59 8.86
CA LEU E 107 11.37 -51.37 9.84
C LEU E 107 11.70 -50.20 10.73
N GLN E 108 12.87 -50.27 11.34
CA GLN E 108 13.33 -49.24 12.26
C GLN E 108 13.20 -47.84 11.67
N ARG E 109 13.30 -47.74 10.34
CA ARG E 109 13.23 -46.45 9.68
C ARG E 109 11.89 -46.24 8.99
N ASP E 110 10.98 -47.17 9.20
CA ASP E 110 9.65 -47.06 8.60
C ASP E 110 9.75 -46.65 7.14
N GLU E 111 10.70 -47.23 6.42
CA GLU E 111 10.89 -46.92 5.01
C GLU E 111 9.77 -47.48 4.13
N ARG E 112 8.93 -46.62 3.59
CA ARG E 112 7.84 -47.08 2.73
C ARG E 112 8.29 -47.18 1.28
N SER E 113 9.30 -48.00 1.01
CA SER E 113 9.83 -48.14 -0.34
C SER E 113 9.44 -49.41 -1.08
N GLU E 114 9.71 -49.41 -2.37
CA GLU E 114 9.43 -50.57 -3.21
C GLU E 114 10.40 -51.69 -2.87
N ARG E 115 11.64 -51.33 -2.57
CA ARG E 115 12.62 -52.35 -2.23
C ARG E 115 12.24 -53.02 -0.92
N ALA E 116 11.63 -52.26 -0.01
CA ALA E 116 11.21 -52.79 1.27
C ALA E 116 10.07 -53.78 1.02
N PHE E 117 9.16 -53.41 0.14
CA PHE E 117 8.04 -54.29 -0.18
C PHE E 117 8.54 -55.65 -0.67
N LYS E 118 9.53 -55.63 -1.56
CA LYS E 118 10.08 -56.88 -2.08
C LYS E 118 10.80 -57.65 -0.98
N LEU E 119 11.42 -56.92 -0.06
CA LEU E 119 12.12 -57.57 1.03
C LEU E 119 11.15 -58.37 1.90
N THR E 120 9.93 -57.89 2.10
CA THR E 120 8.97 -58.61 2.94
C THR E 120 8.61 -59.96 2.35
N ARG E 121 8.61 -60.05 1.02
CA ARG E 121 8.28 -61.32 0.37
C ARG E 121 9.28 -62.39 0.80
N ASP E 122 10.55 -61.98 0.91
CA ASP E 122 11.60 -62.90 1.33
C ASP E 122 11.48 -63.24 2.82
N ALA E 123 11.18 -62.22 3.63
CA ALA E 123 11.02 -62.40 5.07
C ALA E 123 9.86 -63.36 5.32
N ILE E 124 8.80 -63.19 4.54
CA ILE E 124 7.66 -64.06 4.69
C ILE E 124 7.98 -65.49 4.24
N GLU E 125 8.83 -65.63 3.23
CA GLU E 125 9.17 -66.98 2.78
C GLU E 125 9.97 -67.68 3.86
N LEU E 126 10.86 -66.95 4.50
CA LEU E 126 11.67 -67.52 5.57
C LEU E 126 10.84 -67.84 6.81
N ASN E 127 9.81 -67.04 7.07
CA ASN E 127 8.95 -67.24 8.24
C ASN E 127 7.63 -66.50 8.16
N ALA E 128 6.60 -67.20 7.71
CA ALA E 128 5.27 -66.62 7.57
C ALA E 128 4.50 -66.42 8.88
N ALA E 129 5.14 -66.76 9.99
CA ALA E 129 4.48 -66.62 11.29
C ALA E 129 4.87 -65.31 11.97
N ASN E 130 5.72 -64.51 11.33
CA ASN E 130 6.13 -63.24 11.91
C ASN E 130 5.05 -62.21 11.62
N TYR E 131 4.17 -61.99 12.59
CA TYR E 131 3.06 -61.06 12.43
C TYR E 131 3.47 -59.62 12.12
N THR E 132 4.62 -59.20 12.62
CA THR E 132 5.09 -57.85 12.35
C THR E 132 5.38 -57.65 10.87
N VAL E 133 5.96 -58.67 10.24
CA VAL E 133 6.28 -58.58 8.82
C VAL E 133 5.00 -58.38 8.02
N TRP E 134 3.97 -59.16 8.34
CA TRP E 134 2.70 -59.02 7.61
C TRP E 134 2.08 -57.65 7.81
N HIS E 135 2.20 -57.11 9.03
CA HIS E 135 1.65 -55.79 9.29
C HIS E 135 2.35 -54.76 8.42
N PHE E 136 3.66 -54.76 8.46
CA PHE E 136 4.45 -53.82 7.68
C PHE E 136 4.13 -53.96 6.20
N ARG E 137 3.96 -55.19 5.75
CA ARG E 137 3.62 -55.41 4.35
C ARG E 137 2.28 -54.73 4.01
N ARG E 138 1.34 -54.77 4.96
CA ARG E 138 0.05 -54.14 4.76
C ARG E 138 0.22 -52.62 4.70
N VAL E 139 1.09 -52.10 5.58
CA VAL E 139 1.37 -50.67 5.58
C VAL E 139 1.87 -50.28 4.18
N LEU E 140 2.81 -51.06 3.66
CA LEU E 140 3.37 -50.81 2.35
C LEU E 140 2.33 -50.96 1.24
N LEU E 141 1.49 -51.97 1.34
CA LEU E 141 0.46 -52.15 0.32
C LEU E 141 -0.34 -50.86 0.15
N ARG E 142 -0.62 -50.20 1.27
CA ARG E 142 -1.38 -48.96 1.25
C ARG E 142 -0.51 -47.81 0.71
N SER E 143 0.64 -47.57 1.35
CA SER E 143 1.55 -46.52 0.91
C SER E 143 1.83 -46.55 -0.58
N LEU E 144 2.32 -47.67 -1.08
CA LEU E 144 2.62 -47.79 -2.51
C LEU E 144 1.40 -48.05 -3.36
N GLN E 145 0.22 -48.05 -2.75
CA GLN E 145 -1.01 -48.30 -3.48
C GLN E 145 -0.86 -49.44 -4.47
N LYS E 146 -0.45 -50.61 -3.97
CA LYS E 146 -0.24 -51.79 -4.79
C LYS E 146 -1.57 -52.41 -5.24
N ASP E 147 -1.53 -53.17 -6.33
CA ASP E 147 -2.72 -53.82 -6.85
C ASP E 147 -3.15 -54.91 -5.87
N LEU E 148 -4.27 -54.68 -5.19
CA LEU E 148 -4.76 -55.65 -4.22
C LEU E 148 -5.24 -56.96 -4.82
N GLN E 149 -5.67 -56.93 -6.07
CA GLN E 149 -6.13 -58.14 -6.71
C GLN E 149 -4.95 -59.10 -6.87
N GLU E 150 -3.76 -58.53 -7.00
CA GLU E 150 -2.55 -59.32 -7.14
C GLU E 150 -2.18 -59.91 -5.79
N GLU E 151 -2.32 -59.11 -4.74
CA GLU E 151 -2.01 -59.57 -3.40
C GLU E 151 -2.93 -60.73 -3.05
N MET E 152 -4.15 -60.72 -3.57
CA MET E 152 -5.08 -61.83 -3.32
C MET E 152 -4.51 -63.13 -3.86
N ASN E 153 -3.88 -63.06 -5.03
CA ASN E 153 -3.30 -64.26 -5.61
C ASN E 153 -2.15 -64.74 -4.75
N TYR E 154 -1.35 -63.79 -4.28
CA TYR E 154 -0.21 -64.10 -3.42
C TYR E 154 -0.66 -64.85 -2.17
N ILE E 155 -1.51 -64.22 -1.38
CA ILE E 155 -2.00 -64.82 -0.15
C ILE E 155 -2.74 -66.13 -0.40
N ILE E 156 -3.38 -66.26 -1.55
CA ILE E 156 -4.10 -67.50 -1.85
C ILE E 156 -3.10 -68.66 -1.94
N ALA E 157 -1.93 -68.40 -2.49
CA ALA E 157 -0.90 -69.42 -2.62
C ALA E 157 -0.29 -69.70 -1.25
N ILE E 158 0.10 -68.66 -0.53
CA ILE E 158 0.69 -68.80 0.80
C ILE E 158 -0.18 -69.64 1.75
N ILE E 159 -1.48 -69.35 1.76
CA ILE E 159 -2.38 -70.10 2.63
C ILE E 159 -2.45 -71.58 2.27
N GLU E 160 -2.41 -71.89 0.97
CA GLU E 160 -2.48 -73.29 0.56
C GLU E 160 -1.31 -74.10 1.11
N GLU E 161 -0.14 -73.45 1.21
CA GLU E 161 1.04 -74.11 1.73
C GLU E 161 1.12 -74.08 3.26
N GLN E 162 0.35 -73.20 3.90
CA GLN E 162 0.35 -73.09 5.36
C GLN E 162 -1.05 -72.78 5.88
N PRO E 163 -1.99 -73.69 5.68
CA PRO E 163 -3.37 -73.53 6.10
C PRO E 163 -3.68 -73.45 7.59
N LYS E 164 -2.70 -73.66 8.45
CA LYS E 164 -2.93 -73.59 9.90
C LYS E 164 -2.25 -72.40 10.53
N ASN E 165 -1.77 -71.47 9.71
CA ASN E 165 -1.08 -70.27 10.18
C ASN E 165 -2.08 -69.11 10.44
N TYR E 166 -2.05 -68.56 11.64
CA TYR E 166 -2.98 -67.48 11.99
C TYR E 166 -2.77 -66.19 11.19
N GLN E 167 -1.52 -65.78 11.02
CA GLN E 167 -1.23 -64.55 10.29
C GLN E 167 -1.71 -64.53 8.84
N VAL E 168 -1.61 -65.65 8.15
CA VAL E 168 -2.01 -65.65 6.74
C VAL E 168 -3.52 -65.52 6.58
N TRP E 169 -4.29 -66.10 7.48
CA TRP E 169 -5.74 -65.99 7.37
C TRP E 169 -6.18 -64.58 7.75
N HIS E 170 -5.50 -63.98 8.72
CA HIS E 170 -5.85 -62.63 9.13
C HIS E 170 -5.58 -61.67 7.98
N HIS E 171 -4.44 -61.85 7.32
CA HIS E 171 -4.07 -61.01 6.19
C HIS E 171 -5.12 -61.09 5.09
N ARG E 172 -5.57 -62.29 4.76
CA ARG E 172 -6.56 -62.43 3.71
C ARG E 172 -7.87 -61.73 4.10
N ARG E 173 -8.25 -61.80 5.37
CA ARG E 173 -9.49 -61.16 5.80
C ARG E 173 -9.40 -59.65 5.66
N VAL E 174 -8.24 -59.07 5.99
CA VAL E 174 -8.08 -57.64 5.86
C VAL E 174 -8.20 -57.24 4.38
N LEU E 175 -7.64 -58.05 3.49
CA LEU E 175 -7.73 -57.76 2.05
C LEU E 175 -9.17 -57.75 1.58
N VAL E 176 -9.91 -58.79 1.92
CA VAL E 176 -11.30 -58.87 1.51
C VAL E 176 -12.10 -57.68 2.04
N GLU E 177 -11.78 -57.22 3.25
CA GLU E 177 -12.46 -56.06 3.81
C GLU E 177 -12.13 -54.84 2.96
N TRP E 178 -10.85 -54.68 2.62
CA TRP E 178 -10.43 -53.57 1.80
C TRP E 178 -11.14 -53.57 0.45
N LEU E 179 -11.12 -54.72 -0.23
CA LEU E 179 -11.74 -54.82 -1.53
C LEU E 179 -13.24 -54.88 -1.49
N LYS E 180 -13.80 -55.17 -0.32
CA LYS E 180 -15.25 -55.33 -0.19
C LYS E 180 -15.71 -56.28 -1.28
N ASP E 181 -14.85 -57.24 -1.60
CA ASP E 181 -15.12 -58.21 -2.65
C ASP E 181 -15.02 -59.65 -2.14
N PRO E 182 -16.16 -60.32 -1.95
CA PRO E 182 -16.10 -61.71 -1.46
C PRO E 182 -16.29 -62.74 -2.57
N SER E 183 -16.34 -62.25 -3.80
CA SER E 183 -16.58 -63.11 -4.97
C SER E 183 -15.81 -64.44 -5.07
N GLN E 184 -14.56 -64.47 -4.60
CA GLN E 184 -13.81 -65.72 -4.69
C GLN E 184 -13.59 -66.48 -3.37
N GLU E 185 -14.16 -65.97 -2.28
CA GLU E 185 -14.00 -66.59 -0.97
C GLU E 185 -14.58 -67.98 -0.79
N LEU E 186 -15.87 -68.16 -1.03
CA LEU E 186 -16.46 -69.48 -0.84
C LEU E 186 -15.76 -70.60 -1.61
N GLU E 187 -15.33 -70.31 -2.83
CA GLU E 187 -14.65 -71.33 -3.61
C GLU E 187 -13.27 -71.63 -3.03
N PHE E 188 -12.54 -70.58 -2.67
CA PHE E 188 -11.21 -70.74 -2.09
C PHE E 188 -11.27 -71.61 -0.84
N ILE E 189 -12.16 -71.26 0.06
CA ILE E 189 -12.33 -72.00 1.29
C ILE E 189 -12.70 -73.45 1.02
N ALA E 190 -13.59 -73.67 0.06
CA ALA E 190 -14.00 -75.03 -0.28
C ALA E 190 -12.79 -75.86 -0.72
N ASP E 191 -11.82 -75.22 -1.37
CA ASP E 191 -10.62 -75.92 -1.81
C ASP E 191 -9.77 -76.32 -0.62
N ILE E 192 -9.62 -75.41 0.34
CA ILE E 192 -8.83 -75.68 1.53
C ILE E 192 -9.54 -76.77 2.34
N LEU E 193 -10.86 -76.64 2.48
CA LEU E 193 -11.62 -77.64 3.22
C LEU E 193 -11.55 -78.97 2.52
N ASN E 194 -11.03 -78.97 1.31
CA ASN E 194 -10.92 -80.21 0.57
C ASN E 194 -9.70 -80.98 1.00
N GLN E 195 -8.67 -80.28 1.44
CA GLN E 195 -7.45 -80.95 1.89
C GLN E 195 -7.61 -81.25 3.38
N ASP E 196 -8.49 -80.52 4.06
CA ASP E 196 -8.73 -80.73 5.48
C ASP E 196 -10.13 -80.21 5.84
N ALA E 197 -11.11 -81.10 5.81
CA ALA E 197 -12.49 -80.75 6.10
C ALA E 197 -12.77 -80.27 7.49
N LYS E 198 -11.77 -80.24 8.37
CA LYS E 198 -12.02 -79.79 9.73
C LYS E 198 -11.13 -78.63 10.15
N ASN E 199 -10.49 -77.99 9.17
CA ASN E 199 -9.61 -76.86 9.42
C ASN E 199 -10.41 -75.73 10.07
N TYR E 200 -10.17 -75.51 11.36
CA TYR E 200 -10.89 -74.47 12.10
C TYR E 200 -10.74 -73.08 11.47
N HIS E 201 -9.52 -72.74 11.03
CA HIS E 201 -9.28 -71.44 10.41
C HIS E 201 -10.18 -71.22 9.18
N ALA E 202 -10.29 -72.25 8.36
CA ALA E 202 -11.11 -72.20 7.15
C ALA E 202 -12.59 -72.00 7.48
N TRP E 203 -13.11 -72.78 8.43
CA TRP E 203 -14.51 -72.64 8.80
C TRP E 203 -14.77 -71.27 9.42
N GLN E 204 -13.81 -70.78 10.19
CA GLN E 204 -13.98 -69.48 10.83
C GLN E 204 -14.08 -68.39 9.75
N HIS E 205 -13.17 -68.43 8.79
CA HIS E 205 -13.16 -67.44 7.72
C HIS E 205 -14.43 -67.56 6.89
N ARG E 206 -14.87 -68.79 6.66
CA ARG E 206 -16.08 -69.02 5.88
C ARG E 206 -17.29 -68.38 6.55
N GLN E 207 -17.42 -68.55 7.87
CA GLN E 207 -18.55 -67.95 8.58
C GLN E 207 -18.47 -66.43 8.54
N TRP E 208 -17.26 -65.89 8.63
CA TRP E 208 -17.09 -64.44 8.59
C TRP E 208 -17.57 -63.90 7.25
N VAL E 209 -17.09 -64.48 6.17
CA VAL E 209 -17.50 -64.04 4.84
C VAL E 209 -19.02 -64.12 4.69
N ILE E 210 -19.58 -65.30 4.90
CA ILE E 210 -21.03 -65.47 4.78
C ILE E 210 -21.83 -64.44 5.55
N GLN E 211 -21.40 -64.13 6.77
CA GLN E 211 -22.14 -63.17 7.59
C GLN E 211 -21.95 -61.73 7.11
N GLU E 212 -20.69 -61.34 6.94
CA GLU E 212 -20.33 -59.99 6.50
C GLU E 212 -20.93 -59.57 5.17
N PHE E 213 -21.01 -60.47 4.21
CA PHE E 213 -21.56 -60.14 2.91
C PHE E 213 -22.88 -60.85 2.62
N ARG E 214 -23.51 -61.35 3.67
CA ARG E 214 -24.77 -62.09 3.58
C ARG E 214 -24.87 -63.04 2.38
N LEU E 215 -24.08 -64.10 2.41
CA LEU E 215 -24.06 -65.11 1.35
C LEU E 215 -24.61 -66.44 1.86
N TRP E 216 -25.84 -66.43 2.37
CA TRP E 216 -26.45 -67.64 2.90
C TRP E 216 -27.11 -68.56 1.87
N ASP E 217 -27.51 -67.98 0.75
CA ASP E 217 -28.19 -68.70 -0.32
C ASP E 217 -27.82 -70.15 -0.63
N ASN E 218 -26.53 -70.47 -0.64
CA ASN E 218 -26.14 -71.84 -0.96
C ASN E 218 -25.42 -72.64 0.11
N GLU E 219 -25.26 -72.08 1.31
CA GLU E 219 -24.54 -72.81 2.34
C GLU E 219 -25.22 -74.07 2.81
N LEU E 220 -26.54 -74.03 3.05
CA LEU E 220 -27.23 -75.23 3.51
C LEU E 220 -27.06 -76.38 2.52
N GLN E 221 -26.88 -76.05 1.26
CA GLN E 221 -26.69 -77.05 0.23
C GLN E 221 -25.26 -77.59 0.33
N TYR E 222 -24.31 -76.69 0.60
CA TYR E 222 -22.90 -77.05 0.75
C TYR E 222 -22.77 -78.01 1.93
N VAL E 223 -23.46 -77.67 3.01
CA VAL E 223 -23.47 -78.48 4.21
C VAL E 223 -24.00 -79.88 3.90
N ASP E 224 -25.14 -79.97 3.22
CA ASP E 224 -25.74 -81.26 2.87
C ASP E 224 -24.77 -82.11 2.07
N GLN E 225 -23.98 -81.45 1.23
CA GLN E 225 -23.02 -82.16 0.41
C GLN E 225 -21.88 -82.74 1.23
N LEU E 226 -21.35 -81.97 2.17
CA LEU E 226 -20.25 -82.44 3.00
C LEU E 226 -20.69 -83.49 4.01
N LEU E 227 -21.93 -83.41 4.47
CA LEU E 227 -22.42 -84.40 5.41
C LEU E 227 -22.55 -85.74 4.70
N LYS E 228 -22.69 -85.71 3.38
CA LYS E 228 -22.79 -86.94 2.61
C LYS E 228 -21.39 -87.53 2.48
N GLU E 229 -20.39 -86.66 2.32
CA GLU E 229 -19.01 -87.10 2.21
C GLU E 229 -18.46 -87.70 3.51
N ASP E 230 -18.99 -87.24 4.64
CA ASP E 230 -18.56 -87.72 5.95
C ASP E 230 -19.53 -87.21 7.00
N VAL E 231 -20.54 -88.00 7.30
CA VAL E 231 -21.55 -87.63 8.28
C VAL E 231 -20.98 -87.46 9.71
N ARG E 232 -19.72 -87.80 9.90
CA ARG E 232 -19.10 -87.67 11.22
C ARG E 232 -18.33 -86.37 11.41
N ASN E 233 -18.26 -85.53 10.39
CA ASN E 233 -17.54 -84.27 10.48
C ASN E 233 -18.29 -83.28 11.39
N ASN E 234 -17.84 -83.16 12.63
CA ASN E 234 -18.46 -82.27 13.61
C ASN E 234 -18.50 -80.81 13.12
N SER E 235 -17.51 -80.40 12.32
CA SER E 235 -17.47 -79.03 11.82
C SER E 235 -18.65 -78.72 10.93
N VAL E 236 -19.04 -79.69 10.10
CA VAL E 236 -20.15 -79.50 9.18
C VAL E 236 -21.48 -79.43 9.91
N TRP E 237 -21.65 -80.23 10.96
CA TRP E 237 -22.89 -80.16 11.71
C TRP E 237 -22.99 -78.77 12.37
N ASN E 238 -21.85 -78.21 12.76
CA ASN E 238 -21.86 -76.89 13.37
C ASN E 238 -22.27 -75.88 12.31
N GLN E 239 -21.72 -76.04 11.11
CA GLN E 239 -22.04 -75.13 10.02
C GLN E 239 -23.54 -75.18 9.71
N ARG E 240 -24.13 -76.37 9.78
CA ARG E 240 -25.54 -76.51 9.50
C ARG E 240 -26.36 -75.66 10.47
N HIS E 241 -26.06 -75.76 11.77
CA HIS E 241 -26.78 -74.99 12.76
C HIS E 241 -26.55 -73.48 12.58
N PHE E 242 -25.36 -73.14 12.12
CA PHE E 242 -24.98 -71.75 11.87
C PHE E 242 -25.88 -71.17 10.78
N VAL E 243 -25.99 -71.88 9.65
CA VAL E 243 -26.80 -71.43 8.53
C VAL E 243 -28.27 -71.28 8.91
N ILE E 244 -28.84 -72.35 9.44
CA ILE E 244 -30.24 -72.31 9.83
C ILE E 244 -30.61 -71.26 10.86
N SER E 245 -29.92 -71.25 11.99
CA SER E 245 -30.25 -70.27 13.02
C SER E 245 -30.04 -68.82 12.59
N ASN E 246 -29.34 -68.62 11.48
CA ASN E 246 -29.10 -67.27 10.99
C ASN E 246 -29.97 -66.91 9.79
N THR E 247 -30.82 -67.83 9.38
CA THR E 247 -31.73 -67.56 8.27
C THR E 247 -33.15 -67.77 8.76
N THR E 248 -33.70 -68.96 8.54
CA THR E 248 -35.07 -69.24 8.97
C THR E 248 -35.24 -69.29 10.48
N GLY E 249 -34.27 -69.85 11.18
CA GLY E 249 -34.39 -69.98 12.63
C GLY E 249 -35.05 -71.32 12.87
N TYR E 250 -35.22 -71.72 14.12
CA TYR E 250 -35.84 -73.02 14.41
C TYR E 250 -37.24 -72.92 14.99
N SER E 251 -37.76 -71.71 15.13
CA SER E 251 -39.08 -71.50 15.69
C SER E 251 -40.21 -71.92 14.75
N ASP E 252 -39.90 -72.05 13.46
CA ASP E 252 -40.91 -72.47 12.49
C ASP E 252 -41.08 -73.99 12.62
N ARG E 253 -42.17 -74.42 13.25
CA ARG E 253 -42.42 -75.84 13.44
C ARG E 253 -42.12 -76.70 12.23
N ALA E 254 -42.29 -76.11 11.05
CA ALA E 254 -42.02 -76.85 9.82
C ALA E 254 -40.54 -77.10 9.65
N VAL E 255 -39.73 -76.08 10.00
CA VAL E 255 -38.29 -76.21 9.89
C VAL E 255 -37.77 -77.18 10.95
N LEU E 256 -38.25 -77.00 12.19
CA LEU E 256 -37.83 -77.86 13.29
C LEU E 256 -38.07 -79.31 12.90
N GLU E 257 -39.26 -79.59 12.38
CA GLU E 257 -39.60 -80.95 11.98
C GLU E 257 -38.70 -81.45 10.87
N ARG E 258 -38.41 -80.60 9.89
CA ARG E 258 -37.55 -81.01 8.80
C ARG E 258 -36.20 -81.44 9.33
N GLU E 259 -35.66 -80.64 10.24
CA GLU E 259 -34.35 -80.89 10.84
C GLU E 259 -34.31 -82.11 11.76
N VAL E 260 -35.28 -82.23 12.66
CA VAL E 260 -35.32 -83.38 13.55
C VAL E 260 -35.41 -84.64 12.71
N GLN E 261 -36.19 -84.57 11.64
CA GLN E 261 -36.37 -85.72 10.76
C GLN E 261 -35.09 -86.05 10.01
N TYR E 262 -34.42 -85.01 9.52
CA TYR E 262 -33.17 -85.16 8.77
C TYR E 262 -32.09 -85.82 9.61
N THR E 263 -32.02 -85.40 10.88
CA THR E 263 -31.02 -85.90 11.80
C THR E 263 -31.29 -87.37 12.12
N LEU E 264 -32.54 -87.71 12.45
CA LEU E 264 -32.88 -89.08 12.76
C LEU E 264 -32.49 -89.96 11.57
N GLU E 265 -32.65 -89.44 10.36
CA GLU E 265 -32.27 -90.20 9.17
C GLU E 265 -30.77 -90.46 9.17
N MET E 266 -30.00 -89.45 9.53
CA MET E 266 -28.55 -89.59 9.56
C MET E 266 -28.13 -90.53 10.69
N ILE E 267 -28.84 -90.44 11.81
CA ILE E 267 -28.54 -91.30 12.95
C ILE E 267 -28.78 -92.76 12.55
N LYS E 268 -29.84 -93.00 11.79
CA LYS E 268 -30.16 -94.38 11.36
C LYS E 268 -29.05 -94.92 10.46
N LEU E 269 -28.39 -94.05 9.70
CA LEU E 269 -27.32 -94.49 8.81
C LEU E 269 -26.04 -94.85 9.56
N VAL E 270 -25.74 -94.07 10.59
CA VAL E 270 -24.55 -94.28 11.41
C VAL E 270 -24.96 -93.90 12.82
N PRO E 271 -25.59 -94.84 13.54
CA PRO E 271 -26.06 -94.64 14.91
C PRO E 271 -25.03 -94.19 15.94
N HIS E 272 -23.77 -94.54 15.72
CA HIS E 272 -22.72 -94.15 16.66
C HIS E 272 -22.01 -92.91 16.12
N ASN E 273 -22.68 -91.76 16.26
CA ASN E 273 -22.13 -90.49 15.80
C ASN E 273 -22.53 -89.38 16.75
N GLU E 274 -21.62 -89.01 17.64
CA GLU E 274 -21.89 -87.99 18.63
C GLU E 274 -22.39 -86.68 18.04
N SER E 275 -21.80 -86.26 16.93
CA SER E 275 -22.19 -85.02 16.27
C SER E 275 -23.68 -84.95 15.93
N ALA E 276 -24.22 -86.00 15.30
CA ALA E 276 -25.62 -86.03 14.94
C ALA E 276 -26.49 -85.95 16.19
N TRP E 277 -26.15 -86.71 17.21
CA TRP E 277 -26.94 -86.69 18.44
C TRP E 277 -26.87 -85.33 19.13
N ASN E 278 -25.70 -84.70 19.09
CA ASN E 278 -25.55 -83.39 19.73
C ASN E 278 -26.40 -82.33 19.04
N TYR E 279 -26.53 -82.45 17.73
CA TYR E 279 -27.34 -81.52 16.95
C TYR E 279 -28.80 -81.74 17.32
N LEU E 280 -29.24 -83.00 17.27
CA LEU E 280 -30.61 -83.32 17.62
C LEU E 280 -30.99 -82.76 18.99
N LYS E 281 -30.15 -83.03 20.00
CA LYS E 281 -30.42 -82.53 21.34
C LYS E 281 -30.29 -81.01 21.38
N GLY E 282 -29.34 -80.49 20.61
CA GLY E 282 -29.13 -79.06 20.60
C GLY E 282 -30.34 -78.24 20.19
N ILE E 283 -31.00 -78.62 19.10
CA ILE E 283 -32.14 -77.88 18.61
C ILE E 283 -33.44 -78.12 19.37
N LEU E 284 -33.43 -79.05 20.32
CA LEU E 284 -34.62 -79.33 21.10
C LEU E 284 -34.51 -79.04 22.60
N GLN E 285 -33.30 -79.13 23.15
CA GLN E 285 -33.12 -78.93 24.58
C GLN E 285 -33.74 -77.69 25.20
N ASP E 286 -33.68 -76.57 24.50
CA ASP E 286 -34.24 -75.35 25.07
C ASP E 286 -35.75 -75.25 24.95
N ARG E 287 -36.33 -75.98 24.00
CA ARG E 287 -37.79 -75.98 23.84
C ARG E 287 -38.38 -76.87 24.91
N GLY E 288 -37.61 -77.88 25.33
CA GLY E 288 -38.08 -78.80 26.35
C GLY E 288 -38.23 -80.20 25.79
N LEU E 289 -37.23 -81.05 26.00
CA LEU E 289 -37.26 -82.41 25.47
C LEU E 289 -38.52 -83.18 25.83
N SER E 290 -39.09 -82.88 27.00
CA SER E 290 -40.28 -83.60 27.44
C SER E 290 -41.55 -83.22 26.66
N ARG E 291 -41.49 -82.18 25.85
CA ARG E 291 -42.65 -81.75 25.07
C ARG E 291 -42.85 -82.44 23.72
N TYR E 292 -42.01 -83.43 23.41
CA TYR E 292 -42.10 -84.16 22.14
C TYR E 292 -42.34 -85.65 22.34
N PRO E 293 -43.57 -86.03 22.78
CA PRO E 293 -43.95 -87.42 23.02
C PRO E 293 -43.63 -88.48 21.96
N ASN E 294 -43.76 -88.16 20.68
CA ASN E 294 -43.46 -89.17 19.67
C ASN E 294 -41.98 -89.44 19.58
N LEU E 295 -41.16 -88.46 19.95
CA LEU E 295 -39.71 -88.59 19.90
C LEU E 295 -39.28 -89.67 20.91
N LEU E 296 -39.81 -89.57 22.12
CA LEU E 296 -39.48 -90.53 23.15
C LEU E 296 -39.70 -91.96 22.65
N ASN E 297 -40.86 -92.22 22.06
CA ASN E 297 -41.17 -93.55 21.57
C ASN E 297 -40.38 -93.94 20.33
N GLN E 298 -40.15 -93.00 19.43
CA GLN E 298 -39.39 -93.32 18.23
C GLN E 298 -37.97 -93.73 18.59
N LEU E 299 -37.46 -93.18 19.69
CA LEU E 299 -36.12 -93.51 20.14
C LEU E 299 -36.12 -94.86 20.84
N LEU E 300 -37.10 -95.09 21.70
CA LEU E 300 -37.22 -96.35 22.41
C LEU E 300 -37.30 -97.54 21.43
N ASP E 301 -37.78 -97.28 20.22
CA ASP E 301 -37.91 -98.31 19.21
C ASP E 301 -36.61 -98.55 18.46
N LEU E 302 -35.71 -97.58 18.52
CA LEU E 302 -34.41 -97.71 17.87
C LEU E 302 -33.50 -98.55 18.75
N GLN E 303 -33.69 -98.42 20.07
CA GLN E 303 -32.91 -99.12 21.08
C GLN E 303 -32.57 -100.58 20.74
N PRO E 304 -33.57 -101.36 20.28
CA PRO E 304 -33.34 -102.76 19.93
C PRO E 304 -32.10 -103.02 19.07
N SER E 305 -32.02 -102.35 17.93
CA SER E 305 -30.88 -102.54 17.04
C SER E 305 -29.89 -101.37 17.04
N HIS E 306 -30.39 -100.19 16.70
CA HIS E 306 -29.57 -98.97 16.63
C HIS E 306 -29.12 -98.38 17.97
N SER E 307 -28.94 -99.23 18.98
CA SER E 307 -28.52 -98.74 20.29
C SER E 307 -27.10 -98.17 20.25
N SER E 308 -26.83 -97.25 21.16
CA SER E 308 -25.53 -96.60 21.29
C SER E 308 -25.59 -95.80 22.58
N PRO E 309 -24.42 -95.52 23.18
CA PRO E 309 -24.42 -94.76 24.43
C PRO E 309 -25.11 -93.40 24.27
N TYR E 310 -25.00 -92.82 23.08
CA TYR E 310 -25.61 -91.52 22.78
C TYR E 310 -27.14 -91.56 22.90
N LEU E 311 -27.72 -92.64 22.41
CA LEU E 311 -29.16 -92.81 22.48
C LEU E 311 -29.59 -92.98 23.94
N ILE E 312 -28.89 -93.85 24.67
CA ILE E 312 -29.24 -94.08 26.07
C ILE E 312 -29.19 -92.76 26.82
N ALA E 313 -28.14 -91.99 26.58
CA ALA E 313 -27.97 -90.70 27.25
C ALA E 313 -29.12 -89.76 26.90
N PHE E 314 -29.50 -89.74 25.62
CA PHE E 314 -30.59 -88.89 25.19
C PHE E 314 -31.84 -89.22 26.01
N LEU E 315 -32.14 -90.51 26.12
CA LEU E 315 -33.30 -90.96 26.89
C LEU E 315 -33.21 -90.45 28.33
N VAL E 316 -32.05 -90.59 28.94
CA VAL E 316 -31.89 -90.13 30.33
C VAL E 316 -32.28 -88.66 30.39
N ASP E 317 -31.81 -87.88 29.42
CA ASP E 317 -32.11 -86.44 29.36
C ASP E 317 -33.60 -86.16 29.19
N ILE E 318 -34.27 -86.98 28.38
CA ILE E 318 -35.71 -86.82 28.17
C ILE E 318 -36.39 -87.06 29.52
N TYR E 319 -36.05 -88.18 30.16
CA TYR E 319 -36.62 -88.49 31.46
C TYR E 319 -36.34 -87.37 32.45
N GLU E 320 -35.13 -86.83 32.40
CA GLU E 320 -34.76 -85.74 33.30
C GLU E 320 -35.66 -84.53 33.11
N ASP E 321 -35.93 -84.16 31.86
CA ASP E 321 -36.78 -83.01 31.59
C ASP E 321 -38.20 -83.24 32.11
N MET E 322 -38.65 -84.49 32.07
CA MET E 322 -39.98 -84.81 32.59
C MET E 322 -39.99 -84.53 34.08
N LEU E 323 -39.09 -85.17 34.82
CA LEU E 323 -38.99 -84.98 36.25
C LEU E 323 -38.96 -83.50 36.59
N GLU E 324 -38.24 -82.75 35.76
CA GLU E 324 -38.09 -81.30 35.95
C GLU E 324 -39.44 -80.60 35.81
N ASN E 325 -40.27 -81.12 34.92
CA ASN E 325 -41.59 -80.53 34.67
C ASN E 325 -42.76 -81.26 35.34
N GLN E 326 -42.63 -81.48 36.64
CA GLN E 326 -43.67 -82.15 37.42
C GLN E 326 -44.54 -83.12 36.60
N CYS E 327 -43.94 -84.13 35.98
CA CYS E 327 -44.69 -85.08 35.17
C CYS E 327 -45.47 -86.09 36.02
N ASP E 328 -46.29 -86.90 35.35
CA ASP E 328 -47.11 -87.91 36.01
C ASP E 328 -46.35 -89.23 36.18
N ASN E 329 -46.50 -89.85 37.36
CA ASN E 329 -45.81 -91.10 37.68
C ASN E 329 -44.32 -90.79 37.90
N LYS E 330 -44.07 -89.67 38.59
CA LYS E 330 -42.71 -89.19 38.88
C LYS E 330 -41.73 -90.27 39.31
N GLU E 331 -42.02 -90.96 40.42
CA GLU E 331 -41.12 -91.98 40.93
C GLU E 331 -40.86 -93.11 39.91
N ASP E 332 -41.81 -93.37 39.03
CA ASP E 332 -41.63 -94.42 38.03
C ASP E 332 -40.66 -93.97 36.95
N ILE E 333 -40.72 -92.68 36.61
CA ILE E 333 -39.83 -92.09 35.61
C ILE E 333 -38.40 -92.09 36.14
N LEU E 334 -38.24 -91.59 37.36
CA LEU E 334 -36.93 -91.53 38.02
C LEU E 334 -36.22 -92.88 37.92
N ASN E 335 -36.95 -93.95 38.18
CA ASN E 335 -36.39 -95.29 38.12
C ASN E 335 -35.97 -95.67 36.71
N LYS E 336 -36.72 -95.21 35.72
CA LYS E 336 -36.39 -95.53 34.34
C LYS E 336 -35.06 -94.85 34.00
N ALA E 337 -34.86 -93.65 34.56
CA ALA E 337 -33.63 -92.89 34.33
C ALA E 337 -32.46 -93.59 35.01
N LEU E 338 -32.60 -93.82 36.32
CA LEU E 338 -31.56 -94.48 37.09
C LEU E 338 -31.17 -95.81 36.44
N GLU E 339 -32.18 -96.55 35.96
CA GLU E 339 -31.91 -97.83 35.31
C GLU E 339 -30.99 -97.64 34.12
N LEU E 340 -31.19 -96.55 33.39
CA LEU E 340 -30.39 -96.24 32.21
C LEU E 340 -29.00 -95.74 32.56
N CYS E 341 -28.90 -94.96 33.64
CA CYS E 341 -27.60 -94.46 34.07
C CYS E 341 -26.71 -95.64 34.38
N GLU E 342 -27.27 -96.60 35.12
CA GLU E 342 -26.53 -97.80 35.49
C GLU E 342 -26.14 -98.65 34.28
N ILE E 343 -26.98 -98.65 33.27
CA ILE E 343 -26.68 -99.42 32.06
C ILE E 343 -25.48 -98.77 31.38
N LEU E 344 -25.45 -97.45 31.41
CA LEU E 344 -24.37 -96.69 30.82
C LEU E 344 -23.07 -96.93 31.58
N ALA E 345 -23.16 -96.86 32.90
CA ALA E 345 -21.99 -97.08 33.76
C ALA E 345 -21.46 -98.49 33.71
N LYS E 346 -22.37 -99.46 33.85
CA LYS E 346 -21.99 -100.86 33.88
C LYS E 346 -21.62 -101.52 32.55
N GLU E 347 -22.20 -101.09 31.43
CA GLU E 347 -21.85 -101.75 30.17
C GLU E 347 -21.84 -100.95 28.87
N LYS E 348 -22.58 -99.85 28.79
CA LYS E 348 -22.62 -99.09 27.53
C LYS E 348 -21.61 -97.97 27.32
N ASP E 349 -21.20 -97.32 28.41
CA ASP E 349 -20.25 -96.22 28.33
C ASP E 349 -19.35 -96.31 29.57
N THR E 350 -18.80 -97.50 29.81
CA THR E 350 -17.97 -97.77 30.98
C THR E 350 -16.85 -96.79 31.29
N ILE E 351 -16.26 -96.16 30.28
CA ILE E 351 -15.17 -95.22 30.57
C ILE E 351 -15.65 -94.05 31.43
N ARG E 352 -16.96 -93.80 31.40
CA ARG E 352 -17.53 -92.72 32.20
C ARG E 352 -18.35 -93.31 33.37
N LYS E 353 -17.99 -94.54 33.75
CA LYS E 353 -18.65 -95.27 34.83
C LYS E 353 -18.95 -94.39 36.04
N GLU E 354 -17.93 -93.73 36.57
CA GLU E 354 -18.13 -92.89 37.75
C GLU E 354 -18.97 -91.65 37.50
N TYR E 355 -18.94 -91.15 36.27
CA TYR E 355 -19.71 -89.96 35.93
C TYR E 355 -21.19 -90.30 35.92
N TRP E 356 -21.54 -91.38 35.22
CA TRP E 356 -22.94 -91.77 35.15
C TRP E 356 -23.49 -92.10 36.53
N ARG E 357 -22.70 -92.78 37.36
CA ARG E 357 -23.14 -93.11 38.71
C ARG E 357 -23.39 -91.79 39.45
N TYR E 358 -22.53 -90.82 39.20
CA TYR E 358 -22.64 -89.51 39.82
C TYR E 358 -23.93 -88.86 39.36
N ILE E 359 -24.24 -88.99 38.07
CA ILE E 359 -25.47 -88.43 37.51
C ILE E 359 -26.66 -89.10 38.17
N GLY E 360 -26.59 -90.43 38.27
CA GLY E 360 -27.68 -91.16 38.90
C GLY E 360 -27.97 -90.63 40.29
N ARG E 361 -26.93 -90.57 41.14
CA ARG E 361 -27.10 -90.09 42.50
C ARG E 361 -27.74 -88.70 42.49
N SER E 362 -27.29 -87.86 41.57
CA SER E 362 -27.81 -86.50 41.45
C SER E 362 -29.31 -86.48 41.18
N LEU E 363 -29.76 -87.38 40.31
CA LEU E 363 -31.17 -87.47 39.98
C LEU E 363 -31.99 -87.88 41.19
N GLN E 364 -31.52 -88.88 41.91
CA GLN E 364 -32.24 -89.34 43.07
C GLN E 364 -32.37 -88.30 44.18
N SER E 365 -31.25 -87.72 44.59
CA SER E 365 -31.30 -86.74 45.66
C SER E 365 -32.03 -85.47 45.22
N LYS E 366 -32.50 -85.42 43.98
CA LYS E 366 -33.21 -84.24 43.49
C LYS E 366 -34.69 -84.52 43.25
N HIS E 367 -35.06 -85.79 43.09
CA HIS E 367 -36.47 -86.15 42.85
C HIS E 367 -36.91 -87.37 43.66
N SER E 368 -37.09 -87.22 44.98
CA SER E 368 -37.53 -88.33 45.83
C SER E 368 -38.33 -87.88 47.05
N LEU F 18 5.29 -96.45 30.01
CA LEU F 18 5.40 -97.46 31.11
C LEU F 18 5.49 -96.75 32.46
N ASP F 19 6.59 -96.04 32.67
CA ASP F 19 6.79 -95.27 33.88
C ASP F 19 7.08 -93.85 33.42
N PHE F 20 7.05 -92.90 34.33
CA PHE F 20 7.30 -91.51 34.00
C PHE F 20 8.81 -91.25 34.00
N LEU F 21 9.37 -90.88 32.86
CA LEU F 21 10.82 -90.63 32.74
C LEU F 21 11.24 -89.24 33.19
N ARG F 22 10.91 -88.89 34.43
CA ARG F 22 11.22 -87.58 34.98
C ARG F 22 12.55 -86.94 34.58
N ASP F 23 13.66 -87.64 34.81
CA ASP F 23 14.98 -87.08 34.48
C ASP F 23 15.13 -86.70 33.01
N ARG F 24 14.64 -87.56 32.12
CA ARG F 24 14.74 -87.28 30.70
C ARG F 24 13.98 -86.00 30.36
N HIS F 25 12.81 -85.83 30.96
CA HIS F 25 12.01 -84.63 30.71
C HIS F 25 12.69 -83.40 31.29
N VAL F 26 13.43 -83.54 32.37
CA VAL F 26 14.11 -82.37 32.92
C VAL F 26 15.18 -81.92 31.93
N ARG F 27 15.95 -82.87 31.41
CA ARG F 27 16.99 -82.56 30.44
C ARG F 27 16.37 -81.95 29.17
N PHE F 28 15.23 -82.51 28.75
CA PHE F 28 14.53 -82.02 27.57
C PHE F 28 14.22 -80.52 27.71
N PHE F 29 13.68 -80.12 28.86
CA PHE F 29 13.34 -78.73 29.09
C PHE F 29 14.59 -77.89 29.17
N GLN F 30 15.68 -78.45 29.68
CA GLN F 30 16.92 -77.70 29.78
C GLN F 30 17.38 -77.31 28.39
N ARG F 31 17.35 -78.28 27.48
CA ARG F 31 17.75 -78.01 26.11
C ARG F 31 16.90 -76.93 25.47
N CYS F 32 15.61 -76.90 25.77
CA CYS F 32 14.75 -75.89 25.21
C CYS F 32 15.23 -74.50 25.58
N LEU F 33 15.62 -74.31 26.84
CA LEU F 33 16.10 -73.00 27.25
C LEU F 33 17.45 -72.64 26.65
N GLN F 34 18.12 -73.62 26.05
CA GLN F 34 19.44 -73.38 25.50
C GLN F 34 19.48 -72.91 24.05
N VAL F 35 19.42 -73.85 23.12
CA VAL F 35 19.46 -73.48 21.72
C VAL F 35 18.49 -74.32 20.92
N LEU F 36 17.93 -73.73 19.87
CA LEU F 36 16.98 -74.42 19.01
C LEU F 36 17.50 -74.38 17.58
N PRO F 37 17.23 -75.45 16.80
CA PRO F 37 17.66 -75.58 15.40
C PRO F 37 16.88 -74.62 14.51
N GLU F 38 17.49 -74.13 13.43
CA GLU F 38 16.81 -73.20 12.54
C GLU F 38 15.46 -73.73 12.10
N ARG F 39 15.20 -75.00 12.40
CA ARG F 39 13.94 -75.63 12.03
C ARG F 39 12.77 -75.14 12.88
N TYR F 40 13.05 -74.32 13.89
CA TYR F 40 11.98 -73.81 14.76
C TYR F 40 11.86 -72.28 14.64
N SER F 41 12.34 -71.77 13.52
CA SER F 41 12.33 -70.34 13.24
C SER F 41 10.94 -69.73 13.28
N SER F 42 9.92 -70.54 13.08
CA SER F 42 8.55 -70.04 13.12
C SER F 42 8.10 -69.66 14.53
N LEU F 43 8.95 -69.92 15.51
CA LEU F 43 8.63 -69.60 16.90
C LEU F 43 9.37 -68.35 17.36
N GLU F 44 10.17 -67.76 16.49
CA GLU F 44 10.92 -66.57 16.85
C GLU F 44 10.10 -65.53 17.62
N THR F 45 9.01 -65.06 17.02
CA THR F 45 8.19 -64.04 17.65
C THR F 45 7.36 -64.50 18.86
N SER F 46 7.60 -65.71 19.33
CA SER F 46 6.89 -66.20 20.51
C SER F 46 7.78 -67.12 21.31
N ARG F 47 9.06 -66.78 21.34
CA ARG F 47 10.06 -67.55 22.08
C ARG F 47 9.74 -67.50 23.56
N LEU F 48 9.17 -66.39 24.00
CA LEU F 48 8.84 -66.24 25.42
C LEU F 48 7.86 -67.31 25.89
N THR F 49 6.98 -67.78 25.01
CA THR F 49 6.04 -68.83 25.41
C THR F 49 6.75 -70.17 25.48
N ILE F 50 7.80 -70.32 24.69
CA ILE F 50 8.56 -71.56 24.70
C ILE F 50 9.34 -71.57 26.01
N ALA F 51 9.80 -70.39 26.42
CA ALA F 51 10.54 -70.25 27.67
C ALA F 51 9.57 -70.67 28.79
N PHE F 52 8.35 -70.13 28.72
CA PHE F 52 7.30 -70.44 29.69
C PHE F 52 7.08 -71.95 29.80
N PHE F 53 6.90 -72.61 28.66
CA PHE F 53 6.67 -74.04 28.65
C PHE F 53 7.79 -74.79 29.36
N ALA F 54 9.02 -74.32 29.18
CA ALA F 54 10.19 -74.98 29.78
C ALA F 54 10.41 -74.62 31.25
N LEU F 55 10.27 -73.35 31.59
CA LEU F 55 10.44 -72.93 32.98
C LEU F 55 9.32 -73.50 33.84
N SER F 56 8.08 -73.30 33.42
CA SER F 56 6.93 -73.81 34.16
C SER F 56 7.00 -75.34 34.18
N GLY F 57 7.52 -75.92 33.12
CA GLY F 57 7.64 -77.36 33.07
C GLY F 57 8.66 -77.82 34.09
N LEU F 58 9.75 -77.06 34.24
CA LEU F 58 10.80 -77.42 35.21
C LEU F 58 10.25 -77.21 36.61
N ASP F 59 9.59 -76.07 36.82
CA ASP F 59 8.98 -75.77 38.10
C ASP F 59 8.07 -76.93 38.48
N MET F 60 7.21 -77.33 37.55
CA MET F 60 6.29 -78.44 37.77
C MET F 60 7.00 -79.74 38.17
N LEU F 61 8.28 -79.87 37.77
CA LEU F 61 9.05 -81.06 38.09
C LEU F 61 9.98 -80.80 39.27
N ASP F 62 9.88 -79.60 39.83
CA ASP F 62 10.69 -79.21 40.98
C ASP F 62 12.18 -79.27 40.61
N SER F 63 12.56 -78.65 39.49
CA SER F 63 13.95 -78.64 39.04
C SER F 63 14.39 -77.27 38.60
N LEU F 64 13.73 -76.22 39.09
CA LEU F 64 14.10 -74.88 38.68
C LEU F 64 15.52 -74.51 39.05
N ASP F 65 16.16 -75.35 39.84
CA ASP F 65 17.53 -75.08 40.26
C ASP F 65 18.54 -75.25 39.12
N VAL F 66 18.24 -76.13 38.17
CA VAL F 66 19.14 -76.35 37.05
C VAL F 66 19.24 -75.19 36.06
N VAL F 67 18.70 -74.02 36.42
CA VAL F 67 18.78 -72.87 35.52
C VAL F 67 19.21 -71.66 36.34
N ASN F 68 19.67 -70.62 35.66
CA ASN F 68 20.12 -69.43 36.37
C ASN F 68 18.98 -68.41 36.41
N LYS F 69 18.14 -68.54 37.42
CA LYS F 69 17.00 -67.66 37.58
C LYS F 69 17.31 -66.19 37.34
N ASP F 70 18.51 -65.77 37.69
CA ASP F 70 18.89 -64.37 37.52
C ASP F 70 19.13 -63.93 36.09
N ASP F 71 19.81 -64.77 35.31
CA ASP F 71 20.06 -64.42 33.92
C ASP F 71 18.73 -64.33 33.18
N ILE F 72 17.94 -65.39 33.30
CA ILE F 72 16.65 -65.46 32.64
C ILE F 72 15.74 -64.30 33.00
N ILE F 73 15.78 -63.86 34.26
CA ILE F 73 14.95 -62.75 34.65
C ILE F 73 15.34 -61.48 33.91
N GLU F 74 16.64 -61.30 33.69
CA GLU F 74 17.12 -60.11 32.98
C GLU F 74 16.70 -60.18 31.52
N TRP F 75 16.76 -61.38 30.96
CA TRP F 75 16.37 -61.59 29.58
C TRP F 75 14.91 -61.19 29.41
N ILE F 76 14.07 -61.69 30.30
CA ILE F 76 12.64 -61.39 30.26
C ILE F 76 12.38 -59.89 30.37
N TYR F 77 13.05 -59.24 31.30
CA TYR F 77 12.85 -57.80 31.46
C TYR F 77 13.31 -57.00 30.25
N SER F 78 14.20 -57.57 29.45
CA SER F 78 14.68 -56.86 28.26
C SER F 78 13.59 -56.89 27.21
N LEU F 79 12.57 -57.71 27.44
CA LEU F 79 11.45 -57.85 26.52
C LEU F 79 10.27 -56.94 26.84
N GLN F 80 10.36 -56.19 27.94
CA GLN F 80 9.27 -55.30 28.30
C GLN F 80 9.29 -54.00 27.51
N VAL F 81 8.13 -53.65 26.96
CA VAL F 81 7.97 -52.42 26.21
C VAL F 81 7.55 -51.38 27.23
N LEU F 82 8.51 -50.58 27.68
CA LEU F 82 8.24 -49.55 28.67
C LEU F 82 7.77 -48.27 28.01
N PRO F 83 7.03 -47.43 28.75
CA PRO F 83 6.56 -46.19 28.14
C PRO F 83 7.72 -45.22 27.92
N THR F 84 7.58 -44.37 26.92
CA THR F 84 8.62 -43.40 26.60
C THR F 84 8.50 -42.16 27.50
N GLU F 85 9.52 -41.30 27.45
CA GLU F 85 9.55 -40.09 28.26
C GLU F 85 8.19 -39.39 28.21
N ASP F 86 7.73 -39.08 27.00
CA ASP F 86 6.46 -38.39 26.80
C ASP F 86 5.22 -39.26 27.01
N ARG F 87 5.41 -40.48 27.52
CA ARG F 87 4.30 -41.40 27.76
C ARG F 87 3.27 -41.42 26.63
N SER F 88 3.75 -41.32 25.39
CA SER F 88 2.87 -41.31 24.22
C SER F 88 2.61 -42.70 23.63
N ASN F 89 3.23 -43.73 24.19
CA ASN F 89 3.06 -45.08 23.69
C ASN F 89 2.47 -46.02 24.73
N LEU F 90 1.62 -45.50 25.62
CA LEU F 90 1.03 -46.35 26.64
C LEU F 90 0.18 -47.47 26.08
N ASP F 91 -0.56 -47.21 25.00
CA ASP F 91 -1.41 -48.23 24.41
C ASP F 91 -0.64 -49.35 23.77
N ARG F 92 0.69 -49.28 23.81
CA ARG F 92 1.52 -50.30 23.20
C ARG F 92 2.45 -51.01 24.15
N CYS F 93 2.28 -50.79 25.45
CA CYS F 93 3.15 -51.42 26.43
C CYS F 93 2.74 -52.83 26.80
N GLY F 94 3.71 -53.60 27.28
CA GLY F 94 3.50 -54.98 27.64
C GLY F 94 4.81 -55.68 27.39
N PHE F 95 4.77 -56.92 26.89
CA PHE F 95 6.02 -57.62 26.60
C PHE F 95 6.10 -58.10 25.16
N ARG F 96 7.34 -58.29 24.68
CA ARG F 96 7.60 -58.76 23.33
C ARG F 96 7.84 -60.26 23.41
N GLY F 97 7.67 -60.95 22.28
CA GLY F 97 7.90 -62.39 22.26
C GLY F 97 9.39 -62.69 22.26
N SER F 98 10.17 -61.77 21.70
CA SER F 98 11.62 -61.91 21.61
C SER F 98 12.21 -60.58 21.18
N SER F 99 13.49 -60.59 20.86
CA SER F 99 14.18 -59.39 20.43
C SER F 99 14.27 -59.26 18.90
N TYR F 100 13.37 -59.94 18.20
CA TYR F 100 13.42 -59.91 16.74
C TYR F 100 13.39 -58.53 16.08
N LEU F 101 12.95 -57.49 16.79
CA LEU F 101 12.94 -56.16 16.18
C LEU F 101 14.30 -55.48 16.14
N GLY F 102 15.25 -56.03 16.88
CA GLY F 102 16.57 -55.46 16.89
C GLY F 102 16.74 -54.27 17.82
N ILE F 103 16.01 -54.25 18.91
CA ILE F 103 16.13 -53.15 19.86
C ILE F 103 17.25 -53.52 20.82
N PRO F 104 18.14 -52.56 21.10
CA PRO F 104 19.28 -52.80 22.00
C PRO F 104 18.88 -53.37 23.36
N PHE F 105 19.53 -54.47 23.74
CA PHE F 105 19.28 -55.15 25.01
C PHE F 105 19.26 -54.21 26.21
N ASN F 106 18.08 -54.02 26.80
CA ASN F 106 17.93 -53.14 27.95
C ASN F 106 16.94 -53.77 28.94
N PRO F 107 17.46 -54.48 29.96
CA PRO F 107 16.63 -55.14 30.97
C PRO F 107 15.85 -54.17 31.87
N SER F 108 14.81 -53.57 31.29
CA SER F 108 13.95 -52.61 31.99
C SER F 108 14.71 -51.64 32.86
N LYS F 109 15.78 -51.08 32.31
CA LYS F 109 16.58 -50.10 33.03
C LYS F 109 16.16 -48.69 32.57
N ASN F 110 16.85 -48.16 31.57
CA ASN F 110 16.53 -46.83 31.03
C ASN F 110 15.07 -46.75 30.58
N PRO F 111 14.64 -45.56 30.12
CA PRO F 111 13.25 -45.38 29.66
C PRO F 111 13.00 -46.20 28.40
N GLY F 112 12.08 -45.74 27.56
CA GLY F 112 11.78 -46.46 26.33
C GLY F 112 12.33 -45.85 25.06
N THR F 113 13.03 -46.67 24.26
CA THR F 113 13.61 -46.21 22.99
C THR F 113 12.56 -46.33 21.89
N ALA F 114 11.89 -45.21 21.59
CA ALA F 114 10.84 -45.13 20.57
C ALA F 114 11.16 -45.91 19.29
N HIS F 115 10.17 -46.64 18.79
CA HIS F 115 10.32 -47.44 17.58
C HIS F 115 8.95 -47.56 16.93
N PRO F 116 8.85 -47.22 15.64
CA PRO F 116 7.62 -47.25 14.85
C PRO F 116 6.75 -48.50 14.98
N TYR F 117 7.35 -49.66 15.11
CA TYR F 117 6.58 -50.89 15.18
C TYR F 117 6.79 -51.76 16.40
N ASP F 118 7.40 -51.21 17.45
CA ASP F 118 7.62 -51.99 18.66
C ASP F 118 6.47 -51.84 19.65
N SER F 119 5.92 -52.97 20.07
CA SER F 119 4.83 -52.95 21.04
C SER F 119 4.65 -54.36 21.60
N GLY F 120 3.88 -54.48 22.67
CA GLY F 120 3.69 -55.78 23.28
C GLY F 120 2.71 -56.69 22.57
N HIS F 121 2.68 -57.95 23.01
CA HIS F 121 1.79 -58.97 22.48
C HIS F 121 1.13 -59.59 23.70
N ILE F 122 -0.20 -59.56 23.74
CA ILE F 122 -0.93 -60.07 24.89
C ILE F 122 -0.51 -61.45 25.41
N ALA F 123 -0.18 -62.38 24.52
CA ALA F 123 0.23 -63.70 24.97
C ALA F 123 1.63 -63.67 25.57
N MET F 124 2.40 -62.66 25.20
CA MET F 124 3.77 -62.53 25.69
C MET F 124 3.76 -61.80 27.04
N THR F 125 2.85 -60.85 27.18
CA THR F 125 2.73 -60.13 28.45
C THR F 125 2.30 -61.18 29.49
N TYR F 126 1.40 -62.06 29.07
CA TYR F 126 0.92 -63.11 29.96
C TYR F 126 2.05 -64.08 30.35
N THR F 127 2.66 -64.75 29.37
CA THR F 127 3.73 -65.68 29.66
C THR F 127 4.94 -65.00 30.29
N GLY F 128 5.14 -63.72 29.99
CA GLY F 128 6.25 -62.99 30.57
C GLY F 128 6.07 -62.86 32.07
N LEU F 129 4.96 -62.23 32.49
CA LEU F 129 4.66 -62.04 33.91
C LEU F 129 4.66 -63.41 34.58
N SER F 130 4.03 -64.36 33.92
CA SER F 130 3.96 -65.69 34.43
C SER F 130 5.36 -66.26 34.70
N CYS F 131 6.29 -66.05 33.77
CA CYS F 131 7.66 -66.56 33.93
C CYS F 131 8.37 -65.88 35.09
N LEU F 132 8.23 -64.56 35.17
CA LEU F 132 8.86 -63.80 36.24
C LEU F 132 8.47 -64.36 37.60
N ILE F 133 7.17 -64.57 37.81
CA ILE F 133 6.68 -65.12 39.07
C ILE F 133 7.26 -66.51 39.36
N ILE F 134 7.33 -67.35 38.33
CA ILE F 134 7.87 -68.69 38.49
C ILE F 134 9.33 -68.62 38.92
N LEU F 135 10.06 -67.66 38.36
CA LEU F 135 11.48 -67.49 38.67
C LEU F 135 11.74 -66.82 40.01
N GLY F 136 10.69 -66.37 40.68
CA GLY F 136 10.85 -65.73 41.98
C GLY F 136 10.87 -64.22 41.99
N ASP F 137 10.92 -63.59 40.83
CA ASP F 137 10.94 -62.13 40.77
C ASP F 137 9.71 -61.57 41.46
N ASP F 138 9.76 -60.31 41.87
CA ASP F 138 8.63 -59.71 42.58
C ASP F 138 7.84 -58.70 41.74
N LEU F 139 8.14 -58.66 40.45
CA LEU F 139 7.44 -57.77 39.52
C LEU F 139 7.58 -56.29 39.82
N SER F 140 8.58 -55.92 40.62
CA SER F 140 8.78 -54.51 40.95
C SER F 140 9.19 -53.70 39.73
N ARG F 141 9.89 -54.34 38.79
CA ARG F 141 10.34 -53.65 37.58
C ARG F 141 9.29 -53.66 36.48
N VAL F 142 8.12 -54.21 36.77
CA VAL F 142 7.03 -54.25 35.80
C VAL F 142 6.21 -52.99 35.94
N ASP F 143 6.10 -52.21 34.86
CA ASP F 143 5.30 -51.00 34.88
C ASP F 143 3.84 -51.44 34.80
N LYS F 144 3.32 -51.90 35.93
CA LYS F 144 1.95 -52.39 36.00
C LYS F 144 0.89 -51.51 35.35
N GLU F 145 0.95 -50.21 35.57
CA GLU F 145 -0.05 -49.33 34.97
C GLU F 145 0.04 -49.28 33.46
N ALA F 146 1.25 -49.36 32.92
CA ALA F 146 1.47 -49.33 31.49
C ALA F 146 0.89 -50.60 30.86
N CYS F 147 1.17 -51.73 31.47
CA CYS F 147 0.67 -52.98 30.95
C CYS F 147 -0.85 -52.98 30.93
N LEU F 148 -1.46 -52.53 32.04
CA LEU F 148 -2.92 -52.49 32.12
C LEU F 148 -3.49 -51.53 31.09
N ALA F 149 -2.78 -50.45 30.83
CA ALA F 149 -3.20 -49.48 29.82
C ALA F 149 -3.17 -50.15 28.45
N GLY F 150 -2.11 -50.92 28.21
CA GLY F 150 -1.98 -51.62 26.94
C GLY F 150 -3.07 -52.66 26.79
N LEU F 151 -3.35 -53.39 27.87
CA LEU F 151 -4.39 -54.40 27.85
C LEU F 151 -5.73 -53.79 27.44
N ARG F 152 -6.16 -52.73 28.12
CA ARG F 152 -7.42 -52.08 27.81
C ARG F 152 -7.53 -51.74 26.32
N ALA F 153 -6.42 -51.30 25.74
CA ALA F 153 -6.39 -50.93 24.33
C ALA F 153 -6.68 -52.09 23.40
N LEU F 154 -6.45 -53.31 23.86
CA LEU F 154 -6.67 -54.50 23.05
C LEU F 154 -8.11 -55.01 23.00
N GLN F 155 -8.94 -54.64 23.98
CA GLN F 155 -10.31 -55.14 24.00
C GLN F 155 -11.20 -54.50 22.96
N LEU F 156 -12.00 -55.33 22.27
CA LEU F 156 -12.90 -54.86 21.23
C LEU F 156 -14.30 -54.59 21.76
N GLU F 157 -15.16 -54.06 20.91
CA GLU F 157 -16.53 -53.76 21.32
C GLU F 157 -17.27 -54.99 21.82
N ASP F 158 -17.06 -56.13 21.16
CA ASP F 158 -17.74 -57.37 21.57
C ASP F 158 -17.20 -58.00 22.85
N GLY F 159 -16.21 -57.37 23.46
CA GLY F 159 -15.67 -57.92 24.69
C GLY F 159 -14.42 -58.77 24.57
N SER F 160 -14.12 -59.26 23.37
CA SER F 160 -12.93 -60.08 23.17
C SER F 160 -11.69 -59.21 23.02
N PHE F 161 -10.53 -59.83 22.83
CA PHE F 161 -9.27 -59.09 22.70
C PHE F 161 -8.44 -59.46 21.46
N CYS F 162 -7.56 -58.54 21.10
CA CYS F 162 -6.62 -58.72 20.00
C CYS F 162 -5.30 -59.00 20.70
N ALA F 163 -4.29 -59.40 19.94
CA ALA F 163 -3.01 -59.70 20.58
C ALA F 163 -2.10 -58.49 20.60
N VAL F 164 -2.20 -57.65 19.56
CA VAL F 164 -1.36 -56.48 19.44
C VAL F 164 -2.16 -55.26 18.99
N PRO F 165 -1.73 -54.05 19.40
CA PRO F 165 -2.43 -52.83 19.02
C PRO F 165 -2.50 -52.58 17.51
N GLU F 166 -1.51 -53.05 16.76
CA GLU F 166 -1.50 -52.86 15.32
C GLU F 166 -2.63 -53.62 14.64
N GLY F 167 -3.24 -54.54 15.37
CA GLY F 167 -4.33 -55.32 14.80
C GLY F 167 -3.99 -56.79 14.66
N SER F 168 -5.00 -57.64 14.81
CA SER F 168 -4.83 -59.08 14.68
C SER F 168 -6.20 -59.72 14.80
N GLU F 169 -6.24 -61.04 14.74
CA GLU F 169 -7.50 -61.75 14.88
C GLU F 169 -7.87 -61.61 16.35
N ASN F 170 -9.14 -61.83 16.69
CA ASN F 170 -9.57 -61.73 18.08
C ASN F 170 -10.42 -62.94 18.44
N ASP F 171 -10.12 -63.56 19.58
CA ASP F 171 -10.88 -64.73 20.01
C ASP F 171 -10.66 -65.07 21.48
N MET F 172 -11.27 -66.17 21.91
CA MET F 172 -11.19 -66.62 23.28
C MET F 172 -9.77 -66.78 23.84
N ARG F 173 -8.81 -67.16 23.00
CA ARG F 173 -7.43 -67.33 23.45
C ARG F 173 -6.93 -66.08 24.17
N PHE F 174 -7.20 -64.93 23.57
CA PHE F 174 -6.75 -63.67 24.13
C PHE F 174 -7.57 -63.17 25.30
N VAL F 175 -8.81 -63.66 25.41
CA VAL F 175 -9.66 -63.29 26.54
C VAL F 175 -9.01 -63.93 27.75
N TYR F 176 -8.54 -65.17 27.58
CA TYR F 176 -7.89 -65.88 28.68
C TYR F 176 -6.59 -65.18 29.08
N CYS F 177 -5.85 -64.70 28.09
CA CYS F 177 -4.59 -64.01 28.37
C CYS F 177 -4.86 -62.75 29.18
N ALA F 178 -5.89 -62.00 28.78
CA ALA F 178 -6.26 -60.77 29.48
C ALA F 178 -6.62 -61.10 30.93
N SER F 179 -7.43 -62.15 31.10
CA SER F 179 -7.83 -62.58 32.43
C SER F 179 -6.65 -62.92 33.31
N CYS F 180 -5.68 -63.66 32.75
CA CYS F 180 -4.48 -64.05 33.52
C CYS F 180 -3.65 -62.84 33.91
N ILE F 181 -3.52 -61.88 33.00
CA ILE F 181 -2.73 -60.69 33.27
C ILE F 181 -3.37 -59.90 34.42
N CYS F 182 -4.67 -59.61 34.30
CA CYS F 182 -5.38 -58.89 35.35
C CYS F 182 -5.25 -59.62 36.68
N TYR F 183 -5.37 -60.93 36.66
CA TYR F 183 -5.27 -61.71 37.88
C TYR F 183 -3.90 -61.61 38.52
N MET F 184 -2.84 -61.77 37.74
CA MET F 184 -1.48 -61.71 38.27
C MET F 184 -1.10 -60.32 38.76
N LEU F 185 -1.52 -59.29 38.05
CA LEU F 185 -1.24 -57.93 38.48
C LEU F 185 -2.28 -57.54 39.53
N ASN F 186 -3.12 -58.52 39.89
CA ASN F 186 -4.17 -58.32 40.87
C ASN F 186 -4.90 -56.98 40.70
N ASN F 187 -5.32 -56.67 39.48
CA ASN F 187 -6.01 -55.43 39.17
C ASN F 187 -6.82 -55.65 37.89
N TRP F 188 -8.14 -55.60 37.97
CA TRP F 188 -8.95 -55.83 36.79
C TRP F 188 -9.31 -54.59 35.99
N SER F 189 -8.56 -53.52 36.18
CA SER F 189 -8.85 -52.30 35.43
C SER F 189 -8.37 -52.51 34.00
N GLY F 190 -7.71 -53.64 33.78
CA GLY F 190 -7.21 -53.96 32.46
C GLY F 190 -8.28 -54.35 31.46
N MET F 191 -9.49 -54.62 31.94
CA MET F 191 -10.56 -55.00 31.02
C MET F 191 -11.94 -54.57 31.50
N ASP F 192 -12.89 -54.56 30.57
CA ASP F 192 -14.28 -54.26 30.87
C ASP F 192 -14.87 -55.65 31.06
N MET F 193 -14.78 -56.13 32.29
CA MET F 193 -15.25 -57.45 32.65
C MET F 193 -16.66 -57.81 32.18
N LYS F 194 -17.56 -56.85 32.24
CA LYS F 194 -18.94 -57.10 31.84
C LYS F 194 -18.97 -57.52 30.37
N LYS F 195 -18.24 -56.80 29.52
CA LYS F 195 -18.21 -57.12 28.09
C LYS F 195 -17.49 -58.44 27.80
N ALA F 196 -16.42 -58.72 28.55
CA ALA F 196 -15.69 -59.96 28.36
C ALA F 196 -16.62 -61.13 28.68
N ILE F 197 -17.34 -61.03 29.79
CA ILE F 197 -18.26 -62.08 30.20
C ILE F 197 -19.33 -62.30 29.13
N SER F 198 -19.79 -61.21 28.55
CA SER F 198 -20.78 -61.30 27.50
C SER F 198 -20.21 -62.13 26.35
N TYR F 199 -18.96 -61.85 25.98
CA TYR F 199 -18.31 -62.57 24.89
C TYR F 199 -18.26 -64.06 25.19
N ILE F 200 -17.85 -64.41 26.42
CA ILE F 200 -17.75 -65.79 26.82
C ILE F 200 -19.11 -66.49 26.75
N ARG F 201 -20.17 -65.83 27.19
CA ARG F 201 -21.49 -66.46 27.11
C ARG F 201 -21.89 -66.68 25.66
N ARG F 202 -21.72 -65.65 24.84
CA ARG F 202 -22.10 -65.76 23.45
C ARG F 202 -21.35 -66.81 22.66
N SER F 203 -20.30 -67.37 23.25
CA SER F 203 -19.53 -68.38 22.52
C SER F 203 -20.02 -69.80 22.77
N MET F 204 -20.97 -69.95 23.69
CA MET F 204 -21.50 -71.28 23.97
C MET F 204 -22.28 -71.79 22.76
N SER F 205 -21.98 -73.03 22.37
CA SER F 205 -22.62 -73.66 21.22
C SER F 205 -23.90 -74.42 21.55
N TYR F 206 -24.60 -74.85 20.50
CA TYR F 206 -25.84 -75.60 20.66
C TYR F 206 -25.52 -76.93 21.31
N ASP F 207 -24.28 -77.39 21.16
CA ASP F 207 -23.88 -78.67 21.76
C ASP F 207 -23.34 -78.46 23.17
N ASN F 208 -23.40 -77.22 23.62
CA ASN F 208 -22.99 -76.85 24.97
C ASN F 208 -21.52 -76.62 25.32
N GLY F 209 -20.62 -76.80 24.37
CA GLY F 209 -19.21 -76.53 24.64
C GLY F 209 -19.00 -75.06 24.31
N LEU F 210 -17.81 -74.53 24.52
CA LEU F 210 -17.54 -73.13 24.21
C LEU F 210 -16.66 -73.09 22.96
N ALA F 211 -16.91 -72.14 22.07
CA ALA F 211 -16.12 -72.03 20.85
C ALA F 211 -15.21 -70.81 20.93
N GLN F 212 -14.38 -70.62 19.91
CA GLN F 212 -13.47 -69.48 19.89
C GLN F 212 -14.25 -68.17 19.82
N GLY F 213 -15.47 -68.25 19.31
CA GLY F 213 -16.32 -67.08 19.19
C GLY F 213 -17.71 -67.54 18.82
N ALA F 214 -18.69 -66.64 18.89
CA ALA F 214 -20.08 -66.99 18.58
C ALA F 214 -20.25 -67.64 17.21
N GLY F 215 -21.03 -68.73 17.19
CA GLY F 215 -21.30 -69.43 15.94
C GLY F 215 -20.30 -70.51 15.54
N LEU F 216 -19.08 -70.40 16.02
CA LEU F 216 -18.04 -71.36 15.70
C LEU F 216 -18.22 -72.69 16.43
N GLU F 217 -17.51 -73.71 15.96
CA GLU F 217 -17.54 -75.06 16.54
C GLU F 217 -16.93 -75.04 17.93
N SER F 218 -17.65 -75.55 18.93
CA SER F 218 -17.13 -75.58 20.28
C SER F 218 -15.87 -76.44 20.26
N HIS F 219 -14.90 -76.06 21.10
CA HIS F 219 -13.61 -76.74 21.10
C HIS F 219 -13.01 -76.82 22.52
N GLY F 220 -12.21 -77.86 22.76
CA GLY F 220 -11.60 -78.03 24.07
C GLY F 220 -10.73 -76.88 24.54
N GLY F 221 -9.97 -76.29 23.61
CA GLY F 221 -9.11 -75.19 23.97
C GLY F 221 -9.87 -73.94 24.38
N SER F 222 -10.87 -73.56 23.59
CA SER F 222 -11.65 -72.36 23.87
C SER F 222 -12.55 -72.58 25.09
N THR F 223 -12.99 -73.81 25.32
CA THR F 223 -13.82 -74.08 26.48
C THR F 223 -12.96 -73.87 27.72
N PHE F 224 -11.71 -74.32 27.66
CA PHE F 224 -10.80 -74.10 28.79
C PHE F 224 -10.60 -72.60 29.00
N CYS F 225 -10.28 -71.88 27.93
CA CYS F 225 -10.06 -70.45 28.03
C CYS F 225 -11.26 -69.74 28.63
N GLY F 226 -12.45 -70.08 28.17
CA GLY F 226 -13.65 -69.45 28.70
C GLY F 226 -13.90 -69.76 30.17
N ILE F 227 -13.98 -71.04 30.51
CA ILE F 227 -14.22 -71.43 31.89
C ILE F 227 -13.13 -70.94 32.86
N ALA F 228 -11.87 -71.07 32.46
CA ALA F 228 -10.77 -70.61 33.31
C ALA F 228 -10.84 -69.10 33.51
N SER F 229 -11.20 -68.36 32.45
CA SER F 229 -11.31 -66.91 32.59
C SER F 229 -12.35 -66.57 33.64
N LEU F 230 -13.52 -67.17 33.55
CA LEU F 230 -14.59 -66.91 34.51
C LEU F 230 -14.11 -67.26 35.92
N CYS F 231 -13.43 -68.39 36.08
CA CYS F 231 -12.94 -68.77 37.40
C CYS F 231 -11.95 -67.73 37.92
N LEU F 232 -11.05 -67.28 37.06
CA LEU F 232 -10.09 -66.28 37.46
C LEU F 232 -10.80 -65.00 37.91
N MET F 233 -11.95 -64.71 37.31
CA MET F 233 -12.72 -63.52 37.69
C MET F 233 -13.59 -63.85 38.90
N GLY F 234 -13.68 -65.14 39.22
CA GLY F 234 -14.51 -65.58 40.33
C GLY F 234 -15.97 -65.35 40.01
N LYS F 235 -16.40 -65.71 38.81
CA LYS F 235 -17.79 -65.50 38.43
C LYS F 235 -18.43 -66.66 37.69
N LEU F 236 -17.86 -67.85 37.81
CA LEU F 236 -18.40 -69.02 37.13
C LEU F 236 -19.87 -69.17 37.45
N GLU F 237 -20.15 -69.37 38.74
CA GLU F 237 -21.50 -69.56 39.26
C GLU F 237 -22.48 -68.45 38.87
N GLU F 238 -21.99 -67.22 38.87
CA GLU F 238 -22.81 -66.08 38.54
C GLU F 238 -23.16 -66.02 37.06
N VAL F 239 -22.24 -66.43 36.20
CA VAL F 239 -22.47 -66.37 34.76
C VAL F 239 -23.26 -67.52 34.17
N PHE F 240 -23.02 -68.74 34.65
CA PHE F 240 -23.75 -69.89 34.12
C PHE F 240 -24.67 -70.50 35.16
N SER F 241 -25.88 -70.85 34.74
CA SER F 241 -26.84 -71.44 35.64
C SER F 241 -26.41 -72.87 35.96
N GLU F 242 -27.04 -73.48 36.94
CA GLU F 242 -26.70 -74.85 37.30
C GLU F 242 -26.97 -75.77 36.11
N LYS F 243 -28.07 -75.52 35.41
CA LYS F 243 -28.41 -76.35 34.26
C LYS F 243 -27.37 -76.16 33.18
N GLU F 244 -26.94 -74.92 32.99
CA GLU F 244 -25.94 -74.61 31.98
C GLU F 244 -24.61 -75.30 32.30
N LEU F 245 -24.18 -75.20 33.55
CA LEU F 245 -22.94 -75.84 33.98
C LEU F 245 -23.02 -77.36 33.82
N ASN F 246 -24.20 -77.93 34.04
CA ASN F 246 -24.36 -79.37 33.88
C ASN F 246 -24.16 -79.75 32.43
N ARG F 247 -24.69 -78.95 31.52
CA ARG F 247 -24.57 -79.21 30.09
C ARG F 247 -23.11 -79.11 29.66
N ILE F 248 -22.41 -78.09 30.17
CA ILE F 248 -21.00 -77.90 29.85
C ILE F 248 -20.20 -79.09 30.36
N LYS F 249 -20.46 -79.49 31.61
CA LYS F 249 -19.76 -80.63 32.19
C LYS F 249 -19.92 -81.84 31.28
N ARG F 250 -21.14 -82.08 30.81
CA ARG F 250 -21.43 -83.21 29.94
C ARG F 250 -20.61 -83.15 28.66
N TRP F 251 -20.53 -81.96 28.06
CA TRP F 251 -19.78 -81.81 26.83
C TRP F 251 -18.31 -82.11 27.06
N CYS F 252 -17.78 -81.62 28.18
CA CYS F 252 -16.37 -81.83 28.52
C CYS F 252 -16.02 -83.27 28.80
N ILE F 253 -16.78 -83.92 29.68
CA ILE F 253 -16.47 -85.29 30.03
C ILE F 253 -16.64 -86.24 28.85
N MET F 254 -17.39 -85.82 27.84
CA MET F 254 -17.59 -86.67 26.67
C MET F 254 -16.35 -86.68 25.78
N ARG F 255 -15.38 -85.82 26.12
CA ARG F 255 -14.15 -85.72 25.33
C ARG F 255 -13.16 -86.84 25.62
N GLN F 256 -13.34 -87.57 26.72
CA GLN F 256 -12.41 -88.65 27.00
C GLN F 256 -12.71 -89.92 26.20
N GLN F 257 -11.68 -90.42 25.52
CA GLN F 257 -11.79 -91.62 24.70
C GLN F 257 -10.91 -92.67 25.38
N ASN F 258 -9.79 -92.18 25.89
CA ASN F 258 -8.77 -92.91 26.63
C ASN F 258 -7.98 -91.70 27.09
N GLY F 259 -7.43 -90.99 26.11
CA GLY F 259 -6.75 -89.74 26.38
C GLY F 259 -7.90 -88.79 26.05
N TYR F 260 -7.61 -87.55 25.66
CA TYR F 260 -8.70 -86.63 25.33
C TYR F 260 -8.55 -86.00 23.95
N HIS F 261 -9.67 -85.76 23.27
CA HIS F 261 -9.63 -85.09 21.98
C HIS F 261 -10.23 -83.71 22.21
N GLY F 262 -10.01 -82.78 21.30
CA GLY F 262 -10.54 -81.44 21.50
C GLY F 262 -11.91 -81.15 20.90
N ARG F 263 -12.41 -82.06 20.07
CA ARG F 263 -13.71 -81.92 19.42
C ARG F 263 -14.29 -83.29 19.12
N PRO F 264 -15.63 -83.41 19.12
CA PRO F 264 -16.25 -84.70 18.83
C PRO F 264 -15.71 -85.26 17.51
N ASN F 265 -15.54 -86.57 17.44
CA ASN F 265 -15.05 -87.22 16.23
C ASN F 265 -13.66 -86.83 15.73
N LYS F 266 -12.77 -86.47 16.64
CA LYS F 266 -11.38 -86.13 16.29
C LYS F 266 -10.47 -87.02 17.13
N PRO F 267 -9.31 -87.38 16.59
CA PRO F 267 -8.39 -88.23 17.35
C PRO F 267 -7.85 -87.53 18.61
N VAL F 268 -7.57 -88.30 19.65
CA VAL F 268 -7.05 -87.71 20.90
C VAL F 268 -5.68 -87.08 20.70
N ASP F 269 -5.35 -86.19 21.61
CA ASP F 269 -4.08 -85.49 21.59
C ASP F 269 -3.69 -85.20 23.03
N THR F 270 -2.48 -85.60 23.40
CA THR F 270 -1.97 -85.42 24.74
C THR F 270 -2.31 -84.09 25.41
N CYS F 271 -2.09 -82.98 24.72
CA CYS F 271 -2.34 -81.69 25.35
C CYS F 271 -3.77 -81.46 25.82
N TYR F 272 -4.74 -82.19 25.27
CA TYR F 272 -6.11 -82.00 25.72
C TYR F 272 -6.33 -82.58 27.11
N SER F 273 -5.39 -83.42 27.56
CA SER F 273 -5.47 -83.99 28.89
C SER F 273 -5.40 -82.84 29.88
N PHE F 274 -4.80 -81.72 29.46
CA PHE F 274 -4.79 -80.56 30.34
C PHE F 274 -5.94 -79.63 29.98
N TRP F 275 -6.01 -79.22 28.71
CA TRP F 275 -7.07 -78.31 28.28
C TRP F 275 -8.44 -78.76 28.80
N VAL F 276 -8.83 -79.99 28.49
CA VAL F 276 -10.12 -80.48 28.94
C VAL F 276 -10.09 -80.92 30.40
N GLY F 277 -9.03 -81.64 30.78
CA GLY F 277 -8.88 -82.11 32.15
C GLY F 277 -8.94 -80.97 33.16
N ALA F 278 -8.23 -79.89 32.88
CA ALA F 278 -8.24 -78.73 33.76
C ALA F 278 -9.64 -78.13 33.86
N THR F 279 -10.38 -78.15 32.75
CA THR F 279 -11.73 -77.60 32.77
C THR F 279 -12.60 -78.48 33.66
N LEU F 280 -12.47 -79.79 33.51
CA LEU F 280 -13.25 -80.70 34.33
C LEU F 280 -12.90 -80.48 35.80
N LYS F 281 -11.63 -80.21 36.08
CA LYS F 281 -11.19 -79.96 37.45
C LYS F 281 -11.86 -78.69 37.97
N LEU F 282 -11.87 -77.64 37.17
CA LEU F 282 -12.50 -76.40 37.60
C LEU F 282 -14.01 -76.60 37.81
N LEU F 283 -14.60 -77.52 37.07
CA LEU F 283 -16.04 -77.80 37.20
C LEU F 283 -16.28 -78.87 38.27
N LYS F 284 -15.23 -79.24 38.98
CA LYS F 284 -15.29 -80.22 40.06
C LYS F 284 -15.76 -81.63 39.71
N ILE F 285 -15.53 -82.10 38.50
CA ILE F 285 -15.93 -83.46 38.18
C ILE F 285 -14.81 -84.25 37.52
N PHE F 286 -13.59 -83.72 37.56
CA PHE F 286 -12.46 -84.44 36.97
C PHE F 286 -12.29 -85.77 37.70
N GLN F 287 -12.64 -85.75 38.99
CA GLN F 287 -12.56 -86.93 39.85
C GLN F 287 -13.39 -88.09 39.32
N TYR F 288 -14.37 -87.80 38.47
CA TYR F 288 -15.22 -88.86 37.94
C TYR F 288 -14.78 -89.40 36.60
N THR F 289 -13.64 -88.93 36.11
CA THR F 289 -13.12 -89.40 34.83
C THR F 289 -12.29 -90.65 35.08
N ASN F 290 -11.90 -91.33 34.01
CA ASN F 290 -11.10 -92.54 34.15
C ASN F 290 -9.62 -92.14 34.15
N PHE F 291 -8.96 -92.29 35.30
CA PHE F 291 -7.55 -91.92 35.42
C PHE F 291 -6.56 -92.81 34.69
N GLU F 292 -6.71 -94.10 34.85
CA GLU F 292 -5.78 -95.03 34.24
C GLU F 292 -5.63 -94.95 32.73
N LYS F 293 -6.74 -94.94 32.00
CA LYS F 293 -6.66 -94.87 30.55
C LYS F 293 -6.05 -93.55 30.09
N ASN F 294 -6.34 -92.48 30.82
CA ASN F 294 -5.79 -91.17 30.49
C ASN F 294 -4.28 -91.18 30.73
N ARG F 295 -3.87 -91.64 31.92
CA ARG F 295 -2.45 -91.70 32.26
C ARG F 295 -1.71 -92.59 31.28
N ASN F 296 -2.31 -93.73 30.95
CA ASN F 296 -1.67 -94.62 30.01
C ASN F 296 -1.46 -93.98 28.64
N TYR F 297 -2.46 -93.26 28.15
CA TYR F 297 -2.32 -92.61 26.86
C TYR F 297 -1.21 -91.58 26.89
N ILE F 298 -1.26 -90.67 27.88
CA ILE F 298 -0.24 -89.62 28.00
C ILE F 298 1.16 -90.21 27.96
N LEU F 299 1.40 -91.24 28.77
CA LEU F 299 2.70 -91.86 28.82
C LEU F 299 3.07 -92.53 27.49
N SER F 300 2.07 -93.04 26.77
CA SER F 300 2.36 -93.69 25.50
C SER F 300 2.92 -92.73 24.45
N THR F 301 2.81 -91.42 24.70
CA THR F 301 3.32 -90.42 23.75
C THR F 301 4.64 -89.83 24.23
N GLN F 302 5.19 -90.46 25.26
CA GLN F 302 6.43 -90.02 25.86
C GLN F 302 7.59 -90.43 24.95
N ASP F 303 8.55 -89.55 24.69
CA ASP F 303 9.70 -89.91 23.86
C ASP F 303 10.79 -90.41 24.81
N ARG F 304 10.95 -91.73 24.87
CA ARG F 304 11.91 -92.36 25.77
C ARG F 304 13.38 -92.11 25.46
N LEU F 305 13.63 -91.58 24.27
CA LEU F 305 15.00 -91.30 23.86
C LEU F 305 15.43 -89.87 24.17
N VAL F 306 14.71 -88.89 23.67
CA VAL F 306 15.06 -87.49 23.87
C VAL F 306 14.27 -86.81 25.01
N GLY F 307 13.18 -87.43 25.44
CA GLY F 307 12.38 -86.85 26.50
C GLY F 307 11.23 -86.04 25.92
N GLY F 308 10.40 -85.47 26.79
CA GLY F 308 9.27 -84.69 26.31
C GLY F 308 8.14 -85.59 25.84
N PHE F 309 7.02 -84.99 25.46
CA PHE F 309 5.87 -85.75 24.97
C PHE F 309 5.46 -85.26 23.59
N ALA F 310 4.74 -86.08 22.85
CA ALA F 310 4.27 -85.72 21.53
C ALA F 310 2.75 -85.77 21.57
N LYS F 311 2.09 -85.36 20.48
CA LYS F 311 0.62 -85.39 20.48
C LYS F 311 0.10 -86.82 20.42
N TRP F 312 0.77 -87.65 19.64
CA TRP F 312 0.39 -89.05 19.52
C TRP F 312 1.62 -89.93 19.77
N PRO F 313 1.40 -91.22 20.04
CA PRO F 313 2.56 -92.09 20.28
C PRO F 313 3.43 -92.21 19.02
N ASP F 314 4.74 -92.33 19.21
CA ASP F 314 5.68 -92.47 18.10
C ASP F 314 5.63 -91.24 17.19
N SER F 315 5.50 -90.07 17.81
CA SER F 315 5.43 -88.82 17.08
C SER F 315 6.53 -87.91 17.66
N HIS F 316 6.98 -86.89 16.93
CA HIS F 316 8.04 -86.04 17.47
C HIS F 316 7.56 -85.13 18.59
N PRO F 317 8.30 -85.10 19.70
CA PRO F 317 7.98 -84.28 20.87
C PRO F 317 8.32 -82.81 20.71
N ASP F 318 7.61 -81.96 21.44
CA ASP F 318 7.85 -80.51 21.41
C ASP F 318 7.56 -79.93 22.80
N ALA F 319 8.02 -78.70 23.02
CA ALA F 319 7.82 -78.04 24.31
C ALA F 319 6.35 -78.01 24.75
N LEU F 320 5.45 -77.64 23.83
CA LEU F 320 4.04 -77.55 24.15
C LEU F 320 3.45 -78.85 24.68
N HIS F 321 3.65 -79.95 23.98
CA HIS F 321 3.10 -81.21 24.46
C HIS F 321 3.81 -81.75 25.69
N ALA F 322 5.09 -81.45 25.81
CA ALA F 322 5.86 -81.88 26.95
C ALA F 322 5.27 -81.22 28.20
N TYR F 323 5.05 -79.91 28.11
CA TYR F 323 4.50 -79.17 29.23
C TYR F 323 3.08 -79.57 29.58
N PHE F 324 2.20 -79.61 28.58
CA PHE F 324 0.81 -79.96 28.85
C PHE F 324 0.62 -81.44 29.19
N GLY F 325 1.49 -82.30 28.69
CA GLY F 325 1.37 -83.71 29.03
C GLY F 325 1.69 -83.85 30.51
N ILE F 326 2.70 -83.10 30.96
CA ILE F 326 3.10 -83.12 32.36
C ILE F 326 2.01 -82.51 33.23
N CYS F 327 1.40 -81.42 32.78
CA CYS F 327 0.32 -80.80 33.54
C CYS F 327 -0.88 -81.75 33.56
N GLY F 328 -1.04 -82.52 32.49
CA GLY F 328 -2.14 -83.46 32.42
C GLY F 328 -1.94 -84.52 33.48
N LEU F 329 -0.70 -85.00 33.58
CA LEU F 329 -0.34 -86.01 34.58
C LEU F 329 -0.54 -85.44 35.99
N SER F 330 -0.19 -84.18 36.16
CA SER F 330 -0.32 -83.48 37.44
C SER F 330 -1.76 -83.44 37.97
N LEU F 331 -2.72 -83.23 37.09
CA LEU F 331 -4.12 -83.18 37.50
C LEU F 331 -4.48 -84.44 38.29
N MET F 332 -3.79 -85.55 38.01
CA MET F 332 -4.07 -86.81 38.70
C MET F 332 -3.07 -87.10 39.84
N GLU F 333 -2.23 -86.12 40.12
CA GLU F 333 -1.22 -86.20 41.17
C GLU F 333 -0.17 -87.30 40.98
N GLU F 334 0.55 -87.18 39.87
CA GLU F 334 1.63 -88.07 39.46
C GLU F 334 2.75 -88.00 40.50
N SER F 335 3.26 -89.16 40.90
CA SER F 335 4.35 -89.18 41.86
C SER F 335 5.55 -88.50 41.25
N GLY F 336 5.88 -87.31 41.74
CA GLY F 336 7.01 -86.60 41.20
C GLY F 336 6.64 -85.32 40.49
N ILE F 337 5.36 -85.00 40.39
CA ILE F 337 4.97 -83.76 39.71
C ILE F 337 4.14 -82.86 40.60
N CYS F 338 4.59 -81.61 40.75
CA CYS F 338 3.87 -80.66 41.57
C CYS F 338 2.44 -80.56 41.05
N LYS F 339 1.52 -80.18 41.93
CA LYS F 339 0.13 -80.04 41.56
C LYS F 339 0.00 -78.73 40.79
N VAL F 340 -0.77 -78.74 39.71
CA VAL F 340 -0.93 -77.55 38.91
C VAL F 340 -2.17 -76.76 39.31
N HIS F 341 -2.13 -75.45 39.11
CA HIS F 341 -3.27 -74.60 39.39
C HIS F 341 -4.01 -74.59 38.06
N PRO F 342 -5.13 -75.31 37.98
CA PRO F 342 -5.99 -75.47 36.80
C PRO F 342 -6.43 -74.24 36.04
N ALA F 343 -6.62 -73.13 36.71
CA ALA F 343 -7.06 -71.96 35.99
C ALA F 343 -5.93 -71.07 35.58
N LEU F 344 -4.97 -70.89 36.48
CA LEU F 344 -3.83 -70.01 36.23
C LEU F 344 -2.74 -70.66 35.40
N ASN F 345 -2.70 -71.98 35.39
CA ASN F 345 -1.72 -72.73 34.62
C ASN F 345 -0.26 -72.53 35.07
N VAL F 346 -0.02 -72.80 36.35
CA VAL F 346 1.30 -72.71 36.98
C VAL F 346 1.24 -73.62 38.18
N SER F 347 2.38 -74.04 38.71
CA SER F 347 2.37 -74.92 39.89
C SER F 347 1.66 -74.18 41.01
N THR F 348 0.95 -74.90 41.88
CA THR F 348 0.26 -74.25 42.98
C THR F 348 1.27 -73.52 43.86
N ARG F 349 2.47 -74.09 43.94
CA ARG F 349 3.55 -73.48 44.71
C ARG F 349 3.70 -72.03 44.23
N THR F 350 3.67 -71.85 42.92
CA THR F 350 3.81 -70.53 42.32
C THR F 350 2.56 -69.67 42.51
N SER F 351 1.37 -70.27 42.45
CA SER F 351 0.15 -69.49 42.63
C SER F 351 0.14 -68.92 44.03
N GLU F 352 0.70 -69.67 44.98
CA GLU F 352 0.77 -69.21 46.36
C GLU F 352 1.82 -68.13 46.52
N ARG F 353 2.99 -68.35 45.94
CA ARG F 353 4.06 -67.36 45.99
C ARG F 353 3.49 -66.05 45.45
N LEU F 354 2.56 -66.16 44.49
CA LEU F 354 1.91 -64.99 43.90
C LEU F 354 0.92 -64.45 44.93
N ARG F 355 0.29 -65.36 45.67
CA ARG F 355 -0.68 -64.99 46.70
C ARG F 355 0.00 -64.04 47.68
N ASP F 356 1.18 -64.43 48.17
CA ASP F 356 1.94 -63.62 49.11
C ASP F 356 2.35 -62.32 48.46
N LEU F 357 2.89 -62.43 47.26
CA LEU F 357 3.35 -61.28 46.52
C LEU F 357 2.25 -60.24 46.42
N HIS F 358 0.99 -60.68 46.55
CA HIS F 358 -0.16 -59.78 46.49
C HIS F 358 -0.41 -59.13 47.84
N GLN F 359 -0.36 -59.95 48.90
CA GLN F 359 -0.57 -59.47 50.26
C GLN F 359 0.43 -58.36 50.54
N SER F 360 1.69 -58.59 50.16
CA SER F 360 2.73 -57.60 50.39
C SER F 360 2.43 -56.27 49.70
N TRP F 361 1.88 -56.32 48.49
CA TRP F 361 1.58 -55.08 47.80
C TRP F 361 0.55 -54.27 48.58
N LYS F 362 -0.33 -54.97 49.31
CA LYS F 362 -1.37 -54.30 50.10
C LYS F 362 -0.77 -53.75 51.39
N THR F 363 -0.22 -52.53 51.31
CA THR F 363 0.39 -51.87 52.45
C THR F 363 0.30 -50.35 52.34
N PHE G 55 45.45 76.39 -12.06
CA PHE G 55 46.73 77.11 -11.73
C PHE G 55 46.82 78.49 -12.38
N LEU G 56 47.43 78.54 -13.57
CA LEU G 56 47.61 79.79 -14.29
C LEU G 56 46.34 80.23 -15.02
N SER G 57 45.65 81.21 -14.44
CA SER G 57 44.42 81.75 -15.01
C SER G 57 44.57 82.39 -16.39
N LEU G 58 43.46 82.56 -17.10
CA LEU G 58 43.48 83.14 -18.45
C LEU G 58 43.62 84.66 -18.51
N ASP G 59 43.54 85.32 -17.35
CA ASP G 59 43.68 86.77 -17.27
C ASP G 59 44.94 87.13 -16.47
N SER G 60 45.58 86.13 -15.89
CA SER G 60 46.78 86.38 -15.10
C SER G 60 47.77 87.17 -15.91
N PRO G 61 48.39 88.17 -15.28
CA PRO G 61 49.37 88.99 -15.99
C PRO G 61 50.44 88.06 -16.58
N THR G 62 50.71 86.97 -15.85
CA THR G 62 51.72 86.00 -16.23
C THR G 62 51.23 84.77 -17.01
N TYR G 63 50.13 84.94 -17.72
CA TYR G 63 49.58 83.84 -18.52
C TYR G 63 50.47 83.65 -19.75
N VAL G 64 50.72 82.39 -20.11
CA VAL G 64 51.56 82.08 -21.25
C VAL G 64 50.83 81.15 -22.21
N LEU G 65 50.86 81.47 -23.50
CA LEU G 65 50.20 80.62 -24.47
C LEU G 65 50.75 79.21 -24.33
N TYR G 66 49.99 78.22 -24.78
CA TYR G 66 50.41 76.84 -24.69
C TYR G 66 51.57 76.57 -25.64
N ARG G 67 51.63 77.32 -26.72
CA ARG G 67 52.70 77.19 -27.70
C ARG G 67 54.05 77.60 -27.10
N ASP G 68 54.02 78.44 -26.08
CA ASP G 68 55.23 78.91 -25.44
C ASP G 68 55.53 78.21 -24.11
N ARG G 69 54.84 77.09 -23.87
CA ARG G 69 55.06 76.35 -22.63
C ARG G 69 55.94 75.13 -22.87
N ALA G 70 56.97 75.01 -22.04
CA ALA G 70 57.89 73.88 -22.16
C ALA G 70 57.20 72.54 -22.02
N GLU G 71 56.33 72.40 -21.03
CA GLU G 71 55.61 71.14 -20.79
C GLU G 71 54.78 70.69 -21.97
N TRP G 72 54.53 71.57 -22.92
CA TRP G 72 53.73 71.21 -24.07
C TRP G 72 54.50 71.19 -25.39
N ALA G 73 55.81 71.22 -25.29
CA ALA G 73 56.67 71.23 -26.48
C ALA G 73 56.58 69.97 -27.32
N ASP G 74 56.35 68.82 -26.69
CA ASP G 74 56.27 67.56 -27.41
C ASP G 74 54.99 67.37 -28.20
N ILE G 75 54.03 68.27 -27.99
CA ILE G 75 52.74 68.17 -28.66
C ILE G 75 52.59 69.08 -29.86
N ASP G 76 52.01 68.54 -30.93
CA ASP G 76 51.75 69.28 -32.16
C ASP G 76 50.31 69.75 -32.18
N PRO G 77 50.09 71.07 -32.03
CA PRO G 77 48.72 71.59 -32.02
C PRO G 77 47.96 71.22 -33.29
N VAL G 78 46.67 70.92 -33.13
CA VAL G 78 45.82 70.57 -34.26
C VAL G 78 44.86 71.73 -34.49
N PRO G 79 44.88 72.31 -35.69
CA PRO G 79 44.03 73.44 -36.05
C PRO G 79 42.68 73.01 -36.60
N GLN G 80 41.72 73.94 -36.56
CA GLN G 80 40.39 73.69 -37.07
C GLN G 80 40.30 74.23 -38.49
N ASN G 81 39.78 73.42 -39.41
CA ASN G 81 39.67 73.85 -40.80
C ASN G 81 38.26 73.65 -41.38
N ASP G 82 37.63 74.76 -41.78
CA ASP G 82 36.28 74.70 -42.33
C ASP G 82 36.27 74.67 -43.85
N GLY G 83 37.35 74.17 -44.46
CA GLY G 83 37.42 74.10 -45.91
C GLY G 83 37.54 75.44 -46.62
N PRO G 84 37.54 75.44 -47.97
CA PRO G 84 37.66 76.65 -48.81
C PRO G 84 36.68 77.78 -48.53
N SER G 85 35.41 77.46 -48.33
CA SER G 85 34.40 78.47 -48.05
C SER G 85 33.70 78.16 -46.74
N PRO G 86 34.15 78.78 -45.63
CA PRO G 86 33.57 78.57 -44.31
C PRO G 86 32.22 79.25 -44.06
N VAL G 87 31.31 78.52 -43.41
CA VAL G 87 29.97 79.00 -43.08
C VAL G 87 29.86 79.34 -41.59
N VAL G 88 29.08 80.37 -41.27
CA VAL G 88 28.89 80.81 -39.88
C VAL G 88 30.17 80.61 -39.07
N GLN G 89 31.25 81.18 -39.59
CA GLN G 89 32.57 81.09 -38.98
C GLN G 89 32.77 82.14 -37.88
N ILE G 90 33.19 81.69 -36.72
CA ILE G 90 33.42 82.57 -35.59
C ILE G 90 34.91 82.93 -35.55
N ILE G 91 35.22 84.21 -35.36
CA ILE G 91 36.62 84.63 -35.30
C ILE G 91 37.13 84.49 -33.87
N TYR G 92 38.30 83.87 -33.73
CA TYR G 92 38.88 83.64 -32.42
C TYR G 92 40.17 84.39 -32.17
N SER G 93 40.35 84.84 -30.93
CA SER G 93 41.56 85.56 -30.56
C SER G 93 42.72 84.59 -30.53
N GLU G 94 43.94 85.13 -30.50
CA GLU G 94 45.15 84.34 -30.46
C GLU G 94 45.09 83.34 -29.32
N LYS G 95 44.77 83.86 -28.15
CA LYS G 95 44.67 83.10 -26.92
C LYS G 95 43.66 81.96 -27.01
N PHE G 96 42.46 82.28 -27.50
CA PHE G 96 41.38 81.32 -27.65
C PHE G 96 41.77 80.20 -28.59
N ARG G 97 42.19 80.56 -29.80
CA ARG G 97 42.59 79.56 -30.77
C ARG G 97 43.74 78.70 -30.25
N ASP G 98 44.61 79.30 -29.45
CA ASP G 98 45.75 78.57 -28.90
C ASP G 98 45.28 77.43 -27.99
N VAL G 99 44.41 77.76 -27.02
CA VAL G 99 43.90 76.75 -26.10
C VAL G 99 43.24 75.59 -26.84
N TYR G 100 42.36 75.92 -27.78
CA TYR G 100 41.67 74.87 -28.51
C TYR G 100 42.50 74.10 -29.52
N ASP G 101 43.57 74.69 -30.02
CA ASP G 101 44.41 73.97 -30.98
C ASP G 101 45.11 72.85 -30.24
N TYR G 102 45.39 73.06 -28.96
CA TYR G 102 46.04 72.04 -28.18
C TYR G 102 45.02 71.06 -27.64
N PHE G 103 43.80 71.55 -27.41
CA PHE G 103 42.74 70.67 -26.94
C PHE G 103 42.48 69.63 -28.04
N ARG G 104 42.40 70.08 -29.28
CA ARG G 104 42.16 69.15 -30.40
C ARG G 104 43.25 68.09 -30.43
N ALA G 105 44.48 68.54 -30.25
CA ALA G 105 45.63 67.65 -30.27
C ALA G 105 45.51 66.57 -29.20
N VAL G 106 45.23 66.98 -27.97
CA VAL G 106 45.10 66.03 -26.86
C VAL G 106 43.92 65.06 -27.09
N LEU G 107 42.79 65.58 -27.60
CA LEU G 107 41.62 64.77 -27.85
C LEU G 107 41.93 63.71 -28.89
N GLN G 108 42.44 64.17 -30.03
CA GLN G 108 42.78 63.29 -31.13
C GLN G 108 43.63 62.11 -30.70
N ARG G 109 44.41 62.30 -29.65
CA ARG G 109 45.28 61.25 -29.17
C ARG G 109 44.76 60.60 -27.91
N ASP G 110 43.57 61.00 -27.49
CA ASP G 110 42.96 60.44 -26.30
C ASP G 110 43.97 60.36 -25.17
N GLU G 111 44.77 61.42 -25.01
CA GLU G 111 45.78 61.47 -23.97
C GLU G 111 45.18 61.66 -22.58
N ARG G 112 45.21 60.61 -21.77
CA ARG G 112 44.66 60.68 -20.41
C ARG G 112 45.69 61.23 -19.43
N SER G 113 46.19 62.43 -19.67
CA SER G 113 47.20 63.02 -18.80
C SER G 113 46.72 64.10 -17.85
N GLU G 114 47.56 64.46 -16.90
CA GLU G 114 47.23 65.50 -15.94
C GLU G 114 47.28 66.85 -16.64
N ARG G 115 48.17 67.00 -17.59
CA ARG G 115 48.27 68.27 -18.30
C ARG G 115 47.01 68.49 -19.11
N ALA G 116 46.46 67.40 -19.66
CA ALA G 116 45.24 67.46 -20.46
C ALA G 116 44.09 67.90 -19.56
N PHE G 117 44.02 67.33 -18.36
CA PHE G 117 42.98 67.67 -17.41
C PHE G 117 42.99 69.16 -17.11
N LYS G 118 44.17 69.73 -16.92
CA LYS G 118 44.27 71.16 -16.63
C LYS G 118 43.88 71.97 -17.87
N LEU G 119 44.16 71.42 -19.04
CA LEU G 119 43.84 72.10 -20.28
C LEU G 119 42.33 72.27 -20.43
N THR G 120 41.57 71.27 -19.98
CA THR G 120 40.11 71.34 -20.11
C THR G 120 39.54 72.49 -19.29
N ARG G 121 40.18 72.79 -18.15
CA ARG G 121 39.67 73.88 -17.33
C ARG G 121 39.70 75.19 -18.10
N ASP G 122 40.71 75.35 -18.94
CA ASP G 122 40.84 76.56 -19.75
C ASP G 122 39.88 76.54 -20.91
N ALA G 123 39.71 75.38 -21.53
CA ALA G 123 38.79 75.23 -22.65
C ALA G 123 37.37 75.54 -22.17
N ILE G 124 37.06 75.09 -20.97
CA ILE G 124 35.75 75.33 -20.38
C ILE G 124 35.57 76.79 -20.04
N GLU G 125 36.63 77.47 -19.61
CA GLU G 125 36.47 78.88 -19.29
C GLU G 125 36.19 79.67 -20.57
N LEU G 126 36.83 79.27 -21.65
CA LEU G 126 36.64 79.94 -22.93
C LEU G 126 35.26 79.65 -23.51
N ASN G 127 34.74 78.45 -23.26
CA ASN G 127 33.42 78.05 -23.78
C ASN G 127 32.83 76.84 -23.05
N ALA G 128 32.01 77.11 -22.05
CA ALA G 128 31.39 76.05 -21.25
C ALA G 128 30.26 75.31 -21.97
N ALA G 129 30.00 75.66 -23.21
CA ALA G 129 28.92 75.02 -23.95
C ALA G 129 29.46 73.92 -24.86
N ASN G 130 30.77 73.69 -24.83
CA ASN G 130 31.34 72.64 -25.67
C ASN G 130 31.16 71.30 -24.95
N TYR G 131 30.11 70.58 -25.32
CA TYR G 131 29.81 69.31 -24.68
C TYR G 131 30.93 68.28 -24.77
N THR G 132 31.71 68.31 -25.84
CA THR G 132 32.81 67.34 -25.99
C THR G 132 33.87 67.57 -24.93
N VAL G 133 34.17 68.83 -24.62
CA VAL G 133 35.15 69.13 -23.61
C VAL G 133 34.72 68.54 -22.28
N TRP G 134 33.46 68.73 -21.91
CA TRP G 134 32.96 68.18 -20.64
C TRP G 134 33.04 66.66 -20.61
N HIS G 135 32.75 66.03 -21.73
CA HIS G 135 32.80 64.58 -21.78
C HIS G 135 34.23 64.13 -21.51
N PHE G 136 35.17 64.68 -22.27
CA PHE G 136 36.57 64.32 -22.10
C PHE G 136 37.01 64.56 -20.67
N ARG G 137 36.58 65.67 -20.10
CA ARG G 137 36.96 65.96 -18.72
C ARG G 137 36.46 64.85 -17.81
N ARG G 138 35.27 64.32 -18.10
CA ARG G 138 34.73 63.23 -17.28
C ARG G 138 35.58 61.98 -17.48
N VAL G 139 36.01 61.75 -18.71
CA VAL G 139 36.86 60.60 -19.00
C VAL G 139 38.12 60.72 -18.14
N LEU G 140 38.70 61.92 -18.12
CA LEU G 140 39.90 62.16 -17.35
C LEU G 140 39.65 62.03 -15.85
N LEU G 141 38.51 62.54 -15.38
CA LEU G 141 38.20 62.42 -13.95
C LEU G 141 38.28 60.97 -13.51
N ARG G 142 37.81 60.05 -14.36
CA ARG G 142 37.84 58.63 -14.05
C ARG G 142 39.27 58.08 -14.17
N SER G 143 39.89 58.26 -15.34
CA SER G 143 41.25 57.79 -15.57
C SER G 143 42.20 58.19 -14.46
N LEU G 144 42.32 59.49 -14.21
CA LEU G 144 43.22 59.98 -13.17
C LEU G 144 42.65 59.83 -11.77
N GLN G 145 41.48 59.21 -11.65
CA GLN G 145 40.84 59.03 -10.34
C GLN G 145 40.94 60.28 -9.49
N LYS G 146 40.44 61.40 -10.02
CA LYS G 146 40.49 62.68 -9.32
C LYS G 146 39.48 62.74 -8.18
N ASP G 147 39.72 63.64 -7.23
CA ASP G 147 38.83 63.80 -6.09
C ASP G 147 37.52 64.41 -6.58
N LEU G 148 36.46 63.60 -6.59
CA LEU G 148 35.15 64.06 -7.04
C LEU G 148 34.53 65.13 -6.16
N GLN G 149 34.85 65.13 -4.88
CA GLN G 149 34.27 66.13 -3.99
C GLN G 149 34.79 67.50 -4.40
N GLU G 150 35.99 67.52 -4.97
CA GLU G 150 36.60 68.76 -5.40
C GLU G 150 35.91 69.23 -6.68
N GLU G 151 35.63 68.28 -7.57
CA GLU G 151 34.95 68.58 -8.82
C GLU G 151 33.56 69.16 -8.52
N MET G 152 32.95 68.72 -7.43
CA MET G 152 31.65 69.25 -7.04
C MET G 152 31.76 70.74 -6.75
N ASN G 153 32.84 71.16 -6.12
CA ASN G 153 33.02 72.56 -5.82
C ASN G 153 33.20 73.34 -7.12
N TYR G 154 33.95 72.75 -8.04
CA TYR G 154 34.20 73.37 -9.34
C TYR G 154 32.89 73.62 -10.07
N ILE G 155 32.16 72.54 -10.36
CA ILE G 155 30.90 72.66 -11.06
C ILE G 155 29.90 73.54 -10.34
N ILE G 156 29.95 73.57 -9.00
CA ILE G 156 29.04 74.43 -8.26
C ILE G 156 29.29 75.91 -8.61
N ALA G 157 30.54 76.27 -8.80
CA ALA G 157 30.87 77.65 -9.15
C ALA G 157 30.50 77.91 -10.60
N ILE G 158 30.86 77.00 -11.50
CA ILE G 158 30.56 77.15 -12.92
C ILE G 158 29.06 77.37 -13.18
N ILE G 159 28.23 76.57 -12.54
CA ILE G 159 26.79 76.68 -12.71
C ILE G 159 26.26 78.02 -12.20
N GLU G 160 26.80 78.53 -11.09
CA GLU G 160 26.35 79.81 -10.58
C GLU G 160 26.53 80.92 -11.60
N GLU G 161 27.60 80.84 -12.39
CA GLU G 161 27.89 81.85 -13.39
C GLU G 161 27.19 81.58 -14.72
N GLN G 162 26.72 80.36 -14.92
CA GLN G 162 26.03 80.01 -16.16
C GLN G 162 24.87 79.05 -15.90
N PRO G 163 23.88 79.49 -15.11
CA PRO G 163 22.70 78.69 -14.75
C PRO G 163 21.76 78.22 -15.85
N LYS G 164 21.95 78.68 -17.09
CA LYS G 164 21.08 78.27 -18.19
C LYS G 164 21.79 77.39 -19.20
N ASN G 165 22.97 76.90 -18.83
CA ASN G 165 23.78 76.06 -19.71
C ASN G 165 23.43 74.58 -19.50
N TYR G 166 23.11 73.89 -20.58
CA TYR G 166 22.75 72.47 -20.48
C TYR G 166 23.90 71.56 -20.04
N GLN G 167 25.08 71.76 -20.60
CA GLN G 167 26.22 70.92 -20.25
C GLN G 167 26.62 70.95 -18.79
N VAL G 168 26.55 72.11 -18.15
CA VAL G 168 26.96 72.18 -16.75
C VAL G 168 26.00 71.45 -15.81
N TRP G 169 24.71 71.46 -16.11
CA TRP G 169 23.76 70.76 -15.26
C TRP G 169 23.89 69.25 -15.48
N HIS G 170 24.18 68.86 -16.71
CA HIS G 170 24.33 67.45 -17.01
C HIS G 170 25.56 66.91 -16.27
N HIS G 171 26.63 67.70 -16.29
CA HIS G 171 27.86 67.31 -15.64
C HIS G 171 27.62 67.10 -14.14
N ARG G 172 26.93 68.04 -13.50
CA ARG G 172 26.66 67.92 -12.08
C ARG G 172 25.86 66.69 -11.75
N ARG G 173 24.90 66.35 -12.61
CA ARG G 173 24.08 65.18 -12.37
C ARG G 173 24.89 63.89 -12.46
N VAL G 174 25.82 63.82 -13.41
CA VAL G 174 26.65 62.65 -13.53
C VAL G 174 27.48 62.50 -12.26
N LEU G 175 27.99 63.61 -11.73
CA LEU G 175 28.79 63.56 -10.52
C LEU G 175 27.99 63.00 -9.36
N VAL G 176 26.80 63.55 -9.15
CA VAL G 176 25.98 63.10 -8.05
C VAL G 176 25.68 61.60 -8.17
N GLU G 177 25.49 61.13 -9.40
CA GLU G 177 25.24 59.71 -9.62
C GLU G 177 26.47 58.91 -9.18
N TRP G 178 27.64 59.37 -9.60
CA TRP G 178 28.91 58.71 -9.22
C TRP G 178 29.07 58.65 -7.71
N LEU G 179 28.95 59.79 -7.06
CA LEU G 179 29.11 59.83 -5.62
C LEU G 179 27.95 59.24 -4.84
N LYS G 180 26.81 59.06 -5.51
CA LYS G 180 25.61 58.55 -4.83
C LYS G 180 25.41 59.39 -3.58
N ASP G 181 25.76 60.67 -3.68
CA ASP G 181 25.64 61.59 -2.55
C ASP G 181 24.81 62.82 -2.91
N PRO G 182 23.57 62.91 -2.41
CA PRO G 182 22.77 64.08 -2.74
C PRO G 182 22.72 65.09 -1.60
N SER G 183 23.53 64.85 -0.57
CA SER G 183 23.55 65.71 0.61
C SER G 183 23.58 67.23 0.42
N GLN G 184 24.18 67.72 -0.65
CA GLN G 184 24.23 69.16 -0.85
C GLN G 184 23.37 69.70 -2.00
N GLU G 185 22.63 68.81 -2.66
CA GLU G 185 21.79 69.20 -3.79
C GLU G 185 20.64 70.17 -3.49
N LEU G 186 19.75 69.82 -2.58
CA LEU G 186 18.62 70.69 -2.30
C LEU G 186 19.01 72.11 -1.92
N GLU G 187 20.09 72.26 -1.15
CA GLU G 187 20.53 73.59 -0.75
C GLU G 187 21.11 74.35 -1.95
N PHE G 188 21.90 73.67 -2.76
CA PHE G 188 22.51 74.27 -3.94
C PHE G 188 21.43 74.80 -4.86
N ILE G 189 20.47 73.94 -5.19
CA ILE G 189 19.38 74.31 -6.07
C ILE G 189 18.59 75.48 -5.50
N ALA G 190 18.34 75.46 -4.20
CA ALA G 190 17.60 76.54 -3.56
C ALA G 190 18.32 77.87 -3.80
N ASP G 191 19.64 77.84 -3.80
CA ASP G 191 20.41 79.06 -4.01
C ASP G 191 20.25 79.56 -5.43
N ILE G 192 20.28 78.65 -6.40
CA ILE G 192 20.11 79.02 -7.79
C ILE G 192 18.68 79.55 -7.98
N LEU G 193 17.72 78.85 -7.42
CA LEU G 193 16.33 79.26 -7.53
C LEU G 193 16.13 80.60 -6.87
N ASN G 194 17.13 81.04 -6.11
CA ASN G 194 17.01 82.31 -5.45
C ASN G 194 17.37 83.46 -6.37
N GLN G 195 18.19 83.20 -7.37
CA GLN G 195 18.55 84.24 -8.32
C GLN G 195 17.55 84.19 -9.49
N ASP G 196 16.88 83.05 -9.65
CA ASP G 196 15.88 82.85 -10.70
C ASP G 196 14.92 81.73 -10.29
N ALA G 197 13.82 82.12 -9.66
CA ALA G 197 12.82 81.16 -9.18
C ALA G 197 12.10 80.35 -10.25
N LYS G 198 12.39 80.61 -11.51
CA LYS G 198 11.72 79.87 -12.59
C LYS G 198 12.68 79.16 -13.52
N ASN G 199 13.94 79.03 -13.09
CA ASN G 199 14.96 78.37 -13.89
C ASN G 199 14.58 76.91 -14.13
N TYR G 200 14.20 76.60 -15.36
CA TYR G 200 13.78 75.24 -15.71
C TYR G 200 14.83 74.19 -15.38
N HIS G 201 16.09 74.50 -15.67
CA HIS G 201 17.17 73.55 -15.40
C HIS G 201 17.24 73.19 -13.91
N ALA G 202 17.11 74.20 -13.06
CA ALA G 202 17.16 74.01 -11.62
C ALA G 202 16.01 73.11 -11.12
N TRP G 203 14.79 73.42 -11.54
CA TRP G 203 13.64 72.62 -11.13
C TRP G 203 13.76 71.19 -11.65
N GLN G 204 14.30 71.04 -12.85
CA GLN G 204 14.44 69.72 -13.42
C GLN G 204 15.40 68.91 -12.58
N HIS G 205 16.54 69.50 -12.25
CA HIS G 205 17.54 68.82 -11.45
C HIS G 205 16.96 68.51 -10.07
N ARG G 206 16.23 69.47 -9.51
CA ARG G 206 15.66 69.26 -8.19
C ARG G 206 14.72 68.06 -8.18
N GLN G 207 13.89 67.91 -9.21
CA GLN G 207 12.99 66.77 -9.23
C GLN G 207 13.74 65.46 -9.38
N TRP G 208 14.82 65.48 -10.16
CA TRP G 208 15.62 64.28 -10.35
C TRP G 208 16.23 63.83 -9.03
N VAL G 209 16.82 64.76 -8.30
CA VAL G 209 17.42 64.42 -7.03
C VAL G 209 16.37 63.86 -6.09
N ILE G 210 15.30 64.62 -5.86
CA ILE G 210 14.24 64.18 -4.95
C ILE G 210 13.71 62.78 -5.28
N GLN G 211 13.53 62.48 -6.55
CA GLN G 211 13.03 61.19 -6.96
C GLN G 211 14.05 60.07 -6.78
N GLU G 212 15.24 60.28 -7.35
CA GLU G 212 16.34 59.32 -7.30
C GLU G 212 16.81 58.92 -5.90
N PHE G 213 16.79 59.86 -4.96
CA PHE G 213 17.24 59.56 -3.61
C PHE G 213 16.11 59.65 -2.60
N ARG G 214 14.88 59.66 -3.09
CA ARG G 214 13.69 59.73 -2.24
C ARG G 214 13.80 60.77 -1.11
N LEU G 215 13.86 62.06 -1.48
CA LEU G 215 13.97 63.13 -0.50
C LEU G 215 12.71 63.98 -0.50
N TRP G 216 11.56 63.37 -0.26
CA TRP G 216 10.29 64.08 -0.26
C TRP G 216 9.92 64.79 1.04
N ASP G 217 10.46 64.31 2.14
CA ASP G 217 10.16 64.85 3.46
C ASP G 217 9.97 66.35 3.65
N ASN G 218 10.75 67.19 2.99
CA ASN G 218 10.58 68.63 3.20
C ASN G 218 10.19 69.47 1.99
N GLU G 219 9.95 68.83 0.85
CA GLU G 219 9.61 69.58 -0.34
C GLU G 219 8.30 70.33 -0.26
N LEU G 220 7.25 69.70 0.25
CA LEU G 220 5.97 70.38 0.34
C LEU G 220 6.09 71.65 1.17
N GLN G 221 7.00 71.64 2.13
CA GLN G 221 7.18 72.81 2.97
C GLN G 221 7.93 73.87 2.18
N TYR G 222 8.88 73.42 1.35
CA TYR G 222 9.67 74.32 0.52
C TYR G 222 8.73 75.03 -0.45
N VAL G 223 7.81 74.25 -1.02
CA VAL G 223 6.82 74.75 -1.95
C VAL G 223 5.96 75.81 -1.26
N ASP G 224 5.45 75.49 -0.07
CA ASP G 224 4.62 76.44 0.67
C ASP G 224 5.35 77.76 0.90
N GLN G 225 6.65 77.68 1.12
CA GLN G 225 7.46 78.88 1.37
C GLN G 225 7.58 79.75 0.11
N LEU G 226 7.86 79.12 -1.02
CA LEU G 226 8.00 79.85 -2.27
C LEU G 226 6.68 80.43 -2.77
N LEU G 227 5.58 79.73 -2.52
CA LEU G 227 4.29 80.23 -2.96
C LEU G 227 3.94 81.48 -2.17
N LYS G 228 4.54 81.64 -1.00
CA LYS G 228 4.30 82.83 -0.18
C LYS G 228 5.11 83.97 -0.77
N GLU G 229 6.32 83.66 -1.24
CA GLU G 229 7.18 84.66 -1.84
C GLU G 229 6.65 85.19 -3.17
N ASP G 230 5.90 84.35 -3.89
CA ASP G 230 5.32 84.73 -5.18
C ASP G 230 4.31 83.67 -5.61
N VAL G 231 3.05 83.88 -5.21
CA VAL G 231 1.97 82.95 -5.53
C VAL G 231 1.73 82.79 -7.04
N ARG G 232 2.38 83.62 -7.85
CA ARG G 232 2.21 83.52 -9.29
C ARG G 232 3.28 82.67 -9.98
N ASN G 233 4.23 82.14 -9.23
CA ASN G 233 5.29 81.32 -9.83
C ASN G 233 4.75 79.96 -10.29
N ASN G 234 4.48 79.85 -11.59
CA ASN G 234 3.93 78.63 -12.15
C ASN G 234 4.80 77.39 -11.86
N SER G 235 6.11 77.59 -11.76
CA SER G 235 7.03 76.49 -11.49
C SER G 235 6.79 75.86 -10.13
N VAL G 236 6.48 76.70 -9.15
CA VAL G 236 6.24 76.22 -7.78
C VAL G 236 4.92 75.44 -7.70
N TRP G 237 3.89 75.89 -8.40
CA TRP G 237 2.63 75.16 -8.40
C TRP G 237 2.88 73.78 -9.01
N ASN G 238 3.73 73.71 -10.02
CA ASN G 238 4.02 72.44 -10.64
C ASN G 238 4.73 71.54 -9.63
N GLN G 239 5.65 72.12 -8.89
CA GLN G 239 6.39 71.37 -7.89
C GLN G 239 5.43 70.80 -6.84
N ARG G 240 4.46 71.61 -6.45
CA ARG G 240 3.49 71.18 -5.46
C ARG G 240 2.79 69.91 -5.92
N HIS G 241 2.31 69.90 -7.16
CA HIS G 241 1.62 68.73 -7.69
C HIS G 241 2.56 67.52 -7.78
N PHE G 242 3.83 67.81 -8.06
CA PHE G 242 4.87 66.79 -8.18
C PHE G 242 5.04 66.08 -6.83
N VAL G 243 5.23 66.86 -5.77
CA VAL G 243 5.40 66.32 -4.43
C VAL G 243 4.21 65.48 -4.00
N ILE G 244 3.03 66.09 -4.02
CA ILE G 244 1.84 65.38 -3.60
C ILE G 244 1.52 64.13 -4.39
N SER G 245 1.47 64.21 -5.71
CA SER G 245 1.13 63.02 -6.48
C SER G 245 2.16 61.91 -6.37
N ASN G 246 3.33 62.22 -5.83
CA ASN G 246 4.37 61.22 -5.67
C ASN G 246 4.51 60.73 -4.24
N THR G 247 3.70 61.28 -3.34
CA THR G 247 3.73 60.83 -1.96
C THR G 247 2.33 60.31 -1.60
N THR G 248 1.51 61.14 -0.98
CA THR G 248 0.17 60.73 -0.60
C THR G 248 -0.77 60.43 -1.77
N GLY G 249 -0.67 61.22 -2.84
CA GLY G 249 -1.57 61.03 -3.97
C GLY G 249 -2.78 61.90 -3.69
N TYR G 250 -3.72 61.98 -4.61
CA TYR G 250 -4.91 62.80 -4.38
C TYR G 250 -6.19 62.01 -4.15
N SER G 251 -6.08 60.69 -4.10
CA SER G 251 -7.25 59.83 -3.89
C SER G 251 -7.76 59.87 -2.45
N ASP G 252 -6.93 60.35 -1.53
CA ASP G 252 -7.33 60.47 -0.12
C ASP G 252 -8.22 61.71 -0.01
N ARG G 253 -9.53 61.51 0.12
CA ARG G 253 -10.48 62.63 0.21
C ARG G 253 -10.01 63.74 1.16
N ALA G 254 -9.28 63.38 2.19
CA ALA G 254 -8.79 64.36 3.14
C ALA G 254 -7.74 65.24 2.49
N VAL G 255 -6.87 64.63 1.68
CA VAL G 255 -5.82 65.37 1.00
C VAL G 255 -6.43 66.26 -0.08
N LEU G 256 -7.34 65.69 -0.86
CA LEU G 256 -7.99 66.44 -1.92
C LEU G 256 -8.64 67.66 -1.32
N GLU G 257 -9.34 67.48 -0.21
CA GLU G 257 -10.00 68.61 0.42
C GLU G 257 -9.02 69.66 0.92
N ARG G 258 -7.91 69.21 1.49
CA ARG G 258 -6.90 70.14 1.99
C ARG G 258 -6.38 71.00 0.84
N GLU G 259 -6.07 70.35 -0.28
CA GLU G 259 -5.56 71.03 -1.46
C GLU G 259 -6.56 71.97 -2.13
N VAL G 260 -7.79 71.50 -2.35
CA VAL G 260 -8.80 72.35 -2.97
C VAL G 260 -9.02 73.58 -2.09
N GLN G 261 -9.02 73.36 -0.77
CA GLN G 261 -9.21 74.45 0.17
C GLN G 261 -8.04 75.43 0.11
N TYR G 262 -6.83 74.89 0.10
CA TYR G 262 -5.61 75.69 0.05
C TYR G 262 -5.56 76.58 -1.19
N THR G 263 -5.96 76.01 -2.32
CA THR G 263 -5.95 76.73 -3.57
C THR G 263 -6.97 77.86 -3.57
N LEU G 264 -8.19 77.56 -3.12
CA LEU G 264 -9.22 78.60 -3.06
C LEU G 264 -8.73 79.74 -2.18
N GLU G 265 -7.96 79.41 -1.15
CA GLU G 265 -7.43 80.45 -0.27
C GLU G 265 -6.49 81.35 -1.07
N MET G 266 -5.63 80.73 -1.87
CA MET G 266 -4.67 81.47 -2.69
C MET G 266 -5.38 82.28 -3.77
N ILE G 267 -6.43 81.70 -4.33
CA ILE G 267 -7.20 82.38 -5.36
C ILE G 267 -7.84 83.64 -4.78
N LYS G 268 -8.32 83.54 -3.54
CA LYS G 268 -8.94 84.69 -2.88
C LYS G 268 -7.91 85.81 -2.67
N LEU G 269 -6.66 85.46 -2.42
CA LEU G 269 -5.61 86.47 -2.23
C LEU G 269 -5.24 87.19 -3.51
N VAL G 270 -5.17 86.45 -4.61
CA VAL G 270 -4.84 86.99 -5.93
C VAL G 270 -5.69 86.25 -6.94
N PRO G 271 -6.95 86.69 -7.10
CA PRO G 271 -7.91 86.08 -8.02
C PRO G 271 -7.49 85.95 -9.48
N HIS G 272 -6.62 86.83 -9.94
CA HIS G 272 -6.16 86.76 -11.32
C HIS G 272 -4.81 86.06 -11.38
N ASN G 273 -4.83 84.73 -11.25
CA ASN G 273 -3.62 83.91 -11.27
C ASN G 273 -3.91 82.58 -11.96
N GLU G 274 -3.55 82.50 -13.23
CA GLU G 274 -3.80 81.30 -14.02
C GLU G 274 -3.26 80.04 -13.36
N SER G 275 -2.06 80.13 -12.78
CA SER G 275 -1.43 78.99 -12.14
C SER G 275 -2.31 78.35 -11.06
N ALA G 276 -2.83 79.16 -10.15
CA ALA G 276 -3.68 78.62 -9.08
C ALA G 276 -4.92 77.94 -9.68
N TRP G 277 -5.54 78.60 -10.64
CA TRP G 277 -6.73 78.02 -11.26
C TRP G 277 -6.41 76.73 -11.99
N ASN G 278 -5.26 76.69 -12.66
CA ASN G 278 -4.89 75.48 -13.40
C ASN G 278 -4.69 74.31 -12.47
N TYR G 279 -4.15 74.59 -11.29
CA TYR G 279 -3.91 73.55 -10.28
C TYR G 279 -5.26 73.04 -9.79
N LEU G 280 -6.14 73.97 -9.40
CA LEU G 280 -7.46 73.60 -8.93
C LEU G 280 -8.19 72.72 -9.94
N LYS G 281 -8.20 73.15 -11.20
CA LYS G 281 -8.87 72.35 -12.21
C LYS G 281 -8.11 71.04 -12.45
N GLY G 282 -6.78 71.12 -12.37
CA GLY G 282 -5.96 69.96 -12.61
C GLY G 282 -6.24 68.79 -11.70
N ILE G 283 -6.34 69.04 -10.40
CA ILE G 283 -6.57 67.97 -9.46
C ILE G 283 -8.00 67.46 -9.37
N LEU G 284 -8.92 68.12 -10.08
CA LEU G 284 -10.32 67.71 -10.07
C LEU G 284 -10.87 67.23 -11.40
N GLN G 285 -10.32 67.75 -12.51
CA GLN G 285 -10.82 67.42 -13.84
C GLN G 285 -11.01 65.94 -14.16
N ASP G 286 -10.12 65.09 -13.69
CA ASP G 286 -10.27 63.67 -13.98
C ASP G 286 -11.25 62.95 -13.06
N ARG G 287 -11.53 63.53 -11.90
CA ARG G 287 -12.49 62.92 -10.99
C ARG G 287 -13.89 63.27 -11.51
N GLY G 288 -14.00 64.42 -12.17
CA GLY G 288 -15.27 64.87 -12.71
C GLY G 288 -15.73 66.13 -12.00
N LEU G 289 -15.52 67.28 -12.63
CA LEU G 289 -15.89 68.56 -12.02
C LEU G 289 -17.36 68.63 -11.59
N SER G 290 -18.24 67.96 -12.30
CA SER G 290 -19.65 68.00 -11.95
C SER G 290 -19.97 67.24 -10.65
N ARG G 291 -19.04 66.41 -10.17
CA ARG G 291 -19.26 65.63 -8.94
C ARG G 291 -19.11 66.42 -7.64
N TYR G 292 -18.70 67.68 -7.74
CA TYR G 292 -18.49 68.53 -6.57
C TYR G 292 -19.48 69.69 -6.47
N PRO G 293 -20.72 69.39 -6.09
CA PRO G 293 -21.81 70.38 -5.94
C PRO G 293 -21.50 71.63 -5.12
N ASN G 294 -20.82 71.47 -3.99
CA ASN G 294 -20.51 72.63 -3.18
C ASN G 294 -19.53 73.57 -3.87
N LEU G 295 -18.64 73.01 -4.66
CA LEU G 295 -17.65 73.81 -5.37
C LEU G 295 -18.34 74.75 -6.33
N LEU G 296 -19.30 74.23 -7.10
CA LEU G 296 -20.02 75.06 -8.05
C LEU G 296 -20.63 76.27 -7.36
N ASN G 297 -21.31 76.04 -6.25
CA ASN G 297 -21.93 77.14 -5.52
C ASN G 297 -20.90 78.12 -5.04
N GLN G 298 -19.84 77.63 -4.41
CA GLN G 298 -18.80 78.49 -3.90
C GLN G 298 -18.19 79.37 -4.98
N LEU G 299 -18.04 78.83 -6.19
CA LEU G 299 -17.46 79.62 -7.28
C LEU G 299 -18.46 80.67 -7.71
N LEU G 300 -19.74 80.28 -7.81
CA LEU G 300 -20.78 81.22 -8.21
C LEU G 300 -20.81 82.39 -7.23
N ASP G 301 -20.55 82.11 -5.96
CA ASP G 301 -20.54 83.16 -4.94
C ASP G 301 -19.36 84.10 -5.11
N LEU G 302 -18.28 83.61 -5.70
CA LEU G 302 -17.09 84.43 -5.92
C LEU G 302 -17.29 85.38 -7.09
N GLN G 303 -18.07 84.96 -8.08
CA GLN G 303 -18.33 85.74 -9.29
C GLN G 303 -18.57 87.24 -9.05
N PRO G 304 -19.47 87.59 -8.11
CA PRO G 304 -19.75 88.99 -7.82
C PRO G 304 -18.51 89.90 -7.71
N SER G 305 -17.58 89.55 -6.81
CA SER G 305 -16.38 90.36 -6.65
C SER G 305 -15.11 89.76 -7.26
N HIS G 306 -14.74 88.56 -6.80
CA HIS G 306 -13.54 87.84 -7.26
C HIS G 306 -13.58 87.27 -8.68
N SER G 307 -14.39 87.87 -9.57
CA SER G 307 -14.48 87.37 -10.94
C SER G 307 -13.16 87.54 -11.69
N SER G 308 -13.01 86.75 -12.75
CA SER G 308 -11.83 86.76 -13.60
C SER G 308 -12.18 85.80 -14.71
N PRO G 309 -11.48 85.86 -15.83
CA PRO G 309 -11.79 84.94 -16.92
C PRO G 309 -11.57 83.48 -16.52
N TYR G 310 -10.60 83.27 -15.64
CA TYR G 310 -10.26 81.92 -15.16
C TYR G 310 -11.44 81.28 -14.44
N LEU G 311 -12.13 82.07 -13.62
CA LEU G 311 -13.29 81.58 -12.89
C LEU G 311 -14.43 81.27 -13.86
N ILE G 312 -14.74 82.20 -14.76
CA ILE G 312 -15.82 82.00 -15.74
C ILE G 312 -15.54 80.74 -16.55
N ALA G 313 -14.28 80.54 -16.91
CA ALA G 313 -13.90 79.37 -17.68
C ALA G 313 -14.12 78.10 -16.87
N PHE G 314 -13.80 78.15 -15.58
CA PHE G 314 -13.97 76.99 -14.71
C PHE G 314 -15.44 76.59 -14.77
N LEU G 315 -16.32 77.59 -14.59
CA LEU G 315 -17.77 77.36 -14.62
C LEU G 315 -18.19 76.66 -15.92
N VAL G 316 -17.77 77.20 -17.05
CA VAL G 316 -18.09 76.59 -18.33
C VAL G 316 -17.70 75.12 -18.31
N ASP G 317 -16.50 74.84 -17.79
CA ASP G 317 -15.97 73.49 -17.72
C ASP G 317 -16.80 72.57 -16.81
N ILE G 318 -17.32 73.13 -15.72
CA ILE G 318 -18.17 72.35 -14.82
C ILE G 318 -19.43 72.02 -15.60
N TYR G 319 -20.06 73.06 -16.15
CA TYR G 319 -21.30 72.86 -16.91
C TYR G 319 -21.11 71.81 -17.99
N GLU G 320 -19.97 71.84 -18.65
CA GLU G 320 -19.71 70.88 -19.71
C GLU G 320 -19.61 69.46 -19.18
N ASP G 321 -19.00 69.30 -18.00
CA ASP G 321 -18.87 67.97 -17.42
C ASP G 321 -20.26 67.44 -17.11
N MET G 322 -21.15 68.36 -16.75
CA MET G 322 -22.53 67.99 -16.46
C MET G 322 -23.19 67.47 -17.72
N LEU G 323 -23.16 68.28 -18.78
CA LEU G 323 -23.75 67.89 -20.05
C LEU G 323 -23.20 66.54 -20.49
N GLU G 324 -21.92 66.32 -20.21
CA GLU G 324 -21.25 65.08 -20.58
C GLU G 324 -21.78 63.90 -19.77
N ASN G 325 -22.32 64.17 -18.59
CA ASN G 325 -22.85 63.13 -17.73
C ASN G 325 -24.36 63.09 -17.62
N GLN G 326 -25.05 63.13 -18.76
CA GLN G 326 -26.50 63.09 -18.80
C GLN G 326 -27.16 63.71 -17.57
N CYS G 327 -26.96 65.01 -17.35
CA CYS G 327 -27.53 65.69 -16.19
C CYS G 327 -29.00 66.06 -16.34
N ASP G 328 -29.59 66.57 -15.27
CA ASP G 328 -30.99 66.98 -15.28
C ASP G 328 -31.08 68.43 -15.75
N ASN G 329 -32.07 68.70 -16.60
CA ASN G 329 -32.30 70.04 -17.15
C ASN G 329 -31.18 70.37 -18.14
N LYS G 330 -30.79 69.37 -18.93
CA LYS G 330 -29.72 69.49 -19.92
C LYS G 330 -29.76 70.77 -20.74
N GLU G 331 -30.87 71.01 -21.43
CA GLU G 331 -31.03 72.20 -22.25
C GLU G 331 -30.81 73.48 -21.45
N ASP G 332 -31.16 73.46 -20.17
CA ASP G 332 -30.98 74.67 -19.36
C ASP G 332 -29.52 74.88 -18.99
N ILE G 333 -28.81 73.78 -18.76
CA ILE G 333 -27.40 73.86 -18.42
C ILE G 333 -26.67 74.41 -19.63
N LEU G 334 -26.92 73.79 -20.78
CA LEU G 334 -26.29 74.20 -22.02
C LEU G 334 -26.39 75.69 -22.26
N ASN G 335 -27.48 76.29 -21.82
CA ASN G 335 -27.66 77.73 -21.99
C ASN G 335 -26.81 78.50 -21.01
N LYS G 336 -26.63 77.96 -19.81
CA LYS G 336 -25.81 78.63 -18.80
C LYS G 336 -24.39 78.69 -19.32
N ALA G 337 -23.96 77.59 -19.95
CA ALA G 337 -22.63 77.47 -20.52
C ALA G 337 -22.44 78.52 -21.62
N LEU G 338 -23.26 78.39 -22.68
CA LEU G 338 -23.23 79.30 -23.82
C LEU G 338 -23.25 80.74 -23.35
N GLU G 339 -24.08 81.02 -22.35
CA GLU G 339 -24.18 82.38 -21.82
C GLU G 339 -22.79 82.84 -21.35
N LEU G 340 -22.07 81.95 -20.69
CA LEU G 340 -20.73 82.26 -20.18
C LEU G 340 -19.69 82.38 -21.29
N CYS G 341 -19.74 81.48 -22.27
CA CYS G 341 -18.81 81.55 -23.39
C CYS G 341 -18.90 82.93 -24.04
N GLU G 342 -20.13 83.41 -24.22
CA GLU G 342 -20.35 84.71 -24.84
C GLU G 342 -19.86 85.85 -23.95
N ILE G 343 -19.97 85.68 -22.64
CA ILE G 343 -19.49 86.72 -21.72
C ILE G 343 -17.97 86.81 -21.85
N LEU G 344 -17.34 85.65 -22.01
CA LEU G 344 -15.90 85.58 -22.16
C LEU G 344 -15.50 86.27 -23.45
N ALA G 345 -16.12 85.85 -24.55
CA ALA G 345 -15.84 86.41 -25.88
C ALA G 345 -16.11 87.90 -26.01
N LYS G 346 -17.24 88.36 -25.48
CA LYS G 346 -17.63 89.76 -25.57
C LYS G 346 -16.97 90.75 -24.62
N GLU G 347 -16.63 90.31 -23.40
CA GLU G 347 -16.03 91.28 -22.49
C GLU G 347 -15.02 90.80 -21.45
N LYS G 348 -15.01 89.52 -21.13
CA LYS G 348 -14.09 89.02 -20.10
C LYS G 348 -12.72 88.55 -20.59
N ASP G 349 -12.69 87.88 -21.73
CA ASP G 349 -11.44 87.36 -22.31
C ASP G 349 -11.49 87.61 -23.83
N THR G 350 -11.73 88.87 -24.20
CA THR G 350 -11.85 89.27 -25.59
C THR G 350 -10.78 88.78 -26.56
N ILE G 351 -9.51 88.77 -26.14
CA ILE G 351 -8.45 88.34 -27.04
C ILE G 351 -8.67 86.93 -27.58
N ARG G 352 -9.46 86.13 -26.87
CA ARG G 352 -9.75 84.76 -27.30
C ARG G 352 -11.18 84.66 -27.83
N LYS G 353 -11.73 85.82 -28.15
CA LYS G 353 -13.08 85.97 -28.69
C LYS G 353 -13.49 84.87 -29.67
N GLU G 354 -12.72 84.70 -30.73
CA GLU G 354 -13.07 83.68 -31.72
C GLU G 354 -12.99 82.27 -31.14
N TYR G 355 -12.11 82.06 -30.15
CA TYR G 355 -11.95 80.73 -29.52
C TYR G 355 -13.18 80.36 -28.68
N TRP G 356 -13.61 81.29 -27.83
CA TRP G 356 -14.77 81.07 -26.99
C TRP G 356 -16.04 80.83 -27.81
N ARG G 357 -16.22 81.61 -28.87
CA ARG G 357 -17.37 81.43 -29.73
C ARG G 357 -17.27 80.08 -30.43
N TYR G 358 -16.04 79.66 -30.68
CA TYR G 358 -15.78 78.38 -31.30
C TYR G 358 -16.19 77.28 -30.32
N ILE G 359 -15.91 77.50 -29.03
CA ILE G 359 -16.26 76.54 -27.98
C ILE G 359 -17.79 76.50 -27.87
N GLY G 360 -18.40 77.68 -27.89
CA GLY G 360 -19.85 77.75 -27.82
C GLY G 360 -20.49 76.91 -28.91
N ARG G 361 -20.10 77.17 -30.16
CA ARG G 361 -20.65 76.40 -31.26
C ARG G 361 -20.48 74.91 -31.00
N SER G 362 -19.31 74.55 -30.47
CA SER G 362 -18.99 73.15 -30.18
C SER G 362 -19.98 72.51 -29.21
N LEU G 363 -20.34 73.26 -28.18
CA LEU G 363 -21.28 72.77 -27.18
C LEU G 363 -22.68 72.58 -27.78
N GLN G 364 -23.16 73.62 -28.48
CA GLN G 364 -24.48 73.56 -29.10
C GLN G 364 -24.63 72.34 -29.99
N SER G 365 -23.67 72.13 -30.88
CA SER G 365 -23.73 71.00 -31.79
C SER G 365 -23.47 69.65 -31.14
N LYS G 366 -23.15 69.67 -29.86
CA LYS G 366 -22.86 68.41 -29.17
C LYS G 366 -23.98 68.04 -28.18
N HIS G 367 -24.75 69.03 -27.74
CA HIS G 367 -25.83 68.79 -26.79
C HIS G 367 -27.14 69.52 -27.14
N SER G 368 -27.91 68.99 -28.09
CA SER G 368 -29.19 69.62 -28.49
C SER G 368 -30.21 68.62 -29.06
N LEU H 18 4.83 100.13 -37.25
CA LEU H 18 5.90 99.91 -38.26
C LEU H 18 5.63 98.63 -39.05
N ASP H 19 6.46 98.32 -40.04
CA ASP H 19 6.22 97.14 -40.88
C ASP H 19 7.39 96.18 -41.06
N PHE H 20 7.21 95.21 -41.96
CA PHE H 20 8.19 94.18 -42.23
C PHE H 20 9.32 94.55 -43.19
N LEU H 21 10.48 94.84 -42.62
CA LEU H 21 11.67 95.22 -43.36
C LEU H 21 12.35 94.03 -44.05
N ARG H 22 11.63 93.37 -44.95
CA ARG H 22 12.12 92.20 -45.66
C ARG H 22 13.58 92.21 -46.12
N ASP H 23 14.00 93.26 -46.81
CA ASP H 23 15.38 93.33 -47.29
C ASP H 23 16.39 93.27 -46.16
N ARG H 24 16.20 94.11 -45.14
CA ARG H 24 17.11 94.14 -44.00
C ARG H 24 17.33 92.75 -43.41
N HIS H 25 16.26 91.97 -43.32
CA HIS H 25 16.34 90.63 -42.78
C HIS H 25 17.12 89.71 -43.69
N VAL H 26 17.03 89.94 -45.00
CA VAL H 26 17.77 89.09 -45.94
C VAL H 26 19.25 89.32 -45.73
N ARG H 27 19.65 90.59 -45.57
CA ARG H 27 21.05 90.92 -45.34
C ARG H 27 21.50 90.31 -44.02
N PHE H 28 20.66 90.47 -43.00
CA PHE H 28 20.95 89.91 -41.67
C PHE H 28 21.32 88.44 -41.78
N PHE H 29 20.49 87.65 -42.46
CA PHE H 29 20.78 86.23 -42.61
C PHE H 29 22.06 86.01 -43.41
N GLN H 30 22.32 86.87 -44.39
CA GLN H 30 23.53 86.73 -45.20
C GLN H 30 24.75 86.85 -44.29
N ARG H 31 24.73 87.86 -43.43
CA ARG H 31 25.82 88.09 -42.49
C ARG H 31 26.07 86.88 -41.59
N CYS H 32 24.99 86.25 -41.14
CA CYS H 32 25.12 85.09 -40.28
C CYS H 32 25.90 84.00 -40.98
N LEU H 33 25.63 83.75 -42.26
CA LEU H 33 26.34 82.71 -42.99
C LEU H 33 27.81 83.05 -43.26
N GLN H 34 28.18 84.31 -43.05
CA GLN H 34 29.55 84.72 -43.33
C GLN H 34 30.51 84.63 -42.16
N VAL H 35 30.54 85.65 -41.32
CA VAL H 35 31.45 85.61 -40.18
C VAL H 35 30.80 86.12 -38.90
N LEU H 36 31.10 85.47 -37.78
CA LEU H 36 30.55 85.85 -36.48
C LEU H 36 31.67 86.27 -35.54
N PRO H 37 31.40 87.26 -34.67
CA PRO H 37 32.38 87.77 -33.71
C PRO H 37 32.69 86.73 -32.62
N GLU H 38 33.89 86.79 -32.07
CA GLU H 38 34.31 85.86 -31.02
C GLU H 38 33.28 85.83 -29.88
N ARG H 39 32.37 86.79 -29.90
CA ARG H 39 31.34 86.89 -28.88
C ARG H 39 30.29 85.80 -29.01
N TYR H 40 30.36 85.00 -30.07
CA TYR H 40 29.38 83.94 -30.29
C TYR H 40 30.07 82.58 -30.31
N SER H 41 31.18 82.50 -29.59
CA SER H 41 31.98 81.29 -29.49
C SER H 41 31.23 80.12 -28.89
N SER H 42 30.23 80.43 -28.06
CA SER H 42 29.46 79.38 -27.41
C SER H 42 28.55 78.61 -28.38
N LEU H 43 28.51 79.05 -29.63
CA LEU H 43 27.68 78.39 -30.64
C LEU H 43 28.51 77.49 -31.53
N GLU H 44 29.82 77.48 -31.29
CA GLU H 44 30.74 76.69 -32.09
C GLU H 44 30.28 75.26 -32.37
N THR H 45 29.92 74.51 -31.33
CA THR H 45 29.50 73.11 -31.54
C THR H 45 28.09 72.93 -32.06
N SER H 46 27.45 74.04 -32.44
CA SER H 46 26.12 73.99 -32.99
C SER H 46 25.97 75.08 -34.07
N ARG H 47 27.03 75.28 -34.85
CA ARG H 47 27.04 76.27 -35.92
C ARG H 47 26.08 75.84 -37.03
N LEU H 48 25.94 74.53 -37.19
CA LEU H 48 25.05 74.00 -38.22
C LEU H 48 23.60 74.45 -37.99
N THR H 49 23.20 74.64 -36.74
CA THR H 49 21.84 75.08 -36.47
C THR H 49 21.72 76.57 -36.78
N ILE H 50 22.83 77.30 -36.66
CA ILE H 50 22.79 78.72 -36.98
C ILE H 50 22.70 78.83 -38.50
N ALA H 51 23.34 77.89 -39.19
CA ALA H 51 23.29 77.87 -40.65
C ALA H 51 21.83 77.64 -41.04
N PHE H 52 21.20 76.67 -40.37
CA PHE H 52 19.79 76.33 -40.61
C PHE H 52 18.88 77.53 -40.42
N PHE H 53 19.05 78.28 -39.34
CA PHE H 53 18.22 79.45 -39.11
C PHE H 53 18.35 80.45 -40.26
N ALA H 54 19.58 80.63 -40.74
CA ALA H 54 19.86 81.58 -41.81
C ALA H 54 19.40 81.10 -43.19
N LEU H 55 19.74 79.87 -43.53
CA LEU H 55 19.34 79.31 -44.82
C LEU H 55 17.82 79.18 -44.91
N SER H 56 17.22 78.51 -43.94
CA SER H 56 15.77 78.32 -43.91
C SER H 56 15.09 79.68 -43.82
N GLY H 57 15.75 80.62 -43.15
CA GLY H 57 15.20 81.95 -43.03
C GLY H 57 15.20 82.63 -44.39
N LEU H 58 16.26 82.40 -45.17
CA LEU H 58 16.37 82.99 -46.50
C LEU H 58 15.36 82.33 -47.41
N ASP H 59 15.26 81.00 -47.33
CA ASP H 59 14.31 80.24 -48.13
C ASP H 59 12.90 80.76 -47.88
N MET H 60 12.60 81.01 -46.61
CA MET H 60 11.30 81.51 -46.19
C MET H 60 11.04 82.89 -46.81
N LEU H 61 12.11 83.64 -47.07
CA LEU H 61 11.96 84.96 -47.68
C LEU H 61 12.20 84.88 -49.19
N ASP H 62 12.39 83.66 -49.68
CA ASP H 62 12.65 83.40 -51.10
C ASP H 62 13.86 84.23 -51.60
N SER H 63 15.01 83.98 -50.99
CA SER H 63 16.24 84.68 -51.33
C SER H 63 17.44 83.74 -51.30
N LEU H 64 17.19 82.45 -51.50
CA LEU H 64 18.27 81.46 -51.47
C LEU H 64 19.28 81.66 -52.60
N ASP H 65 18.99 82.57 -53.50
CA ASP H 65 19.88 82.84 -54.63
C ASP H 65 21.13 83.59 -54.16
N VAL H 66 20.98 84.44 -53.14
CA VAL H 66 22.10 85.23 -52.62
C VAL H 66 23.17 84.42 -51.91
N VAL H 67 23.18 83.11 -52.10
CA VAL H 67 24.17 82.24 -51.47
C VAL H 67 24.61 81.17 -52.47
N ASN H 68 25.82 80.65 -52.27
CA ASN H 68 26.31 79.63 -53.17
C ASN H 68 25.87 78.25 -52.69
N LYS H 69 24.66 77.86 -53.07
CA LYS H 69 24.12 76.58 -52.66
C LYS H 69 25.16 75.45 -52.74
N ASP H 70 26.00 75.49 -53.77
CA ASP H 70 27.00 74.45 -53.97
C ASP H 70 28.11 74.42 -52.90
N ASP H 71 28.62 75.59 -52.52
CA ASP H 71 29.67 75.65 -51.51
C ASP H 71 29.12 75.14 -50.18
N ILE H 72 27.98 75.71 -49.77
CA ILE H 72 27.37 75.34 -48.53
C ILE H 72 27.04 73.86 -48.45
N ILE H 73 26.64 73.26 -49.57
CA ILE H 73 26.33 71.82 -49.56
C ILE H 73 27.58 71.01 -49.26
N GLU H 74 28.72 71.43 -49.77
CA GLU H 74 29.98 70.73 -49.54
C GLU H 74 30.38 70.88 -48.08
N TRP H 75 30.19 72.06 -47.54
CA TRP H 75 30.52 72.34 -46.14
C TRP H 75 29.71 71.40 -45.26
N ILE H 76 28.41 71.32 -45.52
CA ILE H 76 27.53 70.47 -44.74
C ILE H 76 27.97 69.01 -44.82
N TYR H 77 28.26 68.54 -46.03
CA TYR H 77 28.68 67.16 -46.18
C TYR H 77 30.01 66.84 -45.49
N SER H 78 30.81 67.88 -45.24
CA SER H 78 32.08 67.67 -44.56
C SER H 78 31.82 67.40 -43.08
N LEU H 79 30.59 67.66 -42.65
CA LEU H 79 30.20 67.48 -41.26
C LEU H 79 29.59 66.10 -40.99
N GLN H 80 29.41 65.31 -42.03
CA GLN H 80 28.83 63.98 -41.83
C GLN H 80 29.83 62.97 -41.29
N VAL H 81 29.43 62.27 -40.24
CA VAL H 81 30.26 61.24 -39.63
C VAL H 81 29.91 59.95 -40.35
N LEU H 82 30.74 59.58 -41.32
CA LEU H 82 30.52 58.36 -42.10
C LEU H 82 31.10 57.14 -41.39
N PRO H 83 30.55 55.96 -41.68
CA PRO H 83 31.09 54.76 -41.04
C PRO H 83 32.48 54.44 -41.55
N THR H 84 33.29 53.79 -40.72
CA THR H 84 34.65 53.43 -41.08
C THR H 84 34.66 52.15 -41.90
N GLU H 85 35.82 51.82 -42.48
CA GLU H 85 35.98 50.62 -43.28
C GLU H 85 35.34 49.42 -42.57
N ASP H 86 35.76 49.19 -41.33
CA ASP H 86 35.25 48.07 -40.54
C ASP H 86 33.86 48.28 -39.96
N ARG H 87 33.17 49.33 -40.41
CA ARG H 87 31.82 49.64 -39.93
C ARG H 87 31.65 49.43 -38.42
N SER H 88 32.69 49.76 -37.65
CA SER H 88 32.65 49.58 -36.19
C SER H 88 32.13 50.79 -35.43
N ASN H 89 31.82 51.87 -36.14
CA ASN H 89 31.33 53.09 -35.49
C ASN H 89 29.95 53.49 -35.98
N LEU H 90 29.11 52.51 -36.32
CA LEU H 90 27.77 52.82 -36.80
C LEU H 90 26.92 53.56 -35.77
N ASP H 91 27.06 53.19 -34.50
CA ASP H 91 26.29 53.83 -33.44
C ASP H 91 26.66 55.29 -33.25
N ARG H 92 27.65 55.77 -33.99
CA ARG H 92 28.09 57.14 -33.83
C ARG H 92 27.95 58.01 -35.07
N CYS H 93 27.26 57.50 -36.08
CA CYS H 93 27.11 58.25 -37.31
C CYS H 93 25.99 59.27 -37.28
N GLY H 94 26.10 60.27 -38.15
CA GLY H 94 25.13 61.34 -38.22
C GLY H 94 25.90 62.58 -38.65
N PHE H 95 25.59 63.74 -38.09
CA PHE H 95 26.31 64.95 -38.45
C PHE H 95 26.91 65.68 -37.25
N ARG H 96 27.96 66.44 -37.49
CA ARG H 96 28.64 67.22 -36.46
C ARG H 96 28.09 68.63 -36.52
N GLY H 97 28.23 69.37 -35.42
CA GLY H 97 27.75 70.74 -35.38
C GLY H 97 28.68 71.67 -36.13
N SER H 98 29.95 71.28 -36.18
CA SER H 98 31.00 72.04 -36.87
C SER H 98 32.26 71.18 -36.94
N SER H 99 33.35 71.82 -37.34
CA SER H 99 34.63 71.12 -37.47
C SER H 99 35.53 71.32 -36.25
N TYR H 100 34.94 71.67 -35.12
CA TYR H 100 35.73 71.93 -33.92
C TYR H 100 36.68 70.80 -33.48
N LEU H 101 36.46 69.57 -33.92
CA LEU H 101 37.36 68.48 -33.51
C LEU H 101 38.67 68.47 -34.26
N GLY H 102 38.73 69.21 -35.36
CA GLY H 102 39.94 69.27 -36.15
C GLY H 102 40.14 68.14 -37.13
N ILE H 103 39.05 67.59 -37.65
CA ILE H 103 39.17 66.51 -38.60
C ILE H 103 39.32 67.14 -39.98
N PRO H 104 40.25 66.63 -40.79
CA PRO H 104 40.51 67.15 -42.14
C PRO H 104 39.27 67.23 -43.03
N PHE H 105 39.04 68.43 -43.58
CA PHE H 105 37.90 68.70 -44.44
C PHE H 105 37.70 67.63 -45.52
N ASN H 106 36.62 66.86 -45.40
CA ASN H 106 36.31 65.81 -46.37
C ASN H 106 34.81 65.77 -46.62
N PRO H 107 34.33 66.44 -47.70
CA PRO H 107 32.91 66.49 -48.04
C PRO H 107 32.33 65.14 -48.46
N SER H 108 32.12 64.28 -47.47
CA SER H 108 31.57 62.93 -47.66
C SER H 108 32.12 62.23 -48.90
N LYS H 109 33.44 62.28 -49.05
CA LYS H 109 34.11 61.63 -50.17
C LYS H 109 34.66 60.30 -49.68
N ASN H 110 35.92 60.29 -49.26
CA ASN H 110 36.58 59.08 -48.76
C ASN H 110 35.78 58.46 -47.60
N PRO H 111 36.24 57.30 -47.09
CA PRO H 111 35.55 56.64 -45.98
C PRO H 111 35.64 57.48 -44.70
N GLY H 112 35.62 56.83 -43.55
CA GLY H 112 35.69 57.57 -42.29
C GLY H 112 37.03 57.50 -41.59
N THR H 113 37.57 58.67 -41.21
CA THR H 113 38.84 58.74 -40.50
C THR H 113 38.60 58.57 -38.99
N ALA H 114 38.77 57.35 -38.50
CA ALA H 114 38.56 57.02 -37.08
C ALA H 114 39.10 58.07 -36.12
N HIS H 115 38.31 58.38 -35.09
CA HIS H 115 38.69 59.37 -34.09
C HIS H 115 37.98 59.01 -32.79
N PRO H 116 38.72 58.91 -31.70
CA PRO H 116 38.21 58.56 -30.37
C PRO H 116 36.94 59.26 -29.89
N TYR H 117 36.80 60.54 -30.22
CA TYR H 117 35.65 61.31 -29.76
C TYR H 117 34.77 61.94 -30.82
N ASP H 118 34.92 61.52 -32.06
CA ASP H 118 34.10 62.09 -33.12
C ASP H 118 32.83 61.28 -33.36
N SER H 119 31.69 61.95 -33.31
CA SER H 119 30.40 61.31 -33.54
C SER H 119 29.35 62.38 -33.77
N GLY H 120 28.19 61.96 -34.28
CA GLY H 120 27.13 62.92 -34.57
C GLY H 120 26.37 63.44 -33.37
N HIS H 121 25.56 64.47 -33.62
CA HIS H 121 24.72 65.09 -32.61
C HIS H 121 23.34 65.14 -33.23
N ILE H 122 22.36 64.52 -32.55
CA ILE H 122 21.00 64.46 -33.07
C ILE H 122 20.41 65.77 -33.61
N ALA H 123 20.68 66.90 -32.95
CA ALA H 123 20.15 68.17 -33.43
C ALA H 123 20.88 68.63 -34.68
N MET H 124 22.09 68.12 -34.88
CA MET H 124 22.89 68.49 -36.04
C MET H 124 22.52 67.61 -37.21
N THR H 125 22.22 66.34 -36.94
CA THR H 125 21.81 65.42 -38.00
C THR H 125 20.49 65.97 -38.55
N TYR H 126 19.63 66.47 -37.65
CA TYR H 126 18.36 67.03 -38.04
C TYR H 126 18.55 68.30 -38.89
N THR H 127 19.18 69.32 -38.33
CA THR H 127 19.38 70.57 -39.07
C THR H 127 20.25 70.38 -40.31
N GLY H 128 21.12 69.36 -40.28
CA GLY H 128 21.97 69.08 -41.42
C GLY H 128 21.14 68.62 -42.61
N LEU H 129 20.41 67.51 -42.41
CA LEU H 129 19.56 66.97 -43.46
C LEU H 129 18.59 68.05 -43.91
N SER H 130 18.04 68.75 -42.93
CA SER H 130 17.11 69.82 -43.20
C SER H 130 17.73 70.87 -44.12
N CYS H 131 18.98 71.26 -43.84
CA CYS H 131 19.66 72.25 -44.67
C CYS H 131 19.92 71.74 -46.09
N LEU H 132 20.36 70.49 -46.20
CA LEU H 132 20.62 69.90 -47.51
C LEU H 132 19.38 69.98 -48.39
N ILE H 133 18.23 69.58 -47.85
CA ILE H 133 16.98 69.63 -48.60
C ILE H 133 16.64 71.06 -49.02
N ILE H 134 16.82 72.02 -48.12
CA ILE H 134 16.53 73.40 -48.43
C ILE H 134 17.41 73.91 -49.58
N LEU H 135 18.65 73.43 -49.60
CA LEU H 135 19.60 73.85 -50.65
C LEU H 135 19.41 73.12 -51.98
N GLY H 136 18.50 72.15 -52.00
CA GLY H 136 18.24 71.43 -53.24
C GLY H 136 18.93 70.09 -53.38
N ASP H 137 19.87 69.78 -52.49
CA ASP H 137 20.57 68.50 -52.58
C ASP H 137 19.55 67.36 -52.55
N ASP H 138 19.94 66.19 -53.04
CA ASP H 138 19.05 65.04 -53.08
C ASP H 138 19.36 63.97 -52.03
N LEU H 139 20.25 64.29 -51.11
CA LEU H 139 20.61 63.36 -50.03
C LEU H 139 21.23 62.03 -50.49
N SER H 140 21.74 62.00 -51.72
CA SER H 140 22.34 60.79 -52.24
C SER H 140 23.65 60.46 -51.51
N ARG H 141 24.34 61.50 -51.05
CA ARG H 141 25.60 61.32 -50.33
C ARG H 141 25.42 61.07 -48.84
N VAL H 142 24.17 61.02 -48.40
CA VAL H 142 23.86 60.76 -47.00
C VAL H 142 23.76 59.26 -46.78
N ASP H 143 24.58 58.71 -45.88
CA ASP H 143 24.53 57.29 -45.60
C ASP H 143 23.31 57.07 -44.71
N LYS H 144 22.13 57.03 -45.34
CA LYS H 144 20.88 56.87 -44.62
C LYS H 144 20.87 55.76 -43.58
N GLU H 145 21.36 54.58 -43.93
CA GLU H 145 21.36 53.48 -42.96
C GLU H 145 22.22 53.77 -41.73
N ALA H 146 23.35 54.45 -41.94
CA ALA H 146 24.25 54.76 -40.85
C ALA H 146 23.58 55.75 -39.89
N CYS H 147 22.95 56.77 -40.46
CA CYS H 147 22.27 57.77 -39.64
C CYS H 147 21.19 57.13 -38.78
N LEU H 148 20.37 56.29 -39.41
CA LEU H 148 19.29 55.60 -38.71
C LEU H 148 19.85 54.71 -37.62
N ALA H 149 20.98 54.08 -37.89
CA ALA H 149 21.61 53.20 -36.91
C ALA H 149 22.05 54.06 -35.72
N GLY H 150 22.59 55.24 -36.01
CA GLY H 150 23.03 56.15 -34.97
C GLY H 150 21.85 56.64 -34.16
N LEU H 151 20.75 56.94 -34.85
CA LEU H 151 19.54 57.40 -34.19
C LEU H 151 19.06 56.37 -33.17
N ARG H 152 18.88 55.13 -33.61
CA ARG H 152 18.42 54.09 -32.71
C ARG H 152 19.26 54.02 -31.44
N ALA H 153 20.56 54.18 -31.60
CA ALA H 153 21.47 54.11 -30.47
C ALA H 153 21.21 55.19 -29.43
N LEU H 154 20.56 56.28 -29.84
CA LEU H 154 20.29 57.38 -28.93
C LEU H 154 19.04 57.26 -28.07
N GLN H 155 18.10 56.40 -28.47
CA GLN H 155 16.87 56.26 -27.72
C GLN H 155 17.05 55.49 -26.41
N LEU H 156 16.43 56.01 -25.34
CA LEU H 156 16.54 55.40 -24.02
C LEU H 156 15.38 54.45 -23.76
N GLU H 157 15.41 53.80 -22.60
CA GLU H 157 14.35 52.86 -22.25
C GLU H 157 13.00 53.55 -22.18
N ASP H 158 12.95 54.76 -21.62
CA ASP H 158 11.69 55.50 -21.48
C ASP H 158 11.16 56.07 -22.79
N GLY H 159 11.84 55.80 -23.90
CA GLY H 159 11.37 56.29 -25.18
C GLY H 159 11.95 57.60 -25.67
N SER H 160 12.54 58.39 -24.78
CA SER H 160 13.14 59.67 -25.18
C SER H 160 14.53 59.45 -25.81
N PHE H 161 15.19 60.53 -26.20
CA PHE H 161 16.51 60.44 -26.83
C PHE H 161 17.58 61.33 -26.21
N CYS H 162 18.83 60.94 -26.45
CA CYS H 162 19.99 61.71 -26.02
C CYS H 162 20.47 62.40 -27.30
N ALA H 163 21.40 63.34 -27.19
CA ALA H 163 21.88 64.04 -28.37
C ALA H 163 23.09 63.35 -28.99
N VAL H 164 23.93 62.76 -28.13
CA VAL H 164 25.14 62.07 -28.59
C VAL H 164 25.34 60.74 -27.88
N PRO H 165 25.99 59.78 -28.57
CA PRO H 165 26.24 58.47 -27.97
C PRO H 165 27.07 58.49 -26.70
N GLU H 166 27.96 59.47 -26.57
CA GLU H 166 28.79 59.56 -25.37
C GLU H 166 27.96 59.87 -24.13
N GLY H 167 26.71 60.30 -24.34
CA GLY H 167 25.85 60.63 -23.21
C GLY H 167 25.50 62.10 -23.13
N SER H 168 24.31 62.39 -22.63
CA SER H 168 23.85 63.76 -22.48
C SER H 168 22.50 63.72 -21.79
N GLU H 169 21.91 64.89 -21.61
CA GLU H 169 20.59 64.96 -20.99
C GLU H 169 19.62 64.41 -22.05
N ASN H 170 18.44 63.99 -21.61
CA ASN H 170 17.45 63.46 -22.55
C ASN H 170 16.10 64.12 -22.30
N ASP H 171 15.45 64.59 -23.36
CA ASP H 171 14.16 65.22 -23.22
C ASP H 171 13.40 65.37 -24.53
N MET H 172 12.25 66.01 -24.46
CA MET H 172 11.38 66.21 -25.63
C MET H 172 12.07 66.83 -26.84
N ARG H 173 13.02 67.73 -26.62
CA ARG H 173 13.72 68.39 -27.74
C ARG H 173 14.27 67.36 -28.71
N PHE H 174 14.91 66.34 -28.16
CA PHE H 174 15.53 65.32 -28.99
C PHE H 174 14.54 64.32 -29.56
N VAL H 175 13.36 64.21 -28.95
CA VAL H 175 12.33 63.31 -29.47
C VAL H 175 11.87 63.93 -30.78
N TYR H 176 11.76 65.26 -30.79
CA TYR H 176 11.35 65.98 -31.98
C TYR H 176 12.40 65.84 -33.09
N CYS H 177 13.67 65.88 -32.71
CA CYS H 177 14.76 65.75 -33.66
C CYS H 177 14.71 64.37 -34.31
N ALA H 178 14.53 63.36 -33.48
CA ALA H 178 14.46 61.99 -33.99
C ALA H 178 13.31 61.87 -34.97
N SER H 179 12.16 62.43 -34.60
CA SER H 179 10.98 62.40 -35.45
C SER H 179 11.24 63.04 -36.80
N CYS H 180 11.86 64.22 -36.80
CA CYS H 180 12.16 64.92 -38.04
C CYS H 180 13.13 64.13 -38.93
N ILE H 181 14.12 63.51 -38.31
CA ILE H 181 15.09 62.73 -39.07
C ILE H 181 14.39 61.56 -39.74
N CYS H 182 13.63 60.78 -38.98
CA CYS H 182 12.92 59.64 -39.54
C CYS H 182 12.00 60.08 -40.66
N TYR H 183 11.35 61.22 -40.48
CA TYR H 183 10.43 61.75 -41.48
C TYR H 183 11.14 62.12 -42.78
N MET H 184 12.24 62.87 -42.66
CA MET H 184 12.99 63.29 -43.85
C MET H 184 13.62 62.12 -44.58
N LEU H 185 14.17 61.15 -43.85
CA LEU H 185 14.77 59.99 -44.49
C LEU H 185 13.64 59.03 -44.83
N ASN H 186 12.42 59.46 -44.58
CA ASN H 186 11.24 58.66 -44.87
C ASN H 186 11.42 57.20 -44.46
N ASN H 187 11.88 56.98 -43.24
CA ASN H 187 12.10 55.65 -42.70
C ASN H 187 12.06 55.74 -41.18
N TRP H 188 11.10 55.08 -40.54
CA TRP H 188 10.99 55.17 -39.10
C TRP H 188 11.68 54.04 -38.33
N SER H 189 12.62 53.37 -38.99
CA SER H 189 13.35 52.30 -38.32
C SER H 189 14.34 52.93 -37.36
N GLY H 190 14.45 54.26 -37.45
CA GLY H 190 15.35 54.98 -36.58
C GLY H 190 14.89 55.05 -35.13
N MET H 191 13.65 54.68 -34.86
CA MET H 191 13.14 54.74 -33.49
C MET H 191 12.09 53.70 -33.19
N ASP H 192 11.89 53.44 -31.90
CA ASP H 192 10.87 52.53 -31.41
C ASP H 192 9.69 53.46 -31.14
N MET H 193 8.91 53.71 -32.19
CA MET H 193 7.77 54.63 -32.13
C MET H 193 6.82 54.43 -30.96
N LYS H 194 6.59 53.19 -30.57
CA LYS H 194 5.69 52.91 -29.47
C LYS H 194 6.22 53.53 -28.17
N LYS H 195 7.51 53.36 -27.93
CA LYS H 195 8.11 53.92 -26.72
C LYS H 195 8.19 55.44 -26.77
N ALA H 196 8.43 56.00 -27.95
CA ALA H 196 8.51 57.44 -28.09
C ALA H 196 7.15 58.05 -27.75
N ILE H 197 6.09 57.45 -28.28
CA ILE H 197 4.73 57.91 -28.04
C ILE H 197 4.43 57.84 -26.54
N SER H 198 4.88 56.77 -25.91
CA SER H 198 4.67 56.62 -24.48
C SER H 198 5.30 57.79 -23.74
N TYR H 199 6.51 58.17 -24.16
CA TYR H 199 7.21 59.29 -23.52
C TYR H 199 6.42 60.58 -23.68
N ILE H 200 5.93 60.83 -24.88
CA ILE H 200 5.16 62.03 -25.14
C ILE H 200 3.89 62.08 -24.27
N ARG H 201 3.19 60.96 -24.16
CA ARG H 201 2.00 60.95 -23.34
C ARG H 201 2.34 61.27 -21.89
N ARG H 202 3.34 60.57 -21.36
CA ARG H 202 3.75 60.74 -19.98
C ARG H 202 4.22 62.14 -19.62
N SER H 203 4.45 62.98 -20.62
CA SER H 203 4.92 64.33 -20.34
C SER H 203 3.78 65.33 -20.16
N MET H 204 2.55 64.88 -20.39
CA MET H 204 1.41 65.78 -20.24
C MET H 204 1.22 66.12 -18.76
N SER H 205 1.10 67.41 -18.47
CA SER H 205 0.95 67.91 -17.12
C SER H 205 -0.50 67.96 -16.64
N TYR H 206 -0.68 68.23 -15.35
CA TYR H 206 -2.01 68.35 -14.76
C TYR H 206 -2.72 69.56 -15.36
N ASP H 207 -1.95 70.53 -15.85
CA ASP H 207 -2.55 71.73 -16.45
C ASP H 207 -2.78 71.52 -17.96
N ASN H 208 -2.49 70.31 -18.42
CA ASN H 208 -2.72 69.90 -19.80
C ASN H 208 -1.74 70.26 -20.90
N GLY H 209 -0.67 70.97 -20.56
CA GLY H 209 0.34 71.28 -21.55
C GLY H 209 1.33 70.12 -21.54
N LEU H 210 2.34 70.15 -22.40
CA LEU H 210 3.33 69.08 -22.43
C LEU H 210 4.64 69.64 -21.84
N ALA H 211 5.33 68.84 -21.04
CA ALA H 211 6.58 69.30 -20.45
C ALA H 211 7.75 68.62 -21.12
N GLN H 212 8.97 68.96 -20.71
CA GLN H 212 10.16 68.35 -21.30
C GLN H 212 10.22 66.87 -20.95
N GLY H 213 9.56 66.50 -19.86
CA GLY H 213 9.53 65.13 -19.40
C GLY H 213 8.51 65.01 -18.29
N ALA H 214 8.15 63.79 -17.92
CA ALA H 214 7.16 63.56 -16.87
C ALA H 214 7.41 64.32 -15.58
N GLY H 215 6.37 64.95 -15.06
CA GLY H 215 6.49 65.68 -13.81
C GLY H 215 6.93 67.12 -13.90
N LEU H 216 7.64 67.46 -14.97
CA LEU H 216 8.13 68.82 -15.16
C LEU H 216 7.03 69.79 -15.57
N GLU H 217 7.32 71.08 -15.45
CA GLU H 217 6.39 72.15 -15.80
C GLU H 217 6.13 72.14 -17.31
N SER H 218 4.85 72.12 -17.71
CA SER H 218 4.53 72.13 -19.13
C SER H 218 5.07 73.42 -19.71
N HIS H 219 5.51 73.36 -20.97
CA HIS H 219 6.13 74.51 -21.61
C HIS H 219 5.81 74.60 -23.11
N GLY H 220 5.79 75.82 -23.64
CA GLY H 220 5.50 76.00 -25.05
C GLY H 220 6.40 75.24 -26.01
N GLY H 221 7.69 75.22 -25.70
CA GLY H 221 8.65 74.53 -26.55
C GLY H 221 8.46 73.03 -26.59
N SER H 222 8.31 72.42 -25.42
CA SER H 222 8.13 70.97 -25.35
C SER H 222 6.76 70.55 -25.89
N THR H 223 5.76 71.41 -25.73
CA THR H 223 4.43 71.09 -26.24
C THR H 223 4.53 71.05 -27.77
N PHE H 224 5.26 71.99 -28.35
CA PHE H 224 5.44 71.99 -29.79
C PHE H 224 6.15 70.71 -30.20
N CYS H 225 7.25 70.40 -29.54
CA CYS H 225 8.02 69.21 -29.88
C CYS H 225 7.18 67.95 -29.82
N GLY H 226 6.37 67.83 -28.76
CA GLY H 226 5.53 66.66 -28.62
C GLY H 226 4.46 66.57 -29.69
N ILE H 227 3.65 67.62 -29.81
CA ILE H 227 2.58 67.62 -30.81
C ILE H 227 3.12 67.44 -32.22
N ALA H 228 4.16 68.20 -32.58
CA ALA H 228 4.75 68.11 -33.90
C ALA H 228 5.26 66.71 -34.16
N SER H 229 5.86 66.07 -33.15
CA SER H 229 6.37 64.72 -33.34
C SER H 229 5.24 63.78 -33.70
N LEU H 230 4.15 63.85 -32.94
CA LEU H 230 3.01 62.98 -33.20
C LEU H 230 2.46 63.23 -34.60
N CYS H 231 2.37 64.50 -35.00
CA CYS H 231 1.87 64.82 -36.34
C CYS H 231 2.80 64.22 -37.41
N LEU H 232 4.10 64.35 -37.23
CA LEU H 232 5.06 63.80 -38.17
C LEU H 232 4.89 62.30 -38.27
N MET H 233 4.50 61.65 -37.18
CA MET H 233 4.30 60.20 -37.18
C MET H 233 2.88 59.89 -37.68
N GLY H 234 2.07 60.94 -37.81
CA GLY H 234 0.69 60.77 -38.24
C GLY H 234 -0.12 60.00 -37.22
N LYS H 235 0.01 60.36 -35.94
CA LYS H 235 -0.70 59.65 -34.90
C LYS H 235 -1.29 60.55 -33.81
N LEU H 236 -1.49 61.82 -34.14
CA LEU H 236 -2.05 62.76 -33.17
C LEU H 236 -3.36 62.22 -32.63
N GLU H 237 -4.31 62.01 -33.54
CA GLU H 237 -5.65 61.50 -33.24
C GLU H 237 -5.64 60.19 -32.48
N GLU H 238 -4.75 59.30 -32.87
CA GLU H 238 -4.63 58.00 -32.24
C GLU H 238 -4.12 58.06 -30.81
N VAL H 239 -3.19 58.98 -30.55
CA VAL H 239 -2.57 59.10 -29.23
C VAL H 239 -3.38 59.89 -28.21
N PHE H 240 -3.99 60.98 -28.64
CA PHE H 240 -4.78 61.79 -27.72
C PHE H 240 -6.28 61.75 -28.05
N SER H 241 -7.09 61.59 -27.01
CA SER H 241 -8.55 61.56 -27.18
C SER H 241 -9.02 62.96 -27.53
N GLU H 242 -10.27 63.06 -27.96
CA GLU H 242 -10.82 64.35 -28.32
C GLU H 242 -10.83 65.25 -27.10
N LYS H 243 -11.16 64.68 -25.95
CA LYS H 243 -11.22 65.47 -24.70
C LYS H 243 -9.81 65.96 -24.38
N GLU H 244 -8.82 65.08 -24.55
CA GLU H 244 -7.44 65.42 -24.29
C GLU H 244 -6.97 66.54 -25.21
N LEU H 245 -7.24 66.40 -26.51
CA LEU H 245 -6.85 67.42 -27.46
C LEU H 245 -7.52 68.76 -27.14
N ASN H 246 -8.74 68.71 -26.62
CA ASN H 246 -9.45 69.94 -26.28
C ASN H 246 -8.72 70.64 -25.15
N ARG H 247 -8.27 69.86 -24.19
CA ARG H 247 -7.54 70.41 -23.05
C ARG H 247 -6.23 71.03 -23.48
N ILE H 248 -5.50 70.32 -24.34
CA ILE H 248 -4.24 70.82 -24.85
C ILE H 248 -4.46 72.12 -25.61
N LYS H 249 -5.48 72.14 -26.48
CA LYS H 249 -5.78 73.35 -27.25
C LYS H 249 -6.01 74.52 -26.30
N ARG H 250 -6.75 74.28 -25.23
CA ARG H 250 -7.04 75.32 -24.25
C ARG H 250 -5.75 75.84 -23.63
N TRP H 251 -4.84 74.92 -23.27
CA TRP H 251 -3.60 75.32 -22.66
C TRP H 251 -2.80 76.19 -23.61
N CYS H 252 -2.74 75.78 -24.87
CA CYS H 252 -1.98 76.52 -25.88
C CYS H 252 -2.54 77.90 -26.17
N ILE H 253 -3.82 77.98 -26.48
CA ILE H 253 -4.40 79.26 -26.81
C ILE H 253 -4.39 80.24 -25.63
N MET H 254 -4.20 79.73 -24.42
CA MET H 254 -4.14 80.62 -23.26
C MET H 254 -2.78 81.31 -23.18
N ARG H 255 -1.86 80.89 -24.06
CA ARG H 255 -0.52 81.47 -24.07
C ARG H 255 -0.46 82.85 -24.73
N GLN H 256 -1.46 83.23 -25.51
CA GLN H 256 -1.41 84.54 -26.14
C GLN H 256 -1.81 85.67 -25.20
N GLN H 257 -0.94 86.68 -25.12
CA GLN H 257 -1.14 87.85 -24.29
C GLN H 257 -1.34 89.02 -25.23
N ASN H 258 -0.57 88.96 -26.32
CA ASN H 258 -0.53 89.90 -27.43
C ASN H 258 0.37 89.07 -28.34
N GLY H 259 1.58 88.86 -27.85
CA GLY H 259 2.51 87.99 -28.54
C GLY H 259 2.27 86.72 -27.75
N TYR H 260 3.24 85.83 -27.68
CA TYR H 260 3.05 84.60 -26.91
C TYR H 260 4.16 84.34 -25.89
N HIS H 261 3.80 83.79 -24.74
CA HIS H 261 4.80 83.45 -23.73
C HIS H 261 4.88 81.91 -23.75
N GLY H 262 5.92 81.34 -23.15
CA GLY H 262 6.06 79.89 -23.15
C GLY H 262 5.49 79.17 -21.94
N ARG H 263 5.12 79.92 -20.91
CA ARG H 263 4.57 79.36 -19.68
C ARG H 263 3.69 80.38 -19.00
N PRO H 264 2.66 79.92 -18.27
CA PRO H 264 1.77 80.85 -17.58
C PRO H 264 2.59 81.80 -16.71
N ASN H 265 2.15 83.05 -16.61
CA ASN H 265 2.83 84.06 -15.80
C ASN H 265 4.28 84.39 -16.17
N LYS H 266 4.62 84.28 -17.45
CA LYS H 266 5.96 84.63 -17.94
C LYS H 266 5.80 85.65 -19.07
N PRO H 267 6.73 86.60 -19.20
CA PRO H 267 6.64 87.61 -20.25
C PRO H 267 6.71 87.00 -21.65
N VAL H 268 6.04 87.60 -22.62
CA VAL H 268 6.03 87.07 -23.98
C VAL H 268 7.41 87.14 -24.61
N ASP H 269 7.58 86.33 -25.64
CA ASP H 269 8.84 86.25 -26.36
C ASP H 269 8.52 85.90 -27.82
N THR H 270 9.03 86.71 -28.73
CA THR H 270 8.80 86.51 -30.14
C THR H 270 8.82 85.07 -30.63
N CYS H 271 9.84 84.31 -30.27
CA CYS H 271 9.91 82.94 -30.79
C CYS H 271 8.74 82.05 -30.45
N TYR H 272 7.98 82.39 -29.40
CA TYR H 272 6.84 81.55 -29.05
C TYR H 272 5.69 81.70 -30.04
N SER H 273 5.75 82.78 -30.83
CA SER H 273 4.75 83.01 -31.87
C SER H 273 4.82 81.84 -32.84
N PHE H 274 5.99 81.18 -32.90
CA PHE H 274 6.07 80.01 -33.75
C PHE H 274 5.84 78.75 -32.92
N TRP H 275 6.63 78.58 -31.85
CA TRP H 275 6.51 77.41 -30.99
C TRP H 275 5.03 77.10 -30.65
N VAL H 276 4.33 78.09 -30.10
CA VAL H 276 2.94 77.91 -29.72
C VAL H 276 2.02 78.04 -30.93
N GLY H 277 2.26 79.08 -31.74
CA GLY H 277 1.45 79.31 -32.93
C GLY H 277 1.40 78.08 -33.82
N ALA H 278 2.56 77.49 -34.09
CA ALA H 278 2.62 76.31 -34.94
C ALA H 278 1.84 75.15 -34.33
N THR H 279 1.84 75.07 -33.00
CA THR H 279 1.11 74.00 -32.30
C THR H 279 -0.37 74.23 -32.54
N LEU H 280 -0.80 75.47 -32.35
CA LEU H 280 -2.19 75.82 -32.55
C LEU H 280 -2.60 75.49 -33.99
N LYS H 281 -1.71 75.77 -34.94
CA LYS H 281 -1.98 75.48 -36.33
C LYS H 281 -2.15 73.98 -36.52
N LEU H 282 -1.27 73.18 -35.92
CA LEU H 282 -1.38 71.74 -36.06
C LEU H 282 -2.67 71.22 -35.42
N LEU H 283 -3.15 71.94 -34.41
CA LEU H 283 -4.38 71.55 -33.73
C LEU H 283 -5.60 72.17 -34.39
N LYS H 284 -5.36 72.84 -35.51
CA LYS H 284 -6.41 73.48 -36.31
C LYS H 284 -7.22 74.59 -35.65
N ILE H 285 -6.63 75.33 -34.70
CA ILE H 285 -7.38 76.42 -34.09
C ILE H 285 -6.57 77.70 -34.05
N PHE H 286 -5.48 77.75 -34.82
CA PHE H 286 -4.67 78.97 -34.84
C PHE H 286 -5.53 80.09 -35.42
N GLN H 287 -6.41 79.70 -36.34
CA GLN H 287 -7.34 80.62 -36.99
C GLN H 287 -8.20 81.40 -36.01
N TYR H 288 -8.36 80.88 -34.81
CA TYR H 288 -9.19 81.56 -33.81
C TYR H 288 -8.43 82.47 -32.89
N THR H 289 -7.12 82.62 -33.11
CA THR H 289 -6.30 83.50 -32.28
C THR H 289 -6.41 84.93 -32.82
N ASN H 290 -5.90 85.89 -32.06
CA ASN H 290 -5.94 87.28 -32.50
C ASN H 290 -4.68 87.55 -33.34
N PHE H 291 -4.85 87.75 -34.64
CA PHE H 291 -3.72 87.99 -35.54
C PHE H 291 -3.02 89.34 -35.37
N GLU H 292 -3.80 90.41 -35.33
CA GLU H 292 -3.23 91.74 -35.21
C GLU H 292 -2.28 91.98 -34.04
N LYS H 293 -2.73 91.66 -32.83
CA LYS H 293 -1.89 91.87 -31.65
C LYS H 293 -0.60 91.03 -31.70
N ASN H 294 -0.70 89.85 -32.28
CA ASN H 294 0.47 88.98 -32.41
C ASN H 294 1.43 89.61 -33.42
N ARG H 295 0.92 89.91 -34.61
CA ARG H 295 1.75 90.53 -35.64
C ARG H 295 2.37 91.82 -35.12
N ASN H 296 1.57 92.61 -34.41
CA ASN H 296 2.07 93.86 -33.87
C ASN H 296 3.25 93.62 -32.93
N TYR H 297 3.12 92.65 -32.03
CA TYR H 297 4.21 92.36 -31.10
C TYR H 297 5.46 91.90 -31.82
N ILE H 298 5.33 90.89 -32.67
CA ILE H 298 6.47 90.38 -33.43
C ILE H 298 7.25 91.52 -34.09
N LEU H 299 6.55 92.38 -34.82
CA LEU H 299 7.21 93.49 -35.49
C LEU H 299 7.84 94.48 -34.52
N SER H 300 7.26 94.62 -33.33
CA SER H 300 7.81 95.55 -32.36
C SER H 300 9.19 95.12 -31.85
N THR H 301 9.59 93.88 -32.14
CA THR H 301 10.88 93.37 -31.70
C THR H 301 11.87 93.32 -32.87
N GLN H 302 11.45 93.89 -33.99
CA GLN H 302 12.26 93.94 -35.20
C GLN H 302 13.37 94.98 -35.01
N ASP H 303 14.60 94.66 -35.40
CA ASP H 303 15.69 95.61 -35.28
C ASP H 303 15.78 96.36 -36.60
N ARG H 304 15.24 97.58 -36.63
CA ARG H 304 15.21 98.41 -37.84
C ARG H 304 16.57 98.84 -38.39
N LEU H 305 17.60 98.73 -37.57
CA LEU H 305 18.95 99.13 -37.97
C LEU H 305 19.75 97.98 -38.61
N VAL H 306 19.93 96.89 -37.87
CA VAL H 306 20.71 95.76 -38.36
C VAL H 306 19.87 94.61 -38.94
N GLY H 307 18.56 94.62 -38.69
CA GLY H 307 17.72 93.56 -39.20
C GLY H 307 17.52 92.47 -38.16
N GLY H 308 16.73 91.46 -38.50
CA GLY H 308 16.48 90.37 -37.57
C GLY H 308 15.51 90.78 -36.48
N PHE H 309 15.15 89.83 -35.62
CA PHE H 309 14.23 90.11 -34.52
C PHE H 309 14.87 89.73 -33.20
N ALA H 310 14.36 90.30 -32.10
CA ALA H 310 14.86 90.01 -30.77
C ALA H 310 13.72 89.36 -29.99
N LYS H 311 13.97 88.95 -28.75
CA LYS H 311 12.89 88.34 -27.98
C LYS H 311 11.90 89.39 -27.52
N TRP H 312 12.41 90.56 -27.14
CA TRP H 312 11.56 91.68 -26.71
C TRP H 312 11.93 92.93 -27.49
N PRO H 313 11.04 93.93 -27.52
CA PRO H 313 11.37 95.15 -28.26
C PRO H 313 12.58 95.86 -27.63
N ASP H 314 13.38 96.50 -28.49
CA ASP H 314 14.58 97.22 -28.05
C ASP H 314 15.55 96.28 -27.36
N SER H 315 15.71 95.10 -27.92
CA SER H 315 16.60 94.07 -27.39
C SER H 315 17.50 93.63 -28.55
N HIS H 316 18.67 93.06 -28.26
CA HIS H 316 19.56 92.64 -29.35
C HIS H 316 19.06 91.42 -30.12
N PRO H 317 19.00 91.52 -31.45
CA PRO H 317 18.54 90.44 -32.32
C PRO H 317 19.54 89.29 -32.50
N ASP H 318 19.03 88.12 -32.84
CA ASP H 318 19.87 86.95 -33.07
C ASP H 318 19.24 86.05 -34.12
N ALA H 319 20.00 85.11 -34.64
CA ALA H 319 19.49 84.22 -35.67
C ALA H 319 18.22 83.47 -35.28
N LEU H 320 18.19 82.94 -34.07
CA LEU H 320 17.04 82.18 -33.58
C LEU H 320 15.74 83.00 -33.60
N HIS H 321 15.75 84.18 -33.00
CA HIS H 321 14.53 84.99 -32.99
C HIS H 321 14.18 85.55 -34.36
N ALA H 322 15.19 85.81 -35.18
CA ALA H 322 14.95 86.32 -36.51
C ALA H 322 14.20 85.25 -37.29
N TYR H 323 14.69 84.02 -37.23
CA TYR H 323 14.04 82.93 -37.95
C TYR H 323 12.65 82.61 -37.44
N PHE H 324 12.51 82.46 -36.13
CA PHE H 324 11.20 82.13 -35.57
C PHE H 324 10.20 83.29 -35.63
N GLY H 325 10.71 84.52 -35.59
CA GLY H 325 9.80 85.65 -35.68
C GLY H 325 9.20 85.65 -37.10
N ILE H 326 10.04 85.34 -38.08
CA ILE H 326 9.59 85.28 -39.46
C ILE H 326 8.63 84.12 -39.65
N CYS H 327 8.96 82.97 -39.05
CA CYS H 327 8.06 81.83 -39.18
C CYS H 327 6.73 82.15 -38.48
N GLY H 328 6.80 82.95 -37.42
CA GLY H 328 5.60 83.34 -36.70
C GLY H 328 4.72 84.17 -37.60
N LEU H 329 5.34 85.11 -38.29
CA LEU H 329 4.64 85.98 -39.24
C LEU H 329 4.03 85.11 -40.34
N SER H 330 4.79 84.12 -40.81
CA SER H 330 4.34 83.22 -41.85
C SER H 330 3.04 82.48 -41.52
N LEU H 331 2.82 82.11 -40.27
CA LEU H 331 1.59 81.38 -39.89
C LEU H 331 0.33 82.20 -40.21
N MET H 332 0.47 83.53 -40.12
CA MET H 332 -0.64 84.45 -40.38
C MET H 332 -0.58 84.94 -41.84
N GLU H 333 0.45 84.50 -42.55
CA GLU H 333 0.67 84.89 -43.94
C GLU H 333 0.93 86.39 -43.98
N GLU H 334 2.19 86.74 -44.19
CA GLU H 334 2.59 88.14 -44.26
C GLU H 334 3.11 88.40 -45.65
N SER H 335 3.02 89.65 -46.07
CA SER H 335 3.46 90.07 -47.39
C SER H 335 4.84 89.50 -47.74
N GLY H 336 4.85 88.61 -48.72
CA GLY H 336 6.09 88.01 -49.19
C GLY H 336 6.88 87.12 -48.25
N ILE H 337 6.21 86.17 -47.59
CA ILE H 337 6.87 85.24 -46.70
C ILE H 337 6.25 83.88 -46.96
N CYS H 338 6.96 83.01 -47.67
CA CYS H 338 6.43 81.68 -47.98
C CYS H 338 5.75 81.04 -46.79
N LYS H 339 4.77 80.19 -47.07
CA LYS H 339 4.03 79.48 -46.02
C LYS H 339 4.97 78.44 -45.44
N VAL H 340 4.89 78.24 -44.13
CA VAL H 340 5.74 77.27 -43.44
C VAL H 340 5.00 75.98 -43.12
N HIS H 341 5.73 74.87 -43.15
CA HIS H 341 5.17 73.56 -42.82
C HIS H 341 5.37 73.44 -41.30
N PRO H 342 4.34 73.79 -40.52
CA PRO H 342 4.30 73.78 -39.06
C PRO H 342 4.96 72.65 -38.28
N ALA H 343 4.93 71.43 -38.81
CA ALA H 343 5.53 70.32 -38.08
C ALA H 343 6.98 70.02 -38.44
N LEU H 344 7.39 70.34 -39.66
CA LEU H 344 8.75 70.07 -40.11
C LEU H 344 9.66 71.28 -39.91
N ASN H 345 9.03 72.44 -39.74
CA ASN H 345 9.74 73.69 -39.52
C ASN H 345 10.58 74.13 -40.73
N VAL H 346 10.08 73.83 -41.92
CA VAL H 346 10.75 74.22 -43.16
C VAL H 346 9.68 74.83 -44.04
N SER H 347 10.08 75.48 -45.12
CA SER H 347 9.11 76.09 -46.02
C SER H 347 8.32 75.00 -46.72
N THR H 348 7.10 75.33 -47.14
CA THR H 348 6.24 74.39 -47.85
C THR H 348 6.97 73.96 -49.12
N ARG H 349 7.61 74.93 -49.76
CA ARG H 349 8.37 74.67 -50.98
C ARG H 349 9.36 73.54 -50.73
N THR H 350 10.03 73.59 -49.58
CA THR H 350 11.00 72.58 -49.21
C THR H 350 10.31 71.25 -48.94
N SER H 351 9.22 71.29 -48.18
CA SER H 351 8.49 70.06 -47.88
C SER H 351 8.01 69.46 -49.20
N GLU H 352 7.78 70.34 -50.18
CA GLU H 352 7.36 69.95 -51.52
C GLU H 352 8.40 69.01 -52.10
N ARG H 353 9.63 69.51 -52.20
CA ARG H 353 10.74 68.74 -52.74
C ARG H 353 10.92 67.43 -51.99
N LEU H 354 10.87 67.50 -50.67
CA LEU H 354 11.03 66.30 -49.86
C LEU H 354 9.98 65.30 -50.32
N ARG H 355 8.81 65.81 -50.72
CA ARG H 355 7.72 64.96 -51.19
C ARG H 355 8.15 64.24 -52.46
N ASP H 356 8.51 65.02 -53.48
CA ASP H 356 8.94 64.45 -54.74
C ASP H 356 10.10 63.51 -54.49
N LEU H 357 11.12 64.05 -53.85
CA LEU H 357 12.33 63.32 -53.51
C LEU H 357 12.01 61.96 -52.88
N HIS H 358 10.92 61.89 -52.13
CA HIS H 358 10.51 60.64 -51.47
C HIS H 358 9.91 59.65 -52.46
N GLN H 359 8.97 60.12 -53.27
CA GLN H 359 8.32 59.27 -54.27
C GLN H 359 9.34 58.72 -55.25
N SER H 360 10.29 59.56 -55.65
CA SER H 360 11.33 59.15 -56.59
C SER H 360 12.21 58.06 -55.98
N TRP H 361 12.35 58.08 -54.66
CA TRP H 361 13.15 57.06 -53.98
C TRP H 361 12.52 55.69 -54.15
N LYS H 362 11.23 55.67 -54.48
CA LYS H 362 10.49 54.42 -54.67
C LYS H 362 10.58 53.96 -56.13
N THR H 363 11.45 52.99 -56.39
CA THR H 363 11.63 52.44 -57.73
C THR H 363 11.94 50.94 -57.67
N PHE I 55 8.28 -35.01 -14.64
CA PHE I 55 7.21 -34.96 -13.59
C PHE I 55 6.69 -33.55 -13.30
N LEU I 56 7.27 -32.89 -12.30
CA LEU I 56 6.82 -31.55 -11.92
C LEU I 56 7.37 -30.46 -12.82
N SER I 57 6.54 -29.99 -13.75
CA SER I 57 6.93 -28.95 -14.68
C SER I 57 7.49 -27.68 -14.02
N LEU I 58 8.42 -27.01 -14.70
CA LEU I 58 9.01 -25.80 -14.16
C LEU I 58 8.06 -24.61 -14.15
N ASP I 59 6.97 -24.70 -14.92
CA ASP I 59 6.00 -23.61 -14.93
C ASP I 59 4.68 -24.01 -14.26
N SER I 60 4.64 -25.20 -13.66
CA SER I 60 3.44 -25.67 -12.98
C SER I 60 3.12 -24.74 -11.81
N PRO I 61 1.82 -24.57 -11.50
CA PRO I 61 1.43 -23.69 -10.39
C PRO I 61 1.94 -24.27 -9.07
N THR I 62 2.08 -25.58 -9.02
CA THR I 62 2.56 -26.25 -7.81
C THR I 62 4.03 -26.62 -7.85
N TYR I 63 4.80 -25.92 -8.68
CA TYR I 63 6.23 -26.20 -8.75
C TYR I 63 6.85 -25.83 -7.40
N VAL I 64 7.87 -26.57 -6.99
CA VAL I 64 8.54 -26.31 -5.73
C VAL I 64 10.05 -26.33 -5.91
N LEU I 65 10.73 -25.29 -5.43
CA LEU I 65 12.18 -25.24 -5.54
C LEU I 65 12.75 -26.52 -4.96
N TYR I 66 13.93 -26.91 -5.44
CA TYR I 66 14.56 -28.11 -4.93
C TYR I 66 14.95 -27.91 -3.48
N ARG I 67 15.25 -26.67 -3.13
CA ARG I 67 15.64 -26.36 -1.76
C ARG I 67 14.51 -26.67 -0.76
N ASP I 68 13.26 -26.63 -1.23
CA ASP I 68 12.11 -26.90 -0.37
C ASP I 68 11.50 -28.27 -0.60
N ARG I 69 12.23 -29.16 -1.25
CA ARG I 69 11.72 -30.51 -1.51
C ARG I 69 12.29 -31.49 -0.50
N ALA I 70 11.39 -32.22 0.14
CA ALA I 70 11.80 -33.19 1.15
C ALA I 70 12.83 -34.19 0.61
N GLU I 71 12.57 -34.76 -0.57
CA GLU I 71 13.48 -35.75 -1.14
C GLU I 71 14.90 -35.25 -1.37
N TRP I 72 15.11 -33.93 -1.35
CA TRP I 72 16.45 -33.39 -1.57
C TRP I 72 17.01 -32.78 -0.31
N ALA I 73 16.36 -33.04 0.81
CA ALA I 73 16.78 -32.49 2.09
C ALA I 73 18.20 -32.89 2.50
N ASP I 74 18.60 -34.11 2.13
CA ASP I 74 19.92 -34.61 2.49
C ASP I 74 21.06 -34.07 1.64
N ILE I 75 20.76 -33.28 0.62
CA ILE I 75 21.80 -32.75 -0.26
C ILE I 75 22.11 -31.28 0.00
N ASP I 76 23.39 -30.96 0.08
CA ASP I 76 23.85 -29.58 0.29
C ASP I 76 24.13 -28.94 -1.07
N PRO I 77 23.28 -28.00 -1.50
CA PRO I 77 23.49 -27.36 -2.81
C PRO I 77 24.88 -26.75 -2.94
N VAL I 78 25.45 -26.80 -4.14
CA VAL I 78 26.76 -26.25 -4.41
C VAL I 78 26.58 -25.06 -5.33
N PRO I 79 27.03 -23.88 -4.89
CA PRO I 79 26.91 -22.66 -5.69
C PRO I 79 28.04 -22.46 -6.67
N GLN I 80 27.83 -21.53 -7.59
CA GLN I 80 28.81 -21.19 -8.61
C GLN I 80 29.49 -19.90 -8.15
N ASN I 81 30.81 -19.83 -8.22
CA ASN I 81 31.50 -18.61 -7.81
C ASN I 81 32.56 -18.17 -8.80
N ASP I 82 32.40 -16.97 -9.33
CA ASP I 82 33.34 -16.43 -10.30
C ASP I 82 34.38 -15.51 -9.64
N GLY I 83 34.61 -15.71 -8.34
CA GLY I 83 35.59 -14.91 -7.64
C GLY I 83 35.23 -13.45 -7.38
N PRO I 84 36.19 -12.65 -6.91
CA PRO I 84 36.04 -11.23 -6.60
C PRO I 84 35.49 -10.37 -7.73
N SER I 85 36.08 -10.50 -8.92
CA SER I 85 35.64 -9.72 -10.08
C SER I 85 35.23 -10.62 -11.22
N PRO I 86 33.92 -10.90 -11.36
CA PRO I 86 33.43 -11.77 -12.43
C PRO I 86 33.36 -11.10 -13.80
N VAL I 87 33.65 -11.89 -14.83
CA VAL I 87 33.65 -11.43 -16.24
C VAL I 87 32.51 -12.11 -16.99
N VAL I 88 31.90 -11.38 -17.94
CA VAL I 88 30.77 -11.90 -18.72
C VAL I 88 29.87 -12.77 -17.87
N GLN I 89 29.45 -12.21 -16.73
CA GLN I 89 28.60 -12.90 -15.79
C GLN I 89 27.13 -12.83 -16.18
N ILE I 90 26.49 -13.99 -16.22
CA ILE I 90 25.08 -14.07 -16.58
C ILE I 90 24.26 -14.10 -15.30
N ILE I 91 23.22 -13.26 -15.22
CA ILE I 91 22.36 -13.22 -14.04
C ILE I 91 21.27 -14.28 -14.13
N TYR I 92 21.12 -15.06 -13.08
CA TYR I 92 20.14 -16.13 -13.07
C TYR I 92 19.00 -15.92 -12.08
N SER I 93 17.80 -16.33 -12.48
CA SER I 93 16.62 -16.21 -11.64
C SER I 93 16.75 -17.19 -10.48
N GLU I 94 15.92 -17.00 -9.46
CA GLU I 94 15.91 -17.85 -8.28
C GLU I 94 15.78 -19.31 -8.70
N LYS I 95 14.77 -19.57 -9.53
CA LYS I 95 14.47 -20.90 -10.02
C LYS I 95 15.64 -21.55 -10.77
N PHE I 96 16.22 -20.79 -11.71
CA PHE I 96 17.34 -21.26 -12.51
C PHE I 96 18.51 -21.66 -11.63
N ARG I 97 18.94 -20.72 -10.78
CA ARG I 97 20.06 -20.95 -9.89
C ARG I 97 19.78 -22.12 -8.95
N ASP I 98 18.53 -22.31 -8.58
CA ASP I 98 18.17 -23.40 -7.70
C ASP I 98 18.43 -24.75 -8.37
N VAL I 99 17.92 -24.94 -9.58
CA VAL I 99 18.12 -26.19 -10.30
C VAL I 99 19.60 -26.52 -10.46
N TYR I 100 20.38 -25.54 -10.90
CA TYR I 100 21.79 -25.79 -11.10
C TYR I 100 22.64 -25.92 -9.85
N ASP I 101 22.18 -25.35 -8.74
CA ASP I 101 22.94 -25.47 -7.50
C ASP I 101 22.86 -26.93 -7.04
N TYR I 102 21.75 -27.59 -7.34
CA TYR I 102 21.61 -28.98 -6.96
C TYR I 102 22.26 -29.88 -8.01
N PHE I 103 22.28 -29.42 -9.26
CA PHE I 103 22.92 -30.20 -10.31
C PHE I 103 24.40 -30.31 -9.94
N ARG I 104 25.01 -29.18 -9.59
CA ARG I 104 26.43 -29.18 -9.22
C ARG I 104 26.69 -30.16 -8.09
N ALA I 105 25.78 -30.16 -7.12
CA ALA I 105 25.90 -31.05 -5.97
C ALA I 105 25.90 -32.51 -6.39
N VAL I 106 24.92 -32.89 -7.20
CA VAL I 106 24.83 -34.27 -7.67
C VAL I 106 26.04 -34.67 -8.53
N LEU I 107 26.50 -33.75 -9.37
CA LEU I 107 27.65 -34.02 -10.23
C LEU I 107 28.89 -34.27 -9.40
N GLN I 108 29.19 -33.32 -8.53
CA GLN I 108 30.35 -33.39 -7.65
C GLN I 108 30.44 -34.71 -6.92
N ARG I 109 29.30 -35.35 -6.68
CA ARG I 109 29.27 -36.62 -5.96
C ARG I 109 29.02 -37.79 -6.87
N ASP I 110 28.97 -37.53 -8.17
CA ASP I 110 28.75 -38.58 -9.15
C ASP I 110 27.62 -39.52 -8.69
N GLU I 111 26.55 -38.93 -8.17
CA GLU I 111 25.40 -39.69 -7.70
C GLU I 111 24.59 -40.29 -8.86
N ARG I 112 24.65 -41.60 -9.03
CA ARG I 112 23.90 -42.24 -10.10
C ARG I 112 22.50 -42.59 -9.63
N SER I 113 21.73 -41.59 -9.22
CA SER I 113 20.38 -41.85 -8.73
C SER I 113 19.25 -41.51 -9.69
N GLU I 114 18.05 -41.96 -9.35
CA GLU I 114 16.88 -41.67 -10.16
C GLU I 114 16.50 -40.21 -10.00
N ARG I 115 16.71 -39.66 -8.81
CA ARG I 115 16.37 -38.26 -8.61
C ARG I 115 17.30 -37.37 -9.43
N ALA I 116 18.55 -37.80 -9.58
CA ALA I 116 19.53 -37.05 -10.36
C ALA I 116 19.10 -37.06 -11.83
N PHE I 117 18.65 -38.23 -12.30
CA PHE I 117 18.22 -38.35 -13.67
C PHE I 117 17.09 -37.36 -13.96
N LYS I 118 16.13 -37.26 -13.05
CA LYS I 118 15.02 -36.33 -13.23
C LYS I 118 15.51 -34.89 -13.15
N LEU I 119 16.54 -34.66 -12.36
CA LEU I 119 17.07 -33.31 -12.22
C LEU I 119 17.67 -32.84 -13.55
N THR I 120 18.29 -33.75 -14.30
CA THR I 120 18.90 -33.37 -15.58
C THR I 120 17.86 -32.86 -16.57
N ARG I 121 16.67 -33.44 -16.54
CA ARG I 121 15.60 -33.02 -17.43
C ARG I 121 15.32 -31.52 -17.22
N ASP I 122 15.36 -31.07 -15.97
CA ASP I 122 15.13 -29.66 -15.65
C ASP I 122 16.31 -28.79 -16.06
N ALA I 123 17.52 -29.29 -15.83
CA ALA I 123 18.72 -28.55 -16.19
C ALA I 123 18.74 -28.37 -17.70
N ILE I 124 18.34 -29.41 -18.43
CA ILE I 124 18.33 -29.34 -19.88
C ILE I 124 17.27 -28.36 -20.36
N GLU I 125 16.13 -28.29 -19.66
CA GLU I 125 15.09 -27.37 -20.08
C GLU I 125 15.58 -25.93 -19.90
N LEU I 126 16.32 -25.69 -18.84
CA LEU I 126 16.85 -24.36 -18.59
C LEU I 126 17.99 -24.00 -19.54
N ASN I 127 18.74 -25.00 -19.99
CA ASN I 127 19.86 -24.77 -20.90
C ASN I 127 20.35 -26.03 -21.59
N ALA I 128 19.83 -26.29 -22.78
CA ALA I 128 20.20 -27.48 -23.56
C ALA I 128 21.60 -27.42 -24.17
N ALA I 129 22.32 -26.32 -23.96
CA ALA I 129 23.65 -26.20 -24.52
C ALA I 129 24.74 -26.58 -23.54
N ASN I 130 24.35 -27.03 -22.36
CA ASN I 130 25.32 -27.43 -21.35
C ASN I 130 25.75 -28.88 -21.65
N TYR I 131 26.85 -29.04 -22.37
CA TYR I 131 27.33 -30.36 -22.74
C TYR I 131 27.60 -31.31 -21.58
N THR I 132 27.98 -30.77 -20.42
CA THR I 132 28.25 -31.60 -19.26
C THR I 132 26.97 -32.27 -18.77
N VAL I 133 25.87 -31.53 -18.79
CA VAL I 133 24.58 -32.08 -18.35
C VAL I 133 24.21 -33.28 -19.22
N TRP I 134 24.34 -33.14 -20.54
CA TRP I 134 24.02 -34.24 -21.44
C TRP I 134 24.90 -35.45 -21.21
N HIS I 135 26.18 -35.21 -20.92
CA HIS I 135 27.10 -36.32 -20.68
C HIS I 135 26.65 -37.09 -19.45
N PHE I 136 26.44 -36.37 -18.36
CA PHE I 136 26.01 -36.97 -17.11
C PHE I 136 24.71 -37.73 -17.34
N ARG I 137 23.81 -37.14 -18.09
CA ARG I 137 22.54 -37.81 -18.36
C ARG I 137 22.80 -39.15 -19.06
N ARG I 138 23.79 -39.19 -19.95
CA ARG I 138 24.10 -40.44 -20.64
C ARG I 138 24.67 -41.44 -19.64
N VAL I 139 25.52 -40.96 -18.73
CA VAL I 139 26.09 -41.81 -17.69
C VAL I 139 24.94 -42.46 -16.92
N LEU I 140 23.97 -41.65 -16.54
CA LEU I 140 22.81 -42.13 -15.80
C LEU I 140 21.97 -43.10 -16.65
N LEU I 141 21.76 -42.79 -17.92
CA LEU I 141 20.97 -43.68 -18.78
C LEU I 141 21.54 -45.10 -18.71
N ARG I 142 22.87 -45.20 -18.69
CA ARG I 142 23.53 -46.49 -18.61
C ARG I 142 23.37 -47.08 -17.22
N SER I 143 23.84 -46.37 -16.19
CA SER I 143 23.74 -46.82 -14.81
C SER I 143 22.36 -47.34 -14.45
N LEU I 144 21.34 -46.51 -14.64
CA LEU I 144 19.98 -46.92 -14.30
C LEU I 144 19.35 -47.80 -15.36
N GLN I 145 20.12 -48.15 -16.38
CA GLN I 145 19.59 -48.97 -17.48
C GLN I 145 18.19 -48.51 -17.89
N LYS I 146 18.06 -47.24 -18.26
CA LYS I 146 16.79 -46.68 -18.67
C LYS I 146 16.36 -47.15 -20.05
N ASP I 147 15.07 -47.07 -20.34
CA ASP I 147 14.56 -47.49 -21.64
C ASP I 147 15.03 -46.49 -22.69
N LEU I 148 15.93 -46.92 -23.56
CA LEU I 148 16.47 -46.05 -24.60
C LEU I 148 15.45 -45.64 -25.65
N GLN I 149 14.45 -46.48 -25.89
CA GLN I 149 13.44 -46.14 -26.89
C GLN I 149 12.68 -44.91 -26.42
N GLU I 150 12.57 -44.76 -25.10
CA GLU I 150 11.88 -43.62 -24.53
C GLU I 150 12.72 -42.38 -24.67
N GLU I 151 14.03 -42.53 -24.44
CA GLU I 151 14.97 -41.41 -24.57
C GLU I 151 14.95 -40.90 -26.02
N MET I 152 14.71 -41.80 -26.98
CA MET I 152 14.65 -41.40 -28.38
C MET I 152 13.49 -40.43 -28.57
N ASN I 153 12.37 -40.71 -27.89
CA ASN I 153 11.23 -39.82 -28.02
C ASN I 153 11.56 -38.47 -27.44
N TYR I 154 12.24 -38.49 -26.29
CA TYR I 154 12.65 -37.28 -25.60
C TYR I 154 13.51 -36.41 -26.51
N ILE I 155 14.65 -36.95 -26.94
CA ILE I 155 15.56 -36.21 -27.80
C ILE I 155 14.90 -35.80 -29.12
N ILE I 156 13.95 -36.58 -29.61
CA ILE I 156 13.29 -36.21 -30.85
C ILE I 156 12.55 -34.89 -30.65
N ALA I 157 11.92 -34.72 -29.48
CA ALA I 157 11.18 -33.49 -29.20
C ALA I 157 12.14 -32.32 -28.98
N ILE I 158 13.18 -32.54 -28.18
CA ILE I 158 14.17 -31.51 -27.89
C ILE I 158 14.78 -30.94 -29.16
N ILE I 159 15.18 -31.81 -30.08
CA ILE I 159 15.80 -31.36 -31.32
C ILE I 159 14.85 -30.54 -32.16
N GLU I 160 13.57 -30.89 -32.17
CA GLU I 160 12.62 -30.13 -32.97
C GLU I 160 12.53 -28.69 -32.50
N GLU I 161 12.71 -28.46 -31.20
CA GLU I 161 12.64 -27.11 -30.66
C GLU I 161 13.97 -26.40 -30.73
N GLN I 162 15.06 -27.15 -30.92
CA GLN I 162 16.40 -26.57 -30.98
C GLN I 162 17.27 -27.28 -32.01
N PRO I 163 16.85 -27.24 -33.28
CA PRO I 163 17.56 -27.89 -34.38
C PRO I 163 18.98 -27.42 -34.73
N LYS I 164 19.43 -26.31 -34.15
CA LYS I 164 20.77 -25.82 -34.45
C LYS I 164 21.73 -26.01 -33.26
N ASN I 165 21.32 -26.80 -32.29
CA ASN I 165 22.11 -27.06 -31.09
C ASN I 165 23.02 -28.29 -31.31
N TYR I 166 24.32 -28.11 -31.08
CA TYR I 166 25.27 -29.20 -31.26
C TYR I 166 25.08 -30.38 -30.30
N GLN I 167 24.88 -30.09 -29.01
CA GLN I 167 24.72 -31.13 -28.02
C GLN I 167 23.55 -32.09 -28.27
N VAL I 168 22.42 -31.57 -28.72
CA VAL I 168 21.28 -32.44 -28.95
C VAL I 168 21.47 -33.42 -30.09
N TRP I 169 22.17 -33.00 -31.15
CA TRP I 169 22.40 -33.90 -32.26
C TRP I 169 23.42 -34.96 -31.88
N HIS I 170 24.40 -34.57 -31.08
CA HIS I 170 25.42 -35.51 -30.64
C HIS I 170 24.77 -36.59 -29.77
N HIS I 171 23.88 -36.16 -28.88
CA HIS I 171 23.19 -37.08 -28.00
C HIS I 171 22.41 -38.11 -28.82
N ARG I 172 21.65 -37.64 -29.80
CA ARG I 172 20.86 -38.54 -30.63
C ARG I 172 21.75 -39.56 -31.33
N ARG I 173 22.90 -39.12 -31.81
CA ARG I 173 23.78 -40.05 -32.50
C ARG I 173 24.31 -41.14 -31.58
N VAL I 174 24.61 -40.78 -30.34
CA VAL I 174 25.09 -41.76 -29.40
C VAL I 174 23.99 -42.80 -29.16
N LEU I 175 22.75 -42.34 -29.05
CA LEU I 175 21.63 -43.24 -28.83
C LEU I 175 21.50 -44.24 -29.96
N VAL I 176 21.48 -43.74 -31.18
CA VAL I 176 21.33 -44.62 -32.33
C VAL I 176 22.46 -45.65 -32.36
N GLU I 177 23.66 -45.24 -31.97
CA GLU I 177 24.78 -46.17 -31.95
C GLU I 177 24.48 -47.25 -30.91
N TRP I 178 24.04 -46.84 -29.72
CA TRP I 178 23.72 -47.80 -28.68
C TRP I 178 22.65 -48.78 -29.11
N LEU I 179 21.54 -48.29 -29.64
CA LEU I 179 20.47 -49.15 -30.09
C LEU I 179 20.77 -49.91 -31.38
N LYS I 180 21.80 -49.48 -32.12
CA LYS I 180 22.11 -50.12 -33.40
C LYS I 180 20.80 -50.13 -34.20
N ASP I 181 19.97 -49.11 -34.01
CA ASP I 181 18.69 -49.02 -34.69
C ASP I 181 18.51 -47.71 -35.44
N PRO I 182 18.59 -47.74 -36.77
CA PRO I 182 18.42 -46.51 -37.53
C PRO I 182 17.04 -46.40 -38.17
N SER I 183 16.16 -47.33 -37.83
CA SER I 183 14.82 -47.39 -38.42
C SER I 183 14.01 -46.08 -38.48
N GLN I 184 14.19 -45.17 -37.54
CA GLN I 184 13.44 -43.92 -37.57
C GLN I 184 14.22 -42.66 -37.96
N GLU I 185 15.51 -42.81 -38.24
CA GLU I 185 16.36 -41.67 -38.60
C GLU I 185 16.03 -40.90 -39.88
N LEU I 186 15.95 -41.59 -41.02
CA LEU I 186 15.65 -40.90 -42.26
C LEU I 186 14.35 -40.09 -42.24
N GLU I 187 13.33 -40.62 -41.58
CA GLU I 187 12.06 -39.91 -41.51
C GLU I 187 12.18 -38.70 -40.61
N PHE I 188 12.84 -38.89 -39.47
CA PHE I 188 13.02 -37.81 -38.51
C PHE I 188 13.74 -36.64 -39.17
N ILE I 189 14.88 -36.95 -39.79
CA ILE I 189 15.68 -35.94 -40.46
C ILE I 189 14.88 -35.23 -41.55
N ALA I 190 14.09 -35.99 -42.30
CA ALA I 190 13.30 -35.40 -43.37
C ALA I 190 12.35 -34.36 -42.78
N ASP I 191 11.84 -34.62 -41.58
CA ASP I 191 10.94 -33.67 -40.92
C ASP I 191 11.65 -32.39 -40.55
N ILE I 192 12.86 -32.52 -40.01
CA ILE I 192 13.65 -31.36 -39.63
C ILE I 192 14.00 -30.59 -40.90
N LEU I 193 14.43 -31.30 -41.94
CA LEU I 193 14.79 -30.67 -43.20
C LEU I 193 13.60 -29.99 -43.83
N ASN I 194 12.42 -30.30 -43.30
CA ASN I 194 11.21 -29.72 -43.81
C ASN I 194 11.00 -28.32 -43.26
N GLN I 195 11.55 -28.04 -42.07
CA GLN I 195 11.42 -26.72 -41.47
C GLN I 195 12.61 -25.88 -41.91
N ASP I 196 13.70 -26.56 -42.29
CA ASP I 196 14.91 -25.89 -42.75
C ASP I 196 15.70 -26.83 -43.64
N ALA I 197 15.48 -26.72 -44.95
CA ALA I 197 16.13 -27.59 -45.92
C ALA I 197 17.65 -27.45 -46.01
N LYS I 198 18.23 -26.50 -45.29
CA LYS I 198 19.69 -26.32 -45.36
C LYS I 198 20.38 -26.51 -44.01
N ASN I 199 19.68 -27.08 -43.05
CA ASN I 199 20.22 -27.31 -41.71
C ASN I 199 21.44 -28.21 -41.78
N TYR I 200 22.63 -27.64 -41.59
CA TYR I 200 23.86 -28.40 -41.66
C TYR I 200 23.89 -29.61 -40.71
N HIS I 201 23.41 -29.41 -39.49
CA HIS I 201 23.39 -30.50 -38.50
C HIS I 201 22.58 -31.69 -39.02
N ALA I 202 21.43 -31.40 -39.61
CA ALA I 202 20.54 -32.44 -40.14
C ALA I 202 21.20 -33.22 -41.28
N TRP I 203 21.79 -32.52 -42.24
CA TRP I 203 22.43 -33.19 -43.35
C TRP I 203 23.63 -34.01 -42.87
N GLN I 204 24.33 -33.50 -41.87
CA GLN I 204 25.48 -34.23 -41.36
C GLN I 204 25.02 -35.54 -40.71
N HIS I 205 23.99 -35.45 -39.89
CA HIS I 205 23.47 -36.63 -39.24
C HIS I 205 22.96 -37.59 -40.29
N ARG I 206 22.27 -37.06 -41.31
CA ARG I 206 21.73 -37.91 -42.37
C ARG I 206 22.82 -38.70 -43.09
N GLN I 207 23.94 -38.06 -43.38
CA GLN I 207 25.02 -38.77 -44.04
C GLN I 207 25.63 -39.81 -43.12
N TRP I 208 25.72 -39.49 -41.83
CA TRP I 208 26.28 -40.45 -40.88
C TRP I 208 25.43 -41.72 -40.85
N VAL I 209 24.12 -41.55 -40.70
CA VAL I 209 23.23 -42.70 -40.66
C VAL I 209 23.36 -43.52 -41.93
N ILE I 210 23.16 -42.89 -43.08
CA ILE I 210 23.23 -43.58 -44.35
C ILE I 210 24.51 -44.39 -44.53
N GLN I 211 25.64 -43.83 -44.14
CA GLN I 211 26.90 -44.52 -44.29
C GLN I 211 27.06 -45.64 -43.28
N GLU I 212 26.86 -45.32 -42.00
CA GLU I 212 27.01 -46.30 -40.92
C GLU I 212 26.12 -47.53 -41.04
N PHE I 213 24.89 -47.35 -41.52
CA PHE I 213 23.97 -48.48 -41.64
C PHE I 213 23.67 -48.84 -43.08
N ARG I 214 24.47 -48.31 -44.00
CA ARG I 214 24.32 -48.57 -45.43
C ARG I 214 22.87 -48.47 -45.91
N LEU I 215 22.31 -47.28 -45.86
CA LEU I 215 20.93 -47.06 -46.28
C LEU I 215 20.89 -46.18 -47.53
N TRP I 216 21.57 -46.62 -48.59
CA TRP I 216 21.63 -45.84 -49.82
C TRP I 216 20.45 -46.00 -50.77
N ASP I 217 19.78 -47.15 -50.70
CA ASP I 217 18.68 -47.47 -51.57
C ASP I 217 17.70 -46.39 -52.03
N ASN I 218 17.32 -45.46 -51.15
CA ASN I 218 16.38 -44.44 -51.55
C ASN I 218 16.82 -43.01 -51.49
N GLU I 219 18.09 -42.76 -51.19
CA GLU I 219 18.55 -41.40 -51.07
C GLU I 219 18.55 -40.62 -52.40
N LEU I 220 19.01 -41.25 -53.47
CA LEU I 220 19.03 -40.55 -54.76
C LEU I 220 17.63 -40.09 -55.16
N GLN I 221 16.62 -40.83 -54.70
CA GLN I 221 15.25 -40.49 -55.00
C GLN I 221 14.84 -39.30 -54.14
N TYR I 222 15.30 -39.32 -52.89
CA TYR I 222 15.00 -38.24 -51.94
C TYR I 222 15.60 -36.94 -52.50
N VAL I 223 16.84 -37.06 -52.98
CA VAL I 223 17.55 -35.93 -53.54
C VAL I 223 16.78 -35.36 -54.73
N ASP I 224 16.34 -36.24 -55.63
CA ASP I 224 15.60 -35.78 -56.80
C ASP I 224 14.34 -35.04 -56.41
N GLN I 225 13.72 -35.46 -55.33
CA GLN I 225 12.50 -34.83 -54.85
C GLN I 225 12.76 -33.41 -54.33
N LEU I 226 13.81 -33.27 -53.52
CA LEU I 226 14.15 -31.97 -52.97
C LEU I 226 14.66 -30.99 -54.03
N LEU I 227 15.34 -31.50 -55.05
CA LEU I 227 15.83 -30.61 -56.10
C LEU I 227 14.65 -30.05 -56.88
N LYS I 228 13.53 -30.74 -56.84
CA LYS I 228 12.34 -30.28 -57.53
C LYS I 228 11.72 -29.18 -56.68
N GLU I 229 11.77 -29.34 -55.37
CA GLU I 229 11.20 -28.34 -54.47
C GLU I 229 12.00 -27.03 -54.48
N ASP I 230 13.30 -27.12 -54.75
CA ASP I 230 14.16 -25.95 -54.78
C ASP I 230 15.50 -26.33 -55.39
N VAL I 231 15.59 -26.19 -56.71
CA VAL I 231 16.81 -26.53 -57.43
C VAL I 231 18.03 -25.69 -57.01
N ARG I 232 17.82 -24.68 -56.18
CA ARG I 232 18.93 -23.84 -55.74
C ARG I 232 19.52 -24.27 -54.40
N ASN I 233 18.96 -25.30 -53.79
CA ASN I 233 19.47 -25.77 -52.50
C ASN I 233 20.83 -26.47 -52.62
N ASN I 234 21.90 -25.73 -52.33
CA ASN I 234 23.26 -26.23 -52.44
C ASN I 234 23.49 -27.50 -51.62
N SER I 235 22.76 -27.63 -50.51
CA SER I 235 22.90 -28.80 -49.64
C SER I 235 22.45 -30.08 -50.34
N VAL I 236 21.40 -29.96 -51.15
CA VAL I 236 20.87 -31.13 -51.86
C VAL I 236 21.78 -31.55 -53.00
N TRP I 237 22.40 -30.60 -53.67
CA TRP I 237 23.33 -30.97 -54.73
C TRP I 237 24.51 -31.70 -54.10
N ASN I 238 24.90 -31.29 -52.89
CA ASN I 238 26.00 -31.97 -52.23
C ASN I 238 25.58 -33.39 -51.89
N GLN I 239 24.35 -33.54 -51.45
CA GLN I 239 23.84 -34.86 -51.10
C GLN I 239 23.84 -35.76 -52.34
N ARG I 240 23.47 -35.19 -53.47
CA ARG I 240 23.44 -35.96 -54.71
C ARG I 240 24.83 -36.56 -55.00
N HIS I 241 25.86 -35.75 -54.95
CA HIS I 241 27.21 -36.23 -55.20
C HIS I 241 27.64 -37.26 -54.16
N PHE I 242 27.16 -37.07 -52.93
CA PHE I 242 27.49 -37.98 -51.83
C PHE I 242 26.94 -39.36 -52.14
N VAL I 243 25.67 -39.42 -52.51
CA VAL I 243 25.02 -40.70 -52.82
C VAL I 243 25.69 -41.42 -53.96
N ILE I 244 25.79 -40.75 -55.10
CA ILE I 244 26.40 -41.33 -56.27
C ILE I 244 27.84 -41.78 -56.09
N SER I 245 28.71 -40.90 -55.60
CA SER I 245 30.11 -41.29 -55.46
C SER I 245 30.30 -42.42 -54.45
N ASN I 246 29.27 -42.71 -53.66
CA ASN I 246 29.39 -43.77 -52.67
C ASN I 246 28.65 -45.03 -53.06
N THR I 247 28.03 -45.02 -54.23
CA THR I 247 27.34 -46.20 -54.69
C THR I 247 27.95 -46.61 -56.04
N THR I 248 27.36 -46.15 -57.13
CA THR I 248 27.87 -46.47 -58.46
C THR I 248 29.21 -45.81 -58.80
N GLY I 249 29.42 -44.57 -58.36
CA GLY I 249 30.65 -43.89 -58.69
C GLY I 249 30.43 -43.18 -60.01
N TYR I 250 31.39 -42.39 -60.47
CA TYR I 250 31.20 -41.67 -61.72
C TYR I 250 32.03 -42.22 -62.88
N SER I 251 32.78 -43.29 -62.63
CA SER I 251 33.63 -43.88 -63.66
C SER I 251 32.82 -44.63 -64.73
N ASP I 252 31.57 -44.95 -64.43
CA ASP I 252 30.74 -45.62 -65.43
C ASP I 252 30.22 -44.57 -66.40
N ARG I 253 30.78 -44.56 -67.61
CA ARG I 253 30.38 -43.59 -68.63
C ARG I 253 28.88 -43.39 -68.75
N ALA I 254 28.12 -44.43 -68.46
CA ALA I 254 26.67 -44.33 -68.54
C ALA I 254 26.14 -43.44 -67.42
N VAL I 255 26.73 -43.58 -66.23
CA VAL I 255 26.31 -42.78 -65.08
C VAL I 255 26.73 -41.32 -65.31
N LEU I 256 27.99 -41.12 -65.71
CA LEU I 256 28.51 -39.79 -65.96
C LEU I 256 27.61 -39.07 -66.94
N GLU I 257 27.24 -39.76 -68.01
CA GLU I 257 26.38 -39.15 -69.00
C GLU I 257 25.00 -38.81 -68.44
N ARG I 258 24.43 -39.71 -67.65
CA ARG I 258 23.12 -39.47 -67.07
C ARG I 258 23.16 -38.20 -66.21
N GLU I 259 24.23 -38.08 -65.42
CA GLU I 259 24.41 -36.95 -64.53
C GLU I 259 24.65 -35.64 -65.27
N VAL I 260 25.60 -35.65 -66.22
CA VAL I 260 25.89 -34.42 -66.97
C VAL I 260 24.63 -33.97 -67.69
N GLN I 261 23.85 -34.92 -68.17
CA GLN I 261 22.63 -34.60 -68.88
C GLN I 261 21.60 -34.01 -67.92
N TYR I 262 21.45 -34.63 -66.76
CA TYR I 262 20.50 -34.19 -65.72
C TYR I 262 20.78 -32.75 -65.29
N THR I 263 22.05 -32.45 -65.10
CA THR I 263 22.47 -31.13 -64.66
C THR I 263 22.18 -30.09 -65.73
N LEU I 264 22.54 -30.38 -66.98
CA LEU I 264 22.26 -29.43 -68.05
C LEU I 264 20.77 -29.16 -68.12
N GLU I 265 19.96 -30.16 -67.81
CA GLU I 265 18.51 -29.97 -67.82
C GLU I 265 18.13 -28.97 -66.75
N MET I 266 18.72 -29.10 -65.56
CA MET I 266 18.43 -28.21 -64.43
C MET I 266 18.96 -26.81 -64.72
N ILE I 267 20.11 -26.74 -65.37
CA ILE I 267 20.69 -25.45 -65.71
C ILE I 267 19.77 -24.71 -66.71
N LYS I 268 19.15 -25.45 -67.63
CA LYS I 268 18.26 -24.83 -68.59
C LYS I 268 17.02 -24.27 -67.88
N LEU I 269 16.57 -24.93 -66.81
CA LEU I 269 15.40 -24.45 -66.08
C LEU I 269 15.69 -23.17 -65.30
N VAL I 270 16.87 -23.11 -64.69
CA VAL I 270 17.28 -21.95 -63.90
C VAL I 270 18.77 -21.76 -64.16
N PRO I 271 19.11 -21.10 -65.28
CA PRO I 271 20.49 -20.83 -65.69
C PRO I 271 21.40 -20.13 -64.70
N HIS I 272 20.83 -19.31 -63.82
CA HIS I 272 21.64 -18.60 -62.84
C HIS I 272 21.58 -19.36 -61.51
N ASN I 273 22.32 -20.47 -61.43
CA ASN I 273 22.35 -21.30 -60.24
C ASN I 273 23.75 -21.86 -60.05
N GLU I 274 24.52 -21.22 -59.18
CA GLU I 274 25.89 -21.65 -58.93
C GLU I 274 25.99 -23.12 -58.56
N SER I 275 25.06 -23.61 -57.75
CA SER I 275 25.10 -25.01 -57.30
C SER I 275 25.12 -26.02 -58.45
N ALA I 276 24.23 -25.83 -59.42
CA ALA I 276 24.15 -26.72 -60.56
C ALA I 276 25.47 -26.67 -61.34
N TRP I 277 25.96 -25.47 -61.59
CA TRP I 277 27.21 -25.35 -62.33
C TRP I 277 28.38 -25.97 -61.59
N ASN I 278 28.42 -25.81 -60.27
CA ASN I 278 29.52 -26.36 -59.48
C ASN I 278 29.52 -27.88 -59.54
N TYR I 279 28.33 -28.47 -59.59
CA TYR I 279 28.19 -29.93 -59.67
C TYR I 279 28.71 -30.38 -61.03
N LEU I 280 28.22 -29.73 -62.09
CA LEU I 280 28.65 -30.06 -63.44
C LEU I 280 30.17 -30.01 -63.56
N LYS I 281 30.77 -28.92 -63.10
CA LYS I 281 32.22 -28.82 -63.19
C LYS I 281 32.88 -29.82 -62.25
N GLY I 282 32.25 -30.04 -61.11
CA GLY I 282 32.81 -30.95 -60.13
C GLY I 282 33.01 -32.37 -60.61
N ILE I 283 32.02 -32.92 -61.29
CA ILE I 283 32.13 -34.30 -61.76
C ILE I 283 32.96 -34.46 -63.04
N LEU I 284 33.40 -33.37 -63.63
CA LEU I 284 34.18 -33.45 -64.85
C LEU I 284 35.58 -32.90 -64.73
N GLN I 285 35.80 -31.96 -63.82
CA GLN I 285 37.11 -31.34 -63.69
C GLN I 285 38.30 -32.26 -63.56
N ASP I 286 38.17 -33.36 -62.85
CA ASP I 286 39.29 -34.25 -62.68
C ASP I 286 39.53 -35.17 -63.87
N ARG I 287 38.49 -35.40 -64.67
CA ARG I 287 38.63 -36.24 -65.85
C ARG I 287 39.31 -35.41 -66.93
N GLY I 288 39.08 -34.10 -66.89
CA GLY I 288 39.66 -33.20 -67.88
C GLY I 288 38.57 -32.55 -68.72
N LEU I 289 38.25 -31.31 -68.42
CA LEU I 289 37.20 -30.61 -69.15
C LEU I 289 37.43 -30.53 -70.65
N SER I 290 38.69 -30.46 -71.07
CA SER I 290 38.98 -30.38 -72.50
C SER I 290 38.69 -31.69 -73.24
N ARG I 291 38.57 -32.79 -72.52
CA ARG I 291 38.31 -34.08 -73.14
C ARG I 291 36.86 -34.25 -73.58
N TYR I 292 36.02 -33.23 -73.37
CA TYR I 292 34.60 -33.31 -73.73
C TYR I 292 34.16 -32.28 -74.76
N PRO I 293 34.60 -32.47 -76.03
CA PRO I 293 34.30 -31.59 -77.17
C PRO I 293 32.83 -31.20 -77.37
N ASN I 294 31.89 -32.11 -77.20
CA ASN I 294 30.49 -31.73 -77.39
C ASN I 294 29.99 -30.79 -76.29
N LEU I 295 30.60 -30.88 -75.11
CA LEU I 295 30.19 -30.02 -74.01
C LEU I 295 30.53 -28.58 -74.38
N LEU I 296 31.77 -28.35 -74.78
CA LEU I 296 32.23 -27.02 -75.16
C LEU I 296 31.30 -26.38 -76.17
N ASN I 297 30.87 -27.13 -77.17
CA ASN I 297 29.97 -26.56 -78.16
C ASN I 297 28.58 -26.37 -77.62
N GLN I 298 28.10 -27.34 -76.85
CA GLN I 298 26.77 -27.23 -76.29
C GLN I 298 26.66 -25.99 -75.41
N LEU I 299 27.76 -25.63 -74.75
CA LEU I 299 27.78 -24.46 -73.88
C LEU I 299 27.82 -23.18 -74.70
N LEU I 300 28.64 -23.16 -75.74
CA LEU I 300 28.74 -21.98 -76.60
C LEU I 300 27.39 -21.66 -77.23
N ASP I 301 26.55 -22.69 -77.42
CA ASP I 301 25.23 -22.48 -78.00
C ASP I 301 24.27 -21.89 -76.96
N LEU I 302 24.55 -22.12 -75.69
CA LEU I 302 23.72 -21.59 -74.60
C LEU I 302 24.02 -20.11 -74.36
N GLN I 303 25.27 -19.72 -74.58
CA GLN I 303 25.73 -18.35 -74.36
C GLN I 303 24.76 -17.29 -74.89
N PRO I 304 24.20 -17.49 -76.10
CA PRO I 304 23.26 -16.50 -76.65
C PRO I 304 22.18 -16.07 -75.65
N SER I 305 21.34 -17.01 -75.23
CA SER I 305 20.27 -16.70 -74.29
C SER I 305 20.58 -17.03 -72.83
N HIS I 306 20.82 -18.31 -72.55
CA HIS I 306 21.11 -18.78 -71.19
C HIS I 306 22.46 -18.38 -70.61
N SER I 307 22.95 -17.19 -70.95
CA SER I 307 24.25 -16.74 -70.43
C SER I 307 24.20 -16.42 -68.93
N SER I 308 25.36 -16.49 -68.27
CA SER I 308 25.48 -16.22 -66.85
C SER I 308 26.98 -16.22 -66.56
N PRO I 309 27.40 -15.54 -65.49
CA PRO I 309 28.83 -15.52 -65.21
C PRO I 309 29.39 -16.93 -64.96
N TYR I 310 28.51 -17.84 -64.54
CA TYR I 310 28.88 -19.21 -64.25
C TYR I 310 29.27 -19.93 -65.53
N LEU I 311 28.51 -19.65 -66.59
CA LEU I 311 28.77 -20.26 -67.89
C LEU I 311 30.09 -19.74 -68.47
N ILE I 312 30.24 -18.42 -68.51
CA ILE I 312 31.45 -17.82 -69.04
C ILE I 312 32.67 -18.38 -68.33
N ALA I 313 32.58 -18.48 -67.01
CA ALA I 313 33.68 -19.00 -66.21
C ALA I 313 33.99 -20.45 -66.57
N PHE I 314 32.96 -21.24 -66.85
CA PHE I 314 33.17 -22.63 -67.21
C PHE I 314 33.99 -22.69 -68.51
N LEU I 315 33.62 -21.84 -69.48
CA LEU I 315 34.34 -21.78 -70.75
C LEU I 315 35.81 -21.42 -70.50
N VAL I 316 36.06 -20.45 -69.64
CA VAL I 316 37.44 -20.07 -69.33
C VAL I 316 38.22 -21.28 -68.81
N ASP I 317 37.58 -22.05 -67.95
CA ASP I 317 38.20 -23.22 -67.36
C ASP I 317 38.46 -24.31 -68.40
N ILE I 318 37.52 -24.47 -69.34
CA ILE I 318 37.68 -25.44 -70.41
C ILE I 318 38.91 -25.04 -71.22
N TYR I 319 38.94 -23.79 -71.65
CA TYR I 319 40.07 -23.28 -72.42
C TYR I 319 41.35 -23.48 -71.66
N GLU I 320 41.32 -23.22 -70.35
CA GLU I 320 42.56 -23.40 -69.61
C GLU I 320 43.01 -24.85 -69.58
N ASP I 321 42.04 -25.78 -69.57
CA ASP I 321 42.40 -27.19 -69.52
C ASP I 321 43.10 -27.53 -70.82
N MET I 322 42.64 -26.92 -71.91
CA MET I 322 43.24 -27.13 -73.21
C MET I 322 44.69 -26.68 -73.18
N LEU I 323 44.92 -25.42 -72.79
CA LEU I 323 46.26 -24.87 -72.71
C LEU I 323 47.17 -25.76 -71.87
N GLU I 324 46.59 -26.35 -70.84
CA GLU I 324 47.32 -27.23 -69.93
C GLU I 324 47.76 -28.51 -70.63
N ASN I 325 46.97 -28.93 -71.62
CA ASN I 325 47.26 -30.16 -72.36
C ASN I 325 47.77 -29.98 -73.79
N GLN I 326 48.77 -29.12 -73.96
CA GLN I 326 49.39 -28.86 -75.26
C GLN I 326 48.40 -29.06 -76.42
N CYS I 327 47.42 -28.18 -76.52
CA CYS I 327 46.43 -28.27 -77.58
C CYS I 327 46.97 -27.59 -78.84
N ASP I 328 46.21 -27.70 -79.92
CA ASP I 328 46.60 -27.08 -81.18
C ASP I 328 46.05 -25.67 -81.28
N ASN I 329 46.85 -24.77 -81.84
CA ASN I 329 46.46 -23.38 -82.01
C ASN I 329 46.42 -22.73 -80.60
N LYS I 330 47.43 -23.07 -79.81
CA LYS I 330 47.57 -22.59 -78.44
C LYS I 330 47.36 -21.09 -78.27
N GLU I 331 48.08 -20.30 -79.05
CA GLU I 331 47.96 -18.85 -78.95
C GLU I 331 46.53 -18.40 -79.22
N ASP I 332 45.82 -19.11 -80.09
CA ASP I 332 44.44 -18.77 -80.43
C ASP I 332 43.48 -19.06 -79.27
N ILE I 333 43.74 -20.17 -78.57
CA ILE I 333 42.92 -20.57 -77.42
C ILE I 333 43.12 -19.55 -76.30
N LEU I 334 44.39 -19.31 -75.96
CA LEU I 334 44.73 -18.35 -74.92
C LEU I 334 43.99 -17.03 -75.09
N ASN I 335 43.82 -16.59 -76.34
CA ASN I 335 43.12 -15.34 -76.58
C ASN I 335 41.62 -15.50 -76.37
N LYS I 336 41.07 -16.66 -76.70
CA LYS I 336 39.64 -16.89 -76.50
C LYS I 336 39.36 -16.79 -75.00
N ALA I 337 40.32 -17.26 -74.21
CA ALA I 337 40.23 -17.23 -72.77
C ALA I 337 40.31 -15.78 -72.30
N LEU I 338 41.44 -15.14 -72.58
CA LEU I 338 41.65 -13.74 -72.18
C LEU I 338 40.46 -12.88 -72.56
N GLU I 339 39.85 -13.18 -73.71
CA GLU I 339 38.71 -12.40 -74.16
C GLU I 339 37.52 -12.53 -73.21
N LEU I 340 37.30 -13.75 -72.71
CA LEU I 340 36.22 -14.01 -71.77
C LEU I 340 36.52 -13.39 -70.41
N CYS I 341 37.76 -13.54 -69.93
CA CYS I 341 38.15 -12.95 -68.66
C CYS I 341 37.76 -11.48 -68.67
N GLU I 342 38.10 -10.79 -69.75
CA GLU I 342 37.78 -9.37 -69.82
C GLU I 342 36.27 -9.15 -69.84
N ILE I 343 35.53 -10.00 -70.53
CA ILE I 343 34.07 -9.87 -70.57
C ILE I 343 33.51 -9.98 -69.16
N LEU I 344 34.08 -10.89 -68.37
CA LEU I 344 33.64 -11.07 -66.99
C LEU I 344 33.94 -9.80 -66.20
N ALA I 345 35.20 -9.37 -66.22
CA ALA I 345 35.65 -8.19 -65.49
C ALA I 345 34.94 -6.90 -65.88
N LYS I 346 34.67 -6.72 -67.16
CA LYS I 346 34.00 -5.51 -67.64
C LYS I 346 32.50 -5.51 -67.54
N GLU I 347 31.85 -6.65 -67.77
CA GLU I 347 30.40 -6.63 -67.72
C GLU I 347 29.58 -7.80 -67.21
N LYS I 348 30.16 -8.99 -67.07
CA LYS I 348 29.37 -10.13 -66.61
C LYS I 348 29.51 -10.53 -65.15
N ASP I 349 30.64 -10.21 -64.54
CA ASP I 349 30.88 -10.53 -63.14
C ASP I 349 31.72 -9.38 -62.58
N THR I 350 31.26 -8.16 -62.84
CA THR I 350 31.98 -6.96 -62.41
C THR I 350 32.48 -6.92 -60.97
N ILE I 351 31.73 -7.52 -60.03
CA ILE I 351 32.16 -7.51 -58.64
C ILE I 351 33.49 -8.23 -58.44
N ARG I 352 33.86 -9.09 -59.37
CA ARG I 352 35.11 -9.82 -59.28
C ARG I 352 36.10 -9.34 -60.36
N LYS I 353 35.82 -8.15 -60.88
CA LYS I 353 36.64 -7.56 -61.94
C LYS I 353 38.15 -7.64 -61.71
N GLU I 354 38.63 -7.27 -60.53
CA GLU I 354 40.07 -7.35 -60.30
C GLU I 354 40.55 -8.80 -60.25
N TYR I 355 39.67 -9.72 -59.86
CA TYR I 355 40.04 -11.13 -59.80
C TYR I 355 40.22 -11.69 -61.20
N TRP I 356 39.21 -11.49 -62.05
CA TRP I 356 39.25 -11.99 -63.42
C TRP I 356 40.43 -11.42 -64.19
N ARG I 357 40.72 -10.14 -63.99
CA ARG I 357 41.87 -9.54 -64.66
C ARG I 357 43.13 -10.21 -64.13
N TYR I 358 43.12 -10.55 -62.85
CA TYR I 358 44.24 -11.24 -62.23
C TYR I 358 44.39 -12.61 -62.88
N ILE I 359 43.27 -13.26 -63.16
CA ILE I 359 43.30 -14.58 -63.80
C ILE I 359 43.83 -14.42 -65.22
N GLY I 360 43.33 -13.39 -65.91
CA GLY I 360 43.79 -13.12 -67.27
C GLY I 360 45.30 -12.97 -67.32
N ARG I 361 45.84 -12.09 -66.48
CA ARG I 361 47.28 -11.89 -66.45
C ARG I 361 48.02 -13.19 -66.17
N SER I 362 47.40 -14.06 -65.37
CA SER I 362 48.02 -15.33 -65.02
C SER I 362 48.12 -16.30 -66.19
N LEU I 363 47.06 -16.36 -66.99
CA LEU I 363 47.04 -17.22 -68.15
C LEU I 363 48.10 -16.73 -69.15
N GLN I 364 48.14 -15.41 -69.33
CA GLN I 364 49.09 -14.78 -70.24
C GLN I 364 50.53 -15.16 -69.91
N SER I 365 50.96 -14.87 -68.69
CA SER I 365 52.34 -15.18 -68.30
C SER I 365 52.61 -16.66 -68.13
N LYS I 366 51.65 -17.52 -68.44
CA LYS I 366 51.85 -18.95 -68.28
C LYS I 366 51.82 -19.67 -69.63
N HIS I 367 51.22 -19.04 -70.63
CA HIS I 367 51.13 -19.64 -71.96
C HIS I 367 51.42 -18.64 -73.09
N SER I 368 52.69 -18.31 -73.31
CA SER I 368 53.06 -17.36 -74.37
C SER I 368 54.48 -17.56 -74.92
N LEU J 18 27.25 3.43 -42.99
CA LEU J 18 27.63 4.82 -43.38
C LEU J 18 29.08 5.10 -42.97
N ASP J 19 29.29 5.21 -41.67
CA ASP J 19 30.61 5.46 -41.10
C ASP J 19 30.78 4.61 -39.84
N PHE J 20 32.02 4.29 -39.52
CA PHE J 20 32.37 3.45 -38.37
C PHE J 20 32.23 4.15 -37.02
N LEU J 21 31.27 3.73 -36.22
CA LEU J 21 31.01 4.30 -34.90
C LEU J 21 31.91 3.67 -33.84
N ARG J 22 33.23 3.85 -33.99
CA ARG J 22 34.19 3.27 -33.07
C ARG J 22 33.93 3.38 -31.56
N ASP J 23 33.62 4.56 -31.05
CA ASP J 23 33.38 4.68 -29.61
C ASP J 23 32.22 3.83 -29.16
N ARG J 24 31.15 3.84 -29.94
CA ARG J 24 29.96 3.07 -29.63
C ARG J 24 30.34 1.59 -29.47
N HIS J 25 31.14 1.07 -30.41
CA HIS J 25 31.55 -0.33 -30.35
C HIS J 25 32.41 -0.63 -29.14
N VAL J 26 33.12 0.40 -28.66
CA VAL J 26 33.97 0.20 -27.49
C VAL J 26 33.06 0.00 -26.28
N ARG J 27 31.98 0.78 -26.22
CA ARG J 27 31.05 0.67 -25.12
C ARG J 27 30.34 -0.67 -25.18
N PHE J 28 30.02 -1.10 -26.39
CA PHE J 28 29.35 -2.38 -26.61
C PHE J 28 30.19 -3.52 -26.02
N PHE J 29 31.46 -3.61 -26.42
CA PHE J 29 32.33 -4.66 -25.90
C PHE J 29 32.48 -4.57 -24.39
N GLN J 30 32.47 -3.34 -23.88
CA GLN J 30 32.59 -3.10 -22.44
C GLN J 30 31.42 -3.76 -21.76
N ARG J 31 30.24 -3.54 -22.32
CA ARG J 31 29.02 -4.08 -21.77
C ARG J 31 29.05 -5.59 -21.75
N CYS J 32 29.67 -6.20 -22.77
CA CYS J 32 29.78 -7.65 -22.86
C CYS J 32 30.56 -8.22 -21.70
N LEU J 33 31.64 -7.55 -21.29
CA LEU J 33 32.45 -8.07 -20.19
C LEU J 33 31.78 -7.93 -18.84
N GLN J 34 30.80 -7.03 -18.73
CA GLN J 34 30.10 -6.78 -17.46
C GLN J 34 29.06 -7.82 -17.08
N VAL J 35 27.80 -7.53 -17.37
CA VAL J 35 26.73 -8.46 -17.01
C VAL J 35 25.76 -8.72 -18.15
N LEU J 36 25.29 -9.97 -18.24
CA LEU J 36 24.35 -10.34 -19.29
C LEU J 36 23.04 -10.83 -18.68
N PRO J 37 21.90 -10.53 -19.33
CA PRO J 37 20.57 -10.94 -18.86
C PRO J 37 20.43 -12.45 -18.97
N GLU J 38 19.47 -13.01 -18.23
CA GLU J 38 19.26 -14.45 -18.27
C GLU J 38 18.97 -14.99 -19.67
N ARG J 39 18.65 -14.09 -20.60
CA ARG J 39 18.34 -14.48 -21.97
C ARG J 39 19.54 -15.17 -22.63
N TYR J 40 20.74 -14.94 -22.12
CA TYR J 40 21.95 -15.52 -22.71
C TYR J 40 22.53 -16.67 -21.93
N SER J 41 21.68 -17.33 -21.15
CA SER J 41 22.09 -18.45 -20.32
C SER J 41 22.77 -19.57 -21.11
N SER J 42 22.42 -19.69 -22.39
CA SER J 42 22.98 -20.73 -23.24
C SER J 42 24.47 -20.55 -23.48
N LEU J 43 25.00 -19.37 -23.16
CA LEU J 43 26.42 -19.07 -23.35
C LEU J 43 27.26 -19.38 -22.11
N GLU J 44 26.60 -19.77 -21.03
CA GLU J 44 27.27 -20.07 -19.78
C GLU J 44 28.53 -20.93 -19.93
N THR J 45 28.42 -22.11 -20.52
CA THR J 45 29.57 -22.99 -20.66
C THR J 45 30.61 -22.54 -21.68
N SER J 46 30.41 -21.36 -22.27
CA SER J 46 31.38 -20.86 -23.24
C SER J 46 31.53 -19.35 -23.10
N ARG J 47 31.46 -18.90 -21.85
CA ARG J 47 31.59 -17.49 -21.52
C ARG J 47 32.99 -17.00 -21.90
N LEU J 48 33.96 -17.90 -21.80
CA LEU J 48 35.32 -17.53 -22.12
C LEU J 48 35.48 -17.08 -23.58
N THR J 49 34.65 -17.62 -24.48
CA THR J 49 34.76 -17.21 -25.88
C THR J 49 34.11 -15.86 -26.05
N ILE J 50 33.12 -15.55 -25.21
CA ILE J 50 32.46 -14.25 -25.28
C ILE J 50 33.46 -13.21 -24.76
N ALA J 51 34.23 -13.61 -23.75
CA ALA J 51 35.26 -12.75 -23.19
C ALA J 51 36.24 -12.46 -24.33
N PHE J 52 36.64 -13.51 -25.03
CA PHE J 52 37.55 -13.39 -26.16
C PHE J 52 37.05 -12.38 -27.20
N PHE J 53 35.80 -12.50 -27.62
CA PHE J 53 35.26 -11.58 -28.61
C PHE J 53 35.35 -10.12 -28.14
N ALA J 54 35.11 -9.91 -26.86
CA ALA J 54 35.14 -8.55 -26.32
C ALA J 54 36.56 -8.03 -26.12
N LEU J 55 37.42 -8.82 -25.50
CA LEU J 55 38.79 -8.41 -25.26
C LEU J 55 39.56 -8.22 -26.57
N SER J 56 39.51 -9.22 -27.44
CA SER J 56 40.19 -9.13 -28.72
C SER J 56 39.55 -7.99 -29.49
N GLY J 57 38.25 -7.82 -29.31
CA GLY J 57 37.56 -6.74 -29.99
C GLY J 57 38.10 -5.40 -29.53
N LEU J 58 38.20 -5.25 -28.21
CA LEU J 58 38.71 -4.01 -27.63
C LEU J 58 40.14 -3.80 -28.10
N ASP J 59 40.93 -4.87 -28.07
CA ASP J 59 42.31 -4.81 -28.50
C ASP J 59 42.38 -4.32 -29.94
N MET J 60 41.52 -4.88 -30.79
CA MET J 60 41.48 -4.50 -32.19
C MET J 60 41.15 -3.02 -32.35
N LEU J 61 40.44 -2.46 -31.37
CA LEU J 61 40.06 -1.04 -31.42
C LEU J 61 40.99 -0.21 -30.56
N ASP J 62 42.02 -0.87 -30.03
CA ASP J 62 42.99 -0.23 -29.17
C ASP J 62 42.29 0.50 -28.01
N SER J 63 41.58 -0.26 -27.19
CA SER J 63 40.86 0.28 -26.03
C SER J 63 40.97 -0.63 -24.83
N LEU J 64 42.00 -1.47 -24.81
CA LEU J 64 42.16 -2.39 -23.68
C LEU J 64 42.31 -1.69 -22.35
N ASP J 65 42.61 -0.40 -22.39
CA ASP J 65 42.81 0.35 -21.16
C ASP J 65 41.51 0.51 -20.35
N VAL J 66 40.36 0.35 -21.01
CA VAL J 66 39.08 0.50 -20.31
C VAL J 66 38.67 -0.71 -19.48
N VAL J 67 39.58 -1.66 -19.30
CA VAL J 67 39.29 -2.84 -18.51
C VAL J 67 40.44 -3.12 -17.56
N ASN J 68 40.19 -3.90 -16.52
CA ASN J 68 41.22 -4.23 -15.54
C ASN J 68 41.97 -5.50 -15.93
N LYS J 69 42.97 -5.36 -16.80
CA LYS J 69 43.75 -6.50 -17.28
C LYS J 69 44.10 -7.51 -16.19
N ASP J 70 44.50 -7.01 -15.02
CA ASP J 70 44.90 -7.87 -13.92
C ASP J 70 43.78 -8.73 -13.37
N ASP J 71 42.60 -8.14 -13.19
CA ASP J 71 41.46 -8.90 -12.67
C ASP J 71 41.09 -10.00 -13.64
N ILE J 72 40.92 -9.63 -14.91
CA ILE J 72 40.56 -10.57 -15.95
C ILE J 72 41.55 -11.72 -16.08
N ILE J 73 42.84 -11.42 -15.94
CA ILE J 73 43.85 -12.48 -16.02
C ILE J 73 43.65 -13.50 -14.90
N GLU J 74 43.28 -13.03 -13.72
CA GLU J 74 43.05 -13.94 -12.59
C GLU J 74 41.82 -14.80 -12.84
N TRP J 75 40.80 -14.18 -13.42
CA TRP J 75 39.56 -14.88 -13.72
C TRP J 75 39.87 -16.02 -14.68
N ILE J 76 40.60 -15.70 -15.74
CA ILE J 76 40.98 -16.67 -16.74
C ILE J 76 41.74 -17.83 -16.11
N TYR J 77 42.75 -17.51 -15.30
CA TYR J 77 43.53 -18.58 -14.66
C TYR J 77 42.72 -19.45 -13.71
N SER J 78 41.59 -18.94 -13.23
CA SER J 78 40.75 -19.72 -12.33
C SER J 78 40.02 -20.78 -13.14
N LEU J 79 40.08 -20.64 -14.47
CA LEU J 79 39.41 -21.58 -15.37
C LEU J 79 40.32 -22.71 -15.86
N GLN J 80 41.60 -22.66 -15.52
CA GLN J 80 42.51 -23.70 -15.95
C GLN J 80 42.36 -24.98 -15.14
N VAL J 81 42.27 -26.10 -15.83
CA VAL J 81 42.15 -27.40 -15.17
C VAL J 81 43.58 -27.90 -15.04
N LEU J 82 44.12 -27.76 -13.83
CA LEU J 82 45.50 -28.18 -13.56
C LEU J 82 45.55 -29.64 -13.17
N PRO J 83 46.70 -30.29 -13.41
CA PRO J 83 46.81 -31.70 -13.04
C PRO J 83 46.82 -31.87 -11.51
N THR J 84 46.32 -33.00 -11.04
CA THR J 84 46.26 -33.28 -9.62
C THR J 84 47.60 -33.78 -9.10
N GLU J 85 47.73 -33.88 -7.78
CA GLU J 85 48.96 -34.35 -7.16
C GLU J 85 49.47 -35.60 -7.85
N ASP J 86 48.61 -36.60 -7.97
CA ASP J 86 48.97 -37.87 -8.61
C ASP J 86 49.01 -37.82 -10.14
N ARG J 87 48.95 -36.62 -10.73
CA ARG J 87 48.98 -36.46 -12.18
C ARG J 87 48.15 -37.51 -12.92
N SER J 88 47.02 -37.90 -12.35
CA SER J 88 46.16 -38.91 -12.96
C SER J 88 45.08 -38.35 -13.89
N ASN J 89 45.02 -37.03 -14.02
CA ASN J 89 44.02 -36.41 -14.87
C ASN J 89 44.65 -35.59 -15.98
N LEU J 90 45.82 -36.00 -16.46
CA LEU J 90 46.48 -35.24 -17.51
C LEU J 90 45.67 -35.14 -18.81
N ASP J 91 44.97 -36.22 -19.16
CA ASP J 91 44.16 -36.23 -20.37
C ASP J 91 42.96 -35.29 -20.29
N ARG J 92 42.77 -34.63 -19.16
CA ARG J 92 41.63 -33.75 -18.99
C ARG J 92 42.01 -32.30 -18.70
N CYS J 93 43.28 -31.96 -18.87
CA CYS J 93 43.71 -30.59 -18.61
C CYS J 93 43.48 -29.64 -19.78
N GLY J 94 43.43 -28.36 -19.44
CA GLY J 94 43.19 -27.31 -20.42
C GLY J 94 42.41 -26.23 -19.70
N PHE J 95 41.45 -25.61 -20.36
CA PHE J 95 40.64 -24.57 -19.71
C PHE J 95 39.14 -24.84 -19.78
N ARG J 96 38.42 -24.30 -18.80
CA ARG J 96 36.97 -24.44 -18.72
C ARG J 96 36.34 -23.21 -19.38
N GLY J 97 35.09 -23.34 -19.82
CA GLY J 97 34.43 -22.21 -20.44
C GLY J 97 33.99 -21.20 -19.39
N SER J 98 33.75 -21.71 -18.18
CA SER J 98 33.32 -20.89 -17.05
C SER J 98 33.39 -21.71 -15.79
N SER J 99 32.86 -21.16 -14.70
CA SER J 99 32.87 -21.84 -13.41
C SER J 99 31.57 -22.60 -13.13
N TYR J 100 30.80 -22.88 -14.17
CA TYR J 100 29.53 -23.56 -13.99
C TYR J 100 29.54 -24.85 -13.16
N LEU J 101 30.70 -25.50 -13.02
CA LEU J 101 30.73 -26.74 -12.25
C LEU J 101 30.71 -26.51 -10.74
N GLY J 102 31.00 -25.29 -10.33
CA GLY J 102 30.99 -24.98 -8.92
C GLY J 102 32.28 -25.32 -8.20
N ILE J 103 33.40 -25.20 -8.89
CA ILE J 103 34.68 -25.47 -8.26
C ILE J 103 35.15 -24.16 -7.64
N PRO J 104 35.63 -24.22 -6.39
CA PRO J 104 36.11 -23.03 -5.67
C PRO J 104 37.15 -22.20 -6.44
N PHE J 105 36.88 -20.91 -6.55
CA PHE J 105 37.75 -19.98 -7.26
C PHE J 105 39.21 -20.11 -6.87
N ASN J 106 40.04 -20.59 -7.79
CA ASN J 106 41.47 -20.76 -7.55
C ASN J 106 42.27 -20.39 -8.80
N PRO J 107 42.77 -19.14 -8.86
CA PRO J 107 43.55 -18.64 -10.01
C PRO J 107 44.90 -19.34 -10.20
N SER J 108 44.84 -20.58 -10.66
CA SER J 108 46.02 -21.40 -10.91
C SER J 108 47.08 -21.26 -9.83
N LYS J 109 46.63 -21.38 -8.58
CA LYS J 109 47.52 -21.29 -7.43
C LYS J 109 47.80 -22.73 -6.96
N ASN J 110 47.02 -23.20 -5.99
CA ASN J 110 47.18 -24.56 -5.46
C ASN J 110 47.09 -25.61 -6.57
N PRO J 111 47.28 -26.89 -6.21
CA PRO J 111 47.21 -27.96 -7.22
C PRO J 111 45.79 -28.10 -7.76
N GLY J 112 45.42 -29.32 -8.16
CA GLY J 112 44.09 -29.53 -8.70
C GLY J 112 43.13 -30.24 -7.78
N THR J 113 41.94 -29.66 -7.60
CA THR J 113 40.91 -30.26 -6.75
C THR J 113 40.10 -31.27 -7.58
N ALA J 114 40.44 -32.54 -7.46
CA ALA J 114 39.78 -33.62 -8.20
C ALA J 114 38.26 -33.49 -8.24
N HIS J 115 37.69 -33.74 -9.43
CA HIS J 115 36.26 -33.66 -9.63
C HIS J 115 35.89 -34.61 -10.77
N PRO J 116 34.92 -35.50 -10.52
CA PRO J 116 34.44 -36.50 -11.49
C PRO J 116 34.19 -36.04 -12.93
N TYR J 117 33.68 -34.82 -13.09
CA TYR J 117 33.35 -34.32 -14.42
C TYR J 117 34.02 -33.04 -14.86
N ASP J 118 35.06 -32.62 -14.16
CA ASP J 118 35.74 -31.39 -14.51
C ASP J 118 36.90 -31.64 -15.46
N SER J 119 36.88 -30.97 -16.60
CA SER J 119 37.94 -31.10 -17.58
C SER J 119 37.86 -29.95 -18.57
N GLY J 120 38.91 -29.77 -19.36
CA GLY J 120 38.94 -28.68 -20.31
C GLY J 120 38.10 -28.87 -21.55
N HIS J 121 37.98 -27.81 -22.33
CA HIS J 121 37.23 -27.80 -23.57
C HIS J 121 38.16 -27.15 -24.58
N ILE J 122 38.47 -27.86 -25.65
CA ILE J 122 39.40 -27.37 -26.65
C ILE J 122 39.20 -25.94 -27.13
N ALA J 123 37.95 -25.50 -27.30
CA ALA J 123 37.69 -24.14 -27.75
C ALA J 123 37.96 -23.13 -26.63
N MET J 124 37.92 -23.60 -25.38
CA MET J 124 38.16 -22.75 -24.23
C MET J 124 39.66 -22.64 -23.97
N THR J 125 40.38 -23.74 -24.20
CA THR J 125 41.81 -23.72 -24.03
C THR J 125 42.36 -22.74 -25.06
N TYR J 126 41.79 -22.78 -26.26
CA TYR J 126 42.22 -21.88 -27.32
C TYR J 126 41.92 -20.42 -26.98
N THR J 127 40.65 -20.09 -26.76
CA THR J 127 40.31 -18.71 -26.43
C THR J 127 40.93 -18.25 -25.11
N GLY J 128 41.17 -19.19 -24.19
CA GLY J 128 41.78 -18.84 -22.92
C GLY J 128 43.20 -18.33 -23.12
N LEU J 129 44.06 -19.17 -23.72
CA LEU J 129 45.44 -18.81 -24.00
C LEU J 129 45.46 -17.54 -24.83
N SER J 130 44.58 -17.51 -25.83
CA SER J 130 44.47 -16.36 -26.70
C SER J 130 44.19 -15.09 -25.89
N CYS J 131 43.28 -15.17 -24.92
CA CYS J 131 42.94 -14.01 -24.10
C CYS J 131 44.12 -13.58 -23.22
N LEU J 132 44.79 -14.55 -22.61
CA LEU J 132 45.93 -14.26 -21.76
C LEU J 132 46.99 -13.45 -22.53
N ILE J 133 47.30 -13.89 -23.75
CA ILE J 133 48.27 -13.19 -24.56
C ILE J 133 47.83 -11.77 -24.86
N ILE J 134 46.55 -11.61 -25.19
CA ILE J 134 45.99 -10.29 -25.51
C ILE J 134 46.11 -9.37 -24.31
N LEU J 135 45.91 -9.91 -23.11
CA LEU J 135 45.99 -9.11 -21.89
C LEU J 135 47.42 -8.85 -21.43
N GLY J 136 48.40 -9.41 -22.12
CA GLY J 136 49.79 -9.19 -21.76
C GLY J 136 50.45 -10.23 -20.89
N ASP J 137 49.69 -11.18 -20.37
CA ASP J 137 50.24 -12.23 -19.52
C ASP J 137 51.33 -12.96 -20.32
N ASP J 138 52.23 -13.64 -19.62
CA ASP J 138 53.34 -14.35 -20.27
C ASP J 138 53.17 -15.87 -20.28
N LEU J 139 51.99 -16.34 -19.89
CA LEU J 139 51.68 -17.77 -19.88
C LEU J 139 52.56 -18.61 -18.94
N SER J 140 53.24 -17.96 -18.00
CA SER J 140 54.10 -18.69 -17.07
C SER J 140 53.30 -19.61 -16.15
N ARG J 141 52.06 -19.21 -15.85
CA ARG J 141 51.21 -20.00 -14.98
C ARG J 141 50.43 -21.07 -15.74
N VAL J 142 50.67 -21.18 -17.05
CA VAL J 142 49.99 -22.18 -17.87
C VAL J 142 50.83 -23.46 -17.85
N ASP J 143 50.22 -24.57 -17.40
CA ASP J 143 50.93 -25.84 -17.38
C ASP J 143 50.94 -26.33 -18.82
N LYS J 144 51.86 -25.78 -19.62
CA LYS J 144 51.95 -26.14 -21.02
C LYS J 144 51.96 -27.62 -21.34
N GLU J 145 52.70 -28.42 -20.58
CA GLU J 145 52.74 -29.85 -20.87
C GLU J 145 51.41 -30.54 -20.62
N ALA J 146 50.70 -30.09 -19.59
CA ALA J 146 49.39 -30.67 -19.26
C ALA J 146 48.40 -30.36 -20.39
N CYS J 147 48.42 -29.11 -20.86
CA CYS J 147 47.52 -28.71 -21.93
C CYS J 147 47.78 -29.54 -23.18
N LEU J 148 49.05 -29.69 -23.55
CA LEU J 148 49.42 -30.46 -24.73
C LEU J 148 49.00 -31.92 -24.57
N ALA J 149 49.12 -32.44 -23.35
CA ALA J 149 48.73 -33.81 -23.08
C ALA J 149 47.24 -33.95 -23.30
N GLY J 150 46.49 -32.96 -22.82
CA GLY J 150 45.04 -32.98 -22.98
C GLY J 150 44.66 -32.89 -24.44
N LEU J 151 45.38 -32.05 -25.19
CA LEU J 151 45.12 -31.88 -26.61
C LEU J 151 45.26 -33.20 -27.35
N ARG J 152 46.39 -33.87 -27.18
CA ARG J 152 46.63 -35.14 -27.84
C ARG J 152 45.50 -36.13 -27.57
N ALA J 153 44.98 -36.13 -26.36
CA ALA J 153 43.91 -37.03 -25.99
C ALA J 153 42.62 -36.79 -26.77
N LEU J 154 42.49 -35.61 -27.35
CA LEU J 154 41.29 -35.26 -28.10
C LEU J 154 41.30 -35.66 -29.57
N GLN J 155 42.47 -35.91 -30.14
CA GLN J 155 42.54 -36.27 -31.56
C GLN J 155 42.06 -37.69 -31.83
N LEU J 156 41.25 -37.85 -32.88
CA LEU J 156 40.71 -39.14 -33.27
C LEU J 156 41.56 -39.85 -34.31
N GLU J 157 41.19 -41.07 -34.66
CA GLU J 157 41.94 -41.83 -35.64
C GLU J 157 42.01 -41.10 -36.98
N ASP J 158 40.89 -40.48 -37.38
CA ASP J 158 40.84 -39.78 -38.66
C ASP J 158 41.58 -38.45 -38.70
N GLY J 159 42.24 -38.09 -37.61
CA GLY J 159 42.98 -36.84 -37.58
C GLY J 159 42.26 -35.63 -37.01
N SER J 160 40.92 -35.67 -36.95
CA SER J 160 40.17 -34.54 -36.38
C SER J 160 40.18 -34.58 -34.85
N PHE J 161 39.52 -33.62 -34.24
CA PHE J 161 39.47 -33.52 -32.77
C PHE J 161 38.07 -33.40 -32.17
N CYS J 162 37.97 -33.74 -30.89
CA CYS J 162 36.74 -33.62 -30.11
C CYS J 162 37.01 -32.39 -29.26
N ALA J 163 35.97 -31.91 -28.57
CA ALA J 163 36.15 -30.72 -27.74
C ALA J 163 36.52 -31.10 -26.31
N VAL J 164 35.96 -32.21 -25.83
CA VAL J 164 36.22 -32.66 -24.46
C VAL J 164 36.50 -34.15 -24.40
N PRO J 165 37.31 -34.58 -23.42
CA PRO J 165 37.63 -36.00 -23.28
C PRO J 165 36.42 -36.90 -23.05
N GLU J 166 35.38 -36.37 -22.42
CA GLU J 166 34.18 -37.18 -22.17
C GLU J 166 33.47 -37.56 -23.47
N GLY J 167 33.83 -36.88 -24.56
CA GLY J 167 33.21 -37.17 -25.84
C GLY J 167 32.39 -36.03 -26.38
N SER J 168 32.34 -35.91 -27.70
CA SER J 168 31.58 -34.87 -28.36
C SER J 168 31.66 -35.09 -29.86
N GLU J 169 31.05 -34.21 -30.62
CA GLU J 169 31.12 -34.30 -32.07
C GLU J 169 32.55 -33.93 -32.43
N ASN J 170 32.98 -34.32 -33.63
CA ASN J 170 34.34 -33.97 -34.07
C ASN J 170 34.29 -33.41 -35.47
N ASP J 171 34.97 -32.28 -35.68
CA ASP J 171 35.01 -31.65 -37.00
C ASP J 171 36.10 -30.60 -37.15
N MET J 172 36.11 -29.95 -38.30
CA MET J 172 37.11 -28.95 -38.62
C MET J 172 37.27 -27.84 -37.58
N ARG J 173 36.18 -27.44 -36.94
CA ARG J 173 36.25 -26.38 -35.95
C ARG J 173 37.34 -26.67 -34.91
N PHE J 174 37.34 -27.90 -34.40
CA PHE J 174 38.28 -28.30 -33.39
C PHE J 174 39.68 -28.54 -33.91
N VAL J 175 39.81 -28.81 -35.20
CA VAL J 175 41.13 -28.99 -35.80
C VAL J 175 41.81 -27.62 -35.74
N TYR J 176 41.04 -26.58 -36.03
CA TYR J 176 41.56 -25.22 -36.00
C TYR J 176 41.96 -24.84 -34.57
N CYS J 177 41.17 -25.25 -33.60
CA CYS J 177 41.47 -24.94 -32.21
C CYS J 177 42.78 -25.59 -31.81
N ALA J 178 42.95 -26.86 -32.17
CA ALA J 178 44.16 -27.60 -31.86
C ALA J 178 45.37 -26.88 -32.49
N SER J 179 45.22 -26.49 -33.75
CA SER J 179 46.30 -25.81 -34.46
C SER J 179 46.70 -24.52 -33.75
N CYS J 180 45.72 -23.73 -33.34
CA CYS J 180 46.01 -22.46 -32.64
C CYS J 180 46.71 -22.71 -31.30
N ILE J 181 46.26 -23.73 -30.57
CA ILE J 181 46.88 -24.02 -29.30
C ILE J 181 48.34 -24.39 -29.49
N CYS J 182 48.61 -25.32 -30.40
CA CYS J 182 49.99 -25.75 -30.67
C CYS J 182 50.83 -24.55 -31.09
N TYR J 183 50.26 -23.69 -31.92
CA TYR J 183 50.97 -22.52 -32.40
C TYR J 183 51.34 -21.58 -31.27
N MET J 184 50.37 -21.25 -30.42
CA MET J 184 50.62 -20.32 -29.32
C MET J 184 51.59 -20.88 -28.29
N LEU J 185 51.48 -22.17 -27.97
CA LEU J 185 52.39 -22.77 -27.01
C LEU J 185 53.66 -23.13 -27.77
N ASN J 186 53.72 -22.73 -29.02
CA ASN J 186 54.87 -22.98 -29.87
C ASN J 186 55.45 -24.40 -29.70
N ASN J 187 54.57 -25.39 -29.74
CA ASN J 187 54.96 -26.79 -29.58
C ASN J 187 53.88 -27.64 -30.26
N TRP J 188 54.24 -28.35 -31.32
CA TRP J 188 53.25 -29.16 -32.01
C TRP J 188 53.14 -30.60 -31.54
N SER J 189 53.65 -30.88 -30.35
CA SER J 189 53.57 -32.24 -29.83
C SER J 189 52.13 -32.49 -29.41
N GLY J 190 51.32 -31.45 -29.49
CA GLY J 190 49.92 -31.56 -29.13
C GLY J 190 49.08 -32.32 -30.12
N MET J 191 49.60 -32.55 -31.33
CA MET J 191 48.85 -33.27 -32.34
C MET J 191 49.72 -34.09 -33.29
N ASP J 192 49.08 -35.04 -33.97
CA ASP J 192 49.72 -35.88 -34.95
C ASP J 192 49.41 -35.12 -36.25
N MET J 193 50.26 -34.16 -36.56
CA MET J 193 50.10 -33.30 -37.72
C MET J 193 49.81 -34.02 -39.03
N LYS J 194 50.44 -35.17 -39.23
CA LYS J 194 50.23 -35.93 -40.46
C LYS J 194 48.77 -36.32 -40.61
N LYS J 195 48.18 -36.83 -39.53
CA LYS J 195 46.78 -37.23 -39.55
C LYS J 195 45.84 -36.03 -39.66
N ALA J 196 46.20 -34.92 -39.02
CA ALA J 196 45.37 -33.73 -39.09
C ALA J 196 45.32 -33.24 -40.54
N ILE J 197 46.47 -33.17 -41.18
CA ILE J 197 46.55 -32.74 -42.57
C ILE J 197 45.72 -33.66 -43.45
N SER J 198 45.75 -34.94 -43.15
CA SER J 198 44.97 -35.90 -43.92
C SER J 198 43.49 -35.54 -43.81
N TYR J 199 43.05 -35.22 -42.60
CA TYR J 199 41.65 -34.87 -42.37
C TYR J 199 41.26 -33.63 -43.18
N ILE J 200 42.13 -32.64 -43.16
CA ILE J 200 41.87 -31.41 -43.91
C ILE J 200 41.74 -31.69 -45.42
N ARG J 201 42.63 -32.51 -45.96
CA ARG J 201 42.55 -32.83 -47.37
C ARG J 201 41.25 -33.53 -47.69
N ARG J 202 40.93 -34.56 -46.91
CA ARG J 202 39.72 -35.33 -47.15
C ARG J 202 38.43 -34.55 -47.04
N SER J 203 38.49 -33.33 -46.54
CA SER J 203 37.29 -32.53 -46.40
C SER J 203 36.99 -31.70 -47.63
N MET J 204 37.92 -31.69 -48.59
CA MET J 204 37.70 -30.91 -49.80
C MET J 204 36.55 -31.49 -50.60
N SER J 205 35.63 -30.65 -51.01
CA SER J 205 34.46 -31.07 -51.77
C SER J 205 34.67 -31.06 -53.27
N TYR J 206 33.72 -31.62 -53.99
CA TYR J 206 33.77 -31.67 -55.44
C TYR J 206 33.68 -30.26 -56.00
N ASP J 207 33.12 -29.33 -55.22
CA ASP J 207 33.03 -27.94 -55.67
C ASP J 207 34.27 -27.14 -55.25
N ASN J 208 35.22 -27.83 -54.64
CA ASN J 208 36.49 -27.25 -54.24
C ASN J 208 36.61 -26.49 -52.93
N GLY J 209 35.50 -26.30 -52.21
CA GLY J 209 35.58 -25.64 -50.91
C GLY J 209 35.90 -26.73 -49.88
N LEU J 210 36.11 -26.35 -48.63
CA LEU J 210 36.38 -27.34 -47.59
C LEU J 210 35.12 -27.46 -46.72
N ALA J 211 34.77 -28.69 -46.33
CA ALA J 211 33.59 -28.90 -45.49
C ALA J 211 34.01 -29.21 -44.06
N GLN J 212 33.04 -29.43 -43.18
CA GLN J 212 33.33 -29.75 -41.79
C GLN J 212 33.98 -31.11 -41.70
N GLY J 213 33.73 -31.93 -42.71
CA GLY J 213 34.29 -33.27 -42.76
C GLY J 213 34.03 -33.86 -44.13
N ALA J 214 34.70 -34.97 -44.43
CA ALA J 214 34.53 -35.62 -45.72
C ALA J 214 33.07 -35.85 -46.11
N GLY J 215 32.75 -35.55 -47.35
CA GLY J 215 31.39 -35.75 -47.84
C GLY J 215 30.39 -34.65 -47.59
N LEU J 216 30.61 -33.86 -46.54
CA LEU J 216 29.70 -32.78 -46.21
C LEU J 216 29.81 -31.60 -47.17
N GLU J 217 28.83 -30.71 -47.11
CA GLU J 217 28.78 -29.52 -47.93
C GLU J 217 29.89 -28.56 -47.55
N SER J 218 30.68 -28.12 -48.53
CA SER J 218 31.77 -27.19 -48.25
C SER J 218 31.14 -25.90 -47.67
N HIS J 219 31.86 -25.26 -46.76
CA HIS J 219 31.33 -24.10 -46.08
C HIS J 219 32.42 -23.08 -45.76
N GLY J 220 32.04 -21.81 -45.72
CA GLY J 220 33.00 -20.75 -45.43
C GLY J 220 33.75 -20.91 -44.12
N GLY J 221 33.03 -21.32 -43.07
CA GLY J 221 33.66 -21.49 -41.78
C GLY J 221 34.70 -22.59 -41.74
N SER J 222 34.35 -23.75 -42.27
CA SER J 222 35.27 -24.88 -42.28
C SER J 222 36.43 -24.65 -43.25
N THR J 223 36.18 -23.91 -44.33
CA THR J 223 37.25 -23.63 -45.28
C THR J 223 38.27 -22.74 -44.57
N PHE J 224 37.78 -21.78 -43.77
CA PHE J 224 38.69 -20.93 -43.03
C PHE J 224 39.49 -21.79 -42.05
N CYS J 225 38.79 -22.63 -41.29
CA CYS J 225 39.45 -23.45 -40.30
C CYS J 225 40.52 -24.32 -40.92
N GLY J 226 40.20 -24.91 -42.07
CA GLY J 226 41.14 -25.77 -42.76
C GLY J 226 42.36 -25.02 -43.27
N ILE J 227 42.14 -23.99 -44.08
CA ILE J 227 43.23 -23.20 -44.63
C ILE J 227 44.10 -22.55 -43.54
N ALA J 228 43.45 -21.91 -42.57
CA ALA J 228 44.19 -21.28 -41.47
C ALA J 228 45.02 -22.30 -40.71
N SER J 229 44.49 -23.50 -40.51
CA SER J 229 45.24 -24.51 -39.79
C SER J 229 46.52 -24.83 -40.55
N LEU J 230 46.39 -25.06 -41.85
CA LEU J 230 47.56 -25.38 -42.66
C LEU J 230 48.56 -24.25 -42.60
N CYS J 231 48.09 -23.01 -42.67
CA CYS J 231 48.99 -21.86 -42.60
C CYS J 231 49.70 -21.83 -41.26
N LEU J 232 48.98 -22.06 -40.17
CA LEU J 232 49.60 -22.07 -38.86
C LEU J 232 50.69 -23.14 -38.78
N MET J 233 50.49 -24.25 -39.48
CA MET J 233 51.48 -25.34 -39.49
C MET J 233 52.57 -25.01 -40.52
N GLY J 234 52.29 -24.02 -41.35
CA GLY J 234 53.24 -23.63 -42.38
C GLY J 234 53.37 -24.72 -43.42
N LYS J 235 52.24 -25.24 -43.88
CA LYS J 235 52.28 -26.31 -44.88
C LYS J 235 51.22 -26.18 -45.98
N LEU J 236 50.70 -24.98 -46.18
CA LEU J 236 49.68 -24.75 -47.21
C LEU J 236 50.18 -25.27 -48.55
N GLU J 237 51.28 -24.69 -49.00
CA GLU J 237 51.93 -25.03 -50.27
C GLU J 237 52.23 -26.53 -50.40
N GLU J 238 52.71 -27.12 -49.32
CA GLU J 238 53.05 -28.54 -49.31
C GLU J 238 51.83 -29.46 -49.43
N VAL J 239 50.73 -29.07 -48.81
CA VAL J 239 49.52 -29.88 -48.83
C VAL J 239 48.66 -29.77 -50.09
N PHE J 240 48.51 -28.56 -50.60
CA PHE J 240 47.69 -28.37 -51.80
C PHE J 240 48.52 -27.94 -53.00
N SER J 241 48.24 -28.55 -54.14
CA SER J 241 48.96 -28.23 -55.36
C SER J 241 48.54 -26.85 -55.82
N GLU J 242 49.26 -26.29 -56.78
CA GLU J 242 48.92 -24.99 -57.30
C GLU J 242 47.53 -25.03 -57.93
N LYS J 243 47.25 -26.11 -58.65
CA LYS J 243 45.95 -26.25 -59.30
C LYS J 243 44.87 -26.32 -58.24
N GLU J 244 45.14 -27.05 -57.16
CA GLU J 244 44.20 -27.19 -56.07
C GLU J 244 43.93 -25.84 -55.41
N LEU J 245 45.00 -25.11 -55.08
CA LEU J 245 44.86 -23.79 -54.47
C LEU J 245 44.07 -22.84 -55.37
N ASN J 246 44.24 -22.97 -56.67
CA ASN J 246 43.50 -22.12 -57.59
C ASN J 246 42.01 -22.39 -57.51
N ARG J 247 41.67 -23.68 -57.40
CA ARG J 247 40.28 -24.09 -57.31
C ARG J 247 39.65 -23.57 -56.01
N ILE J 248 40.41 -23.68 -54.92
CA ILE J 248 39.94 -23.21 -53.62
C ILE J 248 39.73 -21.69 -53.68
N LYS J 249 40.71 -20.98 -54.26
CA LYS J 249 40.60 -19.53 -54.37
C LYS J 249 39.32 -19.17 -55.13
N ARG J 250 39.06 -19.89 -56.21
CA ARG J 250 37.86 -19.62 -56.99
C ARG J 250 36.60 -19.82 -56.14
N TRP J 251 36.57 -20.89 -55.36
CA TRP J 251 35.39 -21.17 -54.54
C TRP J 251 35.18 -20.06 -53.52
N CYS J 252 36.26 -19.63 -52.89
CA CYS J 252 36.19 -18.57 -51.90
C CYS J 252 35.74 -17.23 -52.46
N ILE J 253 36.42 -16.76 -53.49
CA ILE J 253 36.06 -15.47 -54.06
C ILE J 253 34.65 -15.43 -54.66
N MET J 254 34.08 -16.59 -54.94
CA MET J 254 32.73 -16.62 -55.48
C MET J 254 31.71 -16.37 -54.37
N ARG J 255 32.18 -16.31 -53.12
CA ARG J 255 31.31 -16.09 -51.97
C ARG J 255 30.85 -14.64 -51.82
N GLN J 256 31.56 -13.70 -52.45
CA GLN J 256 31.16 -12.30 -52.34
C GLN J 256 29.97 -11.94 -53.21
N GLN J 257 28.96 -11.35 -52.58
CA GLN J 257 27.74 -10.93 -53.27
C GLN J 257 27.72 -9.41 -53.19
N ASN J 258 28.19 -8.92 -52.06
CA ASN J 258 28.32 -7.51 -51.69
C ASN J 258 29.09 -7.75 -50.41
N GLY J 259 28.43 -8.41 -49.48
CA GLY J 259 29.07 -8.81 -48.25
C GLY J 259 29.40 -10.24 -48.63
N TYR J 260 29.54 -11.16 -47.66
CA TYR J 260 29.85 -12.54 -48.01
C TYR J 260 28.89 -13.54 -47.40
N HIS J 261 28.59 -14.61 -48.13
CA HIS J 261 27.73 -15.67 -47.60
C HIS J 261 28.66 -16.85 -47.31
N GLY J 262 28.19 -17.84 -46.55
CA GLY J 262 29.05 -18.97 -46.22
C GLY J 262 28.93 -20.17 -47.15
N ARG J 263 27.89 -20.18 -47.98
CA ARG J 263 27.63 -21.27 -48.90
C ARG J 263 26.88 -20.75 -50.12
N PRO J 264 27.09 -21.38 -51.27
CA PRO J 264 26.40 -20.94 -52.48
C PRO J 264 24.89 -20.87 -52.23
N ASN J 265 24.23 -19.88 -52.82
CA ASN J 265 22.79 -19.71 -52.67
C ASN J 265 22.25 -19.47 -51.26
N LYS J 266 23.05 -18.84 -50.41
CA LYS J 266 22.62 -18.50 -49.05
C LYS J 266 22.81 -17.00 -48.86
N PRO J 267 21.93 -16.35 -48.08
CA PRO J 267 22.07 -14.92 -47.86
C PRO J 267 23.37 -14.54 -47.14
N VAL J 268 23.91 -13.36 -47.45
CA VAL J 268 25.16 -12.92 -46.81
C VAL J 268 25.00 -12.72 -45.31
N ASP J 269 26.13 -12.75 -44.63
CA ASP J 269 26.16 -12.58 -43.20
C ASP J 269 27.48 -11.90 -42.84
N THR J 270 27.39 -10.80 -42.12
CA THR J 270 28.57 -10.05 -41.71
C THR J 270 29.79 -10.87 -41.30
N CYS J 271 29.62 -11.85 -40.42
CA CYS J 271 30.78 -12.60 -39.97
C CYS J 271 31.57 -13.32 -41.07
N TYR J 272 30.95 -13.57 -42.22
CA TYR J 272 31.68 -14.24 -43.30
C TYR J 272 32.72 -13.31 -43.94
N SER J 273 32.56 -12.00 -43.70
CA SER J 273 33.52 -11.02 -44.20
C SER J 273 34.87 -11.35 -43.58
N PHE J 274 34.87 -12.04 -42.44
CA PHE J 274 36.13 -12.43 -41.86
C PHE J 274 36.44 -13.87 -42.23
N TRP J 275 35.51 -14.78 -41.96
CA TRP J 275 35.71 -16.19 -42.27
C TRP J 275 36.26 -16.37 -43.69
N VAL J 276 35.53 -15.85 -44.68
CA VAL J 276 35.95 -15.97 -46.06
C VAL J 276 37.06 -14.98 -46.40
N GLY J 277 36.88 -13.73 -45.98
CA GLY J 277 37.87 -12.71 -46.26
C GLY J 277 39.25 -13.09 -45.77
N ALA J 278 39.33 -13.60 -44.55
CA ALA J 278 40.60 -13.99 -43.98
C ALA J 278 41.21 -15.11 -44.79
N THR J 279 40.37 -15.98 -45.34
CA THR J 279 40.86 -17.09 -46.13
C THR J 279 41.46 -16.52 -47.40
N LEU J 280 40.73 -15.63 -48.05
CA LEU J 280 41.22 -15.01 -49.28
C LEU J 280 42.55 -14.31 -48.99
N LYS J 281 42.66 -13.67 -47.83
CA LYS J 281 43.90 -12.99 -47.45
C LYS J 281 45.03 -13.99 -47.35
N LEU J 282 44.77 -15.12 -46.69
CA LEU J 282 45.81 -16.13 -46.55
C LEU J 282 46.20 -16.70 -47.91
N LEU J 283 45.26 -16.71 -48.85
CA LEU J 283 45.53 -17.22 -50.20
C LEU J 283 46.06 -16.10 -51.10
N LYS J 284 46.34 -14.95 -50.50
CA LYS J 284 46.87 -13.79 -51.21
C LYS J 284 46.06 -13.20 -52.35
N ILE J 285 44.73 -13.31 -52.29
CA ILE J 285 43.95 -12.72 -53.36
C ILE J 285 42.81 -11.87 -52.82
N PHE J 286 42.85 -11.55 -51.53
CA PHE J 286 41.79 -10.73 -50.95
C PHE J 286 41.83 -9.37 -51.64
N GLN J 287 43.03 -8.97 -52.01
CA GLN J 287 43.27 -7.70 -52.68
C GLN J 287 42.45 -7.56 -53.96
N TYR J 288 42.05 -8.68 -54.56
CA TYR J 288 41.28 -8.62 -55.80
C TYR J 288 39.78 -8.59 -55.62
N THR J 289 39.33 -8.55 -54.36
CA THR J 289 37.91 -8.52 -54.08
C THR J 289 37.42 -7.07 -54.13
N ASN J 290 36.11 -6.88 -54.10
CA ASN J 290 35.54 -5.54 -54.13
C ASN J 290 35.42 -5.03 -52.68
N PHE J 291 36.26 -4.06 -52.30
CA PHE J 291 36.25 -3.52 -50.94
C PHE J 291 35.03 -2.69 -50.57
N GLU J 292 34.67 -1.74 -51.43
CA GLU J 292 33.54 -0.87 -51.15
C GLU J 292 32.24 -1.58 -50.82
N LYS J 293 31.81 -2.49 -51.68
CA LYS J 293 30.56 -3.20 -51.43
C LYS J 293 30.59 -4.01 -50.13
N ASN J 294 31.75 -4.59 -49.82
CA ASN J 294 31.91 -5.37 -48.61
C ASN J 294 31.80 -4.44 -47.40
N ARG J 295 32.59 -3.37 -47.41
CA ARG J 295 32.57 -2.40 -46.33
C ARG J 295 31.17 -1.82 -46.14
N ASN J 296 30.52 -1.49 -47.24
CA ASN J 296 29.17 -0.95 -47.17
C ASN J 296 28.24 -1.91 -46.46
N TYR J 297 28.29 -3.19 -46.83
CA TYR J 297 27.42 -4.17 -46.21
C TYR J 297 27.68 -4.29 -44.71
N ILE J 298 28.94 -4.54 -44.34
CA ILE J 298 29.29 -4.66 -42.94
C ILE J 298 28.73 -3.49 -42.12
N LEU J 299 28.97 -2.28 -42.59
CA LEU J 299 28.47 -1.11 -41.87
C LEU J 299 26.95 -1.06 -41.83
N SER J 300 26.29 -1.58 -42.85
CA SER J 300 24.84 -1.55 -42.86
C SER J 300 24.24 -2.42 -41.76
N THR J 301 25.06 -3.28 -41.15
CA THR J 301 24.56 -4.16 -40.08
C THR J 301 24.99 -3.65 -38.71
N GLN J 302 25.52 -2.43 -38.70
CA GLN J 302 25.99 -1.78 -37.48
C GLN J 302 24.79 -1.28 -36.67
N ASP J 303 24.77 -1.52 -35.37
CA ASP J 303 23.65 -1.02 -34.56
C ASP J 303 24.05 0.35 -34.04
N ARG J 304 23.50 1.40 -34.65
CA ARG J 304 23.84 2.76 -34.30
C ARG J 304 23.41 3.20 -32.90
N LEU J 305 22.53 2.43 -32.27
CA LEU J 305 22.03 2.77 -30.95
C LEU J 305 22.84 2.11 -29.84
N VAL J 306 22.94 0.78 -29.87
CA VAL J 306 23.65 0.06 -28.82
C VAL J 306 25.09 -0.31 -29.18
N GLY J 307 25.44 -0.20 -30.45
CA GLY J 307 26.77 -0.56 -30.87
C GLY J 307 26.84 -2.01 -31.33
N GLY J 308 28.02 -2.45 -31.75
CA GLY J 308 28.18 -3.81 -32.23
C GLY J 308 27.58 -3.98 -33.61
N PHE J 309 27.71 -5.19 -34.17
CA PHE J 309 27.16 -5.50 -35.50
C PHE J 309 26.24 -6.72 -35.40
N ALA J 310 25.35 -6.87 -36.38
CA ALA J 310 24.42 -7.99 -36.43
C ALA J 310 24.75 -8.77 -37.71
N LYS J 311 24.07 -9.90 -37.94
CA LYS J 311 24.35 -10.67 -39.14
C LYS J 311 23.78 -9.96 -40.37
N TRP J 312 22.61 -9.35 -40.20
CA TRP J 312 21.96 -8.63 -41.29
C TRP J 312 21.57 -7.24 -40.81
N PRO J 313 21.30 -6.31 -41.73
CA PRO J 313 20.91 -4.97 -41.29
C PRO J 313 19.59 -5.01 -40.52
N ASP J 314 19.46 -4.13 -39.53
CA ASP J 314 18.25 -4.03 -38.71
C ASP J 314 17.96 -5.35 -38.02
N SER J 315 19.02 -5.95 -37.47
CA SER J 315 18.93 -7.22 -36.79
C SER J 315 19.64 -7.01 -35.44
N HIS J 316 19.34 -7.82 -34.43
CA HIS J 316 19.99 -7.61 -33.13
C HIS J 316 21.46 -7.99 -33.11
N PRO J 317 22.32 -7.10 -32.60
CA PRO J 317 23.77 -7.31 -32.52
C PRO J 317 24.19 -8.24 -31.39
N ASP J 318 25.32 -8.89 -31.58
CA ASP J 318 25.87 -9.80 -30.58
C ASP J 318 27.40 -9.74 -30.62
N ALA J 319 28.05 -10.25 -29.58
CA ALA J 319 29.50 -10.22 -29.49
C ALA J 319 30.18 -10.84 -30.72
N LEU J 320 29.70 -12.01 -31.16
CA LEU J 320 30.31 -12.68 -32.31
C LEU J 320 30.33 -11.83 -33.57
N HIS J 321 29.19 -11.27 -33.96
CA HIS J 321 29.17 -10.46 -35.17
C HIS J 321 29.89 -9.12 -35.00
N ALA J 322 29.87 -8.59 -33.78
CA ALA J 322 30.54 -7.34 -33.52
C ALA J 322 32.04 -7.56 -33.74
N TYR J 323 32.57 -8.63 -33.16
CA TYR J 323 33.99 -8.92 -33.31
C TYR J 323 34.39 -9.26 -34.74
N PHE J 324 33.66 -10.16 -35.39
CA PHE J 324 34.02 -10.53 -36.76
C PHE J 324 33.72 -9.44 -37.77
N GLY J 325 32.73 -8.59 -37.49
CA GLY J 325 32.46 -7.51 -38.41
C GLY J 325 33.64 -6.54 -38.37
N ILE J 326 34.17 -6.34 -37.16
CA ILE J 326 35.30 -5.45 -37.00
C ILE J 326 36.53 -6.06 -37.64
N CYS J 327 36.75 -7.36 -37.44
CA CYS J 327 37.90 -8.02 -38.06
C CYS J 327 37.76 -7.98 -39.59
N GLY J 328 36.52 -8.03 -40.06
CA GLY J 328 36.25 -7.98 -41.48
C GLY J 328 36.68 -6.63 -42.02
N LEU J 329 36.36 -5.58 -41.27
CA LEU J 329 36.72 -4.22 -41.64
C LEU J 329 38.24 -4.08 -41.62
N SER J 330 38.87 -4.67 -40.63
CA SER J 330 40.31 -4.62 -40.49
C SER J 330 41.05 -5.17 -41.70
N LEU J 331 40.45 -6.17 -42.35
CA LEU J 331 41.07 -6.79 -43.51
C LEU J 331 41.26 -5.82 -44.67
N MET J 332 40.41 -4.80 -44.74
CA MET J 332 40.50 -3.82 -45.81
C MET J 332 41.15 -2.57 -45.26
N GLU J 333 41.78 -2.72 -44.11
CA GLU J 333 42.43 -1.60 -43.42
C GLU J 333 41.49 -0.42 -43.23
N GLU J 334 40.62 -0.55 -42.25
CA GLU J 334 39.65 0.47 -41.93
C GLU J 334 40.36 1.43 -41.04
N SER J 335 40.08 2.71 -41.22
CA SER J 335 40.70 3.73 -40.42
C SER J 335 40.27 3.59 -38.95
N GLY J 336 41.23 3.31 -38.08
CA GLY J 336 40.94 3.18 -36.66
C GLY J 336 40.91 1.78 -36.09
N ILE J 337 41.24 0.78 -36.90
CA ILE J 337 41.24 -0.61 -36.44
C ILE J 337 42.56 -1.30 -36.78
N CYS J 338 43.23 -1.87 -35.78
CA CYS J 338 44.50 -2.55 -36.00
C CYS J 338 44.40 -3.64 -37.05
N LYS J 339 45.54 -4.00 -37.63
CA LYS J 339 45.61 -5.05 -38.64
C LYS J 339 45.44 -6.37 -37.89
N VAL J 340 44.68 -7.29 -38.46
CA VAL J 340 44.48 -8.58 -37.80
C VAL J 340 45.28 -9.69 -38.44
N HIS J 341 45.78 -10.59 -37.60
CA HIS J 341 46.52 -11.75 -38.07
C HIS J 341 45.46 -12.76 -38.52
N PRO J 342 45.18 -12.84 -39.83
CA PRO J 342 44.18 -13.74 -40.41
C PRO J 342 44.16 -15.22 -40.01
N ALA J 343 45.30 -15.79 -39.68
CA ALA J 343 45.30 -17.20 -39.33
C ALA J 343 45.11 -17.45 -37.84
N LEU J 344 45.60 -16.54 -37.00
CA LEU J 344 45.49 -16.71 -35.56
C LEU J 344 44.27 -15.98 -34.98
N ASN J 345 43.69 -15.07 -35.76
CA ASN J 345 42.51 -14.33 -35.34
C ASN J 345 42.74 -13.45 -34.12
N VAL J 346 43.82 -12.67 -34.16
CA VAL J 346 44.18 -11.74 -33.09
C VAL J 346 44.85 -10.57 -33.78
N SER J 347 44.98 -9.43 -33.10
CA SER J 347 45.61 -8.26 -33.71
C SER J 347 47.08 -8.55 -33.96
N THR J 348 47.67 -7.92 -34.98
CA THR J 348 49.08 -8.13 -35.29
C THR J 348 49.92 -7.72 -34.08
N ARG J 349 49.40 -6.76 -33.32
CA ARG J 349 50.08 -6.31 -32.12
C ARG J 349 50.25 -7.49 -31.16
N THR J 350 49.18 -8.28 -31.02
CA THR J 350 49.19 -9.43 -30.14
C THR J 350 50.03 -10.58 -30.70
N SER J 351 49.97 -10.80 -32.02
CA SER J 351 50.74 -11.88 -32.61
C SER J 351 52.22 -11.57 -32.42
N GLU J 352 52.59 -10.32 -32.65
CA GLU J 352 53.98 -9.89 -32.49
C GLU J 352 54.40 -10.03 -31.04
N ARG J 353 53.52 -9.63 -30.14
CA ARG J 353 53.78 -9.73 -28.72
C ARG J 353 54.01 -11.22 -28.38
N LEU J 354 53.34 -12.10 -29.12
CA LEU J 354 53.46 -13.54 -28.93
C LEU J 354 54.80 -14.04 -29.46
N ARG J 355 55.29 -13.41 -30.53
CA ARG J 355 56.58 -13.79 -31.11
C ARG J 355 57.66 -13.56 -30.05
N ASP J 356 57.66 -12.36 -29.46
CA ASP J 356 58.63 -12.03 -28.42
C ASP J 356 58.54 -13.04 -27.31
N LEU J 357 57.32 -13.33 -26.89
CA LEU J 357 57.07 -14.29 -25.82
C LEU J 357 57.67 -15.65 -26.16
N HIS J 358 57.73 -15.98 -27.44
CA HIS J 358 58.30 -17.23 -27.88
C HIS J 358 59.81 -17.16 -27.82
N GLN J 359 60.35 -16.04 -28.31
CA GLN J 359 61.80 -15.80 -28.28
C GLN J 359 62.36 -16.08 -26.90
N SER J 360 61.97 -15.23 -25.95
CA SER J 360 62.44 -15.38 -24.58
C SER J 360 62.40 -16.84 -24.17
N TRP J 361 61.34 -17.54 -24.58
CA TRP J 361 61.19 -18.94 -24.25
C TRP J 361 62.40 -19.78 -24.71
N LYS J 362 62.96 -19.41 -25.85
CA LYS J 362 64.11 -20.11 -26.42
C LYS J 362 65.41 -19.83 -25.66
N THR J 363 65.52 -20.44 -24.47
CA THR J 363 66.70 -20.29 -23.62
C THR J 363 66.85 -21.51 -22.71
N PHE K 55 -26.99 42.81 71.14
CA PHE K 55 -26.78 43.05 72.61
C PHE K 55 -26.71 41.80 73.50
N LEU K 56 -27.85 41.37 74.04
CA LEU K 56 -27.90 40.22 74.94
C LEU K 56 -27.91 38.86 74.26
N SER K 57 -26.73 38.24 74.18
CA SER K 57 -26.56 36.94 73.54
C SER K 57 -27.51 35.85 74.01
N LEU K 58 -27.96 35.02 73.08
CA LEU K 58 -28.87 33.93 73.39
C LEU K 58 -28.21 32.87 74.29
N ASP K 59 -26.88 32.87 74.30
CA ASP K 59 -26.13 31.90 75.10
C ASP K 59 -25.53 32.53 76.34
N SER K 60 -25.81 33.82 76.53
CA SER K 60 -25.30 34.56 77.69
C SER K 60 -25.76 33.99 79.03
N PRO K 61 -24.87 33.99 80.05
CA PRO K 61 -25.25 33.45 81.35
C PRO K 61 -26.40 34.25 81.94
N THR K 62 -26.49 35.52 81.57
CA THR K 62 -27.56 36.36 82.09
C THR K 62 -28.67 36.58 81.10
N TYR K 63 -28.79 35.71 80.10
CA TYR K 63 -29.86 35.89 79.12
C TYR K 63 -31.21 35.88 79.83
N VAL K 64 -32.17 36.62 79.30
CA VAL K 64 -33.48 36.67 79.90
C VAL K 64 -34.57 36.54 78.84
N LEU K 65 -35.53 35.66 79.10
CA LEU K 65 -36.61 35.47 78.14
C LEU K 65 -37.26 36.82 77.90
N TYR K 66 -37.89 36.96 76.74
CA TYR K 66 -38.54 38.22 76.41
C TYR K 66 -39.76 38.41 77.30
N ARG K 67 -40.39 37.30 77.68
CA ARG K 67 -41.57 37.40 78.53
C ARG K 67 -41.21 38.00 79.89
N ASP K 68 -39.95 37.86 80.31
CA ASP K 68 -39.51 38.39 81.59
C ASP K 68 -38.73 39.70 81.46
N ARG K 69 -38.82 40.35 80.30
CA ARG K 69 -38.11 41.60 80.11
C ARG K 69 -39.07 42.76 80.28
N ALA K 70 -38.67 43.72 81.10
CA ALA K 70 -39.47 44.90 81.38
C ALA K 70 -39.82 45.72 80.13
N GLU K 71 -38.83 45.97 79.27
CA GLU K 71 -39.06 46.74 78.04
C GLU K 71 -40.09 46.12 77.11
N TRP K 72 -40.41 44.84 77.31
CA TRP K 72 -41.38 44.18 76.46
C TRP K 72 -42.70 43.90 77.16
N ALA K 73 -42.79 44.31 78.41
CA ALA K 73 -44.00 44.10 79.21
C ALA K 73 -45.30 44.56 78.57
N ASP K 74 -45.23 45.59 77.73
CA ASP K 74 -46.43 46.14 77.09
C ASP K 74 -46.91 45.35 75.88
N ILE K 75 -46.18 44.30 75.50
CA ILE K 75 -46.54 43.50 74.34
C ILE K 75 -47.10 42.14 74.72
N ASP K 76 -48.18 41.73 74.06
CA ASP K 76 -48.75 40.42 74.31
C ASP K 76 -48.24 39.47 73.23
N PRO K 77 -47.43 38.47 73.63
CA PRO K 77 -46.89 37.53 72.66
C PRO K 77 -47.98 36.79 71.88
N VAL K 78 -47.69 36.48 70.62
CA VAL K 78 -48.63 35.76 69.76
C VAL K 78 -48.07 34.35 69.50
N PRO K 79 -48.82 33.32 69.92
CA PRO K 79 -48.38 31.93 69.72
C PRO K 79 -48.76 31.42 68.34
N GLN K 80 -48.16 30.29 67.97
CA GLN K 80 -48.43 29.65 66.69
C GLN K 80 -49.33 28.45 66.99
N ASN K 81 -50.38 28.28 66.19
CA ASN K 81 -51.28 27.14 66.42
C ASN K 81 -51.58 26.38 65.12
N ASP K 82 -51.23 25.10 65.14
CA ASP K 82 -51.42 24.21 64.01
C ASP K 82 -52.78 23.49 64.05
N GLY K 83 -53.69 24.00 64.87
CA GLY K 83 -55.00 23.36 64.97
C GLY K 83 -55.00 22.05 65.72
N PRO K 84 -56.16 21.38 65.77
CA PRO K 84 -56.36 20.10 66.46
C PRO K 84 -55.33 19.02 66.16
N SER K 85 -55.06 18.78 64.88
CA SER K 85 -54.10 17.74 64.49
C SER K 85 -53.00 18.33 63.61
N PRO K 86 -51.84 18.64 64.20
CA PRO K 86 -50.71 19.22 63.47
C PRO K 86 -49.94 18.24 62.59
N VAL K 87 -49.49 18.72 61.43
CA VAL K 87 -48.74 17.91 60.47
C VAL K 87 -47.29 18.42 60.41
N VAL K 88 -46.32 17.50 60.27
CA VAL K 88 -44.89 17.83 60.24
C VAL K 88 -44.58 18.96 61.21
N GLN K 89 -45.00 18.74 62.45
CA GLN K 89 -44.77 19.74 63.48
C GLN K 89 -43.42 19.66 64.12
N ILE K 90 -42.74 20.80 64.13
CA ILE K 90 -41.41 20.89 64.71
C ILE K 90 -41.51 21.30 66.18
N ILE K 91 -40.83 20.57 67.05
CA ILE K 91 -40.86 20.90 68.48
C ILE K 91 -39.79 21.96 68.78
N TYR K 92 -40.20 23.00 69.49
CA TYR K 92 -39.29 24.09 69.81
C TYR K 92 -39.00 24.21 71.30
N SER K 93 -37.77 24.59 71.61
CA SER K 93 -37.34 24.77 72.99
C SER K 93 -37.99 26.02 73.55
N GLU K 94 -37.98 26.15 74.87
CA GLU K 94 -38.55 27.29 75.55
C GLU K 94 -38.03 28.60 74.99
N LYS K 95 -36.71 28.67 74.87
CA LYS K 95 -36.05 29.84 74.37
C LYS K 95 -36.44 30.18 72.93
N PHE K 96 -36.45 29.18 72.06
CA PHE K 96 -36.79 29.36 70.65
C PHE K 96 -38.22 29.89 70.52
N ARG K 97 -39.17 29.19 71.16
CA ARG K 97 -40.56 29.59 71.10
C ARG K 97 -40.77 30.99 71.65
N ASP K 98 -40.00 31.34 72.67
CA ASP K 98 -40.11 32.67 73.28
C ASP K 98 -39.74 33.77 72.27
N VAL K 99 -38.58 33.65 71.62
CA VAL K 99 -38.17 34.64 70.65
C VAL K 99 -39.22 34.80 69.56
N TYR K 100 -39.70 33.69 69.00
CA TYR K 100 -40.67 33.80 67.94
C TYR K 100 -42.06 34.23 68.36
N ASP K 101 -42.44 33.98 69.61
CA ASP K 101 -43.77 34.39 70.04
C ASP K 101 -43.81 35.91 70.08
N TYR K 102 -42.66 36.53 70.36
CA TYR K 102 -42.61 37.99 70.39
C TYR K 102 -42.41 38.53 68.98
N PHE K 103 -41.71 37.78 68.14
CA PHE K 103 -41.53 38.20 66.77
C PHE K 103 -42.91 38.29 66.11
N ARG K 104 -43.74 37.28 66.31
CA ARG K 104 -45.08 37.31 65.72
C ARG K 104 -45.84 38.53 66.19
N ALA K 105 -45.72 38.83 67.48
CA ALA K 105 -46.39 39.98 68.07
C ALA K 105 -45.98 41.28 67.37
N VAL K 106 -44.67 41.51 67.29
CA VAL K 106 -44.15 42.71 66.63
C VAL K 106 -44.54 42.78 65.14
N LEU K 107 -44.53 41.64 64.46
CA LEU K 107 -44.90 41.61 63.04
C LEU K 107 -46.35 41.99 62.85
N GLN K 108 -47.22 41.32 63.60
CA GLN K 108 -48.64 41.54 63.53
C GLN K 108 -49.01 43.01 63.69
N ARG K 109 -48.18 43.74 64.41
CA ARG K 109 -48.45 45.15 64.65
C ARG K 109 -47.57 46.05 63.80
N ASP K 110 -46.77 45.45 62.92
CA ASP K 110 -45.89 46.19 62.05
C ASP K 110 -45.15 47.27 62.84
N GLU K 111 -44.69 46.92 64.04
CA GLU K 111 -43.97 47.86 64.88
C GLU K 111 -42.58 48.17 64.36
N ARG K 112 -42.37 49.38 63.84
CA ARG K 112 -41.07 49.77 63.33
C ARG K 112 -40.17 50.32 64.44
N SER K 113 -39.88 49.51 65.44
CA SER K 113 -39.07 49.97 66.56
C SER K 113 -37.65 49.43 66.59
N GLU K 114 -36.83 50.04 67.45
CA GLU K 114 -35.45 49.59 67.61
C GLU K 114 -35.43 48.26 68.32
N ARG K 115 -36.37 48.05 69.24
CA ARG K 115 -36.40 46.78 69.96
C ARG K 115 -36.75 45.65 69.01
N ALA K 116 -37.59 45.95 68.03
CA ALA K 116 -38.00 44.97 67.03
C ALA K 116 -36.78 44.62 66.18
N PHE K 117 -36.03 45.64 65.78
CA PHE K 117 -34.84 45.41 64.98
C PHE K 117 -33.90 44.45 65.70
N LYS K 118 -33.67 44.67 66.99
CA LYS K 118 -32.79 43.79 67.74
C LYS K 118 -33.39 42.39 67.87
N LEU K 119 -34.71 42.31 67.93
CA LEU K 119 -35.38 41.03 68.04
C LEU K 119 -35.14 40.17 66.79
N THR K 120 -35.06 40.81 65.61
CA THR K 120 -34.84 40.07 64.38
C THR K 120 -33.49 39.39 64.39
N ARG K 121 -32.50 40.01 65.01
CA ARG K 121 -31.16 39.42 65.05
C ARG K 121 -31.24 38.06 65.74
N ASP K 122 -32.08 37.97 66.77
CA ASP K 122 -32.24 36.72 67.50
C ASP K 122 -33.03 35.70 66.70
N ALA K 123 -34.07 36.17 66.03
CA ALA K 123 -34.90 35.30 65.20
C ALA K 123 -34.04 34.71 64.09
N ILE K 124 -33.16 35.53 63.53
CA ILE K 124 -32.30 35.08 62.46
C ILE K 124 -31.29 34.08 62.97
N GLU K 125 -30.81 34.27 64.19
CA GLU K 125 -29.82 33.34 64.74
C GLU K 125 -30.47 31.98 64.94
N LEU K 126 -31.73 31.97 65.36
CA LEU K 126 -32.47 30.72 65.56
C LEU K 126 -32.85 30.05 64.24
N ASN K 127 -33.09 30.84 63.21
CA ASN K 127 -33.48 30.29 61.90
C ASN K 127 -33.32 31.29 60.76
N ALA K 128 -32.17 31.27 60.10
CA ALA K 128 -31.87 32.20 59.01
C ALA K 128 -32.62 31.89 57.73
N ALA K 129 -33.44 30.85 57.73
CA ALA K 129 -34.17 30.48 56.53
C ALA K 129 -35.58 31.06 56.50
N ASN K 130 -35.93 31.81 57.54
CA ASN K 130 -37.26 32.42 57.60
C ASN K 130 -37.24 33.70 56.76
N TYR K 131 -37.67 33.59 55.52
CA TYR K 131 -37.68 34.74 54.62
C TYR K 131 -38.47 35.93 55.13
N THR K 132 -39.53 35.69 55.90
CA THR K 132 -40.33 36.79 56.42
C THR K 132 -39.53 37.64 57.40
N VAL K 133 -38.73 36.99 58.22
CA VAL K 133 -37.91 37.73 59.17
C VAL K 133 -36.96 38.68 58.45
N TRP K 134 -36.30 38.20 57.40
CA TRP K 134 -35.38 39.02 56.63
C TRP K 134 -36.09 40.20 55.97
N HIS K 135 -37.30 39.97 55.48
CA HIS K 135 -38.05 41.04 54.84
C HIS K 135 -38.34 42.14 55.86
N PHE K 136 -38.88 41.74 57.01
CA PHE K 136 -39.20 42.68 58.05
C PHE K 136 -37.94 43.43 58.47
N ARG K 137 -36.84 42.72 58.59
CA ARG K 137 -35.59 43.36 58.97
C ARG K 137 -35.22 44.45 57.96
N ARG K 138 -35.49 44.19 56.67
CA ARG K 138 -35.20 45.18 55.64
C ARG K 138 -36.13 46.38 55.80
N VAL K 139 -37.40 46.11 56.11
CA VAL K 139 -38.36 47.18 56.34
C VAL K 139 -37.81 48.08 57.44
N LEU K 140 -37.37 47.45 58.53
CA LEU K 140 -36.83 48.19 59.66
C LEU K 140 -35.54 48.94 59.30
N LEU K 141 -34.67 48.31 58.51
CA LEU K 141 -33.43 48.97 58.12
C LEU K 141 -33.75 50.32 57.48
N ARG K 142 -34.83 50.36 56.70
CA ARG K 142 -35.24 51.57 56.02
C ARG K 142 -35.89 52.54 57.02
N SER K 143 -36.93 52.09 57.71
CA SER K 143 -37.61 52.93 58.70
C SER K 143 -36.65 53.61 59.67
N LEU K 144 -35.84 52.82 60.36
CA LEU K 144 -34.90 53.36 61.33
C LEU K 144 -33.66 53.96 60.68
N GLN K 145 -33.62 53.96 59.35
CA GLN K 145 -32.47 54.51 58.63
C GLN K 145 -31.16 54.03 59.25
N LYS K 146 -30.99 52.71 59.37
CA LYS K 146 -29.80 52.14 59.98
C LYS K 146 -28.58 52.24 59.05
N ASP K 147 -27.39 52.17 59.64
CA ASP K 147 -26.17 52.25 58.86
C ASP K 147 -26.02 50.99 58.01
N LEU K 148 -26.20 51.13 56.70
CA LEU K 148 -26.10 49.98 55.81
C LEU K 148 -24.71 49.37 55.72
N GLN K 149 -23.67 50.17 55.93
CA GLN K 149 -22.32 49.62 55.87
C GLN K 149 -22.13 48.61 56.98
N GLU K 150 -22.84 48.82 58.08
CA GLU K 150 -22.77 47.92 59.21
C GLU K 150 -23.51 46.63 58.90
N GLU K 151 -24.67 46.77 58.26
CA GLU K 151 -25.47 45.61 57.88
C GLU K 151 -24.66 44.73 56.91
N MET K 152 -23.81 45.35 56.09
CA MET K 152 -22.98 44.58 55.18
C MET K 152 -22.04 43.68 55.98
N ASN K 153 -21.53 44.19 57.10
CA ASN K 153 -20.62 43.36 57.90
C ASN K 153 -21.40 42.20 58.47
N TYR K 154 -22.61 42.49 58.93
CA TYR K 154 -23.48 41.48 59.51
C TYR K 154 -23.74 40.34 58.52
N ILE K 155 -24.31 40.69 57.37
CA ILE K 155 -24.62 39.70 56.35
C ILE K 155 -23.37 38.98 55.85
N ILE K 156 -22.24 39.66 55.85
CA ILE K 156 -21.02 39.01 55.39
C ILE K 156 -20.68 37.84 56.31
N ALA K 157 -20.91 38.01 57.61
CA ALA K 157 -20.63 36.96 58.58
C ALA K 157 -21.67 35.84 58.48
N ILE K 158 -22.94 36.21 58.40
CA ILE K 158 -24.01 35.24 58.30
C ILE K 158 -23.80 34.31 57.09
N ILE K 159 -23.49 34.89 55.94
CA ILE K 159 -23.30 34.09 54.74
C ILE K 159 -22.14 33.12 54.88
N GLU K 160 -21.08 33.54 55.55
CA GLU K 160 -19.93 32.65 55.71
C GLU K 160 -20.30 31.40 56.48
N GLU K 161 -21.23 31.51 57.40
CA GLU K 161 -21.67 30.36 58.19
C GLU K 161 -22.77 29.57 57.51
N GLN K 162 -23.43 30.17 56.52
CA GLN K 162 -24.53 29.51 55.82
C GLN K 162 -24.53 29.88 54.35
N PRO K 163 -23.47 29.49 53.64
CA PRO K 163 -23.31 29.79 52.22
C PRO K 163 -24.28 29.16 51.22
N LYS K 164 -25.12 28.25 51.66
CA LYS K 164 -26.07 27.61 50.74
C LYS K 164 -27.51 28.04 51.03
N ASN K 165 -27.67 29.09 51.83
CA ASN K 165 -28.98 29.63 52.20
C ASN K 165 -29.45 30.69 51.20
N TYR K 166 -30.63 30.50 50.62
CA TYR K 166 -31.16 31.45 49.65
C TYR K 166 -31.45 32.84 50.19
N GLN K 167 -32.05 32.91 51.38
CA GLN K 167 -32.40 34.20 51.97
C GLN K 167 -31.21 35.13 52.25
N VAL K 168 -30.09 34.58 52.70
CA VAL K 168 -28.95 35.43 52.99
C VAL K 168 -28.31 36.05 51.76
N TRP K 169 -28.32 35.32 50.63
CA TRP K 169 -27.74 35.87 49.42
C TRP K 169 -28.66 36.93 48.83
N HIS K 170 -29.96 36.71 48.97
CA HIS K 170 -30.91 37.67 48.47
C HIS K 170 -30.78 38.98 49.25
N HIS K 171 -30.65 38.87 50.56
CA HIS K 171 -30.50 40.03 51.44
C HIS K 171 -29.26 40.84 51.03
N ARG K 172 -28.13 40.16 50.84
CA ARG K 172 -26.91 40.86 50.47
C ARG K 172 -27.08 41.58 49.14
N ARG K 173 -27.79 40.97 48.20
CA ARG K 173 -28.00 41.60 46.91
C ARG K 173 -28.82 42.89 47.02
N VAL K 174 -29.85 42.86 47.86
CA VAL K 174 -30.67 44.04 48.07
C VAL K 174 -29.82 45.17 48.64
N LEU K 175 -28.94 44.83 49.58
CA LEU K 175 -28.08 45.83 50.20
C LEU K 175 -27.17 46.48 49.17
N VAL K 176 -26.51 45.67 48.35
CA VAL K 176 -25.62 46.20 47.33
C VAL K 176 -26.38 47.11 46.37
N GLU K 177 -27.62 46.75 46.03
CA GLU K 177 -28.43 47.59 45.16
C GLU K 177 -28.67 48.94 45.87
N TRP K 178 -29.06 48.89 47.14
CA TRP K 178 -29.29 50.11 47.92
C TRP K 178 -28.06 51.00 47.96
N LEU K 179 -26.92 50.42 48.31
CA LEU K 179 -25.70 51.19 48.40
C LEU K 179 -25.09 51.54 47.05
N LYS K 180 -25.53 50.87 45.99
CA LYS K 180 -24.96 51.07 44.66
C LYS K 180 -23.44 51.01 44.82
N ASP K 181 -22.98 50.14 45.72
CA ASP K 181 -21.55 49.98 46.00
C ASP K 181 -21.10 48.52 45.88
N PRO K 182 -20.36 48.20 44.80
CA PRO K 182 -19.93 46.81 44.65
C PRO K 182 -18.47 46.62 45.04
N SER K 183 -17.88 47.67 45.59
CA SER K 183 -16.46 47.65 45.94
C SER K 183 -15.92 46.44 46.67
N GLN K 184 -16.74 45.79 47.50
CA GLN K 184 -16.25 44.63 48.24
C GLN K 184 -16.80 43.28 47.79
N GLU K 185 -17.64 43.27 46.76
CA GLU K 185 -18.24 42.04 46.28
C GLU K 185 -17.31 40.98 45.69
N LEU K 186 -16.50 41.33 44.70
CA LEU K 186 -15.62 40.33 44.10
C LEU K 186 -14.71 39.63 45.11
N GLU K 187 -14.19 40.38 46.08
CA GLU K 187 -13.31 39.79 47.06
C GLU K 187 -14.07 38.88 48.02
N PHE K 188 -15.25 39.31 48.44
CA PHE K 188 -16.07 38.52 49.33
C PHE K 188 -16.40 37.18 48.67
N ILE K 189 -16.91 37.25 47.44
CA ILE K 189 -17.26 36.06 46.71
C ILE K 189 -16.07 35.14 46.53
N ALA K 190 -14.91 35.71 46.23
CA ALA K 190 -13.72 34.90 46.05
C ALA K 190 -13.43 34.10 47.32
N ASP K 191 -13.71 34.70 48.47
CA ASP K 191 -13.47 34.01 49.74
C ASP K 191 -14.43 32.84 49.92
N ILE K 192 -15.68 33.03 49.58
CA ILE K 192 -16.68 31.97 49.70
C ILE K 192 -16.30 30.87 48.70
N LEU K 193 -15.94 31.26 47.48
CA LEU K 193 -15.58 30.29 46.45
C LEU K 193 -14.32 29.55 46.85
N ASN K 194 -13.68 30.05 47.89
CA ASN K 194 -12.48 29.40 48.34
C ASN K 194 -12.79 28.23 49.26
N GLN K 195 -13.95 28.26 49.91
CA GLN K 195 -14.34 27.16 50.78
C GLN K 195 -15.15 26.18 49.93
N ASP K 196 -15.70 26.67 48.82
CA ASP K 196 -16.48 25.82 47.91
C ASP K 196 -16.49 26.43 46.51
N ALA K 197 -15.55 26.00 45.68
CA ALA K 197 -15.41 26.52 44.33
C ALA K 197 -16.57 26.26 43.38
N LYS K 198 -17.59 25.54 43.84
CA LYS K 198 -18.72 25.28 42.96
C LYS K 198 -20.04 25.75 43.53
N ASN K 199 -19.99 26.58 44.56
CA ASN K 199 -21.20 27.11 45.18
C ASN K 199 -22.01 27.89 44.15
N TYR K 200 -23.15 27.33 43.76
CA TYR K 200 -23.99 27.98 42.77
C TYR K 200 -24.41 29.39 43.17
N HIS K 201 -24.77 29.57 44.45
CA HIS K 201 -25.21 30.89 44.94
C HIS K 201 -24.12 31.93 44.73
N ALA K 202 -22.89 31.56 45.05
CA ALA K 202 -21.76 32.46 44.92
C ALA K 202 -21.51 32.87 43.47
N TRP K 203 -21.54 31.89 42.56
CA TRP K 203 -21.32 32.21 41.15
C TRP K 203 -22.46 33.06 40.61
N GLN K 204 -23.67 32.80 41.08
CA GLN K 204 -24.83 33.57 40.61
C GLN K 204 -24.67 35.03 41.04
N HIS K 205 -24.33 35.24 42.30
CA HIS K 205 -24.15 36.58 42.82
C HIS K 205 -23.00 37.27 42.10
N ARG K 206 -21.93 36.52 41.85
CA ARG K 206 -20.77 37.07 41.17
C ARG K 206 -21.12 37.59 39.78
N GLN K 207 -21.93 36.82 39.04
CA GLN K 207 -22.32 37.25 37.71
C GLN K 207 -23.22 38.48 37.78
N TRP K 208 -24.11 38.51 38.78
CA TRP K 208 -24.99 39.66 38.93
C TRP K 208 -24.18 40.94 39.15
N VAL K 209 -23.25 40.88 40.08
CA VAL K 209 -22.43 42.04 40.36
C VAL K 209 -21.68 42.50 39.12
N ILE K 210 -20.91 41.58 38.52
CA ILE K 210 -20.14 41.92 37.33
C ILE K 210 -20.98 42.57 36.24
N GLN K 211 -22.18 42.06 36.01
CA GLN K 211 -23.01 42.63 34.97
C GLN K 211 -23.61 43.98 35.38
N GLU K 212 -24.22 44.03 36.55
CA GLU K 212 -24.87 45.23 37.06
C GLU K 212 -23.94 46.44 37.18
N PHE K 213 -22.69 46.23 37.59
CA PHE K 213 -21.77 47.32 37.74
C PHE K 213 -20.64 47.30 36.72
N ARG K 214 -20.80 46.47 35.67
CA ARG K 214 -19.81 46.36 34.61
C ARG K 214 -18.38 46.22 35.13
N LEU K 215 -18.08 45.11 35.80
CA LEU K 215 -16.75 44.86 36.34
C LEU K 215 -16.09 43.68 35.64
N TRP K 216 -15.94 43.77 34.32
CA TRP K 216 -15.36 42.67 33.54
C TRP K 216 -13.83 42.67 33.49
N ASP K 217 -13.23 43.83 33.65
CA ASP K 217 -11.79 43.97 33.58
C ASP K 217 -10.87 42.86 34.08
N ASN K 218 -11.22 42.22 35.19
CA ASN K 218 -10.32 41.19 35.71
C ASN K 218 -10.87 39.80 35.85
N GLU K 219 -12.10 39.57 35.39
CA GLU K 219 -12.69 38.27 35.54
C GLU K 219 -12.00 37.17 34.71
N LEU K 220 -11.65 37.45 33.47
CA LEU K 220 -11.00 36.43 32.66
C LEU K 220 -9.70 35.97 33.31
N GLN K 221 -9.07 36.85 34.05
CA GLN K 221 -7.84 36.53 34.73
C GLN K 221 -8.16 35.65 35.95
N TYR K 222 -9.27 35.96 36.61
CA TYR K 222 -9.72 35.20 37.78
C TYR K 222 -10.02 33.79 37.33
N VAL K 223 -10.70 33.69 36.20
CA VAL K 223 -11.07 32.42 35.61
C VAL K 223 -9.82 31.61 35.31
N ASP K 224 -8.83 32.22 34.66
CA ASP K 224 -7.59 31.51 34.34
C ASP K 224 -6.91 30.98 35.57
N GLN K 225 -7.01 31.71 36.67
CA GLN K 225 -6.39 31.30 37.91
C GLN K 225 -7.08 30.07 38.51
N LEU K 226 -8.41 30.09 38.51
CA LEU K 226 -9.15 28.97 39.07
C LEU K 226 -9.07 27.71 38.21
N LEU K 227 -8.94 27.88 36.90
CA LEU K 227 -8.82 26.72 36.02
C LEU K 227 -7.47 26.04 36.25
N LYS K 228 -6.50 26.78 36.78
CA LYS K 228 -5.21 26.21 37.08
C LYS K 228 -5.34 25.41 38.37
N GLU K 229 -6.12 25.92 39.32
CA GLU K 229 -6.32 25.23 40.59
C GLU K 229 -7.09 23.92 40.44
N ASP K 230 -7.96 23.86 39.43
CA ASP K 230 -8.77 22.69 39.17
C ASP K 230 -9.44 22.79 37.81
N VAL K 231 -8.76 22.29 36.79
CA VAL K 231 -9.27 22.36 35.42
C VAL K 231 -10.59 21.61 35.21
N ARG K 232 -11.03 20.86 36.22
CA ARG K 232 -12.28 20.13 36.09
C ARG K 232 -13.49 20.88 36.67
N ASN K 233 -13.28 22.06 37.24
CA ASN K 233 -14.39 22.82 37.80
C ASN K 233 -15.32 23.36 36.70
N ASN K 234 -16.43 22.67 36.49
CA ASN K 234 -17.41 23.06 35.46
C ASN K 234 -17.92 24.49 35.62
N SER K 235 -17.96 24.96 36.86
CA SER K 235 -18.45 26.31 37.15
C SER K 235 -17.54 27.37 36.57
N VAL K 236 -16.24 27.10 36.60
CA VAL K 236 -15.26 28.06 36.11
C VAL K 236 -15.28 28.13 34.59
N TRP K 237 -15.47 26.99 33.94
CA TRP K 237 -15.55 27.02 32.49
C TRP K 237 -16.79 27.82 32.10
N ASN K 238 -17.85 27.71 32.88
CA ASN K 238 -19.05 28.46 32.56
C ASN K 238 -18.76 29.94 32.70
N GLN K 239 -18.02 30.30 33.75
CA GLN K 239 -17.69 31.69 33.99
C GLN K 239 -16.87 32.23 32.83
N ARG K 240 -15.96 31.40 32.33
CA ARG K 240 -15.11 31.83 31.22
C ARG K 240 -15.98 32.23 30.01
N HIS K 241 -16.95 31.39 29.67
CA HIS K 241 -17.80 31.70 28.53
C HIS K 241 -18.63 32.96 28.81
N PHE K 242 -19.01 33.12 30.07
CA PHE K 242 -19.80 34.27 30.51
C PHE K 242 -19.02 35.56 30.25
N VAL K 243 -17.77 35.61 30.71
CA VAL K 243 -16.93 36.77 30.53
C VAL K 243 -16.71 37.11 29.06
N ILE K 244 -16.22 36.14 28.30
CA ILE K 244 -15.94 36.36 26.89
C ILE K 244 -17.15 36.74 26.06
N SER K 245 -18.23 35.98 26.17
CA SER K 245 -19.39 36.32 25.34
C SER K 245 -20.03 37.65 25.71
N ASN K 246 -19.64 38.20 26.86
CA ASN K 246 -20.20 39.48 27.29
C ASN K 246 -19.23 40.63 27.10
N THR K 247 -18.04 40.34 26.57
CA THR K 247 -17.08 41.40 26.32
C THR K 247 -16.73 41.38 24.84
N THR K 248 -15.66 40.68 24.47
CA THR K 248 -15.26 40.62 23.08
C THR K 248 -16.22 39.83 22.19
N GLY K 249 -16.77 38.74 22.70
CA GLY K 249 -17.65 37.92 21.88
C GLY K 249 -16.75 36.90 21.21
N TYR K 250 -17.33 35.95 20.47
CA TYR K 250 -16.51 34.95 19.80
C TYR K 250 -16.42 35.12 18.29
N SER K 251 -17.03 36.18 17.76
CA SER K 251 -17.02 36.42 16.32
C SER K 251 -15.68 36.91 15.81
N ASP K 252 -14.81 37.37 16.71
CA ASP K 252 -13.50 37.82 16.28
C ASP K 252 -12.62 36.58 16.10
N ARG K 253 -12.37 36.21 14.85
CA ARG K 253 -11.56 35.03 14.56
C ARG K 253 -10.33 34.89 15.42
N ALA K 254 -9.77 36.02 15.84
CA ALA K 254 -8.57 35.98 16.67
C ALA K 254 -8.91 35.45 18.05
N VAL K 255 -10.07 35.86 18.58
CA VAL K 255 -10.50 35.42 19.89
C VAL K 255 -10.87 33.94 19.83
N LEU K 256 -11.66 33.57 18.82
CA LEU K 256 -12.08 32.19 18.65
C LEU K 256 -10.87 31.28 18.63
N GLU K 257 -9.85 31.69 17.88
CA GLU K 257 -8.64 30.89 17.78
C GLU K 257 -7.90 30.80 19.11
N ARG K 258 -7.86 31.91 19.85
CA ARG K 258 -7.17 31.90 21.13
C ARG K 258 -7.85 30.90 22.05
N GLU K 259 -9.18 30.94 22.05
CA GLU K 259 -9.98 30.07 22.89
C GLU K 259 -9.91 28.61 22.50
N VAL K 260 -10.08 28.32 21.21
CA VAL K 260 -9.99 26.93 20.78
C VAL K 260 -8.62 26.37 21.13
N GLN K 261 -7.59 27.19 20.93
CA GLN K 261 -6.23 26.77 21.23
C GLN K 261 -6.03 26.53 22.72
N TYR K 262 -6.56 27.44 23.54
CA TYR K 262 -6.44 27.34 24.99
C TYR K 262 -7.07 26.06 25.52
N THR K 263 -8.25 25.75 24.99
CA THR K 263 -8.99 24.57 25.39
C THR K 263 -8.25 23.29 25.01
N LEU K 264 -7.77 23.21 23.77
CA LEU K 264 -7.03 22.03 23.35
C LEU K 264 -5.82 21.84 24.27
N GLU K 265 -5.22 22.93 24.73
CA GLU K 265 -4.09 22.83 25.64
C GLU K 265 -4.54 22.18 26.95
N MET K 266 -5.70 22.60 27.45
CA MET K 266 -6.24 22.06 28.70
C MET K 266 -6.63 20.60 28.52
N ILE K 267 -7.19 20.29 27.35
CA ILE K 267 -7.59 18.91 27.06
C ILE K 267 -6.37 18.00 27.04
N LYS K 268 -5.25 18.49 26.50
CA LYS K 268 -4.03 17.70 26.46
C LYS K 268 -3.53 17.42 27.89
N LEU K 269 -3.74 18.35 28.81
CA LEU K 269 -3.30 18.17 30.20
C LEU K 269 -4.12 17.13 30.93
N VAL K 270 -5.44 17.17 30.72
CA VAL K 270 -6.36 16.24 31.35
C VAL K 270 -7.40 15.91 30.29
N PRO K 271 -7.12 14.94 29.42
CA PRO K 271 -8.01 14.53 28.34
C PRO K 271 -9.41 14.05 28.74
N HIS K 272 -9.54 13.51 29.94
CA HIS K 272 -10.85 13.05 30.40
C HIS K 272 -11.50 14.14 31.26
N ASN K 273 -12.01 15.17 30.61
CA ASN K 273 -12.63 16.30 31.29
C ASN K 273 -13.80 16.81 30.46
N GLU K 274 -14.99 16.37 30.81
CA GLU K 274 -16.17 16.76 30.06
C GLU K 274 -16.32 18.27 29.89
N SER K 275 -16.00 19.03 30.95
CA SER K 275 -16.15 20.50 30.91
C SER K 275 -15.37 21.14 29.78
N ALA K 276 -14.09 20.79 29.66
CA ALA K 276 -13.27 21.34 28.59
C ALA K 276 -13.86 21.00 27.23
N TRP K 277 -14.25 19.74 27.04
CA TRP K 277 -14.82 19.36 25.75
C TRP K 277 -16.14 20.07 25.46
N ASN K 278 -16.95 20.27 26.50
CA ASN K 278 -18.22 20.94 26.30
C ASN K 278 -18.03 22.38 25.87
N TYR K 279 -16.98 23.01 26.40
CA TYR K 279 -16.66 24.40 26.07
C TYR K 279 -16.21 24.44 24.62
N LEU K 280 -15.28 23.55 24.27
CA LEU K 280 -14.78 23.50 22.91
C LEU K 280 -15.92 23.34 21.93
N LYS K 281 -16.79 22.38 22.17
CA LYS K 281 -17.91 22.16 21.26
C LYS K 281 -18.89 23.33 21.32
N GLY K 282 -19.07 23.88 22.52
CA GLY K 282 -20.00 24.98 22.70
C GLY K 282 -19.71 26.20 21.86
N ILE K 283 -18.44 26.63 21.81
CA ILE K 283 -18.08 27.81 21.04
C ILE K 283 -17.96 27.59 19.53
N LEU K 284 -18.05 26.34 19.09
CA LEU K 284 -17.97 26.07 17.66
C LEU K 284 -19.24 25.49 17.04
N GLN K 285 -20.04 24.79 17.84
CA GLN K 285 -21.23 24.13 17.33
C GLN K 285 -22.17 24.99 16.48
N ASP K 286 -22.35 26.25 16.82
CA ASP K 286 -23.24 27.07 16.05
C ASP K 286 -22.63 27.67 14.79
N ARG K 287 -21.31 27.70 14.75
CA ARG K 287 -20.62 28.21 13.57
C ARG K 287 -20.62 27.08 12.53
N GLY K 288 -20.61 25.84 13.01
CA GLY K 288 -20.61 24.67 12.12
C GLY K 288 -19.32 23.88 12.29
N LEU K 289 -19.37 22.80 13.06
CA LEU K 289 -18.18 21.99 13.29
C LEU K 289 -17.48 21.53 12.02
N SER K 290 -18.23 21.30 10.96
CA SER K 290 -17.63 20.83 9.72
C SER K 290 -16.82 21.91 8.99
N ARG K 291 -17.00 23.16 9.38
CA ARG K 291 -16.27 24.26 8.74
C ARG K 291 -14.82 24.42 9.20
N TYR K 292 -14.37 23.60 10.14
CA TYR K 292 -13.01 23.71 10.64
C TYR K 292 -12.19 22.45 10.36
N PRO K 293 -11.72 22.29 9.12
CA PRO K 293 -10.92 21.15 8.65
C PRO K 293 -9.69 20.77 9.46
N ASN K 294 -8.95 21.75 9.95
CA ASN K 294 -7.76 21.41 10.71
C ASN K 294 -8.10 20.81 12.06
N LEU K 295 -9.26 21.18 12.62
CA LEU K 295 -9.69 20.66 13.92
C LEU K 295 -9.95 19.16 13.79
N LEU K 296 -10.64 18.76 12.73
CA LEU K 296 -10.92 17.36 12.50
C LEU K 296 -9.65 16.54 12.53
N ASN K 297 -8.65 16.97 11.76
CA ASN K 297 -7.38 16.27 11.72
C ASN K 297 -6.62 16.34 13.04
N GLN K 298 -6.61 17.50 13.66
CA GLN K 298 -5.91 17.66 14.93
C GLN K 298 -6.50 16.69 15.96
N LEU K 299 -7.81 16.50 15.91
CA LEU K 299 -8.49 15.58 16.84
C LEU K 299 -8.16 14.13 16.50
N LEU K 300 -8.17 13.78 15.21
CA LEU K 300 -7.86 12.42 14.80
C LEU K 300 -6.44 12.02 15.25
N ASP K 301 -5.55 13.00 15.38
CA ASP K 301 -4.18 12.74 15.82
C ASP K 301 -4.11 12.49 17.32
N LEU K 302 -5.03 13.08 18.08
CA LEU K 302 -5.05 12.90 19.53
C LEU K 302 -5.59 11.53 19.88
N GLN K 303 -6.47 11.02 19.02
CA GLN K 303 -7.12 9.73 19.23
C GLN K 303 -6.18 8.60 19.69
N PRO K 304 -5.00 8.47 19.06
CA PRO K 304 -4.06 7.41 19.44
C PRO K 304 -3.76 7.35 20.94
N SER K 305 -3.34 8.48 21.53
CA SER K 305 -3.04 8.48 22.96
C SER K 305 -4.14 9.13 23.80
N HIS K 306 -4.34 10.45 23.62
CA HIS K 306 -5.32 11.23 24.37
C HIS K 306 -6.79 10.91 24.09
N SER K 307 -7.09 9.66 23.77
CA SER K 307 -8.48 9.27 23.50
C SER K 307 -9.37 9.35 24.73
N SER K 308 -10.67 9.46 24.49
CA SER K 308 -11.67 9.52 25.55
C SER K 308 -13.02 9.48 24.85
N PRO K 309 -14.07 9.11 25.58
CA PRO K 309 -15.38 9.06 24.93
C PRO K 309 -15.82 10.45 24.45
N TYR K 310 -15.31 11.49 25.11
CA TYR K 310 -15.62 12.87 24.76
C TYR K 310 -15.06 13.20 23.39
N LEU K 311 -13.84 12.72 23.13
CA LEU K 311 -13.20 12.97 21.84
C LEU K 311 -13.95 12.24 20.74
N ILE K 312 -14.24 10.96 20.95
CA ILE K 312 -14.94 10.17 19.95
C ILE K 312 -16.30 10.81 19.61
N ALA K 313 -17.02 11.26 20.63
CA ALA K 313 -18.32 11.89 20.41
C ALA K 313 -18.18 13.20 19.63
N PHE K 314 -17.08 13.92 19.86
CA PHE K 314 -16.87 15.17 19.15
C PHE K 314 -16.75 14.84 17.65
N LEU K 315 -16.03 13.75 17.33
CA LEU K 315 -15.85 13.33 15.93
C LEU K 315 -17.20 12.97 15.30
N VAL K 316 -18.01 12.22 16.03
CA VAL K 316 -19.33 11.86 15.53
C VAL K 316 -20.12 13.12 15.17
N ASP K 317 -20.03 14.13 16.03
CA ASP K 317 -20.75 15.37 15.82
C ASP K 317 -20.18 16.13 14.61
N ILE K 318 -18.87 16.07 14.41
CA ILE K 318 -18.26 16.73 13.27
C ILE K 318 -18.82 16.03 12.01
N TYR K 319 -18.73 14.70 11.97
CA TYR K 319 -19.25 13.95 10.83
C TYR K 319 -20.74 14.24 10.63
N GLU K 320 -21.49 14.35 11.72
CA GLU K 320 -22.89 14.63 11.55
C GLU K 320 -23.09 16.00 10.92
N ASP K 321 -22.27 16.98 11.32
CA ASP K 321 -22.43 18.31 10.75
C ASP K 321 -22.15 18.23 9.25
N MET K 322 -21.16 17.42 8.86
CA MET K 322 -20.83 17.27 7.45
C MET K 322 -22.03 16.73 6.69
N LEU K 323 -22.59 15.62 7.18
CA LEU K 323 -23.76 15.02 6.57
C LEU K 323 -24.88 16.03 6.41
N GLU K 324 -25.03 16.90 7.41
CA GLU K 324 -26.07 17.92 7.42
C GLU K 324 -25.85 18.94 6.31
N ASN K 325 -24.59 19.20 6.00
CA ASN K 325 -24.24 20.16 4.97
C ASN K 325 -23.83 19.54 3.64
N GLN K 326 -24.67 18.64 3.13
CA GLN K 326 -24.41 17.98 1.84
C GLN K 326 -22.92 17.90 1.49
N CYS K 327 -22.16 17.12 2.25
CA CYS K 327 -20.73 16.99 2.01
C CYS K 327 -20.47 16.01 0.88
N ASP K 328 -19.20 15.87 0.52
CA ASP K 328 -18.81 14.94 -0.53
C ASP K 328 -18.51 13.58 0.10
N ASN K 329 -18.91 12.51 -0.59
CA ASN K 329 -18.71 11.14 -0.12
C ASN K 329 -19.63 10.88 1.07
N LYS K 330 -20.87 11.34 0.92
CA LYS K 330 -21.87 11.19 1.95
C LYS K 330 -21.88 9.83 2.63
N GLU K 331 -22.09 8.77 1.87
CA GLU K 331 -22.15 7.44 2.46
C GLU K 331 -20.86 7.05 3.19
N ASP K 332 -19.74 7.60 2.74
CA ASP K 332 -18.45 7.31 3.34
C ASP K 332 -18.32 7.93 4.75
N ILE K 333 -18.82 9.16 4.88
CA ILE K 333 -18.82 9.89 6.15
C ILE K 333 -19.78 9.22 7.11
N LEU K 334 -20.98 8.90 6.62
CA LEU K 334 -21.98 8.23 7.45
C LEU K 334 -21.42 6.96 8.07
N ASN K 335 -20.60 6.24 7.32
CA ASN K 335 -20.02 5.02 7.84
C ASN K 335 -18.98 5.31 8.90
N LYS K 336 -18.23 6.40 8.73
CA LYS K 336 -17.22 6.75 9.73
C LYS K 336 -17.94 7.07 11.04
N ALA K 337 -19.11 7.70 10.92
CA ALA K 337 -19.90 8.05 12.07
C ALA K 337 -20.40 6.78 12.76
N LEU K 338 -21.07 5.92 11.99
CA LEU K 338 -21.62 4.68 12.51
C LEU K 338 -20.53 3.82 13.14
N GLU K 339 -19.35 3.84 12.55
CA GLU K 339 -18.24 3.06 13.08
C GLU K 339 -17.93 3.54 14.50
N LEU K 340 -17.96 4.87 14.69
CA LEU K 340 -17.66 5.47 15.99
C LEU K 340 -18.77 5.23 16.98
N CYS K 341 -20.02 5.29 16.53
CA CYS K 341 -21.13 5.03 17.43
C CYS K 341 -20.98 3.63 18.02
N GLU K 342 -20.70 2.67 17.16
CA GLU K 342 -20.53 1.29 17.61
C GLU K 342 -19.33 1.14 18.56
N ILE K 343 -18.26 1.91 18.34
CA ILE K 343 -17.10 1.84 19.23
C ILE K 343 -17.49 2.37 20.60
N LEU K 344 -18.20 3.49 20.62
CA LEU K 344 -18.66 4.09 21.87
C LEU K 344 -19.54 3.09 22.62
N ALA K 345 -20.56 2.59 21.95
CA ALA K 345 -21.50 1.65 22.55
C ALA K 345 -20.88 0.34 23.04
N LYS K 346 -19.93 -0.17 22.27
CA LYS K 346 -19.28 -1.44 22.56
C LYS K 346 -18.05 -1.38 23.47
N GLU K 347 -17.29 -0.28 23.41
CA GLU K 347 -16.07 -0.19 24.21
C GLU K 347 -15.75 1.06 25.00
N LYS K 348 -15.93 2.21 24.36
CA LYS K 348 -15.56 3.47 24.97
C LYS K 348 -16.48 4.21 25.95
N ASP K 349 -17.79 4.02 25.80
CA ASP K 349 -18.76 4.70 26.66
C ASP K 349 -19.92 3.71 26.87
N THR K 350 -19.58 2.52 27.31
CA THR K 350 -20.56 1.46 27.50
C THR K 350 -21.82 1.75 28.30
N ILE K 351 -21.73 2.61 29.30
CA ILE K 351 -22.91 2.93 30.10
C ILE K 351 -23.98 3.58 29.26
N ARG K 352 -23.59 4.21 28.16
CA ARG K 352 -24.55 4.86 27.26
C ARG K 352 -24.76 4.03 25.98
N LYS K 353 -24.43 2.75 26.08
CA LYS K 353 -24.55 1.75 25.01
C LYS K 353 -25.82 1.87 24.18
N GLU K 354 -26.97 1.75 24.83
CA GLU K 354 -28.23 1.83 24.11
C GLU K 354 -28.41 3.20 23.45
N TYR K 355 -27.89 4.25 24.09
CA TYR K 355 -28.01 5.60 23.55
C TYR K 355 -27.19 5.76 22.28
N TRP K 356 -25.94 5.34 22.31
CA TRP K 356 -25.11 5.47 21.12
C TRP K 356 -25.67 4.63 19.97
N ARG K 357 -26.25 3.47 20.28
CA ARG K 357 -26.82 2.62 19.25
C ARG K 357 -28.01 3.37 18.67
N TYR K 358 -28.74 4.07 19.53
CA TYR K 358 -29.89 4.85 19.11
C TYR K 358 -29.46 6.02 18.20
N ILE K 359 -28.35 6.67 18.51
CA ILE K 359 -27.86 7.78 17.69
C ILE K 359 -27.45 7.18 16.35
N GLY K 360 -26.84 6.00 16.41
CA GLY K 360 -26.42 5.32 15.20
C GLY K 360 -27.60 5.08 14.26
N ARG K 361 -28.64 4.44 14.78
CA ARG K 361 -29.82 4.17 13.99
C ARG K 361 -30.42 5.46 13.46
N SER K 362 -30.26 6.53 14.23
CA SER K 362 -30.81 7.83 13.83
C SER K 362 -30.10 8.41 12.62
N LEU K 363 -28.78 8.33 12.61
CA LEU K 363 -28.02 8.85 11.48
C LEU K 363 -28.36 8.06 10.23
N GLN K 364 -28.44 6.73 10.36
CA GLN K 364 -28.76 5.88 9.22
C GLN K 364 -30.05 6.27 8.54
N SER K 365 -31.15 6.25 9.28
CA SER K 365 -32.43 6.58 8.70
C SER K 365 -32.53 8.03 8.26
N LYS K 366 -31.49 8.82 8.53
CA LYS K 366 -31.53 10.22 8.14
C LYS K 366 -30.66 10.51 6.91
N HIS K 367 -29.65 9.68 6.67
CA HIS K 367 -28.77 9.88 5.52
C HIS K 367 -28.45 8.58 4.76
N SER K 368 -29.33 8.14 3.86
CA SER K 368 -29.07 6.92 3.09
C SER K 368 -29.86 6.82 1.78
N LEU L 18 -29.04 -3.90 46.60
CA LEU L 18 -29.78 -5.00 47.28
C LEU L 18 -31.27 -5.04 46.91
N ASP L 19 -32.12 -4.95 47.93
CA ASP L 19 -33.57 -4.98 47.72
C ASP L 19 -34.26 -3.74 48.27
N PHE L 20 -35.46 -3.48 47.76
CA PHE L 20 -36.22 -2.32 48.14
C PHE L 20 -36.99 -2.54 49.44
N LEU L 21 -36.58 -1.87 50.51
CA LEU L 21 -37.21 -2.01 51.83
C LEU L 21 -38.53 -1.23 51.95
N ARG L 22 -39.47 -1.51 51.07
CA ARG L 22 -40.76 -0.82 51.08
C ARG L 22 -41.41 -0.54 52.42
N ASP L 23 -41.54 -1.56 53.27
CA ASP L 23 -42.19 -1.35 54.56
C ASP L 23 -41.50 -0.30 55.44
N ARG L 24 -40.17 -0.32 55.46
CA ARG L 24 -39.43 0.64 56.26
C ARG L 24 -39.60 2.07 55.72
N HIS L 25 -39.72 2.21 54.41
CA HIS L 25 -39.90 3.54 53.85
C HIS L 25 -41.28 4.07 54.21
N VAL L 26 -42.22 3.16 54.40
CA VAL L 26 -43.56 3.58 54.77
C VAL L 26 -43.47 4.17 56.16
N ARG L 27 -42.78 3.46 57.05
CA ARG L 27 -42.61 3.92 58.41
C ARG L 27 -41.89 5.26 58.43
N PHE L 28 -40.86 5.38 57.60
CA PHE L 28 -40.07 6.60 57.49
C PHE L 28 -40.97 7.80 57.13
N PHE L 29 -41.77 7.66 56.08
CA PHE L 29 -42.64 8.75 55.66
C PHE L 29 -43.67 9.09 56.74
N GLN L 30 -44.18 8.06 57.40
CA GLN L 30 -45.15 8.22 58.46
C GLN L 30 -44.56 9.06 59.57
N ARG L 31 -43.29 8.76 59.86
CA ARG L 31 -42.54 9.47 60.88
C ARG L 31 -42.35 10.94 60.51
N CYS L 32 -42.17 11.24 59.22
CA CYS L 32 -42.02 12.62 58.76
C CYS L 32 -43.26 13.46 59.02
N LEU L 33 -44.45 12.88 58.83
CA LEU L 33 -45.69 13.64 59.07
C LEU L 33 -45.97 13.90 60.54
N GLN L 34 -45.26 13.20 61.42
CA GLN L 34 -45.51 13.35 62.84
C GLN L 34 -44.79 14.49 63.51
N VAL L 35 -43.67 14.21 64.17
CA VAL L 35 -42.95 15.26 64.85
C VAL L 35 -41.48 15.25 64.54
N LEU L 36 -40.90 16.44 64.48
CA LEU L 36 -39.49 16.55 64.17
C LEU L 36 -38.79 17.29 65.30
N PRO L 37 -37.53 16.93 65.59
CA PRO L 37 -36.70 17.53 66.63
C PRO L 37 -36.39 18.96 66.22
N GLU L 38 -35.97 19.78 67.17
CA GLU L 38 -35.65 21.17 66.87
C GLU L 38 -34.55 21.35 65.83
N ARG L 39 -33.75 20.32 65.58
CA ARG L 39 -32.68 20.47 64.61
C ARG L 39 -33.17 20.67 63.19
N TYR L 40 -34.48 20.58 62.97
CA TYR L 40 -35.03 20.75 61.63
C TYR L 40 -35.84 22.04 61.55
N SER L 41 -35.54 22.96 62.46
CA SER L 41 -36.21 24.24 62.55
C SER L 41 -36.16 25.07 61.28
N SER L 42 -35.14 24.86 60.46
CA SER L 42 -35.01 25.63 59.24
C SER L 42 -36.03 25.23 58.19
N LEU L 43 -36.83 24.22 58.50
CA LEU L 43 -37.85 23.74 57.58
C LEU L 43 -39.21 24.35 57.89
N GLU L 44 -39.31 24.96 59.06
CA GLU L 44 -40.55 25.57 59.53
C GLU L 44 -41.36 26.25 58.43
N THR L 45 -40.78 27.22 57.74
CA THR L 45 -41.52 27.95 56.72
C THR L 45 -41.77 27.18 55.43
N SER L 46 -41.39 25.92 55.40
CA SER L 46 -41.64 25.11 54.21
C SER L 46 -42.05 23.69 54.60
N ARG L 47 -42.78 23.60 55.70
CA ARG L 47 -43.26 22.33 56.21
C ARG L 47 -44.22 21.67 55.22
N LEU L 48 -44.96 22.49 54.49
CA LEU L 48 -45.90 21.95 53.53
C LEU L 48 -45.19 21.13 52.45
N THR L 49 -43.96 21.48 52.10
CA THR L 49 -43.25 20.71 51.07
C THR L 49 -42.77 19.39 51.67
N ILE L 50 -42.51 19.39 52.98
CA ILE L 50 -42.08 18.16 53.63
C ILE L 50 -43.30 17.24 53.70
N ALA L 51 -44.47 17.83 53.91
CA ALA L 51 -45.72 17.07 53.95
C ALA L 51 -45.87 16.43 52.57
N PHE L 52 -45.64 17.23 51.53
CA PHE L 52 -45.72 16.75 50.16
C PHE L 52 -44.80 15.54 49.92
N PHE L 53 -43.54 15.63 50.36
CA PHE L 53 -42.62 14.52 50.15
C PHE L 53 -43.13 13.27 50.82
N ALA L 54 -43.67 13.42 52.02
CA ALA L 54 -44.15 12.27 52.75
C ALA L 54 -45.49 11.71 52.23
N LEU L 55 -46.43 12.60 51.89
CA LEU L 55 -47.73 12.14 51.39
C LEU L 55 -47.62 11.57 49.98
N SER L 56 -46.95 12.28 49.08
CA SER L 56 -46.79 11.79 47.73
C SER L 56 -45.91 10.53 47.80
N GLY L 57 -45.01 10.52 48.76
CA GLY L 57 -44.14 9.37 48.96
C GLY L 57 -44.99 8.16 49.34
N LEU L 58 -45.90 8.34 50.30
CA LEU L 58 -46.78 7.26 50.73
C LEU L 58 -47.67 6.85 49.58
N ASP L 59 -48.23 7.85 48.89
CA ASP L 59 -49.11 7.60 47.75
C ASP L 59 -48.38 6.69 46.76
N MET L 60 -47.16 7.09 46.41
CA MET L 60 -46.33 6.35 45.48
C MET L 60 -46.14 4.89 45.95
N LEU L 61 -46.19 4.65 47.26
CA LEU L 61 -46.04 3.29 47.78
C LEU L 61 -47.41 2.69 48.11
N ASP L 62 -48.45 3.41 47.71
CA ASP L 62 -49.81 2.98 47.94
C ASP L 62 -50.05 2.64 49.42
N SER L 63 -49.80 3.62 50.29
CA SER L 63 -49.95 3.44 51.73
C SER L 63 -50.57 4.67 52.38
N LEU L 64 -51.34 5.44 51.61
CA LEU L 64 -51.97 6.62 52.18
C LEU L 64 -52.95 6.26 53.29
N ASP L 65 -53.33 5.00 53.35
CA ASP L 65 -54.26 4.56 54.37
C ASP L 65 -53.72 4.71 55.79
N VAL L 66 -52.39 4.72 55.95
CA VAL L 66 -51.84 4.85 57.30
C VAL L 66 -51.92 6.25 57.88
N VAL L 67 -52.59 7.17 57.18
CA VAL L 67 -52.74 8.54 57.69
C VAL L 67 -54.20 8.96 57.68
N ASN L 68 -54.51 10.02 58.40
CA ASN L 68 -55.88 10.52 58.47
C ASN L 68 -56.07 11.58 57.39
N LYS L 69 -56.42 11.15 56.18
CA LYS L 69 -56.60 12.08 55.07
C LYS L 69 -57.45 13.33 55.40
N ASP L 70 -58.55 13.13 56.11
CA ASP L 70 -59.41 14.24 56.47
C ASP L 70 -58.73 15.29 57.34
N ASP L 71 -57.96 14.84 58.32
CA ASP L 71 -57.25 15.76 59.20
C ASP L 71 -56.27 16.60 58.42
N ILE L 72 -55.43 15.92 57.63
CA ILE L 72 -54.43 16.59 56.84
C ILE L 72 -55.04 17.58 55.85
N ILE L 73 -56.20 17.24 55.30
CA ILE L 73 -56.84 18.16 54.36
C ILE L 73 -57.22 19.47 55.08
N GLU L 74 -57.69 19.36 56.31
CA GLU L 74 -58.06 20.55 57.08
C GLU L 74 -56.84 21.39 57.42
N TRP L 75 -55.74 20.71 57.75
CA TRP L 75 -54.50 21.38 58.07
C TRP L 75 -54.03 22.19 56.87
N ILE L 76 -54.06 21.56 55.70
CA ILE L 76 -53.64 22.23 54.48
C ILE L 76 -54.51 23.44 54.21
N TYR L 77 -55.83 23.28 54.31
CA TYR L 77 -56.72 24.41 54.06
C TYR L 77 -56.54 25.55 55.05
N SER L 78 -55.97 25.26 56.21
CA SER L 78 -55.74 26.31 57.19
C SER L 78 -54.56 27.16 56.73
N LEU L 79 -53.84 26.67 55.74
CA LEU L 79 -52.67 27.38 55.21
C LEU L 79 -52.98 28.27 54.02
N GLN L 80 -54.22 28.25 53.54
CA GLN L 80 -54.59 29.08 52.40
C GLN L 80 -54.81 30.54 52.79
N VAL L 81 -54.18 31.44 52.04
CA VAL L 81 -54.35 32.86 52.28
C VAL L 81 -55.52 33.29 51.41
N LEU L 82 -56.68 33.42 52.05
CA LEU L 82 -57.90 33.82 51.35
C LEU L 82 -58.02 35.33 51.23
N PRO L 83 -58.76 35.81 50.21
CA PRO L 83 -58.89 37.26 50.07
C PRO L 83 -59.77 37.83 51.20
N THR L 84 -59.52 39.07 51.56
CA THR L 84 -60.27 39.73 52.62
C THR L 84 -61.60 40.26 52.08
N GLU L 85 -62.47 40.69 53.00
CA GLU L 85 -63.77 41.22 52.63
C GLU L 85 -63.64 42.21 51.46
N ASP L 86 -62.79 43.21 51.64
CA ASP L 86 -62.56 44.23 50.62
C ASP L 86 -61.70 43.78 49.44
N ARG L 87 -61.42 42.48 49.37
CA ARG L 87 -60.60 41.91 48.28
C ARG L 87 -59.39 42.78 47.93
N SER L 88 -58.78 43.40 48.95
CA SER L 88 -57.64 44.27 48.74
C SER L 88 -56.29 43.55 48.80
N ASN L 89 -56.31 42.25 49.07
CA ASN L 89 -55.07 41.50 49.16
C ASN L 89 -55.00 40.35 48.16
N LEU L 90 -55.62 40.54 46.99
CA LEU L 90 -55.60 39.50 45.97
C LEU L 90 -54.20 39.13 45.50
N ASP L 91 -53.32 40.12 45.37
CA ASP L 91 -51.96 39.86 44.92
C ASP L 91 -51.13 39.07 45.93
N ARG L 92 -51.72 38.75 47.08
CA ARG L 92 -50.99 38.02 48.10
C ARG L 92 -51.61 36.66 48.44
N CYS L 93 -52.58 36.23 47.65
CA CYS L 93 -53.23 34.95 47.91
C CYS L 93 -52.48 33.73 47.40
N GLY L 94 -52.74 32.58 48.03
CA GLY L 94 -52.08 31.35 47.67
C GLY L 94 -52.00 30.54 48.96
N PHE L 95 -50.90 29.82 49.18
CA PHE L 95 -50.76 29.05 50.42
C PHE L 95 -49.48 29.38 51.19
N ARG L 96 -49.53 29.18 52.51
CA ARG L 96 -48.40 29.44 53.40
C ARG L 96 -47.66 28.13 53.57
N GLY L 97 -46.40 28.21 53.97
CA GLY L 97 -45.63 27.00 54.17
C GLY L 97 -46.02 26.34 55.48
N SER L 98 -46.47 27.15 56.42
CA SER L 98 -46.89 26.67 57.74
C SER L 98 -47.60 27.81 58.46
N SER L 99 -47.87 27.60 59.74
CA SER L 99 -48.56 28.60 60.54
C SER L 99 -47.60 29.45 61.35
N TYR L 100 -46.34 29.54 60.92
CA TYR L 100 -45.37 30.31 61.67
C TYR L 100 -45.72 31.77 61.95
N LEU L 101 -46.65 32.36 61.21
CA LEU L 101 -47.00 33.75 61.47
C LEU L 101 -47.91 33.94 62.68
N GLY L 102 -48.53 32.85 63.15
CA GLY L 102 -49.38 32.96 64.31
C GLY L 102 -50.80 33.36 64.00
N ILE L 103 -51.30 33.02 62.82
CA ILE L 103 -52.66 33.34 62.47
C ILE L 103 -53.55 32.22 62.98
N PRO L 104 -54.66 32.57 63.64
CA PRO L 104 -55.60 31.58 64.20
C PRO L 104 -56.05 30.51 63.20
N PHE L 105 -55.91 29.25 63.60
CA PHE L 105 -56.28 28.10 62.77
C PHE L 105 -57.67 28.22 62.17
N ASN L 106 -57.74 28.42 60.85
CA ASN L 106 -59.01 28.55 60.15
C ASN L 106 -58.95 27.81 58.82
N PRO L 107 -59.45 26.55 58.78
CA PRO L 107 -59.45 25.73 57.57
C PRO L 107 -60.34 26.25 56.45
N SER L 108 -59.90 27.34 55.83
CA SER L 108 -60.60 28.00 54.73
C SER L 108 -62.11 28.10 54.96
N LYS L 109 -62.48 28.54 56.16
CA LYS L 109 -63.88 28.70 56.52
C LYS L 109 -64.23 30.18 56.36
N ASN L 110 -64.11 30.95 57.44
CA ASN L 110 -64.41 32.37 57.42
C ASN L 110 -63.58 33.10 56.35
N PRO L 111 -63.79 34.42 56.19
CA PRO L 111 -63.04 35.20 55.19
C PRO L 111 -61.56 35.29 55.58
N GLY L 112 -60.90 36.36 55.18
CA GLY L 112 -59.49 36.50 55.52
C GLY L 112 -59.17 37.49 56.63
N THR L 113 -58.41 37.05 57.62
CA THR L 113 -58.01 37.92 58.74
C THR L 113 -56.75 38.73 58.35
N ALA L 114 -56.96 39.97 57.89
CA ALA L 114 -55.87 40.86 57.47
C ALA L 114 -54.65 40.83 58.38
N HIS L 115 -53.47 40.80 57.75
CA HIS L 115 -52.22 40.78 58.47
C HIS L 115 -51.16 41.41 57.57
N PRO L 116 -50.43 42.40 58.10
CA PRO L 116 -49.38 43.12 57.39
C PRO L 116 -48.39 42.29 56.56
N TYR L 117 -47.99 41.12 57.06
CA TYR L 117 -47.01 40.32 56.36
C TYR L 117 -47.43 38.91 55.96
N ASP L 118 -48.72 38.62 55.98
CA ASP L 118 -49.20 37.30 55.61
C ASP L 118 -49.53 37.21 54.13
N SER L 119 -48.92 36.25 53.45
CA SER L 119 -49.18 36.06 52.03
C SER L 119 -48.64 34.70 51.61
N GLY L 120 -49.04 34.25 50.42
CA GLY L 120 -48.61 32.95 49.95
C GLY L 120 -47.18 32.86 49.45
N HIS L 121 -46.74 31.63 49.23
CA HIS L 121 -45.40 31.34 48.72
C HIS L 121 -45.64 30.38 47.55
N ILE L 122 -45.16 30.76 46.37
CA ILE L 122 -45.40 29.97 45.16
C ILE L 122 -45.10 28.46 45.29
N ALA L 123 -44.05 28.10 46.00
CA ALA L 123 -43.73 26.68 46.15
C ALA L 123 -44.71 25.99 47.09
N MET L 124 -45.35 26.79 47.96
CA MET L 124 -46.32 26.23 48.90
C MET L 124 -47.69 26.12 48.23
N THR L 125 -48.01 27.07 47.37
CA THR L 125 -49.26 27.02 46.64
C THR L 125 -49.20 25.75 45.78
N TYR L 126 -48.04 25.51 45.18
CA TYR L 126 -47.85 24.35 44.34
C TYR L 126 -47.97 23.05 45.15
N THR L 127 -47.12 22.86 46.15
CA THR L 127 -47.19 21.64 46.95
C THR L 127 -48.51 21.51 47.71
N GLY L 128 -49.15 22.64 48.02
CA GLY L 128 -50.42 22.60 48.71
C GLY L 128 -51.50 21.98 47.84
N LEU L 129 -51.73 22.58 46.66
CA LEU L 129 -52.72 22.07 45.72
C LEU L 129 -52.36 20.61 45.41
N SER L 130 -51.10 20.38 45.16
CA SER L 130 -50.62 19.06 44.85
C SER L 130 -51.01 18.06 45.96
N CYS L 131 -50.83 18.44 47.22
CA CYS L 131 -51.19 17.57 48.35
C CYS L 131 -52.68 17.31 48.42
N LEU L 132 -53.47 18.37 48.26
CA LEU L 132 -54.92 18.23 48.29
C LEU L 132 -55.37 17.18 47.28
N ILE L 133 -54.89 17.28 46.04
CA ILE L 133 -55.26 16.32 45.01
C ILE L 133 -54.88 14.90 45.39
N ILE L 134 -53.68 14.75 45.97
CA ILE L 134 -53.20 13.44 46.38
C ILE L 134 -54.10 12.85 47.46
N LEU L 135 -54.57 13.69 48.37
CA LEU L 135 -55.43 13.23 49.45
C LEU L 135 -56.89 13.01 49.01
N GLY L 136 -57.21 13.31 47.77
CA GLY L 136 -58.55 13.11 47.28
C GLY L 136 -59.48 14.31 47.29
N ASP L 137 -59.08 15.41 47.91
CA ASP L 137 -59.92 16.60 47.93
C ASP L 137 -60.24 17.00 46.49
N ASP L 138 -61.30 17.79 46.32
CA ASP L 138 -61.71 18.24 44.98
C ASP L 138 -61.42 19.71 44.71
N LEU L 139 -60.66 20.34 45.58
CA LEU L 139 -60.27 21.75 45.42
C LEU L 139 -61.43 22.73 45.37
N SER L 140 -62.58 22.33 45.91
CA SER L 140 -63.74 23.22 45.92
C SER L 140 -63.52 24.40 46.86
N ARG L 141 -62.76 24.17 47.94
CA ARG L 141 -62.48 25.23 48.91
C ARG L 141 -61.30 26.11 48.52
N VAL L 142 -60.72 25.85 47.34
CA VAL L 142 -59.60 26.63 46.86
C VAL L 142 -60.14 27.82 46.07
N ASP L 143 -59.79 29.04 46.48
CA ASP L 143 -60.24 30.21 45.75
C ASP L 143 -59.35 30.31 44.52
N LYS L 144 -59.67 29.51 43.51
CA LYS L 144 -58.89 29.48 42.29
C LYS L 144 -58.54 30.84 41.68
N GLU L 145 -59.51 31.75 41.60
CA GLU L 145 -59.21 33.04 41.02
C GLU L 145 -58.21 33.84 41.85
N ALA L 146 -58.29 33.71 43.16
CA ALA L 146 -57.38 34.43 44.03
C ALA L 146 -55.96 33.92 43.85
N CYS L 147 -55.82 32.60 43.80
CA CYS L 147 -54.51 32.00 43.60
C CYS L 147 -53.89 32.46 42.28
N LEU L 148 -54.68 32.41 41.21
CA LEU L 148 -54.20 32.83 39.90
C LEU L 148 -53.82 34.30 39.91
N ALA L 149 -54.59 35.12 40.63
CA ALA L 149 -54.29 36.53 40.73
C ALA L 149 -52.95 36.69 41.43
N GLY L 150 -52.74 35.90 42.48
CA GLY L 150 -51.49 35.95 43.23
C GLY L 150 -50.32 35.52 42.36
N LEU L 151 -50.53 34.47 41.57
CA LEU L 151 -49.50 33.98 40.67
C LEU L 151 -49.04 35.06 39.70
N ARG L 152 -49.99 35.66 38.98
CA ARG L 152 -49.68 36.72 38.03
C ARG L 152 -48.79 37.79 38.66
N ALA L 153 -49.09 38.12 39.90
CA ALA L 153 -48.34 39.16 40.63
C ALA L 153 -46.89 38.81 40.84
N LEU L 154 -46.56 37.51 40.78
CA LEU L 154 -45.19 37.07 41.00
C LEU L 154 -44.28 37.08 39.77
N GLN L 155 -44.86 37.11 38.57
CA GLN L 155 -44.05 37.09 37.36
C GLN L 155 -43.33 38.41 37.08
N LEU L 156 -42.07 38.32 36.71
CA LEU L 156 -41.25 39.50 36.43
C LEU L 156 -41.25 39.82 34.94
N GLU L 157 -40.63 40.94 34.60
CA GLU L 157 -40.57 41.39 33.22
C GLU L 157 -39.90 40.34 32.32
N ASP L 158 -38.84 39.71 32.83
CA ASP L 158 -38.12 38.70 32.05
C ASP L 158 -38.85 37.36 31.91
N GLY L 159 -40.05 37.27 32.46
CA GLY L 159 -40.80 36.03 32.36
C GLY L 159 -40.68 35.05 33.51
N SER L 160 -39.67 35.20 34.35
CA SER L 160 -39.49 34.31 35.49
C SER L 160 -40.41 34.73 36.66
N PHE L 161 -40.33 34.01 37.77
CA PHE L 161 -41.18 34.29 38.92
C PHE L 161 -40.42 34.42 40.25
N CYS L 162 -41.04 35.11 41.20
CA CYS L 162 -40.51 35.26 42.54
C CYS L 162 -41.35 34.29 43.35
N ALA L 163 -41.01 34.07 44.60
CA ALA L 163 -41.78 33.14 45.42
C ALA L 163 -42.87 33.85 46.19
N VAL L 164 -42.59 35.08 46.61
CA VAL L 164 -43.55 35.87 47.40
C VAL L 164 -43.66 37.32 46.91
N PRO L 165 -44.84 37.92 47.07
CA PRO L 165 -45.02 39.31 46.64
C PRO L 165 -44.08 40.31 47.31
N GLU L 166 -43.68 40.03 48.54
CA GLU L 166 -42.78 40.95 49.26
C GLU L 166 -41.42 41.03 48.58
N GLY L 167 -41.13 40.08 47.70
CA GLY L 167 -39.86 40.05 47.00
C GLY L 167 -39.00 38.87 47.41
N SER L 168 -38.20 38.39 46.45
CA SER L 168 -37.31 37.26 46.68
C SER L 168 -36.48 37.08 45.42
N GLU L 169 -35.63 36.05 45.43
CA GLU L 169 -34.82 35.76 44.26
C GLU L 169 -35.80 35.21 43.21
N ASN L 170 -35.41 35.23 41.95
CA ASN L 170 -36.26 34.70 40.89
C ASN L 170 -35.44 33.79 39.99
N ASP L 171 -35.99 32.61 39.70
CA ASP L 171 -35.30 31.66 38.84
C ASP L 171 -36.21 30.54 38.33
N MET L 172 -35.62 29.61 37.60
CA MET L 172 -36.35 28.50 37.02
C MET L 172 -37.19 27.69 37.98
N ARG L 173 -36.75 27.55 39.22
CA ARG L 173 -37.51 26.77 40.21
C ARG L 173 -38.95 27.27 40.27
N PHE L 174 -39.11 28.58 40.34
CA PHE L 174 -40.43 29.16 40.47
C PHE L 174 -41.22 29.18 39.18
N VAL L 175 -40.53 29.08 38.04
CA VAL L 175 -41.20 29.03 36.75
C VAL L 175 -41.92 27.67 36.72
N TYR L 176 -41.26 26.65 37.23
CA TYR L 176 -41.84 25.32 37.27
C TYR L 176 -43.06 25.29 38.20
N CYS L 177 -42.96 25.99 39.34
CA CYS L 177 -44.05 26.05 40.31
C CYS L 177 -45.26 26.72 39.66
N ALA L 178 -45.02 27.82 38.96
CA ALA L 178 -46.10 28.54 38.29
C ALA L 178 -46.78 27.61 37.30
N SER L 179 -45.97 26.90 36.50
CA SER L 179 -46.48 25.99 35.50
C SER L 179 -47.35 24.91 36.10
N CYS L 180 -46.90 24.31 37.20
CA CYS L 180 -47.67 23.27 37.88
C CYS L 180 -48.99 23.81 38.42
N ILE L 181 -48.97 25.01 38.98
CA ILE L 181 -50.18 25.58 39.53
C ILE L 181 -51.20 25.79 38.42
N CYS L 182 -50.78 26.42 37.32
CA CYS L 182 -51.68 26.67 36.21
C CYS L 182 -52.23 25.36 35.68
N TYR L 183 -51.38 24.36 35.60
CA TYR L 183 -51.80 23.08 35.10
C TYR L 183 -52.86 22.43 35.98
N MET L 184 -52.62 22.42 37.29
CA MET L 184 -53.56 21.80 38.21
C MET L 184 -54.89 22.55 38.29
N LEU L 185 -54.85 23.87 38.28
CA LEU L 185 -56.07 24.63 38.32
C LEU L 185 -56.63 24.69 36.90
N ASN L 186 -55.95 24.00 35.99
CA ASN L 186 -56.36 23.94 34.59
C ASN L 186 -56.75 25.30 34.02
N ASN L 187 -55.92 26.31 34.25
CA ASN L 187 -56.16 27.68 33.80
C ASN L 187 -54.81 28.38 33.71
N TRP L 188 -54.39 28.76 32.52
CA TRP L 188 -53.10 29.43 32.38
C TRP L 188 -53.14 30.94 32.44
N SER L 189 -54.21 31.51 32.98
CA SER L 189 -54.31 32.95 33.08
C SER L 189 -53.37 33.40 34.19
N GLY L 190 -52.81 32.41 34.90
CA GLY L 190 -51.89 32.71 35.98
C GLY L 190 -50.54 33.22 35.52
N MET L 191 -50.24 33.11 34.23
CA MET L 191 -48.95 33.57 33.72
C MET L 191 -48.98 34.06 32.29
N ASP L 192 -47.98 34.85 31.93
CA ASP L 192 -47.82 35.34 30.58
C ASP L 192 -46.89 34.28 29.97
N MET L 193 -47.50 33.22 29.44
CA MET L 193 -46.78 32.10 28.86
C MET L 193 -45.71 32.45 27.85
N LYS L 194 -45.95 33.46 27.02
CA LYS L 194 -44.99 33.86 26.03
C LYS L 194 -43.70 34.31 26.69
N LYS L 195 -43.82 35.10 27.76
CA LYS L 195 -42.64 35.60 28.46
C LYS L 195 -41.93 34.50 29.24
N ALA L 196 -42.70 33.55 29.77
CA ALA L 196 -42.12 32.45 30.54
C ALA L 196 -41.27 31.59 29.59
N ILE L 197 -41.83 31.30 28.43
CA ILE L 197 -41.13 30.51 27.42
C ILE L 197 -39.84 31.22 27.06
N SER L 198 -39.92 32.52 26.87
CA SER L 198 -38.74 33.29 26.54
C SER L 198 -37.66 33.08 27.60
N TYR L 199 -38.04 33.13 28.87
CA TYR L 199 -37.08 32.94 29.96
C TYR L 199 -36.44 31.57 29.88
N ILE L 200 -37.26 30.55 29.63
CA ILE L 200 -36.77 29.19 29.52
C ILE L 200 -35.76 29.06 28.37
N ARG L 201 -36.03 29.67 27.21
CA ARG L 201 -35.09 29.57 26.11
C ARG L 201 -33.79 30.25 26.48
N ARG L 202 -33.89 31.45 27.01
CA ARG L 202 -32.70 32.22 27.37
C ARG L 202 -31.82 31.58 28.42
N SER L 203 -32.32 30.53 29.06
CA SER L 203 -31.51 29.89 30.08
C SER L 203 -30.63 28.77 29.52
N MET L 204 -30.79 28.45 28.23
CA MET L 204 -29.99 27.40 27.64
C MET L 204 -28.53 27.83 27.53
N SER L 205 -27.64 26.97 28.02
CA SER L 205 -26.22 27.24 28.02
C SER L 205 -25.50 26.81 26.75
N TYR L 206 -24.24 27.22 26.63
CA TYR L 206 -23.42 26.87 25.48
C TYR L 206 -23.19 25.37 25.48
N ASP L 207 -23.31 24.73 26.64
CA ASP L 207 -23.12 23.27 26.70
C ASP L 207 -24.45 22.54 26.50
N ASN L 208 -25.49 23.32 26.21
CA ASN L 208 -26.81 22.80 25.90
C ASN L 208 -27.77 22.37 27.01
N GLY L 209 -27.33 22.48 28.26
CA GLY L 209 -28.22 22.16 29.35
C GLY L 209 -28.97 23.45 29.67
N LEU L 210 -29.91 23.42 30.61
CA LEU L 210 -30.64 24.61 31.00
C LEU L 210 -30.13 25.06 32.38
N ALA L 211 -29.95 26.36 32.57
CA ALA L 211 -29.48 26.87 33.86
C ALA L 211 -30.62 27.52 34.62
N GLN L 212 -30.35 27.99 35.83
CA GLN L 212 -31.37 28.65 36.64
C GLN L 212 -31.80 29.97 35.98
N GLY L 213 -30.90 30.53 35.18
CA GLY L 213 -31.17 31.77 34.48
C GLY L 213 -30.09 32.01 33.43
N ALA L 214 -30.33 32.93 32.52
CA ALA L 214 -29.36 33.23 31.46
C ALA L 214 -27.94 33.43 31.99
N GLY L 215 -26.98 32.83 31.30
CA GLY L 215 -25.57 32.97 31.67
C GLY L 215 -25.03 32.06 32.76
N LEU L 216 -25.93 31.55 33.61
CA LEU L 216 -25.51 30.65 34.68
C LEU L 216 -25.16 29.24 34.18
N GLU L 217 -24.50 28.48 35.05
CA GLU L 217 -24.08 27.11 34.74
C GLU L 217 -25.32 26.22 34.59
N SER L 218 -25.41 25.47 33.50
CA SER L 218 -26.56 24.60 33.30
C SER L 218 -26.52 23.55 34.41
N HIS L 219 -27.72 23.13 34.85
CA HIS L 219 -27.82 22.23 35.98
C HIS L 219 -29.00 21.25 35.82
N GLY L 220 -28.86 20.06 36.40
CA GLY L 220 -29.91 19.06 36.29
C GLY L 220 -31.27 19.50 36.82
N GLY L 221 -31.28 20.23 37.94
CA GLY L 221 -32.51 20.69 38.51
C GLY L 221 -33.25 21.69 37.63
N SER L 222 -32.52 22.70 37.15
CA SER L 222 -33.13 23.72 36.32
C SER L 222 -33.51 23.18 34.96
N THR L 223 -32.77 22.19 34.46
CA THR L 223 -33.10 21.60 33.18
C THR L 223 -34.43 20.88 33.33
N PHE L 224 -34.61 20.19 34.46
CA PHE L 224 -35.86 19.52 34.70
C PHE L 224 -36.99 20.54 34.76
N CYS L 225 -36.78 21.59 35.57
CA CYS L 225 -37.81 22.61 35.70
C CYS L 225 -38.19 23.21 34.35
N GLY L 226 -37.19 23.49 33.52
CA GLY L 226 -37.45 24.08 32.22
C GLY L 226 -38.22 23.16 31.31
N ILE L 227 -37.68 21.97 31.09
CA ILE L 227 -38.32 20.99 30.21
C ILE L 227 -39.73 20.60 30.70
N ALA L 228 -39.86 20.30 31.98
CA ALA L 228 -41.14 19.93 32.55
C ALA L 228 -42.16 21.06 32.38
N SER L 229 -41.72 22.30 32.56
CA SER L 229 -42.64 23.42 32.38
C SER L 229 -43.19 23.44 30.97
N LEU L 230 -42.30 23.34 29.98
CA LEU L 230 -42.71 23.35 28.58
C LEU L 230 -43.68 22.19 28.30
N CYS L 231 -43.38 21.02 28.86
CA CYS L 231 -44.26 19.88 28.65
C CYS L 231 -45.62 20.14 29.25
N LEU L 232 -45.66 20.70 30.46
CA LEU L 232 -46.91 21.02 31.10
C LEU L 232 -47.72 21.99 30.25
N MET L 233 -47.03 22.88 29.54
CA MET L 233 -47.70 23.86 28.68
C MET L 233 -48.01 23.21 27.34
N GLY L 234 -47.42 22.05 27.11
CA GLY L 234 -47.60 21.35 25.85
C GLY L 234 -46.95 22.12 24.71
N LYS L 235 -45.72 22.59 24.92
CA LYS L 235 -45.05 23.36 23.89
C LYS L 235 -43.57 23.00 23.68
N LEU L 236 -43.17 21.82 24.13
CA LEU L 236 -41.78 21.40 24.00
C LEU L 236 -41.33 21.50 22.54
N GLU L 237 -42.03 20.76 21.68
CA GLU L 237 -41.75 20.71 20.24
C GLU L 237 -41.76 22.09 19.58
N GLU L 238 -42.70 22.93 20.01
CA GLU L 238 -42.81 24.27 19.44
C GLU L 238 -41.68 25.19 19.86
N VAL L 239 -41.19 25.04 21.08
CA VAL L 239 -40.13 25.91 21.58
C VAL L 239 -38.71 25.51 21.18
N PHE L 240 -38.42 24.23 21.18
CA PHE L 240 -37.08 23.78 20.80
C PHE L 240 -37.08 22.99 19.49
N SER L 241 -36.11 23.31 18.63
CA SER L 241 -36.00 22.63 17.34
C SER L 241 -35.53 21.21 17.57
N GLU L 242 -35.62 20.37 16.54
CA GLU L 242 -35.18 19.00 16.67
C GLU L 242 -33.70 18.96 17.01
N LYS L 243 -32.92 19.85 16.39
CA LYS L 243 -31.50 19.89 16.64
C LYS L 243 -31.26 20.29 18.09
N GLU L 244 -32.01 21.29 18.54
CA GLU L 244 -31.89 21.75 19.91
C GLU L 244 -32.23 20.63 20.89
N LEU L 245 -33.35 19.95 20.68
CA LEU L 245 -33.74 18.87 21.56
C LEU L 245 -32.67 17.77 21.56
N ASN L 246 -32.02 17.55 20.43
CA ASN L 246 -30.98 16.53 20.36
C ASN L 246 -29.81 16.90 21.25
N ARG L 247 -29.45 18.18 21.22
CA ARG L 247 -28.35 18.67 22.04
C ARG L 247 -28.69 18.56 23.53
N ILE L 248 -29.91 18.91 23.90
CA ILE L 248 -30.35 18.82 25.29
C ILE L 248 -30.31 17.36 25.75
N LYS L 249 -30.85 16.45 24.93
CA LYS L 249 -30.85 15.04 25.26
C LYS L 249 -29.43 14.58 25.55
N ARG L 250 -28.50 15.02 24.70
CA ARG L 250 -27.09 14.65 24.87
C ARG L 250 -26.57 15.14 26.22
N TRP L 251 -26.86 16.39 26.55
CA TRP L 251 -26.39 16.93 27.81
C TRP L 251 -26.95 16.14 28.99
N CYS L 252 -28.24 15.80 28.92
CA CYS L 252 -28.88 15.06 29.99
C CYS L 252 -28.33 13.65 30.15
N ILE L 253 -28.29 12.89 29.07
CA ILE L 253 -27.83 11.52 29.18
C ILE L 253 -26.37 11.42 29.57
N MET L 254 -25.61 12.50 29.42
CA MET L 254 -24.20 12.47 29.82
C MET L 254 -24.08 12.58 31.34
N ARG L 255 -25.20 12.85 32.01
CA ARG L 255 -25.21 12.98 33.47
C ARG L 255 -25.10 11.64 34.20
N GLN L 256 -25.36 10.52 33.52
CA GLN L 256 -25.27 9.25 34.20
C GLN L 256 -23.84 8.72 34.33
N GLN L 257 -23.46 8.41 35.57
CA GLN L 257 -22.14 7.88 35.88
C GLN L 257 -22.35 6.43 36.33
N ASN L 258 -23.44 6.23 37.05
CA ASN L 258 -23.94 4.97 37.58
C ASN L 258 -25.29 5.48 38.05
N GLY L 259 -25.24 6.40 39.00
CA GLY L 259 -26.43 7.08 39.45
C GLY L 259 -26.30 8.34 38.60
N TYR L 260 -26.87 9.46 39.04
CA TYR L 260 -26.76 10.68 38.24
C TYR L 260 -26.25 11.86 39.05
N HIS L 261 -25.49 12.74 38.39
CA HIS L 261 -25.00 13.93 39.06
C HIS L 261 -25.78 15.10 38.43
N GLY L 262 -25.72 16.28 39.06
CA GLY L 262 -26.46 17.42 38.53
C GLY L 262 -25.70 18.33 37.59
N ARG L 263 -24.38 18.17 37.54
CA ARG L 263 -23.51 18.99 36.71
C ARG L 263 -22.25 18.22 36.36
N PRO L 264 -21.68 18.50 35.19
CA PRO L 264 -20.46 17.79 34.81
C PRO L 264 -19.40 17.89 35.92
N ASN L 265 -18.64 16.83 36.10
CA ASN L 265 -17.58 16.80 37.12
C ASN L 265 -18.02 16.96 38.58
N LYS L 266 -19.22 16.54 38.91
CA LYS L 266 -19.72 16.60 40.30
C LYS L 266 -20.14 15.19 40.70
N PRO L 267 -19.98 14.85 41.97
CA PRO L 267 -20.37 13.50 42.42
C PRO L 267 -21.87 13.25 42.25
N VAL L 268 -22.26 12.00 42.03
CA VAL L 268 -23.68 11.67 41.86
C VAL L 268 -24.44 11.86 43.15
N ASP L 269 -25.75 12.02 42.99
CA ASP L 269 -26.65 12.23 44.11
C ASP L 269 -27.99 11.59 43.76
N THR L 270 -28.46 10.72 44.63
CA THR L 270 -29.73 10.03 44.42
C THR L 270 -30.87 10.85 43.82
N CYS L 271 -31.12 12.04 44.33
CA CYS L 271 -32.24 12.82 43.80
C CYS L 271 -32.15 13.16 42.32
N TYR L 272 -30.96 13.13 41.75
CA TYR L 272 -30.84 13.45 40.33
C TYR L 272 -31.39 12.31 39.46
N SER L 273 -31.54 11.13 40.06
CA SER L 273 -32.11 10.00 39.35
C SER L 273 -33.52 10.39 38.93
N PHE L 274 -34.12 11.34 39.64
CA PHE L 274 -35.43 11.80 39.23
C PHE L 274 -35.31 13.07 38.41
N TRP L 275 -34.62 14.07 38.94
CA TRP L 275 -34.46 15.34 38.23
C TRP L 275 -34.03 15.11 36.77
N VAL L 276 -32.92 14.38 36.58
CA VAL L 276 -32.43 14.11 35.25
C VAL L 276 -33.19 12.98 34.55
N GLY L 277 -33.45 11.90 35.30
CA GLY L 277 -34.18 10.77 34.75
C GLY L 277 -35.53 11.19 34.21
N ALA L 278 -36.29 11.96 34.98
CA ALA L 278 -37.59 12.43 34.55
C ALA L 278 -37.48 13.30 33.29
N THR L 279 -36.38 14.03 33.16
CA THR L 279 -36.19 14.87 31.98
C THR L 279 -35.96 13.97 30.79
N LEU L 280 -35.13 12.96 30.99
CA LEU L 280 -34.86 12.01 29.91
C LEU L 280 -36.17 11.35 29.48
N LYS L 281 -37.01 11.01 30.46
CA LYS L 281 -38.29 10.37 30.17
C LYS L 281 -39.14 11.32 29.34
N LEU L 282 -39.21 12.59 29.72
CA LEU L 282 -40.00 13.54 28.95
C LEU L 282 -39.46 13.70 27.53
N LEU L 283 -38.15 13.49 27.37
CA LEU L 283 -37.53 13.62 26.06
C LEU L 283 -37.54 12.27 25.32
N LYS L 284 -38.21 11.30 25.92
CA LYS L 284 -38.35 9.97 25.34
C LYS L 284 -37.09 9.15 25.11
N ILE L 285 -36.06 9.35 25.91
CA ILE L 285 -34.87 8.54 25.72
C ILE L 285 -34.37 7.96 27.03
N PHE L 286 -35.21 7.98 28.06
CA PHE L 286 -34.79 7.41 29.34
C PHE L 286 -34.56 5.91 29.13
N GLN L 287 -35.33 5.35 28.20
CA GLN L 287 -35.26 3.94 27.85
C GLN L 287 -33.87 3.52 27.39
N TYR L 288 -33.08 4.48 26.93
CA TYR L 288 -31.74 4.16 26.46
C TYR L 288 -30.65 4.29 27.50
N THR L 289 -31.04 4.59 28.73
CA THR L 289 -30.06 4.72 29.82
C THR L 289 -29.78 3.35 30.41
N ASN L 290 -28.79 3.26 31.29
CA ASN L 290 -28.48 1.98 31.92
C ASN L 290 -29.28 1.89 33.22
N PHE L 291 -30.27 0.99 33.27
CA PHE L 291 -31.12 0.82 34.44
C PHE L 291 -30.46 0.20 35.66
N GLU L 292 -29.76 -0.91 35.44
CA GLU L 292 -29.12 -1.61 36.53
C GLU L 292 -28.20 -0.78 37.39
N LYS L 293 -27.27 -0.05 36.77
CA LYS L 293 -26.34 0.76 37.54
C LYS L 293 -27.02 1.89 38.30
N ASN L 294 -28.08 2.44 37.72
CA ASN L 294 -28.84 3.52 38.35
C ASN L 294 -29.57 2.92 39.56
N ARG L 295 -30.31 1.85 39.33
CA ARG L 295 -31.04 1.18 40.40
C ARG L 295 -30.09 0.78 41.53
N ASN L 296 -28.95 0.21 41.18
CA ASN L 296 -28.00 -0.18 42.20
C ASN L 296 -27.55 0.99 43.03
N TYR L 297 -27.25 2.11 42.39
CA TYR L 297 -26.79 3.28 43.13
C TYR L 297 -27.87 3.77 44.10
N ILE L 298 -29.07 4.00 43.58
CA ILE L 298 -30.18 4.47 44.39
C ILE L 298 -30.32 3.60 45.64
N LEU L 299 -30.39 2.30 45.46
CA LEU L 299 -30.54 1.40 46.60
C LEU L 299 -29.35 1.44 47.55
N SER L 300 -28.15 1.72 47.03
CA SER L 300 -26.99 1.79 47.90
C SER L 300 -27.06 2.97 48.88
N THR L 301 -27.98 3.90 48.63
CA THR L 301 -28.12 5.06 49.51
C THR L 301 -29.32 4.89 50.45
N GLN L 302 -29.91 3.70 50.43
CA GLN L 302 -31.07 3.34 51.25
C GLN L 302 -30.62 3.17 52.70
N ASP L 303 -31.35 3.73 53.66
CA ASP L 303 -30.97 3.56 55.07
C ASP L 303 -31.74 2.36 55.59
N ARG L 304 -31.05 1.23 55.70
CA ARG L 304 -31.65 -0.03 56.14
C ARG L 304 -32.15 -0.06 57.58
N LEU L 305 -31.78 0.94 58.38
CA LEU L 305 -32.19 1.00 59.77
C LEU L 305 -33.42 1.88 59.97
N VAL L 306 -33.33 3.13 59.56
CA VAL L 306 -34.44 4.07 59.72
C VAL L 306 -35.32 4.26 58.49
N GLY L 307 -34.85 3.76 57.35
CA GLY L 307 -35.65 3.90 56.14
C GLY L 307 -35.33 5.18 55.41
N GLY L 308 -35.96 5.41 54.26
CA GLY L 308 -35.68 6.59 53.47
C GLY L 308 -34.37 6.43 52.71
N PHE L 309 -34.01 7.45 51.93
CA PHE L 309 -32.76 7.43 51.16
C PHE L 309 -31.94 8.67 51.45
N ALA L 310 -30.64 8.58 51.23
CA ALA L 310 -29.73 9.71 51.44
C ALA L 310 -29.15 10.09 50.09
N LYS L 311 -28.36 11.17 50.04
CA LYS L 311 -27.80 11.58 48.75
C LYS L 311 -26.69 10.60 48.34
N TRP L 312 -25.91 10.14 49.30
CA TRP L 312 -24.82 9.20 49.04
C TRP L 312 -24.95 8.02 50.00
N PRO L 313 -24.29 6.90 49.68
CA PRO L 313 -24.39 5.76 50.59
C PRO L 313 -23.78 6.06 51.95
N ASP L 314 -24.36 5.49 53.00
CA ASP L 314 -23.87 5.69 54.37
C ASP L 314 -23.93 7.16 54.76
N SER L 315 -25.01 7.81 54.38
CA SER L 315 -25.21 9.23 54.64
C SER L 315 -26.59 9.34 55.30
N HIS L 316 -26.85 10.42 56.04
CA HIS L 316 -28.15 10.52 56.71
C HIS L 316 -29.30 10.80 55.74
N PRO L 317 -30.39 10.02 55.85
CA PRO L 317 -31.58 10.14 55.00
C PRO L 317 -32.47 11.30 55.36
N ASP L 318 -33.22 11.80 54.38
CA ASP L 318 -34.16 12.90 54.59
C ASP L 318 -35.35 12.73 53.67
N ALA L 319 -36.43 13.46 53.97
CA ALA L 319 -37.65 13.37 53.16
C ALA L 319 -37.40 13.59 51.67
N LEU L 320 -36.64 14.63 51.33
CA LEU L 320 -36.38 14.93 49.93
C LEU L 320 -35.74 13.78 49.16
N HIS L 321 -34.67 13.21 49.67
CA HIS L 321 -34.03 12.11 48.96
C HIS L 321 -34.86 10.84 49.00
N ALA L 322 -35.62 10.64 50.06
CA ALA L 322 -36.45 9.46 50.18
C ALA L 322 -37.48 9.53 49.07
N TYR L 323 -38.12 10.68 48.92
CA TYR L 323 -39.14 10.82 47.90
C TYR L 323 -38.58 10.73 46.48
N PHE L 324 -37.52 11.49 46.18
CA PHE L 324 -36.96 11.46 44.84
C PHE L 324 -36.25 10.15 44.53
N GLY L 325 -35.71 9.48 45.54
CA GLY L 325 -35.06 8.21 45.27
C GLY L 325 -36.14 7.21 44.81
N ILE L 326 -37.29 7.25 45.49
CA ILE L 326 -38.40 6.38 45.16
C ILE L 326 -38.96 6.75 43.79
N CYS L 327 -39.06 8.04 43.49
CA CYS L 327 -39.56 8.43 42.17
C CYS L 327 -38.54 8.01 41.11
N GLY L 328 -37.27 8.03 41.48
CA GLY L 328 -36.24 7.62 40.53
C GLY L 328 -36.43 6.16 40.21
N LEU L 329 -36.68 5.35 41.24
CA LEU L 329 -36.92 3.92 41.09
C LEU L 329 -38.17 3.69 40.24
N SER L 330 -39.18 4.52 40.46
CA SER L 330 -40.43 4.42 39.71
C SER L 330 -40.26 4.60 38.21
N LEU L 331 -39.39 5.50 37.79
CA LEU L 331 -39.15 5.77 36.38
C LEU L 331 -38.73 4.50 35.64
N MET L 332 -38.08 3.57 36.34
CA MET L 332 -37.64 2.31 35.74
C MET L 332 -38.63 1.20 36.05
N GLU L 333 -39.79 1.59 36.58
CA GLU L 333 -40.84 0.62 36.92
C GLU L 333 -40.41 -0.40 37.97
N GLU L 334 -40.22 0.09 39.19
CA GLU L 334 -39.81 -0.77 40.30
C GLU L 334 -41.05 -1.50 40.76
N SER L 335 -40.85 -2.71 41.23
CA SER L 335 -41.95 -3.52 41.70
C SER L 335 -42.48 -3.03 43.05
N GLY L 336 -43.74 -2.61 43.09
CA GLY L 336 -44.31 -2.16 44.33
C GLY L 336 -44.40 -0.66 44.50
N ILE L 337 -43.99 0.08 43.47
CA ILE L 337 -44.01 1.55 43.46
C ILE L 337 -44.86 1.97 42.26
N CYS L 338 -45.85 2.82 42.48
CA CYS L 338 -46.71 3.27 41.38
C CYS L 338 -45.90 4.00 40.35
N LYS L 339 -46.46 4.13 39.16
CA LYS L 339 -45.78 4.81 38.07
C LYS L 339 -45.91 6.30 38.35
N VAL L 340 -44.88 7.06 38.03
CA VAL L 340 -44.90 8.49 38.27
C VAL L 340 -45.21 9.32 37.02
N HIS L 341 -45.83 10.47 37.22
CA HIS L 341 -46.13 11.39 36.14
C HIS L 341 -44.87 12.28 36.14
N PRO L 342 -43.93 12.02 35.23
CA PRO L 342 -42.70 12.80 35.18
C PRO L 342 -42.77 14.32 35.18
N ALA L 343 -43.67 14.93 34.42
CA ALA L 343 -43.71 16.38 34.42
C ALA L 343 -44.39 17.01 35.62
N LEU L 344 -45.42 16.35 36.14
CA LEU L 344 -46.16 16.90 37.27
C LEU L 344 -45.63 16.46 38.64
N ASN L 345 -44.73 15.48 38.63
CA ASN L 345 -44.10 14.96 39.84
C ASN L 345 -45.07 14.40 40.90
N VAL L 346 -46.06 13.62 40.45
CA VAL L 346 -47.02 12.95 41.33
C VAL L 346 -47.28 11.58 40.71
N SER L 347 -47.85 10.65 41.48
CA SER L 347 -48.14 9.32 40.95
C SER L 347 -49.16 9.50 39.86
N THR L 348 -49.17 8.58 38.89
CA THR L 348 -50.15 8.70 37.82
C THR L 348 -51.56 8.46 38.35
N ARG L 349 -51.67 7.73 39.46
CA ARG L 349 -52.98 7.51 40.08
C ARG L 349 -53.53 8.90 40.33
N THR L 350 -52.69 9.75 40.91
CA THR L 350 -53.04 11.12 41.23
C THR L 350 -53.21 12.00 40.00
N SER L 351 -52.42 11.78 38.97
CA SER L 351 -52.53 12.60 37.76
C SER L 351 -53.87 12.33 37.09
N GLU L 352 -54.37 11.11 37.23
CA GLU L 352 -55.65 10.72 36.66
C GLU L 352 -56.79 11.27 37.50
N ARG L 353 -56.60 11.26 38.81
CA ARG L 353 -57.59 11.78 39.73
C ARG L 353 -57.80 13.24 39.31
N LEU L 354 -56.72 13.92 38.94
CA LEU L 354 -56.78 15.32 38.53
C LEU L 354 -57.45 15.48 37.17
N ARG L 355 -57.20 14.53 36.28
CA ARG L 355 -57.78 14.58 34.95
C ARG L 355 -59.30 14.53 35.12
N ASP L 356 -59.76 13.68 36.04
CA ASP L 356 -61.18 13.57 36.31
C ASP L 356 -61.71 14.90 36.84
N LEU L 357 -61.12 15.39 37.92
CA LEU L 357 -61.53 16.66 38.48
C LEU L 357 -61.72 17.70 37.40
N HIS L 358 -60.74 17.78 36.50
CA HIS L 358 -60.80 18.74 35.42
C HIS L 358 -62.03 18.54 34.57
N GLN L 359 -62.28 17.30 34.14
CA GLN L 359 -63.43 16.98 33.31
C GLN L 359 -64.75 17.40 33.98
N SER L 360 -64.86 17.15 35.28
CA SER L 360 -66.07 17.51 35.99
C SER L 360 -66.29 19.02 35.99
N TRP L 361 -65.20 19.78 36.18
CA TRP L 361 -65.31 21.24 36.17
C TRP L 361 -65.83 21.72 34.82
N LYS L 362 -65.60 20.92 33.78
CA LYS L 362 -66.05 21.27 32.43
C LYS L 362 -67.56 21.00 32.30
N THR L 363 -68.35 21.94 32.80
CA THR L 363 -69.82 21.84 32.76
C THR L 363 -70.45 23.24 32.67
N THR M 6 20.74 18.94 -1.88
CA THR M 6 19.31 18.53 -2.02
C THR M 6 18.88 18.57 -3.49
N LYS M 7 18.17 19.61 -3.89
CA LYS M 7 17.74 19.76 -5.29
C LYS M 7 18.33 21.02 -5.92
N CYS M 8 18.30 21.07 -7.25
CA CYS M 8 18.83 22.21 -7.99
C CYS M 8 17.71 23.08 -8.54
N VAL M 9 17.72 24.37 -8.17
CA VAL M 9 16.69 25.27 -8.67
C VAL M 9 17.22 26.02 -9.89
N ILE M 10 16.55 25.86 -11.02
CA ILE M 10 16.98 26.53 -12.25
C ILE M 10 16.02 27.62 -12.70
N LEU M 11 14.87 27.72 -12.03
CA LEU M 11 13.88 28.74 -12.35
C LEU M 11 13.17 29.30 -11.12
N THR N 6 -37.79 -23.07 5.75
CA THR N 6 -38.99 -23.37 6.57
C THR N 6 -38.58 -23.48 8.06
N LYS N 7 -38.45 -24.71 8.55
CA LYS N 7 -38.06 -24.92 9.95
C LYS N 7 -36.72 -25.69 10.04
N CYS N 8 -36.11 -25.63 11.22
CA CYS N 8 -34.85 -26.32 11.45
C CYS N 8 -35.04 -27.56 12.31
N VAL N 9 -34.61 -28.70 11.79
CA VAL N 9 -34.73 -29.95 12.53
C VAL N 9 -33.41 -30.27 13.23
N ILE N 10 -33.45 -30.32 14.57
CA ILE N 10 -32.24 -30.61 15.34
C ILE N 10 -32.25 -31.99 15.99
N LEU N 11 -33.40 -32.68 15.90
CA LEU N 11 -33.54 -34.01 16.48
C LEU N 11 -34.42 -34.93 15.64
N THR O 6 0.65 -83.56 13.23
CA THR O 6 2.03 -82.99 13.27
C THR O 6 2.19 -82.13 14.53
N LYS O 7 2.13 -80.81 14.38
CA LYS O 7 2.27 -79.90 15.51
C LYS O 7 1.01 -79.04 15.72
N CYS O 8 0.89 -78.46 16.91
CA CYS O 8 -0.27 -77.63 17.24
C CYS O 8 0.09 -76.15 17.22
N VAL O 9 -0.61 -75.37 16.42
CA VAL O 9 -0.34 -73.94 16.36
C VAL O 9 -1.31 -73.20 17.27
N ILE O 10 -0.79 -72.49 18.26
CA ILE O 10 -1.64 -71.75 19.19
C ILE O 10 -1.53 -70.24 19.02
N LEU O 11 -0.59 -69.80 18.17
CA LEU O 11 -0.38 -68.37 17.93
C LEU O 11 0.02 -68.07 16.47
N THR P 6 17.48 88.05 -21.86
CA THR P 6 18.72 88.14 -22.69
C THR P 6 18.58 87.23 -23.93
N LYS P 7 19.22 86.06 -23.90
CA LYS P 7 19.13 85.12 -25.01
C LYS P 7 18.49 83.79 -24.59
N CYS P 8 18.07 83.00 -25.57
CA CYS P 8 17.43 81.72 -25.32
C CYS P 8 18.37 80.57 -25.65
N VAL P 9 18.62 79.71 -24.67
CA VAL P 9 19.51 78.57 -24.90
C VAL P 9 18.66 77.35 -25.22
N ILE P 10 18.86 76.77 -26.40
CA ILE P 10 18.11 75.58 -26.79
C ILE P 10 18.97 74.32 -26.87
N LEU P 11 20.28 74.49 -26.71
CA LEU P 11 21.21 73.36 -26.75
C LEU P 11 22.37 73.50 -25.76
N THR Q 6 18.76 -15.28 -37.45
CA THR Q 6 18.78 -14.93 -36.00
C THR Q 6 20.24 -14.87 -35.49
N LYS Q 7 20.68 -15.91 -34.78
CA LYS Q 7 22.04 -15.95 -34.26
C LYS Q 7 22.83 -17.14 -34.85
N CYS Q 8 24.15 -17.07 -34.72
CA CYS Q 8 25.02 -18.13 -35.23
C CYS Q 8 25.57 -18.97 -34.10
N VAL Q 9 25.32 -20.28 -34.16
CA VAL Q 9 25.82 -21.19 -33.14
C VAL Q 9 27.14 -21.81 -33.61
N ILE Q 10 28.21 -21.58 -32.86
CA ILE Q 10 29.52 -22.13 -33.23
C ILE Q 10 29.99 -23.21 -32.27
N LEU Q 11 29.25 -23.41 -31.17
CA LEU Q 11 29.61 -24.42 -30.17
C LEU Q 11 28.38 -25.10 -29.55
N THR R 6 -23.84 16.69 52.30
CA THR R 6 -24.73 16.72 53.49
C THR R 6 -26.20 16.71 53.04
N LYS R 7 -26.85 17.88 53.04
CA LYS R 7 -28.24 18.00 52.62
C LYS R 7 -28.40 18.94 51.42
N CYS R 8 -29.54 18.84 50.73
CA CYS R 8 -29.80 19.67 49.56
C CYS R 8 -30.80 20.77 49.88
N VAL R 9 -30.42 22.02 49.66
CA VAL R 9 -31.32 23.14 49.92
C VAL R 9 -32.02 23.55 48.62
N ILE R 10 -33.35 23.45 48.61
CA ILE R 10 -34.13 23.81 47.42
C ILE R 10 -34.95 25.09 47.60
N LEU R 11 -34.98 25.60 48.84
CA LEU R 11 -35.74 26.82 49.14
C LEU R 11 -35.03 27.70 50.18
O1 MES S . 23.23 30.25 -11.10
C2 MES S . 22.09 30.12 -10.19
C3 MES S . 22.60 29.78 -8.94
N4 MES S . 23.30 28.53 -9.01
C5 MES S . 24.41 28.64 -9.87
C6 MES S . 24.01 29.01 -11.16
C7 MES S . 23.83 28.15 -7.74
C8 MES S . 22.97 27.95 -6.66
S MES S . 23.31 28.18 -5.29
O1S MES S . 23.23 26.69 -4.29
O2S MES S . 25.00 28.75 -5.10
O3S MES S . 22.31 29.40 -4.44
ZN ZN T . 22.55 19.20 -10.32
S SO4 U . 26.37 24.11 -7.31
O1 SO4 U . 25.55 23.18 -8.10
O2 SO4 U . 25.92 25.49 -7.56
O3 SO4 U . 26.23 23.78 -5.88
O4 SO4 U . 27.78 24.00 -7.69
CL CL V . 4.99 -31.15 -2.03
O1 MES W . -26.32 -31.10 10.75
C2 MES W . -27.65 -31.68 10.51
C3 MES W . -28.09 -31.25 9.27
N4 MES W . -28.20 -29.80 9.26
C5 MES W . -26.91 -29.24 9.47
C6 MES W . -26.36 -29.63 10.69
C7 MES W . -28.63 -29.33 8.00
C8 MES W . -29.88 -29.72 7.50
S MES W . -30.26 -29.77 6.10
O1S MES W . -31.54 -28.59 5.67
O2S MES W . -28.87 -29.40 5.01
O3S MES W . -30.80 -31.37 5.55
ZN ZN X . -32.36 -21.73 12.21
CL CL Y . -15.31 -11.53 22.23
S SO4 Z . -28.80 -24.49 6.92
O1 SO4 Z . -29.46 -23.85 8.07
O2 SO4 Z . -28.19 -25.76 7.36
O3 SO4 Z . -29.81 -24.72 5.87
O4 SO4 Z . -27.74 -23.62 6.40
O1 MES AA . -8.87 -73.00 17.76
C2 MES AA . -7.82 -72.74 16.77
C3 MES AA . -7.88 -73.73 15.79
N4 MES AA . -7.66 -75.03 16.39
C5 MES AA . -8.68 -75.29 17.33
C6 MES AA . -8.73 -74.32 18.35
C7 MES AA . -7.73 -76.07 15.43
C8 MES AA . -6.84 -76.09 14.35
S MES AA . -7.07 -76.79 13.11
O1S MES AA . -5.96 -78.18 12.87
O2S MES AA . -8.73 -77.50 13.02
O3S MES AA . -6.96 -75.78 11.65
ZN ZN BA . -1.85 -81.01 21.01
CL CL CA . -12.43 -82.73 40.72
S SO4 DA . -7.46 -80.74 16.97
O1 SO4 DA . -6.30 -80.21 17.71
O2 SO4 DA . -8.46 -79.68 16.80
O3 SO4 DA . -6.98 -81.23 15.67
O4 SO4 DA . -8.06 -81.88 17.71
CL CL EA . -13.41 62.12 -4.74
O1 MES FA . 13.09 73.72 -21.60
C2 MES FA . 14.47 74.15 -21.40
C3 MES FA . 14.47 75.20 -20.48
N4 MES FA . 13.68 76.31 -20.98
C5 MES FA . 12.34 75.89 -21.16
C6 MES FA . 12.24 74.81 -22.05
C7 MES FA . 13.64 77.38 -20.06
C8 MES FA . 14.82 78.02 -19.68
S MES FA . 15.01 78.77 -18.47
O1S MES FA . 15.51 80.47 -18.77
O2S MES FA . 13.50 78.89 -17.50
O3S MES FA . 16.19 78.08 -17.31
ZN ZN GA . 12.81 83.27 -27.49
CL CL HA . -5.78 76.92 -37.81
S SO4 IA . 11.03 81.40 -21.08
O1 SO4 IA . 9.60 81.69 -20.87
O2 SO4 IA . 11.40 81.71 -22.47
O3 SO4 IA . 11.83 82.24 -20.17
O4 SO4 IA . 11.26 79.97 -20.83
O1 MES JA . 29.07 -25.93 -39.92
C2 MES JA . 28.15 -26.09 -38.79
C3 MES JA . 26.87 -25.73 -39.25
N4 MES JA . 26.86 -24.36 -39.71
C5 MES JA . 27.76 -24.22 -40.79
C6 MES JA . 29.07 -24.57 -40.44
C7 MES JA . 25.59 -23.98 -40.20
C8 MES JA . 24.47 -24.02 -39.37
S MES JA . 23.11 -24.28 -39.82
O1S MES JA . 22.06 -22.84 -39.71
O2S MES JA . 23.03 -24.81 -41.52
O3S MES JA . 22.28 -25.58 -38.93
ZN ZN KA . 27.26 -14.86 -38.79
CL CL LA . 45.51 -10.33 -50.46
S SO4 MA . 24.84 -19.93 -42.90
O1 SO4 MA . 25.51 -19.27 -41.77
O2 SO4 MA . 24.12 -21.12 -42.38
O3 SO4 MA . 23.90 -18.99 -43.50
O4 SO4 MA . 25.83 -20.39 -43.89
CL CL NA . -15.57 31.54 11.56
O1 MES OA . -29.60 25.57 41.86
C2 MES OA . -29.45 26.07 43.23
C3 MES OA . -28.15 25.77 43.63
N4 MES OA . -27.93 24.34 43.61
C5 MES OA . -28.08 23.86 42.30
C6 MES OA . -29.35 24.13 41.78
C7 MES OA . -26.61 24.00 44.01
C8 MES OA . -26.16 24.36 45.27
S MES OA . -24.79 24.58 45.64
O1S MES OA . -24.18 23.37 46.82
O2S MES OA . -23.67 24.48 44.26
O3S MES OA . -24.44 26.17 46.34
ZN ZN PA . -29.84 15.56 46.21
S SO4 QA . -25.00 19.38 43.46
O1 SO4 QA . -26.23 18.66 43.84
O2 SO4 QA . -25.13 20.78 43.87
O3 SO4 QA . -23.85 18.76 44.12
O4 SO4 QA . -24.86 19.35 42.00
C1 GER RA . 22.51 22.02 -8.98
C2 GER RA . 22.25 22.68 -10.32
C3 GER RA . 21.94 23.98 -10.49
C4 GER RA . 21.80 24.98 -9.36
C5 GER RA . 21.67 24.56 -11.83
C6 GER RA . 22.89 25.05 -12.62
C7 GER RA . 22.47 25.28 -14.06
C8 GER RA . 22.01 26.44 -14.58
C9 GER RA . 21.86 27.74 -13.82
C10 GER RA . 21.56 26.51 -16.02
C11 GER RA . 20.12 26.99 -16.16
C12 GER RA . 19.65 27.01 -17.58
C13 GER RA . 18.41 27.41 -17.97
C14 GER RA . 17.34 27.93 -17.01
C15 GER RA . 17.96 27.37 -19.41
C16 GER RA . 17.69 25.94 -19.81
C17 GER RA . 16.44 25.41 -19.16
C18 GER RA . 15.95 24.18 -19.25
C19 GER RA . 16.61 23.06 -20.04
C20 GER RA . 14.68 23.78 -18.57
C1 GER SA . -31.68 -24.34 10.66
C2 GER SA . -30.94 -24.92 11.84
C3 GER SA . -30.50 -26.19 11.92
C4 GER SA . -30.68 -27.23 10.84
C5 GER SA . -29.81 -26.71 13.13
C6 GER SA . -28.30 -26.48 13.19
C7 GER SA . -27.85 -26.76 14.60
C8 GER SA . -27.41 -27.95 15.09
C9 GER SA . -27.29 -29.22 14.28
C10 GER SA . -27.03 -28.09 16.55
C11 GER SA . -27.82 -29.18 17.24
C12 GER SA . -27.51 -29.30 18.70
C13 GER SA . -28.07 -30.22 19.53
C14 GER SA . -29.08 -31.26 19.10
C15 GER SA . -27.75 -30.26 21.02
C16 GER SA . -28.40 -29.10 21.72
C17 GER SA . -29.89 -29.29 21.80
C18 GER SA . -30.77 -28.43 22.31
C19 GER SA . -30.42 -27.09 22.88
C20 GER SA . -32.23 -28.75 22.34
C1 GER TA . -3.24 -79.41 18.79
C2 GER TA . -3.54 -78.26 19.72
C3 GER TA . -4.04 -77.06 19.34
C4 GER TA . -4.40 -76.70 17.91
C5 GER TA . -4.29 -75.96 20.32
C6 GER TA . -5.63 -75.97 21.04
C7 GER TA . -5.57 -75.00 22.17
C8 GER TA . -5.91 -73.68 22.14
C9 GER TA . -6.45 -72.97 20.91
C10 GER TA . -5.73 -72.82 23.35
C11 GER TA . -4.83 -71.60 23.07
C12 GER TA . -4.59 -70.75 24.28
C13 GER TA . -3.83 -69.61 24.29
C14 GER TA . -3.16 -69.05 23.05
C15 GER TA . -3.58 -68.81 25.55
C16 GER TA . -2.58 -69.54 26.41
C17 GER TA . -1.21 -69.48 25.80
C18 GER TA . -0.11 -70.07 26.28
C19 GER TA . -0.08 -70.95 27.51
C20 GER TA . 1.21 -69.92 25.60
C1 GER UA . 13.66 81.74 -24.85
C2 GER UA . 13.49 80.44 -25.59
C3 GER UA . 13.86 79.23 -25.10
C4 GER UA . 14.48 79.01 -23.74
C5 GER UA . 13.70 77.96 -25.89
C6 GER UA . 12.33 77.26 -25.79
C7 GER UA . 12.25 76.26 -26.89
C8 GER UA . 12.61 74.96 -26.81
C9 GER UA . 13.15 74.29 -25.56
C10 GER UA . 12.52 74.06 -28.02
C11 GER UA . 13.86 73.43 -28.37
C12 GER UA . 13.80 72.57 -29.59
C13 GER UA . 14.87 71.87 -30.10
C14 GER UA . 16.24 71.87 -29.47
C15 GER UA . 14.77 71.06 -31.37
C16 GER UA . 14.71 71.97 -32.57
C17 GER UA . 16.04 72.62 -32.82
C18 GER UA . 16.31 73.53 -33.76
C19 GER UA . 15.30 74.07 -34.74
C20 GER UA . 17.69 74.10 -33.92
C1 GER VA . 26.23 -17.75 -38.84
C2 GER VA . 27.60 -18.29 -38.51
C3 GER VA . 27.85 -19.58 -38.21
C4 GER VA . 26.81 -20.67 -38.16
C5 GER VA . 29.23 -20.06 -37.88
C6 GER VA . 30.12 -20.44 -39.06
C7 GER VA . 31.53 -20.54 -38.56
C8 GER VA . 32.13 -21.67 -38.08
C9 GER VA . 31.45 -23.02 -37.99
C10 GER VA . 33.52 -21.62 -37.55
C11 GER VA . 33.63 -22.14 -36.11
C12 GER VA . 35.01 -22.04 -35.55
C13 GER VA . 35.36 -22.46 -34.30
C14 GER VA . 34.39 -23.08 -33.30
C15 GER VA . 36.76 -22.30 -33.75
C16 GER VA . 37.02 -20.85 -33.42
C17 GER VA . 36.25 -20.43 -32.19
C18 GER VA . 36.21 -19.21 -31.67
C19 GER VA . 36.93 -18.02 -32.25
C20 GER VA . 35.42 -18.91 -30.43
C1 GER WA . -28.69 18.32 46.17
C2 GER WA . -29.91 18.84 45.47
C3 GER WA . -30.15 20.15 45.22
C4 GER WA . -29.23 21.28 45.62
C5 GER WA . -31.40 20.60 44.54
C6 GER WA . -31.36 20.60 43.00
C7 GER WA . -32.77 20.77 42.52
C8 GER WA . -33.40 21.94 42.25
C9 GER WA . -32.76 23.31 42.38
C10 GER WA . -34.85 21.96 41.83
C11 GER WA . -35.71 22.83 42.75
C12 GER WA . -37.16 22.82 42.36
C13 GER WA . -38.12 23.52 43.02
C14 GER WA . -37.86 24.43 44.22
C15 GER WA . -39.58 23.44 42.63
C16 GER WA . -40.16 22.12 43.09
C17 GER WA . -40.32 22.09 44.59
C18 GER WA . -40.73 21.06 45.32
C19 GER WA . -41.10 19.71 44.75
C20 GER WA . -40.85 21.14 46.80
#